data_4V19
#
_entry.id   4V19
#
_cell.length_a   1.0
_cell.length_b   1.0
_cell.length_c   1.0
_cell.angle_alpha   90.0
_cell.angle_beta   90.0
_cell.angle_gamma   90.0
#
_symmetry.space_group_name_H-M   'P 1'
#
loop_
_entity.id
_entity.type
_entity.pdbx_description
1 polymer 'MITORIBOSOMAL PROTEIN BL27M, MRPL27'
2 polymer 'MITORIBOSOMAL PROTEIN BL28M, MRPL28'
3 polymer 'MITORIBOSOMAL PROTEIN UL29M, MRPL47'
4 polymer 'MITORIBOSOMAL PROTEIN UL30M, MRPL30'
5 polymer 'MITORIBOSOMAL PROTEIN BL31M, MRPL55'
6 polymer 'MITORIBOSOMAL PROTEIN BL32M, MRPL32'
7 polymer 'MITORIBOSOMAL PROTEIN BL33M, MRPL33'
8 polymer 'MITORIBOSOMAL PROTEIN BL34M, MRPL34'
9 polymer 'MITORIBOSOMAL PROTEIN BL35M, MRPL35'
10 polymer 'MITORIBOSOMAL PROTEIN BL36M, MRPL36'
11 polymer 'MITORIBOSOMAL 16S RRNA'
12 polymer 'MITORIBOSOMAL CP TRNA'
13 polymer TRNA
14 polymer 'MITORIBOSOMAL PROTEIN UL2M, MRPL2'
15 polymer 'MITORIBOSOMAL PROTEIN UL3M, MRPL3'
16 polymer 'MITORIBOSOMAL PROTEIN UL4M, MRPL4'
17 polymer 'MITORIBOSOMAL PROTEIN BL9M, MRPL9'
18 polymer 'MITORIBOSOMAL PROTEIN UL10M, MRPL10'
19 polymer 'MITORIBOSOMAL PROTEIN UL11M, MRPL11'
20 polymer 'MITORIBOSOMAL PROTEIN UL13M, MRPL13'
21 polymer 'MITORIBOSOMAL PROTEIN UL14M, MRPL14'
22 polymer 'MITORIBOSOMAL PROTEIN UL15M, MRPL15'
23 polymer 'MITORIBOSOMAL PROTEIN UL16M, MRPL16'
24 polymer 'MITORIBOSOMAL PROTEIN BL17M, MRPL17'
25 polymer 'MITORIBOSOMAL PROTEIN UL18M, MRPL18'
26 polymer 'MITORIBOSOMAL PROTEIN BL19M, MRPL19'
27 polymer 'MITORIBOSOMAL PROTEIN BL20M, MRPL20'
28 polymer 'MITORIBOSOMAL PROTEIN BL21M, MRPL21'
29 polymer 'MITORIBOSOMAL PROTEIN UL22M, MRPL22'
30 polymer 'MITORIBOSOMAL PROTEIN UL23M, MRPL23'
31 polymer 'MITORIBOSOMAL PROTEIN UL24M, MRPL24'
32 non-polymer 'ZINC ION'
33 non-polymer 'MAGNESIUM ION'
34 water water
#
loop_
_entity_poly.entity_id
_entity_poly.type
_entity_poly.pdbx_seq_one_letter_code
_entity_poly.pdbx_strand_id
1 'polypeptide(L)'
;MALAVLALRTRAAVTALLSPPQAAALAVRYASKKTGGSSKNLGGKSPGKRFGIKKMEGHYVHAGNILATQRHFRWHPGAH
VGLGKNKCLYALEEGVVRYTKEVYVPNPSNSEAVDLVTRLPQGAVLYKTFVHVVPAKPEGTFKLVAML
;
0
2 'polypeptide(L)'
;MPLHKVPVGLWKQLRLWEGIYSRLPRHYLRSLEEARTPTPVHYRPHGAKFKINPKNWQRERVEDVPIPVHYPPESQLGLW
GGEGWVLGHRYVNNDKLSKRVRKVWKPQLFQRELYSEILDKRFTVTVTMRTLDLIDQACGFDFYILKTPKEDLCSKFGMD
LKRGMLLRLARQDPQLHPDDPARRAAIYDRYKAFVIPEAEAEWVGLTLDEAVEKQRLLEEKDPIPLFKIFVEELLGQLQQ
QALSEPAVVQTRASRK
;
1
3 'polypeptide(L)'
;MAAAGLAVFCRRVSAALKACRLLIRPQAPPSTSCRFSPSLLPKNTPNVTSFHQFRIFHTTFSRRGLEEFFDDPKNWGEEK
VKSGASWTCQQLRNKSNEDLHKLWYVLLKERNMLLTLEQEAKRQRLPMPSPERLEKVVDSMDALDKVVQEREDALRLLQT
GQEKARPGAWRRDIFGRIIWHKFKQWPIPWYLNKKYNRKRFFAMPYVERFVRMRIEKQARIKARKRSLERKKEKFLQEKF
PHLSETQKSSHV
;
2
4 'polypeptide(L)'
;MAGILRSVVQRPPGRLQTVTKGMESLICTDWIRHKFTRSRIPDKVFQPSPEDHEKYGGDPQYPHKLHIVTRIKSTKRRPY
WEKDIIKMLGLEKAHTPQVHKNIPSVNAKLKVVKHLIRIKPLKLPQGLPTEEDMANTCLKSNGELVVRWLLNPANQEARK
S
;
3
5 'polypeptide(L)'
;MAAKGSLLRLLWQRVVTGAAPESCRHLYTSSWRADCNRALLTRLHRQTYARLYPVLLVKQDGSTIHIRYREPRRMLTMPV
DLDSLSPEERRARFRKREAKFKEKKEEPELSDDFDVEQYKRFWTKK
;
4
6 'polypeptide(L)'
;MASAMLVLVVPPWPAARGLLRNWWEQLQRKLQHNRLGLPLHPWGPALAVQGPAICTEPANDTNGSKAISSLLDSVFWMAA
PKNRRSIEVNRCRRRNPQKLIKVKNNIDVCPECGHLKQKHILCGYCYEKVRKETAEIRRQMGKQEGGPFRAPTTETVVLY
SGETPSEQDQGKRIIERERKRPSWFTQN
;
5
7 'polypeptide(L)' MFLSAVTFAKSKSKTILVKMMSQAGTGFSFNTKRSRLREKLTLLHYDPVVKKKVLFVEQKKIRSL 6
8 'polypeptide(L)'
;MAFLARSVGRLLDPVSRSAALVGGRWLQPQAWLGFPDTWGLPAMQQTRGKARGNEYQPSNIKRKHKHGWVRRLRTPTGVQ
VILRRMHKGRKSLSH
;
7
9 'polypeptide(L)'
;MAASAFAGAVRAATGILRPLHILASSAYQNCAKNACLSSVLSSRHFSHIQTSALLSAPRLITSVRNLMCGPTAPVLNRVA
PLLPHVLKPPVRTVTYFSSRKGKRKTVKAVIYRFLRLHSGLWLRRKAGYKKKLWKKTAARKRRLREFVFCNKTQSKLLDK
MTTSFWKRRNWYADDPYQKYQDRTNLKV
;
8
10 'polypeptide(L)'
;MATAFLRTVLSAVGPLLHLGGRPLSTFAAGPPRAALAVGAQPSPAAALLSARPLLGPQPALGFKTKGVLKKRCRDCYLVK
RRGRWFIYCKTNPKHKQRQM
;
9
11 'polyribonucleotide'
;ACCAAAGCUAGCUCAACAUACUAAACAAAUACAAAAAUACACCAAAAUAAAAUAAAACAUUCACCUAACAUUAAAGUAUA
GGAGAUAGAAAUUUUUAUCCUGACGCUAUAGAGAUAGUACCGUAAGGGAAAGAUGAAAGAAUAAAAUAAAAGUAAAAAAA
AGCAAAGAUUACCCCUUCUACCUUUUGCAUAAUGGUUUAACCAGAAAAAAUCUAACAAAGAGAACUUUAGCUAGAUACCC
CGAAACCAGACGAGCUACCCAUGAGCAGUUUAAAAGAACCAACUCAUCUAUGUGGCAAAAUAGUGAGAAGACUUGUAGGU
AGAGGUGAAAAGCCUAACGAGCCUGGUGAUAGCUGGUUGUCCGAGAAAGAAUUUUAGUUCAACCUUAAAAAUACCCCAAA
AACCCUAAAUUCCAAUGUAUUUUUAAGAGAUAGUCUAAAAAGGUACAGCUUUUUAGAAACGGAUACAACCUUGACUAGAG
AGUAAAUCUUAAUACUACCAUAGUAGGCCUAAAAGCAGCCAUCAAUUGAGAAAGCGUUAAAGCUCAACAAAUUCACCAAC
AUAAUCCCAAAAACUAAUAACAAACUCCUAGCCCAAUACCGGACUAAUCUAUUGAAACAUAGAAGCAAUAAUGUUAAUAU
GAGUAACAAGAAGCCUUUCUCCUCGCACACGCUUACAUCAGUAACUAAUAAUAUACUGAUAAUUAACAACCAAUAAACCA
AAACAACACUAAAACGUUUAUUAAUUACAUUGUUAACCCAACACAGGAGUGCACCAAGGAAAGAUUAAAAGAAGUAAAAG
GAACUCGGCAAACACAAACCCCGCCUGUUUACCAAAAACAUCACCUCUAGCAUUACUAGUAUUAGAGGCAAUGCCUGCCC
AGUGACACCAGUUUAACGGCCGCGGUAUUCUGACCGUGCAAAGGUAGCAUAAUCACUUGUUCUCCAAAUAAGGACUUGUA
UGAAUGGCCACACGAGGGUUUUACUGUCUCUUACUUCCAAUCAGUGAAAUUAACCUUCCCGUGAAGAGGCGGGAAUAAAA
AAAUAAGACGAGAAGACCCUAUGGAGCUUUAAUUAACUAUUCCAAAAGUUAAACAACUCAACCACAAAGGGAUAAAACAU
AACUUAACAUGGACUAGCAAUUUCGGUUGGGGUGACCUCGGAGUACAAAAAACCCUCCGAGUGAUUUUAAUCUAGACAAA
CCAGUCAAAAUAACCAUAACAUCACUUAUUGAUCCAAAAUUUUGAUCAACGGAACAAGUUACCCUAGGGAUAACAGCGCA
AUCCUGUUCUAGAGUUCCUAUCGACAAUAGGGUUUACGACCUCGAUGUUGGAUCAGGACACCCAAAUGGUGCAGCCGCUA
UUAAAGGUUCGUUUGUUCAACGAUUAAAGUCCUACGUGAUCUGAGUUCAGACCGGAGCAAUCCAGGUCGGUUUCUAUCUA
UUAUAAAUUUCUCCCAGUACGAAAGGACAAGAGAAAUGGGACCAACCUCACAAACGCGUCUCAGAGAUAAUUAAUGAUUU
AAUCUUAACCUAAUUAACUCAUAAUAAAUCCAGCCCUAGAACAGGGCACA
;
A
12 'polyribonucleotide'
;(P5P)(Y5P)(Y5P)(P5P)(P5P)(Y5P)(P5P)(Y5P)(P5P)(P5P)(Y5P)(Y5P)(Y5P)(P5P)(P5P)(P5P)
(P5P)(P5P)(Y5P)(P5P)(P5P)(P5P)(P5P)(Y5P)(P5P)(Y5P)(Y5P)(P5P)(P5P)(P5P)(P5P)(P5P)
(Y5P)(P5P)(Y5P)(Y5P)(Y5P)(P5P)(P5P)(P5P)(Y5P)(P5P)(P5P)(P5P)(Y5P)(Y5P)(P5P)(P5P)
(Y5P)(Y5P)(Y5P)(Y5P)(P5P)(Y5P)(P5P)(P5P)(P5P)(Y5P)(P5P)(Y5P)(Y5P)(P5P)
;
B
13 'polyribonucleotide' CCA C,Z
14 'polypeptide(L)'
;MALRVLTRALSSLSLTPRIAVAPGLNLLPAVQVTNNVLLTLPSGLMSLPCRPILTSVALSATSVSWKSRTKYTVMPVKMR
KSGGRNHTGQIQVHGIGGGHKQRYRMIDFLRFRPEHESKPGPFEEKVIAVRYDPCRSADIALVAGGNRKRWIIATENMKA
GDTVLNSDHIGRMAVAAREGDAHPLGALPVGTLINNVESEPGRGAQYIRAAGTCGVLLRKVNGTAIIQLPSKRQMQVLET
CIATVGRVSNVDHNKRVIGKAGRNRWLGKRPNSGLWQRKGGWAGRKIRPLPPMKSYVKLPSAAAQS
;
D
15 'polypeptide(L)'
;MPGWGLLGRAGARVLGCGADGLGASRGLGNRTDICLLVRSLHGKSVTWWDEHLSEENVPFVKQLVSDENKAQLASKLCPL
KDEPWPIHPWEPGSSRVGLIALKLGMMPLWTKDGQKHVVTLLQVQDCHVLKYTPKENHNGRMAALTVGGKTVSHFHKSAS
ILEFYQELGLPPKQKVKIFNVTENAVIKPGTPLYAAHFRPGQYVDVTAKTIGKGFQGVMRRWGFKGQPATHGQTKTHRRP
GAISTGDVARVWPGTKMPGQLGNIDRTAFGLKVWRINTKHNIIYVNGSVPGHKNCLVKIKDSKLPAYKDFCKNLPFPTYF
PDGDEEALPEDLYDENVCQPGAPSITFT
;
E
16 'polypeptide(L)'
;MLQLVRAGARTWFRPSGCRGLNTLAEEAVQQAEKPESVASLGLQPPVLRKCELPVPAHRRPVQAWIESLRGYEQERVGLT
ELHPDVFSTAPRLDILHQVAIWQKNFKRISYAKTKTRAEVRGGGRKPWVQKGSGRARHGSIRSPIWRGGGVAHGPRGPTS
YYYMLPMKVRVQGLKVALTVKLAQDDLHIVDSLELPTADPQYLIELARYRRWGDSVLLVDLEHEDMPQNVVAATSGLKTF
NLVPAVGLNVHSMLKHQTLVLTLPTVAFLEEKLLWHNSRYTPLYPFRLPYCDFP
;
F
17 'polypeptide(L)'
;MAAAACTAAGGGLLRAGLERLLRGGVRALLRPRLEGVTPRSERAFSLSLSRSTVIVERWWKVPLAGEGRKPRLHRRHRVY
KLVEDTKHRPKDNLELVLTQSVEELGVRGDLVSVKKSVGRNRLLPQGLAVYASPENKKLFEEEKLLRQEGKLEKLQTKAG
EATVKFLRRCHLEVGMKNNVKWELNPEIVARHFLRNLGVVVAPHALKLPEEPITQRGEYWCEVTVNGLDTVRVPMSVVNF
ERPKTKRYKYWLAQQAAKGDVPTSSQMI
;
I
18 'polypeptide(L)'
;MAAVVAGMLRGGLLPQAGRLPTFQTVRYGSKAVTRHRRVMHFERQKLMAVTEYIPPKPTINPRCLPPPPTPPQEETGLVR
LLRREIAAVFRDNRMIAVCQHVALSAEDKLLLRHQLRKHKILMKIFPNQVLKPFLEESKYQNLLPLFVGHNLLLVSEEPK
VKEMVRILKGIPFLPLLGGCIDDTILSRQGFINYSKLPSLALVQGELVGGLTFLTAQTYSMLQHQPRQLTALLDQYVKQQ
QEGHPAVPASGQPEPPDPVPDP
;
J
19 'polypeptide(L)'
;MSKLSRATRALKKPEASGMIRAIVRAGQARPGPPLGPILGQRGVSINQFCKEFNEKTKDIKEGIPLPTKIFVKPDRTFEI
KIGQPTVSYFLKAAAGIEKGARHTGKEVAGLVTLKHVYEIARVKAQDDAFALQDVPLSSVVRSIIGSARSLGIRVVKDLS
SEELAAFQKERALFLAAQREADLAAQAEAAKK
;
K
20 'polypeptide(L)'
;MSSFSKAPQQWATFARVWYLLDGKMQPPGKLAAMASVKLQGLHKPVYHQLSDCGDHVVIMNTRHIAFSGNKWEQKVYSSH
TGYPGGFRQVTAAQLHQKDPVAIVKLAIYGMLPKNLHRRTMMQRLHLFPDEDIPEDILKNLVEELPQPRKVPRRLDEYTQ
EEIEAFPRVWSPPEDYRL
;
N
21 'polypeptide(L)'
;MAFCTGLRGPFAQVSRALSQRCFSTTGSLSAIQKMTRVRVVDNSALGTTPYHRPPRCIHVYNKTGVGKVGDRILLAIRGQ
KKKALIVGHRMPGPRMTPRFDSNNVVLLEDNGNPVGTRIKTPIPSSLRQREGEFSKVLAIAQNFV
;
O
22 'polypeptide(L)'
;MGGPVQGGGPRALDLLRALPRVSLANLKPNPGSRKPERRPRGRRRGRKCGRGHKGERQRGTRPRLGFEGGQTPFYLRIPK
YGFNEGHSFRHQYQPLSLNRLQYLIDLGRVDPTQPIDLTQLVNGRGVTIQPSKRDYGVQLVEEGADTFKAKVNIEVQMAS
ELAIAAIEKNGGVVTTAFYDPRSLEILCKPVPFFLRGQPIPKRMLPPEALVPYYTDAKNRGYLADPARFPEARLELARKY
GYVLPDITKDELFKMLSTRKDPRQIFFGLAPGWVVNMADKKILKPTDENLLKYYSS
;
P
23 'polypeptide(L)'
;MWRLLARACAPLLRAPLSDSWAAPSATAGFKTLLPVPTFEDVAIPEKPKLRFVERVPLVPKVRRERKNLSDIRGPSTEAT
EFTEGRFAILALGGGYLHWGHFEMMRLTINRSMDPKNMFALWRVPAPFKPITRKGMGQRMGGGKGAIDHYVTPVKAGRLI
VEMGGRCEFKEVQGFLDLVAHKLPFPAKAVSRETLEKMRKDQEERERNNQNPWTFERIATANMLGIRKVLSPYDLTHKGR
YWGKFYTPERV
;
Q
24 'polypeptide(L)'
;MRLSVAAAISHGRVFRRLGLGPESRIHLLQNLLTGLVRHERIEASWARVDELRGYAEKLIDYGKLGDTNERAMRMADFWL
TEKDLIPKLFQVLAPRFQGQNGGYTRMLQIPNRNEQDRAKMAVIEYKGNCLPPLPLPRRDSNLTLLNQLLQGLRQDQEAS
SHTAQTPAV
;
R
25 'polypeptide(L)'
;MALRSRFWALLSICRNPGCRAAALSTSCKPATNPETDPVENEAVAPEFTNRNPRNLELLAVARKERGWGTVWPSREFWHR
LRVIRTQHHIEALVEHRNGQVVVSASTREWAIKKHLYSTRNVVACESVGRVLAERCLEAGINFMVYHPTPWEAASDSIKR
LQHAMTEGGVVLREPRRIYE
;
S
26 'polypeptide(L)'
;MAASITRGSWAAVGLGQSFPPTRALLPAPASVICRTLAGSGRQQVTGSSEPGAFQPPPKPVIVDKRRPQRPETRFLSPEF
IPPRGRTNPLKFQIERKDMLERRKILHIPEFYVGSILRVTTADPYASAKTSQFLGICIQRSGSGLGATFILRNTIEGQGV
EICFELYNPRIQEIQVVKLEKRLDNSLLYLRDALPEYSTFDVNMKPITQEFNQEVPVNQLKVKMKPKPWSKRWERPKFNI
KGIRFDLCLTEEQMREAQKWSQPWLEFDMMREYDTSKIEAAIWDEIEASKNS
;
T
27 'polypeptide(L)'
;MVFLTVPLWLRSRVTDRYWRVQEVLKHARHFRGRKNRCYRLAVRAVTRAFVKCTRARRLKKRSLRTLWINRITAASQEHG
LKYPAFIINLIKCQVELNRKVLADLAIYEPKTFKSLAALAKRRREEGFAAALGDGKEPDGIFSRVVQHR
;
U
28 'polypeptide(L)'
;MAAAVAASVLQGTFGRLVSAYSRSVLRTSRPGTAPPWSAPRRLSSQHTSSLRGCVPKTSLGSPPWPDIVLPDPVEETRHH
AEVVGQVNELIAAGRYGRLFAVVHFAGHQWKVTAEDLILIENELDVACGERIRLEKVLLVGADNFTLLGKPLLGKELVRV
EATVIEKTESWPKINMKFQKRKNYQRKRITVNPQTVLRINSIEIAPCLC
;
V
29 'polypeptide(L)'
;MAAAVLERLGGLWMQNLRGKLALRLLSSHSILPQSHIHTSASVEISRKWEKKNKIVYPPQLPGEPRRPAEIYHCRRQIKY
SKDKMWYLAKLIRGMSIDQALAQLEFSDKKGAQIIKEVLLEAQDMAVRDHNVEFRSNLYVAESTSGRGQYLKRIRYHGRG
RFGIMEKVFCHYFVKLVEGPPPPREAPKTAVAHAREYIQELRNRTITHAL
;
W
30 'polypeptide(L)'
;MARNVLYPLYQLGNPQLRVFRTNFFIQLVRPGTAQPEDTVQFRIPMEMTRVDLRNYLERIYNVPVAAVRTRVQYGSNRRR
DHRNIRIKKPDYKVAYVQLALGQTFTFPDLFPERKGASVDVDVRDQVLEDQRQKHSPDPRRGGVPGWFGL
;
X
31 'polypeptide(L)'
;MRLSALLALASKVTLPPNYRYGMSRPGSLSDKRKNPPGTRRRRVPVEPISDEDWHLFCGDKVEILEGKDAGKQGKVVQVI
RQRNWVVVEGLNTHYRYVGKTVDYRGTMIPSEAPLLHNQVKLVDPTDRKPTDVEWRFTEAGERVRVSTRSGRIIPKPEFP
RADGIVPETWIDGPKDTSVEDALEKTYVPRLKTLEEEVMEAMGIQETRRHKKVYWY
;
Y
#
loop_
_chem_comp.id
_chem_comp.type
_chem_comp.name
_chem_comp.formula
A RNA linking ADENOSINE-5'-MONOPHOSPHATE 'C10 H14 N5 O7 P'
C RNA linking CYTIDINE-5'-MONOPHOSPHATE 'C9 H14 N3 O8 P'
G RNA linking GUANOSINE-5'-MONOPHOSPHATE 'C10 H14 N5 O8 P'
MG non-polymer 'MAGNESIUM ION' 'Mg 2'
P5P RNA linking 'PURINE RIBOSIDE-5'-MONOPHOSPHATE' 'C10 H13 N4 O7 P'
U RNA linking URIDINE-5'-MONOPHOSPHATE 'C9 H13 N2 O9 P'
Y5P RNA linking 1-(5-O-phosphono-beta-D-ribofuranosyl)-1,4-dihydropyrimidine 'C9 H15 N2 O7 P'
ZN non-polymer 'ZINC ION' 'Zn 2'
#
# COMPACT_ATOMS: atom_id res chain seq x y z
N THR A 35 6.63 -8.28 -35.13
CA THR A 35 6.16 -8.99 -36.33
C THR A 35 5.02 -8.25 -37.01
N GLY A 36 5.10 -8.13 -38.33
CA GLY A 36 4.03 -7.51 -39.08
C GLY A 36 2.77 -8.36 -38.98
N GLY A 37 1.73 -7.74 -38.42
CA GLY A 37 0.48 -8.41 -38.13
C GLY A 37 -0.65 -8.05 -39.07
N SER A 38 -0.34 -7.60 -40.29
CA SER A 38 -1.42 -7.14 -41.17
C SER A 38 -2.39 -8.27 -41.52
N SER A 39 -3.66 -8.04 -41.21
CA SER A 39 -4.74 -8.89 -41.70
C SER A 39 -5.36 -8.11 -42.85
N LYS A 40 -5.38 -8.72 -44.03
CA LYS A 40 -5.68 -7.97 -45.24
C LYS A 40 -7.17 -7.64 -45.42
N ASN A 41 -8.05 -8.19 -44.58
CA ASN A 41 -9.47 -8.02 -44.77
C ASN A 41 -10.06 -6.76 -44.12
N LEU A 42 -10.96 -6.08 -44.82
CA LEU A 42 -11.55 -4.84 -44.32
C LEU A 42 -13.08 -4.84 -44.35
N GLY A 43 -13.68 -4.02 -43.50
CA GLY A 43 -15.11 -3.76 -43.58
C GLY A 43 -16.08 -4.92 -43.52
N GLY A 44 -15.80 -5.88 -42.65
CA GLY A 44 -16.77 -6.93 -42.40
C GLY A 44 -18.00 -6.36 -41.73
N LYS A 45 -17.84 -5.19 -41.11
CA LYS A 45 -18.81 -4.73 -40.12
C LYS A 45 -19.98 -3.92 -40.66
N SER A 46 -21.18 -4.49 -40.54
CA SER A 46 -22.42 -3.78 -40.81
C SER A 46 -23.37 -4.15 -39.70
N PRO A 47 -24.30 -3.26 -39.38
CA PRO A 47 -25.36 -3.78 -38.53
C PRO A 47 -26.24 -4.72 -39.34
N GLY A 48 -27.03 -5.56 -38.68
CA GLY A 48 -28.03 -6.34 -39.38
C GLY A 48 -29.18 -5.43 -39.78
N LYS A 49 -29.93 -5.83 -40.80
CA LYS A 49 -30.99 -4.94 -41.26
C LYS A 49 -32.34 -5.25 -40.63
N ARG A 50 -32.39 -6.22 -39.73
CA ARG A 50 -33.65 -6.67 -39.11
C ARG A 50 -34.70 -7.07 -40.14
N PHE A 51 -34.26 -7.66 -41.24
CA PHE A 51 -35.18 -8.25 -42.19
C PHE A 51 -35.88 -9.41 -41.53
N GLY A 52 -37.11 -9.69 -41.93
CA GLY A 52 -37.82 -10.83 -41.38
C GLY A 52 -39.29 -10.57 -41.29
N ILE A 53 -40.00 -11.42 -40.58
CA ILE A 53 -41.45 -11.36 -40.58
C ILE A 53 -41.95 -10.58 -39.36
N LYS A 54 -42.66 -9.49 -39.60
CA LYS A 54 -43.11 -8.62 -38.50
C LYS A 54 -44.39 -9.11 -37.81
N LYS A 55 -45.36 -9.58 -38.60
CA LYS A 55 -46.61 -10.13 -38.05
C LYS A 55 -46.69 -11.61 -38.33
N MET A 56 -47.43 -12.33 -37.49
CA MET A 56 -47.51 -13.79 -37.60
C MET A 56 -48.93 -14.23 -37.94
N GLU A 57 -49.08 -15.44 -38.48
CA GLU A 57 -50.40 -15.93 -38.91
C GLU A 57 -51.44 -15.78 -37.82
N GLY A 58 -52.59 -15.20 -38.17
CA GLY A 58 -53.64 -15.01 -37.20
C GLY A 58 -53.46 -13.77 -36.35
N HIS A 59 -52.56 -12.88 -36.75
CA HIS A 59 -52.43 -11.60 -36.06
C HIS A 59 -53.44 -10.60 -36.58
N TYR A 60 -54.01 -9.82 -35.66
CA TYR A 60 -54.91 -8.77 -36.08
C TYR A 60 -54.04 -7.64 -36.59
N VAL A 61 -54.55 -6.91 -37.56
CA VAL A 61 -53.77 -5.89 -38.25
C VAL A 61 -54.65 -4.70 -38.59
N HIS A 62 -54.07 -3.51 -38.57
CA HIS A 62 -54.77 -2.32 -39.00
C HIS A 62 -54.21 -1.91 -40.35
N ALA A 63 -55.02 -1.24 -41.16
CA ALA A 63 -54.59 -0.82 -42.49
C ALA A 63 -53.32 0.02 -42.38
N GLY A 64 -52.27 -0.39 -43.09
CA GLY A 64 -51.00 0.30 -43.06
C GLY A 64 -49.83 -0.37 -42.34
N ASN A 65 -50.09 -1.36 -41.49
CA ASN A 65 -49.03 -2.11 -40.82
C ASN A 65 -48.11 -2.86 -41.77
N ILE A 66 -46.81 -2.79 -41.54
CA ILE A 66 -45.90 -3.58 -42.36
C ILE A 66 -45.95 -5.04 -41.91
N LEU A 67 -46.22 -5.95 -42.83
CA LEU A 67 -46.33 -7.37 -42.51
C LEU A 67 -44.99 -8.07 -42.38
N ALA A 68 -44.22 -8.07 -43.45
CA ALA A 68 -42.85 -8.56 -43.36
C ALA A 68 -41.97 -7.70 -44.24
N THR A 69 -40.66 -7.74 -43.99
CA THR A 69 -39.71 -6.98 -44.79
C THR A 69 -38.47 -7.81 -45.10
N GLN A 70 -38.17 -7.92 -46.39
CA GLN A 70 -37.22 -8.90 -46.91
C GLN A 70 -36.37 -8.25 -47.97
N ARG A 71 -35.13 -8.68 -48.18
CA ARG A 71 -34.40 -8.13 -49.34
C ARG A 71 -34.62 -8.85 -50.69
N HIS A 72 -34.92 -10.14 -50.68
CA HIS A 72 -35.31 -10.87 -51.90
C HIS A 72 -36.73 -11.36 -51.66
N PHE A 73 -37.44 -11.77 -52.69
CA PHE A 73 -38.79 -12.20 -52.40
C PHE A 73 -38.72 -13.57 -51.76
N ARG A 74 -39.13 -13.62 -50.51
CA ARG A 74 -39.30 -14.87 -49.81
C ARG A 74 -40.79 -15.09 -49.80
N TRP A 75 -41.51 -14.14 -49.23
CA TRP A 75 -42.96 -14.10 -49.31
C TRP A 75 -43.45 -13.03 -50.30
N HIS A 76 -44.37 -13.39 -51.17
CA HIS A 76 -45.04 -12.46 -52.08
C HIS A 76 -46.35 -11.91 -51.52
N PRO A 77 -46.72 -10.69 -51.91
CA PRO A 77 -48.00 -10.12 -51.48
C PRO A 77 -49.19 -10.84 -52.09
N GLY A 78 -50.14 -11.22 -51.25
CA GLY A 78 -51.38 -11.84 -51.69
C GLY A 78 -52.53 -10.86 -51.69
N ALA A 79 -53.74 -11.34 -51.37
CA ALA A 79 -54.92 -10.50 -51.33
C ALA A 79 -54.83 -9.45 -50.21
N HIS A 80 -55.11 -8.20 -50.57
CA HIS A 80 -55.08 -7.07 -49.65
C HIS A 80 -53.73 -6.82 -49.01
N VAL A 81 -52.66 -7.26 -49.66
CA VAL A 81 -51.35 -6.92 -49.17
C VAL A 81 -50.61 -6.17 -50.24
N GLY A 82 -50.20 -4.94 -49.93
CA GLY A 82 -49.48 -4.10 -50.87
C GLY A 82 -47.99 -4.30 -50.80
N LEU A 83 -47.33 -4.09 -51.93
CA LEU A 83 -45.90 -4.28 -52.09
C LEU A 83 -45.16 -2.94 -52.18
N GLY A 84 -44.22 -2.72 -51.26
CA GLY A 84 -43.46 -1.48 -51.25
C GLY A 84 -42.30 -1.57 -52.21
N LYS A 85 -41.77 -0.44 -52.66
CA LYS A 85 -40.69 -0.43 -53.64
C LYS A 85 -39.43 -1.13 -53.14
N ASN A 86 -39.27 -1.22 -51.81
CA ASN A 86 -38.14 -1.93 -51.20
C ASN A 86 -38.49 -3.38 -50.88
N LYS A 87 -39.62 -3.84 -51.42
CA LYS A 87 -40.17 -5.19 -51.21
C LYS A 87 -40.65 -5.39 -49.78
N CYS A 88 -41.25 -4.35 -49.21
CA CYS A 88 -41.99 -4.49 -47.97
C CYS A 88 -43.38 -5.00 -48.26
N LEU A 89 -43.95 -5.75 -47.32
CA LEU A 89 -45.35 -6.16 -47.43
C LEU A 89 -46.19 -5.46 -46.37
N TYR A 90 -47.12 -4.61 -46.77
CA TYR A 90 -47.98 -3.98 -45.77
C TYR A 90 -49.43 -4.37 -45.97
N ALA A 91 -50.23 -4.29 -44.91
CA ALA A 91 -51.64 -4.66 -44.97
C ALA A 91 -52.50 -3.54 -45.51
N LEU A 92 -53.32 -3.85 -46.51
CA LEU A 92 -54.27 -2.87 -47.04
C LEU A 92 -55.58 -2.75 -46.30
N GLU A 93 -56.11 -3.85 -45.78
CA GLU A 93 -57.35 -3.75 -45.01
C GLU A 93 -57.15 -3.95 -43.51
N GLU A 94 -58.23 -3.80 -42.75
CA GLU A 94 -58.19 -4.14 -41.34
C GLU A 94 -58.55 -5.60 -41.23
N GLY A 95 -57.70 -6.42 -40.62
CA GLY A 95 -57.99 -7.86 -40.67
C GLY A 95 -57.09 -8.86 -39.99
N VAL A 96 -57.15 -10.09 -40.47
CA VAL A 96 -56.35 -11.17 -39.89
C VAL A 96 -55.36 -11.70 -40.91
N VAL A 97 -54.09 -11.72 -40.54
CA VAL A 97 -53.06 -12.13 -41.49
C VAL A 97 -52.98 -13.65 -41.66
N ARG A 98 -53.04 -14.11 -42.91
CA ARG A 98 -52.98 -15.55 -43.21
C ARG A 98 -51.86 -15.89 -44.19
N TYR A 99 -51.20 -17.03 -44.04
CA TYR A 99 -50.14 -17.42 -44.98
C TYR A 99 -50.53 -18.58 -45.85
N THR A 100 -50.01 -18.60 -47.08
CA THR A 100 -50.53 -19.57 -48.05
C THR A 100 -49.53 -20.07 -49.11
N LYS A 101 -49.61 -21.35 -49.44
CA LYS A 101 -48.88 -21.89 -50.57
C LYS A 101 -49.74 -21.87 -51.84
N GLU A 102 -49.38 -21.04 -52.81
CA GLU A 102 -50.20 -20.96 -54.03
C GLU A 102 -49.42 -21.01 -55.34
N VAL A 103 -50.16 -21.28 -56.42
CA VAL A 103 -49.56 -21.43 -57.74
C VAL A 103 -49.07 -20.10 -58.28
N TYR A 104 -47.94 -20.14 -58.95
CA TYR A 104 -47.26 -18.92 -59.31
C TYR A 104 -47.27 -18.67 -60.81
N VAL A 105 -47.97 -17.63 -61.23
CA VAL A 105 -48.08 -17.35 -62.65
C VAL A 105 -47.52 -15.97 -62.97
N PRO A 106 -46.24 -15.90 -63.30
CA PRO A 106 -45.46 -14.67 -63.47
C PRO A 106 -46.05 -13.73 -64.51
N ASN A 107 -45.78 -12.44 -64.37
CA ASN A 107 -46.28 -11.44 -65.30
C ASN A 107 -45.58 -11.57 -66.65
N PRO A 108 -46.35 -11.69 -67.74
CA PRO A 108 -45.80 -11.87 -69.10
C PRO A 108 -44.87 -10.73 -69.52
N SER A 109 -44.92 -9.63 -68.80
CA SER A 109 -44.00 -8.51 -69.02
C SER A 109 -42.60 -8.80 -68.44
N ASN A 110 -42.54 -9.58 -67.38
CA ASN A 110 -41.25 -9.89 -66.74
C ASN A 110 -40.64 -11.16 -67.33
N SER A 111 -39.57 -11.00 -68.09
CA SER A 111 -39.09 -12.03 -69.01
C SER A 111 -38.40 -13.24 -68.36
N GLU A 112 -37.53 -12.98 -67.39
CA GLU A 112 -36.81 -14.05 -66.71
C GLU A 112 -37.76 -15.10 -66.18
N ALA A 113 -38.73 -14.64 -65.40
CA ALA A 113 -39.73 -15.52 -64.82
C ALA A 113 -40.53 -16.25 -65.92
N VAL A 114 -40.79 -15.55 -67.03
CA VAL A 114 -41.49 -16.16 -68.17
C VAL A 114 -40.74 -17.37 -68.71
N ASP A 115 -39.42 -17.23 -68.85
CA ASP A 115 -38.60 -18.34 -69.34
C ASP A 115 -38.47 -19.47 -68.34
N LEU A 116 -38.28 -19.10 -67.07
CA LEU A 116 -38.25 -20.10 -66.01
C LEU A 116 -39.52 -20.93 -66.05
N VAL A 117 -40.63 -20.26 -66.34
CA VAL A 117 -41.90 -20.97 -66.43
C VAL A 117 -41.91 -21.81 -67.70
N THR A 118 -41.29 -21.30 -68.76
CA THR A 118 -41.25 -21.98 -70.04
C THR A 118 -40.55 -23.34 -70.00
N ARG A 119 -39.31 -23.40 -69.51
CA ARG A 119 -38.55 -24.64 -69.64
C ARG A 119 -38.99 -25.83 -68.76
N LEU A 120 -39.90 -25.61 -67.81
CA LEU A 120 -40.36 -26.70 -66.94
C LEU A 120 -40.92 -27.89 -67.72
N PRO A 121 -40.67 -29.10 -67.22
CA PRO A 121 -41.36 -30.30 -67.73
C PRO A 121 -42.87 -30.12 -67.67
N GLN A 122 -43.59 -30.79 -68.56
CA GLN A 122 -44.98 -30.47 -68.88
C GLN A 122 -45.99 -30.75 -67.74
N GLY A 123 -45.59 -31.48 -66.71
CA GLY A 123 -46.48 -31.79 -65.61
C GLY A 123 -46.45 -30.83 -64.43
N ALA A 124 -45.37 -30.07 -64.29
CA ALA A 124 -45.12 -29.32 -63.05
C ALA A 124 -45.57 -27.88 -63.08
N VAL A 125 -46.06 -27.41 -61.95
CA VAL A 125 -46.41 -26.00 -61.78
C VAL A 125 -45.55 -25.44 -60.65
N LEU A 126 -45.40 -24.12 -60.63
CA LEU A 126 -44.57 -23.47 -59.63
C LEU A 126 -45.39 -23.04 -58.41
N TYR A 127 -44.81 -23.10 -57.22
CA TYR A 127 -45.51 -22.63 -56.02
C TYR A 127 -44.71 -21.60 -55.24
N LYS A 128 -45.41 -20.71 -54.55
CA LYS A 128 -44.75 -19.72 -53.69
C LYS A 128 -45.54 -19.51 -52.40
N THR A 129 -44.95 -18.78 -51.46
CA THR A 129 -45.65 -18.40 -50.24
C THR A 129 -46.18 -16.96 -50.32
N PHE A 130 -47.45 -16.79 -49.96
CA PHE A 130 -48.11 -15.50 -49.97
C PHE A 130 -48.65 -15.11 -48.59
N VAL A 131 -48.84 -13.82 -48.39
CA VAL A 131 -49.48 -13.32 -47.19
C VAL A 131 -50.82 -12.76 -47.59
N HIS A 132 -51.79 -12.76 -46.69
CA HIS A 132 -53.11 -12.24 -47.00
C HIS A 132 -53.66 -11.48 -45.81
N VAL A 133 -54.55 -10.53 -46.06
CA VAL A 133 -55.35 -10.04 -44.96
C VAL A 133 -56.79 -10.50 -45.19
N VAL A 134 -57.44 -10.98 -44.12
CA VAL A 134 -58.84 -11.36 -44.17
C VAL A 134 -59.65 -10.31 -43.41
N PRO A 135 -60.40 -9.49 -44.16
CA PRO A 135 -61.14 -8.32 -43.66
C PRO A 135 -62.06 -8.65 -42.49
N ALA A 136 -62.05 -7.81 -41.45
CA ALA A 136 -62.88 -8.05 -40.27
C ALA A 136 -64.11 -7.15 -40.27
N LYS A 137 -63.87 -5.84 -40.22
CA LYS A 137 -64.95 -4.86 -40.26
C LYS A 137 -65.74 -5.04 -41.55
N PRO A 138 -67.08 -4.98 -41.45
CA PRO A 138 -67.86 -4.95 -42.69
C PRO A 138 -67.55 -3.65 -43.43
N GLU A 139 -67.87 -3.59 -44.70
CA GLU A 139 -67.54 -2.41 -45.50
C GLU A 139 -68.23 -1.11 -45.05
N GLY A 140 -69.47 -1.23 -44.58
CA GLY A 140 -70.23 -0.07 -44.16
C GLY A 140 -71.51 -0.43 -43.43
N THR A 141 -72.37 0.56 -43.26
CA THR A 141 -73.64 0.38 -42.56
C THR A 141 -74.64 1.38 -43.11
N PHE A 142 -75.92 1.01 -43.16
CA PHE A 142 -76.94 1.96 -43.58
C PHE A 142 -77.70 2.56 -42.39
N LYS A 143 -77.47 3.84 -42.14
CA LYS A 143 -78.09 4.53 -41.02
C LYS A 143 -79.30 5.35 -41.48
N LEU A 144 -80.33 5.44 -40.63
CA LEU A 144 -81.51 6.23 -41.00
C LEU A 144 -81.31 7.65 -40.52
N VAL A 145 -81.08 8.55 -41.46
CA VAL A 145 -80.74 9.91 -41.13
C VAL A 145 -81.96 10.76 -40.77
N ALA A 146 -82.97 10.74 -41.63
CA ALA A 146 -84.16 11.55 -41.40
C ALA A 146 -85.37 10.90 -42.01
N MET A 147 -86.50 11.01 -41.33
CA MET A 147 -87.75 10.50 -41.87
C MET A 147 -88.65 11.69 -42.17
N LEU A 148 -88.82 11.99 -43.46
CA LEU A 148 -89.55 13.16 -43.89
C LEU A 148 -91.00 12.85 -44.29
N PRO B 2 -16.98 43.96 12.95
CA PRO B 2 -17.12 45.41 13.05
C PRO B 2 -17.35 46.02 11.66
N LEU B 3 -17.56 47.34 11.60
CA LEU B 3 -17.77 48.05 10.33
C LEU B 3 -17.26 49.48 10.41
N HIS B 4 -17.38 50.21 9.31
CA HIS B 4 -17.07 51.65 9.32
C HIS B 4 -18.32 52.50 9.34
N LYS B 5 -18.37 53.43 10.30
CA LYS B 5 -19.49 54.35 10.45
C LYS B 5 -19.89 55.04 9.13
N VAL B 6 -18.92 55.33 8.27
CA VAL B 6 -19.16 55.94 6.96
C VAL B 6 -18.34 55.24 5.89
N PRO B 7 -18.90 54.99 4.69
CA PRO B 7 -18.13 54.33 3.62
C PRO B 7 -16.87 55.11 3.18
N VAL B 8 -15.91 54.44 2.54
CA VAL B 8 -14.57 55.01 2.31
C VAL B 8 -14.49 56.08 1.19
N GLY B 9 -15.28 55.85 0.13
CA GLY B 9 -15.43 56.83 -0.92
C GLY B 9 -15.87 58.17 -0.33
N LEU B 10 -16.57 58.11 0.80
CA LEU B 10 -16.94 59.31 1.52
C LEU B 10 -15.91 59.70 2.58
N TRP B 11 -14.92 58.85 2.82
CA TRP B 11 -13.77 59.21 3.65
C TRP B 11 -13.03 60.32 2.96
N LYS B 12 -12.76 60.08 1.68
CA LYS B 12 -12.05 61.09 0.89
C LYS B 12 -12.80 62.44 0.86
N GLN B 13 -14.13 62.39 0.94
CA GLN B 13 -14.96 63.61 0.96
C GLN B 13 -14.99 64.31 2.30
N LEU B 14 -15.22 63.54 3.37
CA LEU B 14 -15.25 64.07 4.75
C LEU B 14 -13.87 64.51 5.21
N ARG B 15 -12.86 64.21 4.40
CA ARG B 15 -11.55 64.83 4.55
C ARG B 15 -11.64 66.36 4.43
N LEU B 16 -12.46 66.83 3.49
CA LEU B 16 -12.63 68.28 3.23
C LEU B 16 -13.45 69.02 4.30
N TRP B 17 -14.43 68.33 4.88
CA TRP B 17 -15.36 68.95 5.84
C TRP B 17 -14.72 69.28 7.19
N GLU B 18 -13.49 68.85 7.41
CA GLU B 18 -12.82 69.04 8.69
C GLU B 18 -11.48 69.77 8.56
N GLY B 19 -11.08 70.45 9.63
CA GLY B 19 -9.78 71.08 9.69
C GLY B 19 -9.60 72.32 8.82
N ILE B 20 -8.35 72.51 8.38
CA ILE B 20 -7.93 73.69 7.63
C ILE B 20 -8.69 73.88 6.31
N TYR B 21 -9.13 72.78 5.70
CA TYR B 21 -9.90 72.85 4.47
C TYR B 21 -11.18 73.66 4.68
N SER B 22 -11.72 73.61 5.89
CA SER B 22 -12.95 74.32 6.21
C SER B 22 -12.75 75.84 6.07
N ARG B 23 -11.51 76.29 6.18
CA ARG B 23 -11.21 77.73 6.15
C ARG B 23 -10.89 78.24 4.74
N LEU B 24 -10.80 77.33 3.77
CA LEU B 24 -10.63 77.71 2.38
C LEU B 24 -11.85 78.47 1.87
N PRO B 25 -11.65 79.37 0.89
CA PRO B 25 -12.76 80.16 0.33
C PRO B 25 -13.76 79.30 -0.45
N ARG B 26 -15.06 79.56 -0.28
CA ARG B 26 -16.13 78.72 -0.83
C ARG B 26 -16.04 78.49 -2.34
N HIS B 27 -15.71 79.54 -3.08
CA HIS B 27 -15.69 79.49 -4.54
C HIS B 27 -14.72 78.41 -5.05
N TYR B 28 -13.57 78.31 -4.37
CA TYR B 28 -12.55 77.31 -4.69
C TYR B 28 -13.13 75.90 -4.61
N LEU B 29 -13.70 75.59 -3.44
CA LEU B 29 -14.34 74.31 -3.19
C LEU B 29 -15.40 73.97 -4.24
N ARG B 30 -16.34 74.91 -4.44
CA ARG B 30 -17.41 74.73 -5.43
C ARG B 30 -16.85 74.37 -6.80
N SER B 31 -15.78 75.05 -7.20
CA SER B 31 -15.15 74.78 -8.49
C SER B 31 -14.54 73.38 -8.54
N LEU B 32 -13.96 72.95 -7.41
CA LEU B 32 -13.34 71.63 -7.34
C LEU B 32 -14.34 70.48 -7.40
N GLU B 33 -15.44 70.61 -6.66
CA GLU B 33 -16.45 69.54 -6.57
C GLU B 33 -17.05 69.14 -7.92
N GLU B 34 -17.80 70.05 -8.53
CA GLU B 34 -18.48 69.75 -9.79
C GLU B 34 -17.49 69.64 -10.94
N ALA B 35 -17.51 68.49 -11.62
CA ALA B 35 -16.65 68.28 -12.75
C ALA B 35 -17.47 68.17 -14.03
N ARG B 36 -17.41 69.21 -14.85
CA ARG B 36 -18.00 69.17 -16.17
C ARG B 36 -17.25 68.06 -16.93
N THR B 37 -17.98 67.22 -17.64
CA THR B 37 -17.38 66.07 -18.34
C THR B 37 -16.54 66.50 -19.55
N PRO B 38 -15.25 66.06 -19.58
CA PRO B 38 -14.28 66.45 -20.61
C PRO B 38 -14.74 66.17 -22.04
N THR B 39 -14.48 67.12 -22.93
CA THR B 39 -14.83 66.99 -24.34
C THR B 39 -14.16 65.75 -24.94
N PRO B 40 -14.95 64.89 -25.59
CA PRO B 40 -14.40 63.65 -26.17
C PRO B 40 -13.24 63.92 -27.12
N VAL B 41 -12.14 63.20 -26.92
CA VAL B 41 -10.92 63.39 -27.71
C VAL B 41 -10.64 62.18 -28.57
N HIS B 42 -10.45 61.04 -27.90
CA HIS B 42 -10.13 59.80 -28.59
C HIS B 42 -11.38 59.03 -29.02
N TYR B 43 -12.27 58.67 -28.09
CA TYR B 43 -13.53 58.03 -28.47
C TYR B 43 -14.45 59.03 -29.21
N ARG B 44 -15.36 58.51 -30.04
CA ARG B 44 -16.22 59.38 -30.84
C ARG B 44 -17.70 59.26 -30.47
N PRO B 45 -18.29 60.33 -29.92
CA PRO B 45 -19.64 60.24 -29.37
C PRO B 45 -20.72 60.19 -30.45
N HIS B 46 -21.88 59.65 -30.09
CA HIS B 46 -23.04 59.62 -30.96
C HIS B 46 -24.16 60.42 -30.31
N GLY B 47 -24.58 61.50 -30.94
CA GLY B 47 -25.48 62.48 -30.35
C GLY B 47 -26.78 61.98 -29.73
N ALA B 48 -27.51 61.16 -30.48
CA ALA B 48 -28.86 60.75 -30.09
C ALA B 48 -28.89 59.91 -28.81
N LYS B 49 -29.87 60.18 -27.96
CA LYS B 49 -30.11 59.38 -26.78
C LYS B 49 -30.76 58.03 -27.11
N PHE B 50 -31.43 57.97 -28.27
CA PHE B 50 -32.09 56.74 -28.67
C PHE B 50 -31.60 56.29 -30.04
N LYS B 51 -31.49 54.99 -30.22
CA LYS B 51 -31.01 54.43 -31.48
C LYS B 51 -32.02 53.38 -31.95
N ILE B 52 -31.95 52.97 -33.22
CA ILE B 52 -32.81 51.87 -33.66
C ILE B 52 -31.97 50.64 -33.99
N ASN B 53 -32.14 49.59 -33.19
CA ASN B 53 -31.44 48.33 -33.38
C ASN B 53 -31.66 47.75 -34.79
N PRO B 54 -30.57 47.44 -35.50
CA PRO B 54 -30.66 46.84 -36.85
C PRO B 54 -31.33 45.46 -36.91
N LYS B 55 -30.92 44.56 -36.02
CA LYS B 55 -31.46 43.21 -35.99
C LYS B 55 -32.81 43.15 -35.28
N ASN B 56 -32.89 43.86 -34.16
CA ASN B 56 -34.03 43.75 -33.25
C ASN B 56 -35.25 44.55 -33.70
N TRP B 57 -34.99 45.70 -34.34
CA TRP B 57 -35.99 46.64 -34.85
C TRP B 57 -36.78 47.35 -33.77
N GLN B 58 -36.13 47.61 -32.65
CA GLN B 58 -36.80 48.28 -31.55
C GLN B 58 -35.89 49.42 -31.09
N ARG B 59 -36.49 50.51 -30.65
CA ARG B 59 -35.71 51.66 -30.17
C ARG B 59 -34.96 51.25 -28.91
N GLU B 60 -33.69 51.65 -28.85
CA GLU B 60 -32.78 51.24 -27.81
C GLU B 60 -32.16 52.45 -27.11
N ARG B 61 -32.19 52.43 -25.78
CA ARG B 61 -31.64 53.52 -25.01
C ARG B 61 -30.12 53.39 -25.09
N VAL B 62 -29.47 54.41 -25.65
CA VAL B 62 -28.04 54.32 -25.94
C VAL B 62 -27.26 55.40 -25.22
N GLU B 63 -26.21 54.98 -24.51
CA GLU B 63 -25.48 55.85 -23.60
C GLU B 63 -24.04 55.91 -24.04
N ASP B 64 -23.29 56.88 -23.52
CA ASP B 64 -21.91 57.03 -23.93
C ASP B 64 -20.93 56.86 -22.78
N VAL B 65 -20.00 55.92 -22.96
CA VAL B 65 -18.95 55.69 -21.98
C VAL B 65 -17.62 56.19 -22.52
N PRO B 66 -17.01 57.14 -21.81
CA PRO B 66 -15.72 57.70 -22.19
C PRO B 66 -14.61 56.65 -22.09
N ILE B 67 -13.65 56.70 -23.01
CA ILE B 67 -12.51 55.77 -22.99
C ILE B 67 -11.42 56.27 -22.06
N PRO B 68 -10.97 55.41 -21.13
CA PRO B 68 -9.92 55.84 -20.20
C PRO B 68 -8.62 56.14 -20.93
N VAL B 69 -8.07 57.34 -20.75
CA VAL B 69 -6.80 57.69 -21.38
C VAL B 69 -5.78 57.98 -20.30
N HIS B 70 -4.52 57.88 -20.64
CA HIS B 70 -3.45 58.04 -19.66
C HIS B 70 -2.67 59.31 -19.94
N TYR B 71 -2.36 60.04 -18.88
CA TYR B 71 -1.55 61.25 -18.99
C TYR B 71 -0.21 61.01 -18.33
N PRO B 72 0.86 60.93 -19.14
CA PRO B 72 2.23 60.86 -18.61
C PRO B 72 2.63 62.17 -17.90
N PRO B 73 3.62 62.11 -17.01
CA PRO B 73 4.10 63.28 -16.25
C PRO B 73 4.61 64.44 -17.12
N GLU B 74 5.06 64.17 -18.33
CA GLU B 74 5.54 65.22 -19.23
C GLU B 74 4.39 66.06 -19.77
N SER B 75 3.29 65.37 -20.06
CA SER B 75 2.08 66.00 -20.54
C SER B 75 1.61 67.10 -19.60
N GLN B 76 1.87 66.92 -18.30
CA GLN B 76 1.42 67.87 -17.31
C GLN B 76 2.24 69.14 -17.43
N LEU B 77 3.39 69.03 -18.08
CA LEU B 77 4.25 70.19 -18.31
C LEU B 77 3.97 70.97 -19.62
N GLY B 78 3.29 70.35 -20.58
CA GLY B 78 2.97 70.99 -21.85
C GLY B 78 1.49 71.27 -22.10
N LEU B 79 1.14 71.56 -23.35
CA LEU B 79 -0.27 71.59 -23.78
C LEU B 79 -0.54 70.52 -24.82
N TRP B 80 -1.23 69.45 -24.43
CA TRP B 80 -1.48 68.37 -25.36
C TRP B 80 -2.89 68.37 -25.96
N GLY B 81 -3.69 69.38 -25.63
CA GLY B 81 -5.01 69.52 -26.21
C GLY B 81 -6.03 68.63 -25.51
N GLY B 82 -5.66 68.13 -24.34
CA GLY B 82 -6.56 67.36 -23.51
C GLY B 82 -6.46 65.88 -23.76
N GLU B 83 -5.49 65.49 -24.57
CA GLU B 83 -5.30 64.09 -24.89
C GLU B 83 -4.09 63.47 -24.20
N GLY B 84 -3.80 62.21 -24.54
CA GLY B 84 -2.71 61.48 -23.94
C GLY B 84 -2.59 60.09 -24.54
N TRP B 85 -1.95 59.18 -23.79
CA TRP B 85 -1.74 57.79 -24.18
C TRP B 85 -3.00 56.97 -24.09
N VAL B 86 -3.36 56.26 -25.15
CA VAL B 86 -4.47 55.33 -25.03
C VAL B 86 -3.94 53.92 -24.83
N LEU B 87 -4.13 53.40 -23.63
CA LEU B 87 -3.71 52.03 -23.33
C LEU B 87 -4.86 51.10 -23.63
N GLY B 88 -4.57 49.93 -24.17
CA GLY B 88 -5.63 48.97 -24.44
C GLY B 88 -5.11 47.68 -25.03
N HIS B 89 -6.01 46.92 -25.60
CA HIS B 89 -5.62 45.72 -26.29
C HIS B 89 -6.19 45.84 -27.68
N ARG B 90 -5.74 45.02 -28.60
CA ARG B 90 -6.35 44.95 -29.92
C ARG B 90 -6.34 43.52 -30.37
N TYR B 91 -7.23 43.19 -31.31
CA TYR B 91 -7.19 41.91 -31.98
C TYR B 91 -6.35 42.04 -33.23
N VAL B 92 -5.41 41.14 -33.45
CA VAL B 92 -4.66 41.16 -34.69
C VAL B 92 -5.62 40.80 -35.83
N ASN B 93 -5.44 41.44 -36.99
CA ASN B 93 -6.31 41.26 -38.16
C ASN B 93 -7.73 41.80 -37.99
N ASN B 94 -8.10 42.12 -36.76
CA ASN B 94 -9.45 42.58 -36.41
C ASN B 94 -10.52 41.49 -36.45
N ASP B 95 -10.12 40.26 -36.73
CA ASP B 95 -11.04 39.14 -36.50
C ASP B 95 -11.05 38.86 -35.01
N LYS B 96 -12.23 38.87 -34.40
CA LYS B 96 -12.35 38.55 -32.99
C LYS B 96 -11.74 37.17 -32.71
N LEU B 97 -11.69 36.31 -33.72
CA LEU B 97 -11.16 34.97 -33.53
C LEU B 97 -9.63 34.89 -33.46
N SER B 98 -8.93 35.96 -33.83
CA SER B 98 -7.47 35.96 -33.80
C SER B 98 -6.89 36.23 -32.40
N LYS B 99 -5.59 36.49 -32.35
CA LYS B 99 -4.93 36.78 -31.08
C LYS B 99 -5.21 38.16 -30.54
N ARG B 100 -5.47 38.24 -29.24
CA ARG B 100 -5.60 39.51 -28.53
C ARG B 100 -4.25 39.92 -27.95
N VAL B 101 -3.90 41.19 -28.07
CA VAL B 101 -2.52 41.61 -27.85
C VAL B 101 -2.49 42.98 -27.21
N ARG B 102 -1.64 43.20 -26.21
CA ARG B 102 -1.63 44.49 -25.52
C ARG B 102 -0.93 45.55 -26.38
N LYS B 103 -1.50 46.76 -26.37
CA LYS B 103 -1.12 47.81 -27.32
C LYS B 103 -1.30 49.21 -26.72
N VAL B 104 -0.42 50.14 -27.08
CA VAL B 104 -0.55 51.51 -26.58
C VAL B 104 -0.36 52.53 -27.69
N TRP B 105 -1.35 53.40 -27.89
CA TRP B 105 -1.23 54.46 -28.89
C TRP B 105 -0.77 55.74 -28.26
N LYS B 106 0.42 56.18 -28.64
CA LYS B 106 0.96 57.44 -28.15
C LYS B 106 0.61 58.57 -29.10
N PRO B 107 0.29 59.75 -28.55
CA PRO B 107 -0.01 60.92 -29.38
C PRO B 107 1.26 61.49 -29.98
N GLN B 108 1.16 62.20 -31.09
CA GLN B 108 2.37 62.73 -31.72
C GLN B 108 2.72 64.13 -31.19
N LEU B 109 3.95 64.30 -30.72
CA LEU B 109 4.34 65.54 -30.06
C LEU B 109 5.19 66.44 -30.96
N PHE B 110 5.05 67.76 -30.80
CA PHE B 110 5.87 68.72 -31.53
C PHE B 110 6.38 69.83 -30.63
N GLN B 111 7.48 70.44 -31.04
CA GLN B 111 8.05 71.53 -30.27
C GLN B 111 7.70 72.85 -30.92
N ARG B 112 6.93 73.68 -30.24
CA ARG B 112 6.49 74.90 -30.88
C ARG B 112 6.53 76.07 -29.91
N GLU B 113 6.37 77.28 -30.46
CA GLU B 113 6.39 78.47 -29.64
C GLU B 113 5.04 79.18 -29.69
N LEU B 114 4.63 79.70 -28.54
CA LEU B 114 3.32 80.34 -28.44
C LEU B 114 3.46 81.75 -27.90
N TYR B 115 2.64 82.66 -28.43
CA TYR B 115 2.76 84.06 -28.05
C TYR B 115 1.58 84.53 -27.19
N SER B 116 1.89 85.17 -26.07
CA SER B 116 0.86 85.70 -25.19
C SER B 116 0.73 87.21 -25.35
N GLU B 117 -0.49 87.71 -25.46
CA GLU B 117 -0.71 89.15 -25.40
C GLU B 117 -0.74 89.60 -23.95
N ILE B 118 -1.41 88.80 -23.13
CA ILE B 118 -1.62 89.16 -21.74
C ILE B 118 -0.33 88.97 -20.93
N LEU B 119 0.40 87.89 -21.21
CA LEU B 119 1.63 87.66 -20.48
C LEU B 119 2.82 88.28 -21.22
N ASP B 120 2.56 88.72 -22.45
CA ASP B 120 3.58 89.36 -23.30
C ASP B 120 4.89 88.58 -23.35
N LYS B 121 4.83 87.37 -23.89
CA LYS B 121 5.97 86.46 -23.85
C LYS B 121 5.86 85.42 -24.94
N ARG B 122 7.00 84.82 -25.26
CA ARG B 122 7.05 83.67 -26.14
C ARG B 122 7.46 82.44 -25.36
N PHE B 123 6.57 81.45 -25.29
CA PHE B 123 6.88 80.23 -24.58
C PHE B 123 7.26 79.10 -25.54
N THR B 124 8.16 78.22 -25.11
CA THR B 124 8.43 77.00 -25.85
C THR B 124 7.67 75.87 -25.18
N VAL B 125 6.63 75.40 -25.86
CA VAL B 125 5.79 74.36 -25.29
C VAL B 125 5.77 73.16 -26.23
N THR B 126 5.68 71.97 -25.64
CA THR B 126 5.38 70.78 -26.42
C THR B 126 3.89 70.78 -26.68
N VAL B 127 3.50 70.81 -27.95
CA VAL B 127 2.08 70.82 -28.28
C VAL B 127 1.75 69.65 -29.18
N THR B 128 0.47 69.30 -29.25
CA THR B 128 0.02 68.27 -30.18
C THR B 128 -0.57 68.97 -31.39
N MET B 129 -0.97 68.21 -32.40
CA MET B 129 -1.68 68.79 -33.50
C MET B 129 -2.99 69.38 -32.98
N ARG B 130 -3.69 68.62 -32.13
CA ARG B 130 -4.99 69.05 -31.60
C ARG B 130 -4.92 70.37 -30.86
N THR B 131 -3.80 70.59 -30.16
CA THR B 131 -3.57 71.83 -29.42
C THR B 131 -3.53 73.01 -30.37
N LEU B 132 -2.78 72.86 -31.46
CA LEU B 132 -2.72 73.92 -32.47
C LEU B 132 -4.06 74.12 -33.16
N ASP B 133 -4.81 73.05 -33.37
CA ASP B 133 -6.14 73.19 -33.96
C ASP B 133 -7.05 74.01 -33.08
N LEU B 134 -7.06 73.72 -31.78
CA LEU B 134 -7.95 74.43 -30.87
C LEU B 134 -7.48 75.87 -30.66
N ILE B 135 -6.17 76.06 -30.60
CA ILE B 135 -5.56 77.38 -30.57
C ILE B 135 -6.01 78.16 -31.80
N ASP B 136 -6.21 77.44 -32.90
CA ASP B 136 -6.63 78.04 -34.14
C ASP B 136 -8.09 78.46 -34.04
N GLN B 137 -8.95 77.47 -33.84
CA GLN B 137 -10.39 77.68 -33.74
C GLN B 137 -10.81 78.71 -32.67
N ALA B 138 -9.98 78.91 -31.63
CA ALA B 138 -10.30 79.89 -30.59
C ALA B 138 -9.77 81.28 -30.92
N CYS B 139 -8.98 81.34 -32.00
CA CYS B 139 -8.51 82.57 -32.63
C CYS B 139 -7.41 83.32 -31.86
N GLY B 140 -7.04 82.81 -30.69
CA GLY B 140 -5.91 83.35 -29.97
C GLY B 140 -5.33 82.33 -29.02
N PHE B 141 -4.07 82.48 -28.64
CA PHE B 141 -3.51 81.60 -27.62
C PHE B 141 -4.15 81.95 -26.29
N ASP B 142 -4.20 83.25 -25.98
CA ASP B 142 -4.81 83.72 -24.76
C ASP B 142 -6.33 83.45 -24.76
N PHE B 143 -6.95 83.57 -25.95
CA PHE B 143 -8.34 83.16 -26.12
C PHE B 143 -8.49 81.67 -25.81
N TYR B 144 -7.59 80.87 -26.35
CA TYR B 144 -7.58 79.43 -26.11
C TYR B 144 -7.49 79.11 -24.60
N ILE B 145 -6.73 79.89 -23.85
CA ILE B 145 -6.57 79.59 -22.43
C ILE B 145 -7.72 80.11 -21.55
N LEU B 146 -8.30 81.27 -21.90
CA LEU B 146 -9.42 81.80 -21.14
C LEU B 146 -10.78 81.20 -21.49
N LYS B 147 -10.87 80.62 -22.70
CA LYS B 147 -12.13 80.13 -23.24
C LYS B 147 -12.32 78.64 -22.92
N THR B 148 -11.36 78.06 -22.20
CA THR B 148 -11.36 76.61 -22.01
C THR B 148 -11.56 76.22 -20.55
N PRO B 149 -12.34 75.16 -20.31
CA PRO B 149 -12.52 74.67 -18.93
C PRO B 149 -11.31 73.87 -18.42
N LYS B 150 -11.23 73.71 -17.11
CA LYS B 150 -10.15 73.00 -16.45
C LYS B 150 -9.94 71.57 -16.95
N GLU B 151 -11.02 70.85 -17.22
CA GLU B 151 -10.94 69.45 -17.63
C GLU B 151 -10.38 69.29 -19.02
N ASP B 152 -10.54 70.31 -19.85
CA ASP B 152 -10.08 70.22 -21.23
C ASP B 152 -8.59 70.52 -21.43
N LEU B 153 -7.98 71.32 -20.54
CA LEU B 153 -6.55 71.59 -20.66
C LEU B 153 -5.69 70.46 -20.11
N CYS B 154 -6.07 69.95 -18.94
CA CYS B 154 -5.43 68.82 -18.28
C CYS B 154 -4.03 69.09 -17.73
N SER B 155 -3.48 70.27 -17.99
CA SER B 155 -2.09 70.53 -17.61
C SER B 155 -1.95 71.55 -16.48
N LYS B 156 -1.07 71.27 -15.52
CA LYS B 156 -0.74 72.24 -14.49
C LYS B 156 -0.22 73.52 -15.13
N PHE B 157 0.49 73.37 -16.24
CA PHE B 157 1.05 74.51 -16.95
C PHE B 157 -0.03 75.40 -17.55
N GLY B 158 -1.05 74.79 -18.14
CA GLY B 158 -2.16 75.53 -18.71
C GLY B 158 -2.95 76.29 -17.66
N MET B 159 -3.21 75.65 -16.53
CA MET B 159 -4.01 76.26 -15.48
C MET B 159 -3.23 77.32 -14.71
N ASP B 160 -1.92 77.18 -14.61
CA ASP B 160 -1.13 78.24 -13.99
C ASP B 160 -0.89 79.39 -14.97
N LEU B 161 -0.96 79.09 -16.26
CA LEU B 161 -0.98 80.11 -17.32
C LEU B 161 -2.23 80.98 -17.23
N LYS B 162 -3.36 80.28 -17.18
CA LYS B 162 -4.67 80.88 -16.97
C LYS B 162 -4.69 81.75 -15.71
N ARG B 163 -4.23 81.19 -14.58
CA ARG B 163 -4.19 81.93 -13.31
C ARG B 163 -3.34 83.18 -13.39
N GLY B 164 -2.16 83.03 -13.98
CA GLY B 164 -1.25 84.14 -14.17
C GLY B 164 -1.86 85.30 -14.94
N MET B 165 -2.38 85.00 -16.14
CA MET B 165 -2.90 86.07 -17.01
C MET B 165 -4.26 86.61 -16.56
N LEU B 166 -5.05 85.79 -15.88
CA LEU B 166 -6.31 86.22 -15.29
C LEU B 166 -6.05 87.22 -14.16
N LEU B 167 -5.04 86.90 -13.33
CA LEU B 167 -4.60 87.82 -12.30
C LEU B 167 -4.13 89.12 -12.94
N ARG B 168 -3.39 89.00 -14.03
CA ARG B 168 -2.90 90.20 -14.72
C ARG B 168 -4.06 91.04 -15.28
N LEU B 169 -5.15 90.38 -15.65
CA LEU B 169 -6.32 91.09 -16.15
C LEU B 169 -7.04 91.84 -15.03
N ALA B 170 -7.25 91.16 -13.91
CA ALA B 170 -8.01 91.73 -12.78
C ALA B 170 -7.23 92.81 -12.02
N ARG B 171 -5.91 92.75 -12.07
CA ARG B 171 -5.08 93.78 -11.43
C ARG B 171 -5.01 95.05 -12.26
N GLN B 172 -5.27 94.91 -13.56
CA GLN B 172 -5.10 96.01 -14.52
C GLN B 172 -3.66 96.50 -14.46
N ASP B 173 -2.73 95.55 -14.53
CA ASP B 173 -1.31 95.82 -14.32
C ASP B 173 -0.73 96.78 -15.35
N PRO B 174 -0.10 97.87 -14.87
CA PRO B 174 0.65 98.83 -15.70
C PRO B 174 1.93 98.25 -16.30
N GLN B 175 2.39 97.12 -15.77
CA GLN B 175 3.64 96.53 -16.26
C GLN B 175 3.46 95.82 -17.61
N LEU B 176 2.22 95.71 -18.07
CA LEU B 176 1.92 94.91 -19.26
C LEU B 176 2.65 95.41 -20.50
N HIS B 177 2.42 96.66 -20.83
CA HIS B 177 3.08 97.31 -21.94
C HIS B 177 3.46 98.70 -21.42
N PRO B 178 4.50 98.74 -20.57
CA PRO B 178 4.85 99.87 -19.70
C PRO B 178 4.84 101.24 -20.39
N ASP B 179 5.27 101.29 -21.65
CA ASP B 179 5.41 102.57 -22.34
C ASP B 179 4.26 102.96 -23.27
N ASP B 180 3.30 102.05 -23.46
CA ASP B 180 2.23 102.26 -24.44
C ASP B 180 0.83 102.03 -23.87
N PRO B 181 0.17 103.11 -23.41
CA PRO B 181 -1.21 103.03 -22.90
C PRO B 181 -2.22 102.60 -23.97
N ALA B 182 -1.86 102.83 -25.23
CA ALA B 182 -2.70 102.49 -26.38
C ALA B 182 -2.83 100.97 -26.53
N ARG B 183 -1.68 100.29 -26.54
CA ARG B 183 -1.67 98.83 -26.60
C ARG B 183 -2.23 98.20 -25.35
N ARG B 184 -2.13 98.90 -24.21
CA ARG B 184 -2.80 98.44 -23.00
C ARG B 184 -4.31 98.44 -23.20
N ALA B 185 -4.81 99.55 -23.72
CA ALA B 185 -6.23 99.69 -24.00
C ALA B 185 -6.69 98.56 -24.91
N ALA B 186 -6.00 98.41 -26.05
CA ALA B 186 -6.31 97.37 -27.03
C ALA B 186 -6.28 95.96 -26.42
N ILE B 187 -5.16 95.60 -25.83
CA ILE B 187 -4.95 94.25 -25.34
C ILE B 187 -5.95 93.92 -24.23
N TYR B 188 -6.14 94.83 -23.28
CA TYR B 188 -7.08 94.57 -22.18
C TYR B 188 -8.53 94.55 -22.63
N ASP B 189 -8.86 95.35 -23.65
CA ASP B 189 -10.25 95.50 -24.08
C ASP B 189 -10.90 94.22 -24.60
N ARG B 190 -10.22 93.50 -25.49
CA ARG B 190 -10.89 92.39 -26.17
C ARG B 190 -11.01 91.16 -25.29
N TYR B 191 -10.28 91.12 -24.19
CA TYR B 191 -10.42 90.05 -23.22
C TYR B 191 -11.33 90.45 -22.07
N LYS B 192 -11.90 91.66 -22.14
CA LYS B 192 -12.69 92.24 -21.05
C LYS B 192 -13.98 91.45 -20.79
N ALA B 193 -14.28 90.53 -21.70
CA ALA B 193 -15.33 89.55 -21.52
C ALA B 193 -15.02 88.63 -20.34
N PHE B 194 -13.72 88.39 -20.12
CA PHE B 194 -13.26 87.38 -19.17
C PHE B 194 -12.88 87.86 -17.77
N VAL B 195 -13.03 89.16 -17.48
CA VAL B 195 -12.59 89.70 -16.20
C VAL B 195 -13.32 89.07 -14.99
N ILE B 196 -12.54 88.62 -14.03
CA ILE B 196 -13.04 88.04 -12.79
C ILE B 196 -12.51 88.93 -11.64
N PRO B 197 -13.22 88.98 -10.49
CA PRO B 197 -12.70 89.80 -9.39
C PRO B 197 -11.34 89.33 -8.86
N GLU B 198 -10.77 90.06 -7.89
CA GLU B 198 -9.37 89.86 -7.50
C GLU B 198 -9.14 88.65 -6.59
N ALA B 199 -10.04 88.43 -5.63
CA ALA B 199 -9.90 87.34 -4.68
C ALA B 199 -10.11 85.98 -5.34
N GLU B 200 -10.85 85.99 -6.45
CA GLU B 200 -11.12 84.77 -7.21
C GLU B 200 -9.97 84.37 -8.13
N ALA B 201 -9.35 85.37 -8.77
CA ALA B 201 -8.28 85.16 -9.75
C ALA B 201 -7.07 84.40 -9.19
N GLU B 202 -6.65 84.74 -7.98
CA GLU B 202 -5.44 84.15 -7.44
C GLU B 202 -5.62 82.70 -6.97
N TRP B 203 -6.86 82.28 -6.80
CA TRP B 203 -7.13 80.91 -6.39
C TRP B 203 -7.48 79.97 -7.53
N VAL B 204 -7.46 80.45 -8.77
CA VAL B 204 -8.08 79.69 -9.87
C VAL B 204 -7.21 78.53 -10.41
N GLY B 205 -5.90 78.66 -10.36
CA GLY B 205 -5.04 77.65 -10.96
C GLY B 205 -4.49 76.61 -10.00
N LEU B 206 -4.84 76.73 -8.72
CA LEU B 206 -4.17 75.95 -7.68
C LEU B 206 -4.55 74.48 -7.62
N THR B 207 -3.65 73.71 -7.00
CA THR B 207 -3.85 72.30 -6.68
C THR B 207 -4.00 72.18 -5.18
N LEU B 208 -4.70 71.17 -4.70
CA LEU B 208 -5.05 71.07 -3.28
C LEU B 208 -3.87 71.29 -2.33
N ASP B 209 -2.66 70.89 -2.74
CA ASP B 209 -1.46 71.12 -1.93
C ASP B 209 -1.08 72.60 -1.90
N GLU B 210 -1.16 73.23 -3.07
CA GLU B 210 -0.89 74.65 -3.21
C GLU B 210 -1.95 75.48 -2.47
N ALA B 211 -3.19 75.01 -2.50
CA ALA B 211 -4.25 75.66 -1.73
C ALA B 211 -3.96 75.57 -0.25
N VAL B 212 -3.70 74.36 0.24
CA VAL B 212 -3.40 74.14 1.66
C VAL B 212 -2.22 75.00 2.13
N GLU B 213 -1.20 75.09 1.29
CA GLU B 213 -0.03 75.87 1.61
C GLU B 213 -0.32 77.38 1.65
N LYS B 214 -0.97 77.89 0.60
CA LYS B 214 -1.30 79.31 0.55
C LYS B 214 -2.16 79.71 1.76
N GLN B 215 -3.16 78.88 2.05
CA GLN B 215 -4.05 79.09 3.19
C GLN B 215 -3.27 79.11 4.51
N ARG B 216 -2.41 78.12 4.69
CA ARG B 216 -1.48 78.09 5.81
C ARG B 216 -0.72 79.41 5.98
N LEU B 217 -0.15 79.92 4.90
CA LEU B 217 0.60 81.16 4.98
C LEU B 217 -0.26 82.38 5.30
N LEU B 218 -1.45 82.44 4.71
CA LEU B 218 -2.40 83.53 5.02
C LEU B 218 -2.91 83.47 6.46
N GLU B 219 -2.85 82.28 7.06
CA GLU B 219 -3.33 82.09 8.43
C GLU B 219 -2.26 82.13 9.51
N GLU B 220 -1.02 82.45 9.15
CA GLU B 220 0.03 82.43 10.16
C GLU B 220 0.04 83.68 11.03
N LYS B 221 -0.20 83.47 12.32
CA LYS B 221 -0.08 84.49 13.35
C LYS B 221 0.65 83.88 14.54
N ASP B 222 1.80 84.42 14.90
CA ASP B 222 2.56 83.94 16.06
C ASP B 222 1.90 84.41 17.34
N PRO B 223 1.66 83.47 18.28
CA PRO B 223 0.75 83.65 19.41
C PRO B 223 1.02 84.92 20.23
N ILE B 224 -0.05 85.64 20.51
CA ILE B 224 0.01 86.85 21.30
C ILE B 224 0.54 86.55 22.70
N PRO B 225 1.54 87.32 23.15
CA PRO B 225 2.03 87.20 24.53
C PRO B 225 0.89 87.36 25.54
N LEU B 226 0.86 86.49 26.55
CA LEU B 226 -0.17 86.54 27.58
C LEU B 226 -0.17 87.88 28.33
N PHE B 227 0.99 88.52 28.32
CA PHE B 227 1.14 89.84 28.92
C PHE B 227 0.13 90.80 28.31
N LYS B 228 0.06 90.81 26.97
CA LYS B 228 -0.87 91.67 26.24
C LYS B 228 -2.32 91.53 26.73
N ILE B 229 -2.87 90.34 26.56
CA ILE B 229 -4.26 90.04 26.95
C ILE B 229 -4.54 90.34 28.43
N PHE B 230 -3.58 90.06 29.31
CA PHE B 230 -3.75 90.38 30.73
C PHE B 230 -3.84 91.88 30.99
N VAL B 231 -2.98 92.65 30.33
CA VAL B 231 -3.01 94.11 30.37
C VAL B 231 -4.35 94.68 29.88
N GLU B 232 -4.84 94.12 28.77
CA GLU B 232 -6.14 94.51 28.25
C GLU B 232 -7.27 94.26 29.25
N GLU B 233 -7.28 93.06 29.83
CA GLU B 233 -8.28 92.72 30.84
C GLU B 233 -8.23 93.65 32.05
N LEU B 234 -7.01 93.93 32.53
CA LEU B 234 -6.85 94.80 33.69
C LEU B 234 -7.33 96.22 33.40
N LEU B 235 -6.98 96.74 32.22
CA LEU B 235 -7.45 98.06 31.80
C LEU B 235 -8.97 98.14 31.69
N GLY B 236 -9.57 97.07 31.15
CA GLY B 236 -11.02 96.97 31.08
C GLY B 236 -11.65 97.05 32.47
N GLN B 237 -11.11 96.27 33.41
CA GLN B 237 -11.59 96.29 34.79
C GLN B 237 -11.45 97.67 35.45
N LEU B 238 -10.30 98.32 35.25
CA LEU B 238 -10.07 99.65 35.82
C LEU B 238 -11.01 100.72 35.26
N GLN B 239 -11.28 100.64 33.96
CA GLN B 239 -12.21 101.57 33.33
C GLN B 239 -13.66 101.35 33.76
N GLN B 240 -14.06 100.08 33.91
CA GLN B 240 -15.39 99.77 34.43
C GLN B 240 -15.56 100.23 35.89
N GLN B 241 -14.49 100.12 36.67
CA GLN B 241 -14.47 100.57 38.07
C GLN B 241 -14.50 102.10 38.19
N ALA B 242 -13.83 102.77 37.27
CA ALA B 242 -13.81 104.24 37.23
C ALA B 242 -15.15 104.80 36.74
N LEU B 243 -15.82 104.07 35.85
CA LEU B 243 -17.12 104.48 35.32
C LEU B 243 -18.28 104.19 36.28
N SER B 244 -18.21 103.08 37.01
CA SER B 244 -19.26 102.74 37.98
C SER B 244 -19.30 103.75 39.13
N GLU B 245 -18.13 104.28 39.49
CA GLU B 245 -18.03 105.31 40.52
C GLU B 245 -18.44 106.68 39.97
N LEU C 66 36.04 65.51 51.65
CA LEU C 66 35.67 64.26 50.98
C LEU C 66 34.86 63.35 51.90
N GLU C 67 34.76 63.74 53.17
CA GLU C 67 33.99 62.97 54.14
C GLU C 67 32.50 63.06 53.86
N GLU C 68 32.13 64.03 53.04
CA GLU C 68 30.72 64.34 52.75
C GLU C 68 30.01 63.21 52.01
N PHE C 69 30.75 62.18 51.63
CA PHE C 69 30.12 61.01 51.04
C PHE C 69 29.65 60.06 52.12
N PHE C 70 29.84 60.43 53.37
CA PHE C 70 29.52 59.53 54.47
C PHE C 70 28.72 60.18 55.58
N ASP C 71 27.93 59.35 56.25
CA ASP C 71 27.11 59.77 57.37
C ASP C 71 28.02 60.23 58.50
N ASP C 72 27.48 61.03 59.41
CA ASP C 72 28.22 61.45 60.61
C ASP C 72 28.74 60.21 61.33
N PRO C 73 30.06 60.15 61.58
CA PRO C 73 30.78 58.95 62.00
C PRO C 73 30.12 58.16 63.13
N LYS C 74 29.42 58.83 64.04
CA LYS C 74 28.74 58.17 65.14
C LYS C 74 27.49 57.43 64.70
N ASN C 75 27.04 57.70 63.49
CA ASN C 75 25.74 57.22 63.01
C ASN C 75 25.81 55.91 62.20
N TRP C 76 27.00 55.32 62.08
CA TRP C 76 27.21 54.19 61.17
C TRP C 76 26.56 52.84 61.54
N GLY C 77 26.81 52.33 62.74
CA GLY C 77 26.34 51.01 63.11
C GLY C 77 24.88 50.92 63.53
N GLU C 78 24.22 52.06 63.72
CA GLU C 78 22.85 52.08 64.23
C GLU C 78 21.87 51.52 63.21
N GLU C 79 20.97 50.67 63.69
CA GLU C 79 19.95 50.02 62.85
C GLU C 79 19.06 51.02 62.13
N LYS C 80 18.21 51.69 62.91
CA LYS C 80 17.31 52.71 62.36
C LYS C 80 17.88 54.10 62.56
N VAL C 81 17.66 54.97 61.58
CA VAL C 81 17.97 56.39 61.71
C VAL C 81 16.81 57.28 61.25
N LYS C 82 16.36 58.16 62.13
CA LYS C 82 15.21 59.01 61.85
C LYS C 82 15.57 60.17 60.93
N SER C 83 14.61 60.60 60.10
CA SER C 83 14.74 61.84 59.33
C SER C 83 13.36 62.45 59.13
N GLY C 84 13.30 63.63 58.51
CA GLY C 84 12.06 64.36 58.41
C GLY C 84 11.14 63.92 57.29
N ALA C 85 10.17 64.78 56.97
CA ALA C 85 9.36 64.60 55.77
C ALA C 85 10.14 65.19 54.60
N SER C 86 9.84 64.72 53.39
CA SER C 86 10.38 65.33 52.18
C SER C 86 9.61 66.60 51.86
N TRP C 87 10.29 67.54 51.19
CA TRP C 87 9.70 68.82 50.86
C TRP C 87 8.46 68.71 49.97
N THR C 88 7.37 69.33 50.41
CA THR C 88 6.16 69.43 49.59
C THR C 88 6.21 70.76 48.84
N CYS C 89 5.67 70.77 47.62
CA CYS C 89 5.73 71.95 46.75
C CYS C 89 5.37 73.26 47.46
N GLN C 90 4.28 73.24 48.22
CA GLN C 90 3.79 74.44 48.89
C GLN C 90 4.86 75.07 49.77
N GLN C 91 5.72 74.24 50.35
CA GLN C 91 6.77 74.74 51.21
C GLN C 91 7.86 75.37 50.35
N LEU C 92 7.97 74.89 49.12
CA LEU C 92 8.97 75.38 48.18
C LEU C 92 8.56 76.65 47.43
N ARG C 93 7.26 76.84 47.20
CA ARG C 93 6.76 78.04 46.52
C ARG C 93 7.19 79.30 47.26
N ASN C 94 7.35 79.20 48.58
CA ASN C 94 7.66 80.37 49.39
C ASN C 94 9.12 80.82 49.33
N LYS C 95 10.01 79.91 48.94
CA LYS C 95 11.41 80.24 48.86
C LYS C 95 11.67 81.10 47.63
N SER C 96 12.66 82.00 47.74
CA SER C 96 13.08 82.82 46.60
C SER C 96 13.97 81.98 45.67
N ASN C 97 14.52 82.58 44.62
CA ASN C 97 15.30 81.81 43.66
C ASN C 97 16.60 81.29 44.24
N GLU C 98 17.38 82.19 44.84
CA GLU C 98 18.66 81.84 45.46
C GLU C 98 18.55 80.72 46.48
N ASP C 99 17.43 80.72 47.22
CA ASP C 99 17.21 79.73 48.28
C ASP C 99 16.95 78.36 47.69
N LEU C 100 16.22 78.31 46.58
CA LEU C 100 15.98 77.05 45.89
C LEU C 100 17.29 76.55 45.31
N HIS C 101 18.00 77.45 44.65
CA HIS C 101 19.30 77.16 44.06
C HIS C 101 20.27 76.57 45.09
N LYS C 102 20.27 77.11 46.31
CA LYS C 102 21.09 76.55 47.38
C LYS C 102 20.57 75.22 47.89
N LEU C 103 19.26 75.12 48.09
CA LEU C 103 18.64 73.90 48.59
C LEU C 103 18.99 72.75 47.69
N TRP C 104 19.12 73.04 46.39
CA TRP C 104 19.43 72.03 45.40
C TRP C 104 20.68 71.24 45.76
N TYR C 105 21.71 71.93 46.23
CA TYR C 105 22.95 71.25 46.55
C TYR C 105 22.91 70.53 47.91
N VAL C 106 22.21 71.11 48.88
CA VAL C 106 22.03 70.41 50.14
C VAL C 106 21.32 69.09 49.84
N LEU C 107 20.41 69.10 48.87
CA LEU C 107 19.73 67.89 48.44
C LEU C 107 20.69 66.96 47.71
N LEU C 108 21.48 67.53 46.81
CA LEU C 108 22.41 66.78 45.99
C LEU C 108 23.37 65.94 46.83
N LYS C 109 24.13 66.61 47.69
CA LYS C 109 25.11 65.95 48.55
C LYS C 109 24.50 64.80 49.36
N GLU C 110 23.35 65.06 49.96
CA GLU C 110 22.64 64.03 50.71
C GLU C 110 22.34 62.84 49.81
N ARG C 111 21.91 63.12 48.58
CA ARG C 111 21.63 62.05 47.63
C ARG C 111 22.85 61.20 47.30
N ASN C 112 23.99 61.84 47.07
CA ASN C 112 25.24 61.11 46.83
C ASN C 112 25.61 60.23 48.02
N MET C 113 25.51 60.80 49.22
CA MET C 113 25.84 60.06 50.43
C MET C 113 24.95 58.84 50.61
N LEU C 114 23.66 59.01 50.36
CA LEU C 114 22.73 57.89 50.43
C LEU C 114 23.10 56.82 49.39
N LEU C 115 23.34 57.25 48.15
CA LEU C 115 23.70 56.34 47.05
C LEU C 115 24.90 55.47 47.38
N THR C 116 25.92 56.12 47.95
CA THR C 116 27.14 55.42 48.34
C THR C 116 26.86 54.35 49.40
N LEU C 117 26.11 54.74 50.42
CA LEU C 117 25.71 53.82 51.48
C LEU C 117 24.95 52.65 50.90
N GLU C 118 24.12 52.94 49.90
CA GLU C 118 23.37 51.91 49.18
C GLU C 118 24.27 50.81 48.63
N GLN C 119 25.14 51.21 47.71
CA GLN C 119 26.11 50.32 47.10
C GLN C 119 26.92 49.55 48.14
N GLU C 120 27.47 50.29 49.09
CA GLU C 120 28.30 49.68 50.13
C GLU C 120 27.57 48.59 50.91
N ALA C 121 26.32 48.88 51.25
CA ALA C 121 25.46 47.94 51.94
C ALA C 121 25.19 46.71 51.09
N LYS C 122 25.10 46.92 49.77
CA LYS C 122 24.95 45.79 48.86
C LYS C 122 26.20 44.93 48.80
N ARG C 123 27.36 45.56 48.89
CA ARG C 123 28.62 44.82 48.83
C ARG C 123 28.89 44.03 50.11
N GLN C 124 28.52 44.60 51.25
CA GLN C 124 28.82 43.96 52.54
C GLN C 124 27.82 42.86 52.89
N ARG C 125 26.85 42.62 52.01
CA ARG C 125 25.81 41.61 52.21
C ARG C 125 24.97 41.90 53.45
N LEU C 126 24.76 43.18 53.72
CA LEU C 126 24.02 43.60 54.91
C LEU C 126 22.83 44.46 54.48
N PRO C 127 21.68 44.30 55.14
CA PRO C 127 20.54 45.16 54.78
C PRO C 127 20.87 46.62 55.08
N MET C 128 20.36 47.54 54.27
CA MET C 128 20.74 48.96 54.37
C MET C 128 19.87 49.76 55.36
N PRO C 129 20.50 50.51 56.29
CA PRO C 129 19.78 51.22 57.35
C PRO C 129 18.83 52.33 56.86
N SER C 130 17.58 52.30 57.31
CA SER C 130 16.58 53.33 56.97
C SER C 130 16.53 53.69 55.47
N PRO C 131 16.00 52.79 54.62
CA PRO C 131 15.91 53.02 53.18
C PRO C 131 15.01 54.21 52.82
N GLU C 132 14.07 54.54 53.73
CA GLU C 132 13.12 55.62 53.54
C GLU C 132 13.80 56.88 53.03
N ARG C 133 14.99 57.14 53.58
CA ARG C 133 15.79 58.31 53.24
C ARG C 133 15.90 58.50 51.74
N LEU C 134 16.29 57.44 51.04
CA LEU C 134 16.51 57.54 49.60
C LEU C 134 15.22 57.91 48.88
N GLU C 135 14.09 57.43 49.37
CA GLU C 135 12.81 57.82 48.80
C GLU C 135 12.54 59.30 49.02
N LYS C 136 12.87 59.78 50.20
CA LYS C 136 12.56 61.15 50.57
C LYS C 136 13.37 62.13 49.71
N VAL C 137 14.70 61.97 49.69
CA VAL C 137 15.59 62.91 48.99
C VAL C 137 15.30 62.93 47.49
N VAL C 138 14.76 61.85 46.96
CA VAL C 138 14.26 61.87 45.60
C VAL C 138 13.12 62.87 45.44
N ASP C 139 12.06 62.66 46.24
CA ASP C 139 10.83 63.45 46.14
C ASP C 139 11.12 64.93 46.19
N SER C 140 11.84 65.35 47.22
CA SER C 140 12.17 66.76 47.37
C SER C 140 12.83 67.28 46.10
N MET C 141 13.85 66.58 45.59
CA MET C 141 14.50 67.02 44.36
C MET C 141 13.48 67.10 43.24
N ASP C 142 12.74 66.00 43.07
CA ASP C 142 11.63 65.95 42.14
C ASP C 142 10.66 67.11 42.36
N ALA C 143 10.38 67.39 43.63
CA ALA C 143 9.53 68.53 43.96
C ALA C 143 10.19 69.83 43.52
N LEU C 144 11.47 70.00 43.86
CA LEU C 144 12.16 71.26 43.62
C LEU C 144 12.10 71.59 42.13
N ASP C 145 12.34 70.57 41.33
CA ASP C 145 12.22 70.69 39.89
C ASP C 145 10.87 71.26 39.47
N LYS C 146 9.78 70.63 39.92
CA LYS C 146 8.42 71.08 39.61
C LYS C 146 8.29 72.56 39.82
N VAL C 147 8.92 73.06 40.89
CA VAL C 147 8.74 74.44 41.29
C VAL C 147 9.45 75.39 40.35
N VAL C 148 10.63 75.00 39.90
CA VAL C 148 11.38 75.89 39.03
C VAL C 148 10.80 75.81 37.63
N GLN C 149 10.48 74.59 37.18
CA GLN C 149 9.84 74.40 35.88
C GLN C 149 8.64 75.32 35.70
N GLU C 150 7.78 75.41 36.71
CA GLU C 150 6.65 76.33 36.69
C GLU C 150 7.11 77.77 36.47
N ARG C 151 8.06 78.21 37.28
CA ARG C 151 8.52 79.60 37.22
C ARG C 151 9.16 79.96 35.88
N GLU C 152 9.71 78.96 35.19
CA GLU C 152 10.13 79.18 33.82
C GLU C 152 8.92 79.20 32.90
N ASP C 153 8.07 78.18 33.04
CA ASP C 153 7.05 77.90 32.03
C ASP C 153 5.92 78.91 32.10
N ALA C 154 5.71 79.46 33.29
CA ALA C 154 4.78 80.55 33.46
C ALA C 154 5.37 81.77 32.77
N LEU C 155 6.60 82.08 33.13
CA LEU C 155 7.21 83.32 32.68
C LEU C 155 7.39 83.33 31.17
N ARG C 156 7.66 82.18 30.58
CA ARG C 156 7.84 82.15 29.14
C ARG C 156 6.51 82.38 28.42
N LEU C 157 5.41 82.01 29.06
CA LEU C 157 4.09 82.28 28.49
C LEU C 157 3.85 83.77 28.53
N LEU C 158 4.11 84.35 29.69
CA LEU C 158 3.88 85.76 29.96
C LEU C 158 4.71 86.65 29.03
N GLN C 159 5.80 86.11 28.51
CA GLN C 159 6.69 86.87 27.63
C GLN C 159 6.41 86.61 26.16
N THR C 160 6.59 85.36 25.74
CA THR C 160 6.41 84.97 24.35
C THR C 160 4.98 84.57 24.03
N GLY C 161 4.51 83.53 24.69
CA GLY C 161 3.18 83.00 24.42
C GLY C 161 3.24 81.70 23.66
N GLN C 162 4.46 81.19 23.48
CA GLN C 162 4.66 79.82 23.00
C GLN C 162 4.65 78.86 24.17
N GLU C 163 3.71 77.92 24.20
CA GLU C 163 3.57 77.01 25.35
C GLU C 163 4.76 76.08 25.55
N LYS C 164 5.22 75.44 24.48
CA LYS C 164 6.31 74.47 24.59
C LYS C 164 7.68 75.15 24.53
N ALA C 165 8.61 74.67 25.36
CA ALA C 165 9.90 75.33 25.58
C ALA C 165 10.87 75.17 24.42
N ARG C 166 10.91 73.98 23.83
CA ARG C 166 11.72 73.72 22.66
C ARG C 166 10.90 73.95 21.40
N PRO C 167 11.53 74.48 20.34
CA PRO C 167 10.80 74.66 19.07
C PRO C 167 10.36 73.31 18.51
N GLY C 168 9.26 73.23 17.78
CA GLY C 168 8.79 71.95 17.27
C GLY C 168 7.68 72.06 16.24
N ALA C 169 7.49 71.02 15.44
CA ALA C 169 6.46 71.07 14.39
C ALA C 169 5.66 69.77 14.29
N TRP C 170 4.55 69.82 13.59
CA TRP C 170 3.79 68.62 13.25
C TRP C 170 4.16 68.11 11.87
N ARG C 171 4.55 66.85 11.75
CA ARG C 171 5.03 66.33 10.47
C ARG C 171 4.36 65.04 10.07
N ARG C 172 4.25 64.83 8.76
CA ARG C 172 3.89 63.52 8.26
C ARG C 172 5.15 62.81 7.79
N ASP C 173 5.57 61.79 8.53
CA ASP C 173 6.85 61.12 8.26
C ASP C 173 6.70 60.05 7.19
N ILE C 174 7.80 59.36 6.90
CA ILE C 174 7.80 58.35 5.85
C ILE C 174 6.66 57.35 6.00
N PHE C 175 6.44 56.86 7.21
CA PHE C 175 5.52 55.76 7.42
C PHE C 175 4.07 56.20 7.51
N GLY C 176 3.82 57.49 7.29
CA GLY C 176 2.45 57.98 7.23
C GLY C 176 1.86 58.26 8.59
N ARG C 177 2.63 58.04 9.65
CA ARG C 177 2.20 58.46 10.98
C ARG C 177 2.17 59.98 11.01
N ILE C 178 1.43 60.55 11.96
CA ILE C 178 1.63 61.95 12.27
C ILE C 178 2.56 62.00 13.49
N ILE C 179 3.55 62.87 13.43
CA ILE C 179 4.62 62.87 14.42
C ILE C 179 4.92 64.27 14.92
N TRP C 180 5.40 64.36 16.15
CA TRP C 180 5.91 65.62 16.66
C TRP C 180 7.41 65.69 16.40
N HIS C 181 7.82 66.57 15.50
CA HIS C 181 9.24 66.70 15.17
C HIS C 181 9.88 67.80 16.01
N LYS C 182 10.70 67.38 16.98
CA LYS C 182 11.47 68.31 17.77
C LYS C 182 12.56 68.87 16.87
N PHE C 183 12.72 70.19 16.84
CA PHE C 183 13.78 70.74 16.01
C PHE C 183 15.14 70.49 16.66
N LYS C 184 16.18 70.83 15.91
CA LYS C 184 17.58 70.71 16.34
C LYS C 184 18.26 72.02 16.02
N GLN C 185 19.46 72.25 16.53
CA GLN C 185 20.15 73.49 16.18
C GLN C 185 21.36 73.28 15.30
N TRP C 186 21.30 73.81 14.08
CA TRP C 186 22.37 73.67 13.12
C TRP C 186 23.02 75.03 12.87
N PRO C 187 24.30 75.06 12.50
CA PRO C 187 25.03 76.27 12.09
C PRO C 187 24.62 76.85 10.73
N ILE C 188 23.90 76.10 9.89
CA ILE C 188 23.52 76.60 8.57
C ILE C 188 22.05 76.35 8.22
N PRO C 189 21.51 77.14 7.25
CA PRO C 189 20.12 77.04 6.81
C PRO C 189 19.72 75.68 6.26
N TRP C 190 18.42 75.40 6.29
CA TRP C 190 17.89 74.07 6.06
C TRP C 190 18.05 73.60 4.63
N TYR C 191 18.06 74.53 3.69
CA TYR C 191 18.22 74.14 2.30
C TYR C 191 19.68 73.82 2.01
N LEU C 192 20.59 74.24 2.88
CA LEU C 192 22.00 73.92 2.68
C LEU C 192 22.51 72.73 3.50
N ASN C 193 21.64 72.13 4.30
CA ASN C 193 22.05 71.04 5.18
C ASN C 193 21.76 69.69 4.55
N LYS C 194 22.82 68.91 4.31
CA LYS C 194 22.68 67.64 3.59
C LYS C 194 21.78 66.62 4.28
N LYS C 195 22.13 66.25 5.52
CA LYS C 195 21.36 65.23 6.26
C LYS C 195 19.90 65.61 6.40
N TYR C 196 19.64 66.88 6.65
CA TYR C 196 18.27 67.31 6.83
C TYR C 196 17.50 67.19 5.51
N ASN C 197 18.21 67.21 4.39
CA ASN C 197 17.52 67.14 3.11
C ASN C 197 17.06 65.75 2.71
N ARG C 198 17.81 64.73 3.08
CA ARG C 198 17.43 63.37 2.69
C ARG C 198 16.53 62.73 3.73
N LYS C 199 16.20 63.48 4.77
CA LYS C 199 15.12 63.09 5.67
C LYS C 199 13.84 63.52 4.96
N ARG C 200 12.95 62.58 4.68
CA ARG C 200 11.69 62.92 4.02
C ARG C 200 10.54 63.08 4.98
N PHE C 201 9.91 64.26 5.02
CA PHE C 201 8.63 64.31 5.70
C PHE C 201 7.52 64.47 4.67
N PHE C 202 6.89 63.34 4.34
CA PHE C 202 5.69 63.26 3.52
C PHE C 202 5.47 61.78 3.28
N ALA C 203 4.34 61.44 2.68
CA ALA C 203 4.05 60.05 2.43
C ALA C 203 3.91 59.82 0.95
N MET C 204 4.01 58.57 0.52
CA MET C 204 3.82 58.23 -0.89
C MET C 204 2.45 57.60 -1.12
N PRO C 205 2.09 57.35 -2.38
CA PRO C 205 0.75 56.80 -2.58
C PRO C 205 0.49 55.45 -1.87
N TYR C 206 1.41 54.50 -1.96
CA TYR C 206 1.16 53.17 -1.41
C TYR C 206 0.96 53.17 0.12
N VAL C 207 1.55 54.15 0.78
CA VAL C 207 1.38 54.29 2.23
C VAL C 207 -0.09 54.48 2.60
N GLU C 208 -0.86 55.09 1.69
CA GLU C 208 -2.30 55.25 1.91
C GLU C 208 -2.99 53.94 2.26
N ARG C 209 -2.53 52.83 1.68
CA ARG C 209 -3.16 51.57 2.01
C ARG C 209 -2.84 51.21 3.46
N PHE C 210 -1.57 51.32 3.84
CA PHE C 210 -1.16 50.93 5.18
C PHE C 210 -1.81 51.83 6.22
N VAL C 211 -1.88 53.11 5.87
CA VAL C 211 -2.54 54.10 6.71
C VAL C 211 -3.92 53.58 7.09
N ARG C 212 -4.62 53.00 6.12
CA ARG C 212 -5.94 52.46 6.38
C ARG C 212 -5.90 51.31 7.36
N MET C 213 -4.99 50.37 7.13
CA MET C 213 -4.95 49.12 7.89
C MET C 213 -4.88 49.34 9.38
N ARG C 214 -3.98 50.21 9.85
CA ARG C 214 -3.89 50.40 11.29
C ARG C 214 -5.12 51.12 11.85
N ILE C 215 -5.70 52.03 11.07
CA ILE C 215 -6.96 52.65 11.47
C ILE C 215 -7.96 51.55 11.72
N GLU C 216 -7.90 50.53 10.87
CA GLU C 216 -8.80 49.40 10.97
C GLU C 216 -8.39 48.49 12.10
N LYS C 217 -7.10 48.37 12.34
CA LYS C 217 -6.62 47.45 13.35
C LYS C 217 -6.95 48.02 14.70
N GLN C 218 -6.64 49.30 14.87
CA GLN C 218 -6.93 50.00 16.10
C GLN C 218 -8.41 49.86 16.44
N ALA C 219 -9.25 50.09 15.43
CA ALA C 219 -10.69 50.04 15.57
C ALA C 219 -11.17 48.71 16.13
N ARG C 220 -10.42 47.64 15.90
CA ARG C 220 -10.80 46.33 16.42
C ARG C 220 -10.46 46.18 17.89
N ILE C 221 -9.29 46.68 18.28
CA ILE C 221 -8.84 46.51 19.65
C ILE C 221 -9.75 47.32 20.55
N LYS C 222 -10.22 48.45 20.04
CA LYS C 222 -11.15 49.28 20.78
C LYS C 222 -12.49 48.56 20.86
N ALA C 223 -12.98 48.13 19.70
CA ALA C 223 -14.29 47.49 19.60
C ALA C 223 -14.41 46.22 20.46
N ARG C 224 -13.34 45.47 20.60
CA ARG C 224 -13.44 44.27 21.40
C ARG C 224 -12.95 44.47 22.82
N LYS C 225 -12.57 45.70 23.17
CA LYS C 225 -12.37 45.98 24.59
C LYS C 225 -13.74 46.28 25.21
N ARG C 226 -14.55 47.05 24.49
CA ARG C 226 -15.91 47.35 24.90
C ARG C 226 -16.64 46.09 25.27
N SER C 227 -16.57 45.12 24.36
CA SER C 227 -17.28 43.86 24.51
C SER C 227 -16.79 43.05 25.70
N LEU C 228 -15.63 43.39 26.25
CA LEU C 228 -15.22 42.77 27.49
C LEU C 228 -15.88 43.44 28.69
N GLU C 229 -15.94 44.77 28.69
CA GLU C 229 -16.50 45.50 29.81
C GLU C 229 -18.01 45.25 29.92
N ARG C 230 -18.66 45.06 28.77
CA ARG C 230 -20.04 44.60 28.74
C ARG C 230 -20.23 43.32 29.55
N LYS C 231 -19.58 42.24 29.12
CA LYS C 231 -19.69 40.95 29.79
C LYS C 231 -19.46 41.05 31.30
N LYS C 232 -18.43 41.77 31.71
CA LYS C 232 -18.11 41.95 33.12
C LYS C 232 -19.30 42.48 33.92
N GLU C 233 -20.05 43.39 33.32
CA GLU C 233 -21.21 43.97 33.99
C GLU C 233 -22.30 42.94 34.23
N LYS C 234 -22.44 42.02 33.29
CA LYS C 234 -23.52 41.05 33.33
C LYS C 234 -23.26 39.93 34.34
N PHE C 235 -22.07 39.35 34.28
CA PHE C 235 -21.68 38.27 35.20
C PHE C 235 -21.92 38.71 36.63
N LEU C 236 -21.31 39.83 37.00
CA LEU C 236 -21.45 40.41 38.32
C LEU C 236 -22.91 40.60 38.73
N GLN C 237 -23.76 41.00 37.78
CA GLN C 237 -25.15 41.27 38.11
C GLN C 237 -25.96 39.98 38.26
N GLU C 238 -25.57 38.92 37.56
CA GLU C 238 -26.27 37.65 37.73
C GLU C 238 -25.69 36.87 38.92
N LYS C 239 -24.44 37.18 39.25
CA LYS C 239 -23.75 36.54 40.37
C LYS C 239 -24.09 37.21 41.71
N PHE C 240 -24.43 38.49 41.63
CA PHE C 240 -24.82 39.26 42.81
C PHE C 240 -26.20 39.87 42.61
N PRO C 241 -27.26 39.17 43.06
CA PRO C 241 -28.62 39.68 42.93
C PRO C 241 -28.82 40.92 43.82
N HIS C 242 -28.40 42.07 43.29
CA HIS C 242 -28.31 43.33 44.04
C HIS C 242 -29.67 43.91 44.45
N LEU C 243 -29.59 45.08 45.09
CA LEU C 243 -30.75 45.92 45.42
C LEU C 243 -31.69 45.22 46.41
N LYS D 35 -25.36 -24.77 -27.88
CA LYS D 35 -26.09 -24.03 -26.87
C LYS D 35 -26.86 -24.98 -25.96
N PHE D 36 -27.42 -24.46 -24.89
CA PHE D 36 -28.29 -25.25 -24.04
C PHE D 36 -29.72 -24.83 -24.32
N THR D 37 -30.67 -25.75 -24.18
CA THR D 37 -32.02 -25.52 -24.67
C THR D 37 -33.11 -26.10 -23.77
N ARG D 38 -34.38 -25.92 -24.17
CA ARG D 38 -35.48 -26.46 -23.36
C ARG D 38 -35.75 -27.93 -23.61
N SER D 39 -34.98 -28.49 -24.51
CA SER D 39 -35.09 -29.88 -24.92
C SER D 39 -36.50 -30.30 -25.37
N ARG D 40 -36.78 -31.59 -25.27
CA ARG D 40 -38.03 -32.14 -25.77
C ARG D 40 -38.19 -33.55 -25.21
N ILE D 41 -39.42 -34.03 -25.12
CA ILE D 41 -39.62 -35.44 -24.88
C ILE D 41 -40.46 -36.01 -26.02
N PRO D 42 -39.90 -36.99 -26.75
CA PRO D 42 -40.59 -37.74 -27.81
C PRO D 42 -41.67 -38.67 -27.25
N ASP D 43 -42.78 -38.82 -27.97
CA ASP D 43 -43.98 -39.49 -27.43
C ASP D 43 -43.78 -40.91 -26.93
N LYS D 44 -42.82 -41.64 -27.51
CA LYS D 44 -42.61 -43.04 -27.15
C LYS D 44 -42.36 -43.21 -25.66
N VAL D 45 -41.69 -42.22 -25.06
CA VAL D 45 -41.44 -42.21 -23.63
C VAL D 45 -42.71 -42.45 -22.83
N PHE D 46 -43.79 -41.81 -23.25
CA PHE D 46 -45.04 -41.77 -22.49
C PHE D 46 -46.07 -42.84 -22.89
N GLN D 47 -45.68 -43.78 -23.73
CA GLN D 47 -46.54 -44.93 -24.03
C GLN D 47 -46.22 -46.10 -23.12
N PRO D 48 -47.09 -46.37 -22.14
CA PRO D 48 -46.80 -47.38 -21.12
C PRO D 48 -46.89 -48.82 -21.66
N SER D 49 -45.99 -49.68 -21.22
CA SER D 49 -46.06 -51.11 -21.54
C SER D 49 -47.13 -51.80 -20.68
N PRO D 50 -47.56 -53.01 -21.08
CA PRO D 50 -48.57 -53.70 -20.29
C PRO D 50 -48.14 -53.99 -18.84
N GLU D 51 -46.86 -54.30 -18.62
CA GLU D 51 -46.38 -54.71 -17.30
C GLU D 51 -46.13 -53.54 -16.34
N ASP D 52 -46.22 -52.32 -16.85
CA ASP D 52 -46.05 -51.12 -16.04
C ASP D 52 -47.28 -50.89 -15.16
N HIS D 53 -48.43 -51.36 -15.64
CA HIS D 53 -49.63 -51.37 -14.84
C HIS D 53 -49.45 -52.28 -13.63
N GLU D 54 -48.96 -53.51 -13.87
CA GLU D 54 -48.72 -54.47 -12.81
C GLU D 54 -47.63 -53.98 -11.87
N LYS D 55 -46.66 -53.25 -12.42
CA LYS D 55 -45.50 -52.79 -11.67
C LYS D 55 -45.77 -51.61 -10.73
N TYR D 56 -46.47 -50.58 -11.23
CA TYR D 56 -46.77 -49.42 -10.38
C TYR D 56 -48.15 -49.49 -9.77
N GLY D 57 -48.88 -50.57 -10.06
CA GLY D 57 -50.20 -50.76 -9.49
C GLY D 57 -51.24 -49.77 -9.97
N GLY D 58 -51.11 -49.32 -11.21
CA GLY D 58 -52.14 -48.52 -11.83
C GLY D 58 -53.18 -49.43 -12.45
N ASP D 59 -54.43 -48.96 -12.49
CA ASP D 59 -55.53 -49.72 -13.06
C ASP D 59 -55.61 -49.49 -14.58
N PRO D 60 -55.37 -50.54 -15.38
CA PRO D 60 -55.34 -50.49 -16.84
C PRO D 60 -56.61 -49.89 -17.45
N GLN D 61 -57.78 -50.26 -16.95
CA GLN D 61 -59.04 -49.75 -17.47
C GLN D 61 -59.28 -48.24 -17.28
N TYR D 62 -59.22 -47.77 -16.03
CA TYR D 62 -59.55 -46.38 -15.73
C TYR D 62 -58.33 -45.61 -15.23
N PRO D 63 -57.94 -44.55 -15.96
CA PRO D 63 -56.92 -43.61 -15.47
C PRO D 63 -57.41 -42.93 -14.20
N HIS D 64 -56.51 -42.34 -13.41
CA HIS D 64 -56.86 -41.80 -12.09
C HIS D 64 -57.10 -40.28 -12.13
N LYS D 65 -57.94 -39.75 -11.24
CA LYS D 65 -58.33 -38.34 -11.29
C LYS D 65 -57.25 -37.33 -10.85
N LEU D 66 -56.76 -37.40 -9.62
CA LEU D 66 -55.85 -36.34 -9.16
C LEU D 66 -54.41 -36.77 -8.85
N HIS D 67 -53.46 -35.91 -9.17
CA HIS D 67 -52.05 -36.09 -8.79
C HIS D 67 -51.73 -35.50 -7.42
N ILE D 68 -50.93 -36.21 -6.64
CA ILE D 68 -50.26 -35.62 -5.49
C ILE D 68 -48.83 -35.43 -5.87
N VAL D 69 -48.43 -34.18 -6.01
CA VAL D 69 -47.09 -33.86 -6.49
C VAL D 69 -46.28 -33.25 -5.36
N THR D 70 -45.14 -33.85 -5.06
CA THR D 70 -44.23 -33.36 -4.02
C THR D 70 -42.94 -32.90 -4.69
N ARG D 71 -42.27 -31.85 -4.20
CA ARG D 71 -41.00 -31.50 -4.83
C ARG D 71 -39.78 -32.08 -4.12
N ILE D 72 -39.08 -33.00 -4.77
CA ILE D 72 -37.95 -33.72 -4.19
C ILE D 72 -36.63 -32.96 -4.25
N LYS D 73 -36.40 -32.22 -5.32
CA LYS D 73 -35.08 -31.64 -5.58
C LYS D 73 -35.12 -30.12 -5.72
N SER D 74 -33.94 -29.50 -5.70
CA SER D 74 -33.89 -28.04 -5.72
C SER D 74 -34.06 -27.42 -7.10
N THR D 75 -34.49 -26.17 -7.12
CA THR D 75 -34.59 -25.42 -8.36
C THR D 75 -33.32 -24.62 -8.65
N LYS D 76 -32.35 -24.66 -7.76
CA LYS D 76 -31.05 -24.01 -8.00
C LYS D 76 -30.26 -24.81 -9.03
N ARG D 77 -29.30 -24.16 -9.71
CA ARG D 77 -28.45 -24.84 -10.71
C ARG D 77 -29.24 -25.28 -11.96
N ARG D 78 -30.52 -24.96 -12.00
CA ARG D 78 -31.44 -25.33 -13.09
C ARG D 78 -31.82 -24.08 -13.88
N PRO D 79 -32.22 -24.23 -15.15
CA PRO D 79 -32.51 -23.07 -16.00
C PRO D 79 -33.71 -22.29 -15.50
N TYR D 80 -33.87 -21.03 -15.89
CA TYR D 80 -34.88 -20.18 -15.28
C TYR D 80 -36.29 -20.66 -15.55
N TRP D 81 -36.51 -21.26 -16.72
CA TRP D 81 -37.86 -21.67 -17.10
C TRP D 81 -38.39 -22.81 -16.23
N GLU D 82 -37.48 -23.60 -15.66
CA GLU D 82 -37.90 -24.63 -14.73
C GLU D 82 -38.30 -24.00 -13.41
N LYS D 83 -37.51 -23.05 -12.94
CA LYS D 83 -37.88 -22.27 -11.77
C LYS D 83 -39.28 -21.69 -11.94
N ASP D 84 -39.56 -21.15 -13.13
CA ASP D 84 -40.91 -20.70 -13.43
C ASP D 84 -41.94 -21.80 -13.25
N ILE D 85 -41.78 -22.92 -13.97
CA ILE D 85 -42.74 -24.03 -13.88
C ILE D 85 -43.04 -24.42 -12.43
N ILE D 86 -42.00 -24.41 -11.59
CA ILE D 86 -42.16 -24.76 -10.19
C ILE D 86 -42.86 -23.65 -9.39
N LYS D 87 -42.69 -22.40 -9.80
CA LYS D 87 -43.50 -21.37 -9.15
C LYS D 87 -44.98 -21.50 -9.53
N MET D 88 -45.28 -21.86 -10.78
CA MET D 88 -46.68 -21.99 -11.17
C MET D 88 -47.32 -23.20 -10.48
N LEU D 89 -46.63 -24.33 -10.42
CA LEU D 89 -47.22 -25.51 -9.78
C LEU D 89 -47.46 -25.35 -8.27
N GLY D 90 -46.89 -24.32 -7.66
CA GLY D 90 -47.16 -24.06 -6.25
C GLY D 90 -46.32 -24.96 -5.37
N LEU D 91 -45.23 -25.41 -5.96
CA LEU D 91 -44.31 -26.39 -5.38
C LEU D 91 -43.21 -25.71 -4.59
N GLU D 92 -43.43 -24.45 -4.24
CA GLU D 92 -42.41 -23.54 -3.74
C GLU D 92 -41.44 -24.13 -2.73
N LYS D 93 -41.93 -24.81 -1.70
CA LYS D 93 -41.02 -25.45 -0.75
C LYS D 93 -41.11 -26.98 -0.74
N ALA D 94 -39.94 -27.61 -0.61
CA ALA D 94 -39.76 -29.05 -0.78
C ALA D 94 -40.52 -29.90 0.22
N HIS D 95 -40.81 -31.13 -0.17
CA HIS D 95 -41.42 -32.13 0.71
C HIS D 95 -42.77 -31.71 1.27
N THR D 96 -43.52 -30.92 0.52
CA THR D 96 -44.90 -30.67 0.90
C THR D 96 -45.72 -31.16 -0.25
N PRO D 97 -46.80 -31.90 0.02
CA PRO D 97 -47.58 -32.40 -1.10
C PRO D 97 -48.48 -31.32 -1.67
N GLN D 98 -48.87 -31.49 -2.91
CA GLN D 98 -49.82 -30.60 -3.55
C GLN D 98 -50.79 -31.49 -4.31
N VAL D 99 -51.99 -31.00 -4.60
CA VAL D 99 -52.86 -31.80 -5.43
C VAL D 99 -53.13 -31.04 -6.74
N HIS D 100 -53.18 -31.77 -7.86
CA HIS D 100 -53.37 -31.19 -9.19
C HIS D 100 -54.30 -32.05 -10.03
N LYS D 101 -54.92 -31.48 -11.06
CA LYS D 101 -55.76 -32.28 -11.96
C LYS D 101 -54.92 -33.07 -12.97
N ASN D 102 -55.48 -34.17 -13.46
CA ASN D 102 -54.78 -35.05 -14.39
C ASN D 102 -55.04 -34.68 -15.85
N ILE D 103 -55.71 -33.56 -16.07
CA ILE D 103 -55.87 -32.99 -17.40
C ILE D 103 -54.52 -32.73 -18.10
N PRO D 104 -54.50 -32.76 -19.45
CA PRO D 104 -53.32 -32.53 -20.29
C PRO D 104 -52.57 -31.21 -20.06
N SER D 105 -53.30 -30.15 -19.71
CA SER D 105 -52.69 -28.83 -19.51
C SER D 105 -51.68 -28.82 -18.37
N VAL D 106 -52.05 -29.42 -17.23
CA VAL D 106 -51.15 -29.51 -16.08
C VAL D 106 -50.04 -30.51 -16.34
N ASN D 107 -50.45 -31.62 -16.94
CA ASN D 107 -49.53 -32.64 -17.39
C ASN D 107 -48.34 -32.14 -18.21
N ALA D 108 -48.58 -31.17 -19.08
CA ALA D 108 -47.49 -30.58 -19.87
C ALA D 108 -46.36 -30.00 -19.00
N LYS D 109 -46.74 -29.08 -18.12
CA LYS D 109 -45.80 -28.47 -17.18
C LYS D 109 -45.09 -29.51 -16.32
N LEU D 110 -45.86 -30.40 -15.71
CA LEU D 110 -45.25 -31.50 -14.98
C LEU D 110 -44.18 -32.19 -15.83
N LYS D 111 -44.50 -32.52 -17.06
CA LYS D 111 -43.52 -33.10 -17.99
C LYS D 111 -42.24 -32.29 -18.06
N VAL D 112 -42.35 -30.96 -18.16
CA VAL D 112 -41.13 -30.14 -18.19
C VAL D 112 -40.27 -30.35 -16.96
N VAL D 113 -40.87 -30.35 -15.78
CA VAL D 113 -40.05 -30.48 -14.56
C VAL D 113 -39.93 -31.89 -13.99
N LYS D 114 -40.36 -32.90 -14.74
CA LYS D 114 -40.55 -34.26 -14.21
C LYS D 114 -39.36 -34.86 -13.46
N HIS D 115 -38.17 -34.30 -13.61
CA HIS D 115 -37.01 -34.85 -12.93
C HIS D 115 -36.74 -34.21 -11.58
N LEU D 116 -37.51 -33.16 -11.24
CA LEU D 116 -37.39 -32.55 -9.92
C LEU D 116 -38.45 -33.00 -8.93
N ILE D 117 -39.42 -33.79 -9.37
CA ILE D 117 -40.60 -34.01 -8.55
C ILE D 117 -40.95 -35.47 -8.35
N ARG D 118 -41.87 -35.69 -7.45
CA ARG D 118 -42.41 -37.01 -7.19
C ARG D 118 -43.90 -36.96 -7.43
N ILE D 119 -44.42 -37.91 -8.19
CA ILE D 119 -45.83 -37.89 -8.51
C ILE D 119 -46.48 -39.18 -8.05
N LYS D 120 -47.59 -39.08 -7.34
CA LYS D 120 -48.32 -40.28 -6.99
C LYS D 120 -49.82 -40.08 -7.11
N PRO D 121 -50.53 -41.12 -7.56
CA PRO D 121 -51.98 -41.00 -7.65
C PRO D 121 -52.64 -40.89 -6.28
N LEU D 122 -53.56 -39.93 -6.14
CA LEU D 122 -54.37 -39.74 -4.94
C LEU D 122 -55.49 -40.78 -4.85
N LYS D 123 -55.66 -41.41 -3.70
CA LYS D 123 -56.69 -42.43 -3.56
C LYS D 123 -57.72 -42.05 -2.50
N LEU D 124 -58.98 -42.38 -2.74
CA LEU D 124 -60.04 -42.01 -1.79
C LEU D 124 -60.89 -43.20 -1.36
N PRO D 125 -60.38 -44.00 -0.42
CA PRO D 125 -61.07 -45.23 0.04
C PRO D 125 -62.44 -44.98 0.66
N GLN D 126 -62.55 -43.85 1.35
CA GLN D 126 -63.78 -43.52 2.03
C GLN D 126 -64.63 -42.58 1.20
N GLY D 127 -64.17 -42.32 -0.02
CA GLY D 127 -64.90 -41.48 -0.94
C GLY D 127 -64.48 -40.03 -0.85
N LEU D 128 -65.37 -39.15 -1.30
CA LEU D 128 -65.13 -37.72 -1.24
C LEU D 128 -65.56 -37.11 0.08
N PRO D 129 -64.71 -36.27 0.66
CA PRO D 129 -64.99 -35.56 1.92
C PRO D 129 -66.18 -34.60 1.82
N THR D 130 -67.12 -34.73 2.76
CA THR D 130 -68.26 -33.81 2.84
C THR D 130 -67.97 -32.73 3.87
N GLU D 131 -68.95 -31.88 4.15
CA GLU D 131 -68.76 -30.78 5.09
C GLU D 131 -68.33 -31.26 6.47
N GLU D 132 -69.12 -32.15 7.07
CA GLU D 132 -68.86 -32.63 8.42
C GLU D 132 -67.44 -33.16 8.61
N ASP D 133 -66.82 -33.61 7.53
CA ASP D 133 -65.51 -34.25 7.62
C ASP D 133 -64.33 -33.32 7.38
N MET D 134 -64.62 -32.06 7.06
CA MET D 134 -63.57 -31.09 6.76
C MET D 134 -62.53 -30.93 7.86
N ALA D 135 -62.98 -30.98 9.11
CA ALA D 135 -62.10 -30.84 10.24
C ALA D 135 -61.28 -32.12 10.50
N ASN D 136 -61.80 -33.26 10.05
CA ASN D 136 -61.19 -34.56 10.33
C ASN D 136 -60.28 -35.16 9.24
N THR D 137 -60.00 -34.40 8.19
CA THR D 137 -59.19 -34.88 7.07
C THR D 137 -57.72 -35.12 7.39
N CYS D 138 -57.14 -36.15 6.78
CA CYS D 138 -55.71 -36.45 6.92
C CYS D 138 -55.11 -37.08 5.64
N LEU D 139 -53.88 -36.75 5.29
CA LEU D 139 -53.30 -37.31 4.06
C LEU D 139 -52.11 -38.24 4.32
N LYS D 140 -52.31 -39.55 4.20
CA LYS D 140 -51.27 -40.54 4.49
C LYS D 140 -50.28 -40.77 3.35
N SER D 141 -49.07 -41.19 3.72
CA SER D 141 -47.93 -41.38 2.80
C SER D 141 -48.16 -42.42 1.70
N ASN D 142 -49.24 -43.19 1.80
CA ASN D 142 -49.63 -44.04 0.71
C ASN D 142 -50.07 -43.19 -0.48
N GLY D 143 -50.25 -41.90 -0.22
CA GLY D 143 -50.94 -41.03 -1.15
C GLY D 143 -52.43 -41.26 -0.94
N GLU D 144 -52.81 -41.49 0.31
CA GLU D 144 -54.18 -41.89 0.58
C GLU D 144 -54.90 -40.93 1.52
N LEU D 145 -56.03 -40.38 1.10
CA LEU D 145 -56.75 -39.44 1.94
C LEU D 145 -57.74 -40.14 2.88
N VAL D 146 -57.60 -39.90 4.18
CA VAL D 146 -58.55 -40.44 5.14
C VAL D 146 -59.48 -39.33 5.67
N VAL D 147 -60.77 -39.54 5.48
CA VAL D 147 -61.78 -38.55 5.83
C VAL D 147 -62.19 -38.52 7.31
N ARG D 148 -62.13 -39.68 7.95
CA ARG D 148 -62.49 -39.79 9.35
C ARG D 148 -61.24 -40.19 10.11
N TRP D 149 -60.72 -39.26 10.89
CA TRP D 149 -59.40 -39.42 11.50
C TRP D 149 -59.47 -39.18 13.01
N LEU D 150 -59.00 -40.16 13.77
CA LEU D 150 -58.95 -40.08 15.23
C LEU D 150 -60.32 -39.81 15.89
N LEU D 151 -61.18 -40.83 15.88
CA LEU D 151 -62.46 -40.79 16.58
C LEU D 151 -62.28 -40.72 18.11
N ASN D 152 -62.93 -39.71 18.72
CA ASN D 152 -62.92 -39.48 20.17
C ASN D 152 -61.55 -39.64 20.83
N ASP E 35 -41.97 -40.59 -103.45
CA ASP E 35 -41.47 -40.05 -102.19
C ASP E 35 -40.54 -38.86 -102.45
N CYS E 36 -40.05 -38.76 -103.68
CA CYS E 36 -39.14 -37.68 -104.07
C CYS E 36 -39.83 -36.32 -104.03
N ASN E 37 -41.16 -36.34 -104.01
CA ASN E 37 -41.94 -35.12 -104.19
C ASN E 37 -42.38 -34.44 -102.89
N ARG E 38 -41.92 -34.96 -101.76
CA ARG E 38 -42.35 -34.40 -100.47
C ARG E 38 -41.93 -32.95 -100.28
N ALA E 39 -40.64 -32.68 -100.49
CA ALA E 39 -40.05 -31.37 -100.20
C ALA E 39 -39.92 -30.45 -101.41
N LEU E 40 -40.43 -30.88 -102.56
CA LEU E 40 -40.15 -30.23 -103.85
C LEU E 40 -40.90 -28.92 -104.10
N LEU E 41 -42.00 -28.68 -103.38
CA LEU E 41 -42.79 -27.48 -103.62
C LEU E 41 -42.51 -26.43 -102.57
N THR E 42 -41.76 -25.40 -102.96
CA THR E 42 -41.35 -24.35 -102.04
C THR E 42 -41.02 -23.05 -102.77
N ARG E 43 -41.03 -21.95 -102.02
CA ARG E 43 -40.55 -20.67 -102.53
C ARG E 43 -39.41 -20.21 -101.63
N LEU E 44 -38.61 -19.25 -102.10
CA LEU E 44 -37.54 -18.67 -101.28
C LEU E 44 -38.09 -17.77 -100.18
N HIS E 45 -37.71 -18.04 -98.92
CA HIS E 45 -38.28 -17.31 -97.79
C HIS E 45 -37.46 -16.11 -97.33
N ARG E 46 -36.34 -15.84 -97.98
CA ARG E 46 -35.55 -14.66 -97.65
C ARG E 46 -36.30 -13.40 -98.09
N GLN E 47 -36.36 -12.40 -97.20
CA GLN E 47 -37.24 -11.25 -97.33
C GLN E 47 -37.15 -10.48 -98.66
N THR E 48 -35.94 -10.22 -99.14
CA THR E 48 -35.76 -9.51 -100.41
C THR E 48 -34.71 -10.19 -101.30
N TYR E 49 -35.13 -10.63 -102.49
CA TYR E 49 -34.29 -11.41 -103.39
C TYR E 49 -34.57 -11.10 -104.88
N ALA E 50 -33.66 -11.53 -105.77
CA ALA E 50 -33.76 -11.22 -107.21
C ALA E 50 -34.82 -12.05 -107.92
N ARG E 51 -35.03 -11.82 -109.22
CA ARG E 51 -36.01 -12.65 -109.93
C ARG E 51 -35.41 -14.02 -110.20
N LEU E 52 -36.10 -15.05 -109.73
CA LEU E 52 -35.64 -16.41 -109.85
C LEU E 52 -36.25 -17.08 -111.09
N TYR E 53 -35.41 -17.66 -111.94
CA TYR E 53 -35.93 -18.29 -113.16
C TYR E 53 -35.54 -19.76 -113.23
N PRO E 54 -36.48 -20.61 -113.68
CA PRO E 54 -36.14 -22.02 -113.86
C PRO E 54 -35.08 -22.18 -114.94
N VAL E 55 -34.01 -22.90 -114.59
CA VAL E 55 -32.95 -23.20 -115.55
C VAL E 55 -32.74 -24.70 -115.50
N LEU E 56 -32.37 -25.30 -116.64
CA LEU E 56 -32.00 -26.70 -116.63
C LEU E 56 -30.48 -26.81 -116.75
N LEU E 57 -29.86 -27.38 -115.72
CA LEU E 57 -28.42 -27.60 -115.73
C LEU E 57 -28.07 -29.03 -116.11
N VAL E 58 -27.09 -29.18 -116.99
CA VAL E 58 -26.52 -30.50 -117.27
C VAL E 58 -25.04 -30.50 -116.92
N LYS E 59 -24.67 -31.21 -115.86
CA LYS E 59 -23.26 -31.41 -115.53
C LYS E 59 -22.73 -32.48 -116.48
N GLN E 60 -21.51 -32.97 -116.26
CA GLN E 60 -21.05 -34.02 -117.15
C GLN E 60 -21.41 -35.38 -116.56
N ASP E 61 -22.58 -35.84 -116.98
CA ASP E 61 -23.16 -37.14 -116.64
C ASP E 61 -23.99 -37.63 -117.83
N GLY E 62 -24.94 -36.76 -118.19
CA GLY E 62 -26.19 -37.11 -118.84
C GLY E 62 -27.28 -36.80 -117.83
N SER E 63 -26.87 -36.45 -116.61
CA SER E 63 -27.78 -36.04 -115.55
C SER E 63 -28.13 -34.56 -115.65
N THR E 64 -29.40 -34.24 -115.39
CA THR E 64 -29.86 -32.85 -115.38
C THR E 64 -30.59 -32.49 -114.09
N ILE E 65 -30.40 -31.25 -113.64
CA ILE E 65 -31.02 -30.73 -112.45
C ILE E 65 -31.80 -29.46 -112.76
N HIS E 66 -32.94 -29.26 -112.11
CA HIS E 66 -33.60 -27.97 -112.16
C HIS E 66 -32.90 -27.04 -111.18
N ILE E 67 -32.31 -25.98 -111.72
CA ILE E 67 -31.60 -24.99 -110.91
C ILE E 67 -32.26 -23.63 -111.05
N ARG E 68 -32.66 -23.07 -109.92
CA ARG E 68 -33.26 -21.76 -109.95
C ARG E 68 -32.15 -20.71 -109.93
N TYR E 69 -32.04 -19.97 -111.02
CA TYR E 69 -30.98 -18.97 -111.16
C TYR E 69 -31.50 -17.71 -111.86
N ARG E 70 -30.77 -16.60 -111.70
CA ARG E 70 -31.27 -15.30 -112.14
C ARG E 70 -31.10 -15.03 -113.64
N GLU E 71 -30.35 -15.87 -114.34
CA GLU E 71 -30.35 -15.77 -115.79
C GLU E 71 -31.47 -16.63 -116.35
N PRO E 72 -32.43 -16.00 -117.06
CA PRO E 72 -33.63 -16.63 -117.63
C PRO E 72 -33.34 -17.77 -118.61
N ARG E 73 -32.11 -17.89 -119.10
CA ARG E 73 -31.78 -18.89 -120.13
C ARG E 73 -32.25 -20.28 -119.74
N ARG E 74 -32.90 -20.97 -120.68
CA ARG E 74 -33.59 -22.21 -120.33
C ARG E 74 -32.62 -23.34 -120.02
N MET E 75 -31.36 -23.19 -120.42
CA MET E 75 -30.40 -24.27 -120.21
C MET E 75 -28.94 -23.81 -120.07
N LEU E 76 -28.18 -24.54 -119.25
CA LEU E 76 -26.73 -24.44 -119.20
C LEU E 76 -26.14 -25.84 -119.06
N THR E 77 -25.21 -26.21 -119.93
CA THR E 77 -24.56 -27.51 -119.83
C THR E 77 -23.10 -27.37 -119.38
N MET E 78 -22.72 -28.14 -118.35
CA MET E 78 -21.37 -28.08 -117.78
C MET E 78 -20.44 -29.13 -118.39
N PRO E 79 -19.23 -28.70 -118.81
CA PRO E 79 -18.20 -29.59 -119.35
C PRO E 79 -17.52 -30.46 -118.29
N ALA F 79 18.46 -5.03 10.58
CA ALA F 79 17.26 -5.76 10.94
C ALA F 79 16.40 -4.94 11.89
N ALA F 80 15.13 -4.79 11.56
CA ALA F 80 14.16 -4.11 12.42
C ALA F 80 13.16 -5.10 13.00
N PRO F 81 12.90 -5.04 14.32
CA PRO F 81 11.94 -5.95 14.96
C PRO F 81 10.63 -5.99 14.19
N LYS F 82 10.11 -7.18 13.97
CA LYS F 82 8.91 -7.35 13.16
C LYS F 82 7.63 -7.05 13.94
N ASN F 83 7.63 -7.27 15.26
CA ASN F 83 6.45 -6.94 16.07
C ASN F 83 6.80 -6.44 17.45
N ARG F 84 6.01 -5.51 17.98
CA ARG F 84 6.09 -5.14 19.38
C ARG F 84 5.99 -6.43 20.19
N ARG F 85 6.83 -6.62 21.21
CA ARG F 85 6.69 -7.77 22.10
C ARG F 85 5.65 -7.50 23.19
N SER F 86 4.92 -8.53 23.62
CA SER F 86 3.93 -8.36 24.68
C SER F 86 4.64 -8.21 26.02
N ILE F 87 3.95 -7.63 26.99
CA ILE F 87 4.53 -7.52 28.31
C ILE F 87 4.78 -8.91 28.89
N GLU F 88 4.06 -9.92 28.40
CA GLU F 88 4.24 -11.28 28.91
C GLU F 88 5.63 -11.79 28.59
N VAL F 89 6.01 -11.66 27.32
CA VAL F 89 7.31 -12.10 26.87
C VAL F 89 8.42 -11.35 27.61
N ASN F 90 8.23 -10.05 27.84
CA ASN F 90 9.21 -9.27 28.56
C ASN F 90 9.36 -9.66 30.02
N ARG F 91 8.24 -9.96 30.68
CA ARG F 91 8.31 -10.42 32.04
C ARG F 91 9.08 -11.73 32.10
N CYS F 92 8.84 -12.59 31.13
CA CYS F 92 9.60 -13.82 31.07
C CYS F 92 11.08 -13.51 30.97
N ARG F 93 11.48 -12.77 29.96
CA ARG F 93 12.91 -12.52 29.75
C ARG F 93 13.60 -11.81 30.91
N ARG F 94 13.06 -10.68 31.36
CA ARG F 94 13.82 -9.92 32.34
C ARG F 94 13.50 -10.21 33.79
N ARG F 95 12.62 -11.16 34.07
CA ARG F 95 12.56 -11.68 35.44
C ARG F 95 13.26 -13.03 35.63
N ASN F 96 13.98 -13.49 34.61
CA ASN F 96 14.72 -14.74 34.70
C ASN F 96 15.60 -14.90 35.95
N PRO F 97 15.67 -16.12 36.52
CA PRO F 97 16.50 -16.31 37.71
C PRO F 97 17.96 -15.93 37.49
N GLN F 98 18.38 -15.81 36.24
CA GLN F 98 19.75 -15.40 35.99
C GLN F 98 19.96 -13.88 36.09
N LYS F 99 18.97 -13.10 35.66
CA LYS F 99 19.09 -11.65 35.76
C LYS F 99 18.80 -11.11 37.17
N LEU F 100 18.36 -11.98 38.08
CA LEU F 100 18.15 -11.57 39.46
C LEU F 100 19.47 -11.49 40.21
N ILE F 101 19.58 -10.54 41.14
CA ILE F 101 20.79 -10.38 41.96
C ILE F 101 20.92 -11.49 42.99
N LYS F 102 22.05 -12.20 42.99
CA LYS F 102 22.22 -13.33 43.91
C LYS F 102 22.42 -12.87 45.35
N VAL F 103 22.00 -13.71 46.30
CA VAL F 103 22.16 -13.36 47.70
C VAL F 103 23.55 -13.78 48.20
N LYS F 104 24.36 -12.82 48.62
CA LYS F 104 25.71 -13.12 49.06
C LYS F 104 25.72 -13.73 50.45
N ASN F 105 26.27 -14.93 50.55
CA ASN F 105 26.23 -15.70 51.79
C ASN F 105 27.49 -15.61 52.65
N ASN F 106 28.50 -14.88 52.18
CA ASN F 106 29.78 -14.82 52.90
C ASN F 106 29.93 -13.61 53.85
N ILE F 107 28.85 -12.87 54.09
CA ILE F 107 28.90 -11.73 55.02
C ILE F 107 29.04 -12.10 56.50
N ASP F 108 30.01 -11.49 57.21
CA ASP F 108 30.20 -11.67 58.65
C ASP F 108 30.32 -10.35 59.38
N VAL F 109 30.56 -10.41 60.69
CA VAL F 109 30.87 -9.18 61.47
C VAL F 109 32.32 -9.16 61.96
N CYS F 110 32.91 -7.97 62.01
CA CYS F 110 34.30 -7.82 62.45
C CYS F 110 34.40 -7.68 63.97
N PRO F 111 35.18 -8.58 64.62
CA PRO F 111 35.26 -8.69 66.08
C PRO F 111 35.54 -7.37 66.81
N GLU F 112 36.16 -6.41 66.14
CA GLU F 112 36.47 -5.15 66.81
C GLU F 112 35.31 -4.17 66.82
N CYS F 113 35.00 -3.62 65.64
CA CYS F 113 34.00 -2.55 65.55
C CYS F 113 32.61 -3.09 65.31
N GLY F 114 32.50 -4.40 65.07
CA GLY F 114 31.21 -5.03 64.89
C GLY F 114 30.44 -4.56 63.68
N HIS F 115 31.13 -4.01 62.69
CA HIS F 115 30.49 -3.70 61.43
C HIS F 115 30.52 -4.93 60.52
N LEU F 116 29.89 -4.81 59.35
CA LEU F 116 29.82 -5.94 58.43
C LEU F 116 31.02 -5.97 57.51
N LYS F 117 31.50 -7.18 57.19
CA LYS F 117 32.56 -7.33 56.22
C LYS F 117 32.43 -8.67 55.51
N GLN F 118 32.96 -8.79 54.30
CA GLN F 118 32.94 -10.07 53.60
C GLN F 118 34.12 -10.94 54.04
N LYS F 119 33.94 -12.26 54.06
CA LYS F 119 34.94 -13.14 54.69
C LYS F 119 36.37 -13.03 54.16
N HIS F 120 36.54 -12.77 52.87
CA HIS F 120 37.87 -12.77 52.29
C HIS F 120 38.49 -11.38 52.19
N ILE F 121 37.75 -10.35 52.58
CA ILE F 121 38.17 -8.96 52.41
C ILE F 121 38.46 -8.30 53.75
N LEU F 122 39.38 -7.34 53.78
CA LEU F 122 39.63 -6.63 55.04
C LEU F 122 38.39 -5.88 55.48
N CYS F 123 38.29 -5.65 56.78
CA CYS F 123 37.20 -4.85 57.31
C CYS F 123 37.31 -3.41 56.82
N GLY F 124 36.24 -2.87 56.25
CA GLY F 124 36.26 -1.51 55.77
C GLY F 124 36.50 -0.46 56.85
N TYR F 125 35.72 -0.54 57.92
CA TYR F 125 35.80 0.44 59.00
C TYR F 125 37.15 0.41 59.71
N CYS F 126 37.79 -0.75 59.81
CA CYS F 126 39.10 -0.87 60.46
C CYS F 126 40.18 -0.25 59.57
N TYR F 127 40.13 -0.65 58.31
CA TYR F 127 41.03 -0.15 57.30
C TYR F 127 40.93 1.36 57.20
N GLU F 128 39.79 1.93 57.56
CA GLU F 128 39.66 3.37 57.58
C GLU F 128 40.56 4.05 58.61
N LYS F 129 40.47 3.64 59.87
CA LYS F 129 41.24 4.30 60.90
C LYS F 129 42.73 4.04 60.68
N VAL F 130 43.05 2.84 60.19
CA VAL F 130 44.42 2.57 59.75
C VAL F 130 44.87 3.57 58.68
N ARG F 131 44.03 3.77 57.67
CA ARG F 131 44.36 4.66 56.57
C ARG F 131 44.55 6.09 57.03
N LYS F 132 43.64 6.61 57.85
CA LYS F 132 43.73 7.98 58.34
C LYS F 132 45.03 8.19 59.09
N GLU F 133 45.35 7.26 59.99
CA GLU F 133 46.58 7.40 60.76
C GLU F 133 47.82 7.35 59.86
N THR F 134 47.80 6.47 58.87
CA THR F 134 48.89 6.43 57.90
C THR F 134 49.04 7.77 57.18
N ALA F 135 47.92 8.38 56.82
CA ALA F 135 47.95 9.67 56.13
C ALA F 135 48.60 10.73 57.01
N GLU F 136 48.20 10.77 58.28
CA GLU F 136 48.72 11.80 59.17
C GLU F 136 50.22 11.60 59.47
N ILE F 137 50.63 10.35 59.68
CA ILE F 137 52.03 10.08 59.96
C ILE F 137 52.88 10.41 58.72
N ARG F 138 52.32 10.19 57.54
CA ARG F 138 52.99 10.58 56.30
C ARG F 138 53.08 12.11 56.13
N ARG F 139 52.09 12.84 56.65
CA ARG F 139 52.18 14.30 56.65
C ARG F 139 53.34 14.75 57.53
N GLN F 140 53.40 14.22 58.75
CA GLN F 140 54.42 14.70 59.68
C GLN F 140 55.81 14.31 59.21
N MET F 141 55.91 13.16 58.56
CA MET F 141 57.18 12.74 57.99
C MET F 141 57.44 13.42 56.65
N GLY F 142 56.44 14.15 56.15
CA GLY F 142 56.66 15.03 55.02
C GLY F 142 57.23 16.36 55.49
N LYS F 143 56.86 16.73 56.72
CA LYS F 143 57.40 17.93 57.35
C LYS F 143 58.84 17.72 57.77
N GLN F 144 59.16 16.52 58.26
CA GLN F 144 60.54 16.20 58.63
C GLN F 144 61.49 16.12 57.44
N GLU F 145 60.93 16.14 56.25
CA GLU F 145 61.71 16.14 55.00
C GLU F 145 61.64 17.49 54.32
N GLY F 146 62.79 18.00 53.87
CA GLY F 146 62.88 19.36 53.39
C GLY F 146 62.26 19.66 52.04
N GLY F 147 62.31 18.68 51.14
CA GLY F 147 61.89 18.89 49.77
C GLY F 147 61.38 17.63 49.10
N PRO F 148 61.07 17.74 47.80
CA PRO F 148 60.47 16.67 47.00
C PRO F 148 61.36 15.44 46.84
N PHE F 149 62.65 15.64 46.54
CA PHE F 149 63.53 14.52 46.24
C PHE F 149 64.32 13.98 47.41
N ARG F 150 64.22 14.62 48.56
CA ARG F 150 65.07 14.29 49.69
C ARG F 150 64.39 13.27 50.59
N ALA F 151 64.92 12.03 50.64
CA ALA F 151 64.32 10.96 51.42
C ALA F 151 65.36 10.20 52.26
N PRO F 152 64.97 9.78 53.49
CA PRO F 152 65.92 9.25 54.49
C PRO F 152 66.54 7.89 54.16
N THR F 153 67.82 7.73 54.50
CA THR F 153 68.51 6.45 54.36
C THR F 153 68.40 5.52 55.60
N THR F 154 68.06 6.10 56.74
CA THR F 154 67.85 5.32 57.94
C THR F 154 66.49 4.65 57.90
N GLU F 155 66.31 3.60 58.71
CA GLU F 155 64.96 3.12 58.99
C GLU F 155 64.21 4.17 59.83
N THR F 156 62.89 4.22 59.71
CA THR F 156 62.10 5.17 60.50
C THR F 156 61.36 4.46 61.65
N VAL F 157 61.17 5.16 62.76
CA VAL F 157 60.38 4.65 63.89
C VAL F 157 59.49 5.78 64.40
N VAL F 158 58.20 5.51 64.51
CA VAL F 158 57.24 6.53 64.90
C VAL F 158 56.97 6.50 66.41
N LEU F 159 56.97 7.67 67.06
CA LEU F 159 56.75 7.75 68.51
C LEU F 159 55.45 8.52 68.85
N TYR F 160 54.94 8.26 70.05
CA TYR F 160 53.71 8.86 70.55
C TYR F 160 54.00 9.50 71.90
N SER F 161 53.07 10.29 72.43
CA SER F 161 53.29 11.03 73.68
C SER F 161 53.72 10.12 74.84
N GLY F 162 54.86 10.44 75.43
CA GLY F 162 55.34 9.74 76.60
C GLY F 162 56.39 8.67 76.33
N GLU F 163 56.71 8.45 75.06
CA GLU F 163 57.63 7.39 74.67
C GLU F 163 59.05 7.88 74.40
N THR F 164 60.03 7.07 74.81
CA THR F 164 61.44 7.35 74.57
C THR F 164 62.06 6.16 73.82
N PRO F 165 62.94 6.44 72.84
CA PRO F 165 63.55 5.38 72.01
C PRO F 165 64.36 4.31 72.75
N SER F 166 64.10 3.06 72.38
CA SER F 166 64.93 1.92 72.80
C SER F 166 66.25 1.91 72.03
N GLU F 167 67.25 1.19 72.53
CA GLU F 167 68.56 1.16 71.87
C GLU F 167 68.52 0.45 70.52
N GLN F 168 67.65 -0.55 70.40
CA GLN F 168 67.42 -1.23 69.14
C GLN F 168 67.00 -0.23 68.05
N ASP F 169 66.22 0.77 68.45
CA ASP F 169 65.60 1.72 67.54
C ASP F 169 66.34 3.05 67.40
N GLN F 170 67.43 3.21 68.16
CA GLN F 170 68.19 4.45 68.08
C GLN F 170 69.18 4.43 66.91
N GLY F 171 69.47 5.61 66.36
CA GLY F 171 70.27 5.73 65.16
C GLY F 171 69.35 5.79 63.96
N LYS F 172 68.05 5.84 64.24
CA LYS F 172 67.02 5.86 63.22
C LYS F 172 66.25 7.18 63.27
N ARG F 173 65.60 7.52 62.16
CA ARG F 173 64.79 8.73 62.08
C ARG F 173 63.55 8.61 62.95
N ILE F 174 63.23 9.64 63.73
CA ILE F 174 62.12 9.55 64.69
C ILE F 174 61.00 10.56 64.42
N ILE F 175 59.76 10.07 64.33
CA ILE F 175 58.58 10.92 64.16
C ILE F 175 57.78 11.03 65.46
N GLU F 176 57.63 12.26 65.97
CA GLU F 176 56.94 12.46 67.25
C GLU F 176 55.51 12.96 67.09
N ARG F 177 54.58 12.31 67.78
CA ARG F 177 53.15 12.51 67.57
C ARG F 177 52.38 12.79 68.88
N GLU F 178 51.31 13.58 68.80
CA GLU F 178 50.57 14.02 69.99
C GLU F 178 49.65 12.94 70.58
N ARG F 179 48.88 12.29 69.72
CA ARG F 179 47.98 11.21 70.13
C ARG F 179 48.72 10.13 70.91
N LYS F 180 48.18 9.72 72.06
CA LYS F 180 48.78 8.60 72.78
C LYS F 180 48.58 7.34 71.96
N ARG F 181 49.57 6.46 71.98
CA ARG F 181 49.60 5.34 71.05
C ARG F 181 48.32 4.52 71.06
N PRO F 182 47.63 4.48 69.90
CA PRO F 182 46.36 3.79 69.68
C PRO F 182 46.46 2.32 70.04
N SER F 183 45.41 1.81 70.65
CA SER F 183 45.40 0.46 71.19
C SER F 183 45.69 -0.64 70.17
N TRP F 184 45.29 -0.43 68.92
CA TRP F 184 45.46 -1.45 67.88
C TRP F 184 46.86 -1.46 67.29
N PHE F 185 47.57 -0.34 67.44
CA PHE F 185 48.96 -0.23 67.01
C PHE F 185 49.87 -0.63 68.18
N THR F 186 50.66 -1.70 68.04
CA THR F 186 51.43 -2.19 69.19
C THR F 186 52.81 -1.53 69.31
N GLN F 187 53.49 -1.80 70.43
CA GLN F 187 54.77 -1.17 70.74
C GLN F 187 55.95 -1.88 70.06
N ASN F 188 55.90 -3.21 70.11
CA ASN F 188 56.93 -4.09 69.54
C ASN F 188 58.35 -3.72 69.96
N SER G 13 -13.97 12.38 -64.62
CA SER G 13 -15.17 13.14 -64.93
C SER G 13 -15.82 13.70 -63.66
N LYS G 14 -16.71 14.68 -63.84
CA LYS G 14 -17.29 15.40 -62.70
C LYS G 14 -18.80 15.55 -62.79
N THR G 15 -19.40 16.01 -61.69
CA THR G 15 -20.84 16.23 -61.63
C THR G 15 -21.17 17.69 -61.25
N ILE G 16 -21.89 18.36 -62.16
CA ILE G 16 -22.22 19.78 -62.01
C ILE G 16 -23.61 20.02 -61.43
N LEU G 17 -23.70 20.77 -60.34
CA LEU G 17 -25.01 21.13 -59.80
C LEU G 17 -25.56 22.36 -60.51
N VAL G 18 -26.73 22.20 -61.12
CA VAL G 18 -27.37 23.25 -61.92
C VAL G 18 -28.73 23.64 -61.35
N LYS G 19 -29.04 24.94 -61.41
CA LYS G 19 -30.30 25.46 -60.93
C LYS G 19 -31.24 25.85 -62.09
N MET G 20 -32.35 25.11 -62.23
CA MET G 20 -33.30 25.37 -63.30
C MET G 20 -34.31 26.47 -62.95
N MET G 21 -34.62 27.27 -63.96
CA MET G 21 -35.58 28.36 -63.86
C MET G 21 -36.84 28.06 -64.66
N SER G 22 -38.01 28.29 -64.04
CA SER G 22 -39.29 28.15 -64.71
C SER G 22 -39.57 29.38 -65.57
N GLN G 23 -40.40 29.23 -66.59
CA GLN G 23 -40.81 30.36 -67.43
C GLN G 23 -41.53 31.42 -66.61
N ALA G 24 -42.42 30.96 -65.72
CA ALA G 24 -43.29 31.84 -64.93
C ALA G 24 -42.97 31.82 -63.44
N GLY G 25 -42.91 33.01 -62.84
CA GLY G 25 -42.76 33.13 -61.40
C GLY G 25 -41.41 32.76 -60.81
N THR G 26 -41.44 32.50 -59.50
CA THR G 26 -40.23 32.31 -58.69
C THR G 26 -39.82 30.85 -58.48
N GLY G 27 -40.52 29.92 -59.14
CA GLY G 27 -40.22 28.50 -59.00
C GLY G 27 -38.85 28.12 -59.51
N PHE G 28 -38.05 27.48 -58.66
CA PHE G 28 -36.67 27.11 -59.01
C PHE G 28 -36.31 25.69 -58.60
N SER G 29 -35.82 24.93 -59.58
CA SER G 29 -35.46 23.52 -59.38
C SER G 29 -33.95 23.39 -59.18
N PHE G 30 -33.52 22.40 -58.41
CA PHE G 30 -32.08 22.14 -58.27
C PHE G 30 -31.75 20.69 -58.61
N ASN G 31 -30.83 20.48 -59.54
CA ASN G 31 -30.56 19.11 -59.98
C ASN G 31 -29.13 18.91 -60.47
N THR G 32 -28.74 17.66 -60.62
CA THR G 32 -27.36 17.36 -61.02
C THR G 32 -27.21 16.97 -62.49
N LYS G 33 -26.06 17.33 -63.04
CA LYS G 33 -25.75 17.15 -64.45
C LYS G 33 -24.38 16.49 -64.62
N ARG G 34 -24.16 15.88 -65.79
CA ARG G 34 -22.96 15.10 -66.09
C ARG G 34 -21.87 15.94 -66.79
N SER G 35 -20.61 15.66 -66.45
CA SER G 35 -19.45 16.29 -67.06
C SER G 35 -19.44 16.17 -68.59
N ARG G 36 -19.62 14.94 -69.07
CA ARG G 36 -19.62 14.65 -70.49
C ARG G 36 -20.83 15.27 -71.19
N LEU G 37 -21.87 15.57 -70.39
CA LEU G 37 -23.13 16.13 -70.89
C LEU G 37 -23.76 15.22 -71.94
N ARG G 38 -24.23 14.06 -71.49
CA ARG G 38 -25.01 13.16 -72.34
C ARG G 38 -26.25 13.90 -72.86
N GLU G 39 -27.17 14.26 -71.97
CA GLU G 39 -28.43 14.90 -72.35
C GLU G 39 -28.52 16.28 -71.72
N LYS G 40 -28.46 17.32 -72.55
CA LYS G 40 -28.57 18.69 -72.04
C LYS G 40 -29.88 18.86 -71.29
N LEU G 41 -29.86 19.68 -70.24
CA LEU G 41 -30.95 19.69 -69.27
C LEU G 41 -32.06 20.69 -69.63
N THR G 42 -33.20 20.13 -70.03
CA THR G 42 -34.42 20.88 -70.24
C THR G 42 -35.56 19.99 -69.78
N LEU G 43 -36.42 20.49 -68.91
CA LEU G 43 -37.38 19.60 -68.25
C LEU G 43 -38.84 19.98 -68.48
N LEU G 44 -39.71 19.02 -68.20
CA LEU G 44 -41.11 19.31 -68.01
C LEU G 44 -41.45 18.98 -66.54
N HIS G 45 -41.70 20.03 -65.75
CA HIS G 45 -41.77 19.90 -64.30
C HIS G 45 -43.10 20.45 -63.73
N TYR G 46 -43.23 20.49 -62.41
CA TYR G 46 -44.48 20.93 -61.79
C TYR G 46 -44.33 22.27 -61.06
N ASP G 47 -45.07 23.27 -61.53
CA ASP G 47 -45.12 24.56 -60.85
C ASP G 47 -46.30 24.59 -59.88
N PRO G 48 -46.03 24.90 -58.59
CA PRO G 48 -47.02 24.99 -57.49
C PRO G 48 -48.03 26.14 -57.61
N VAL G 49 -47.57 27.32 -58.05
CA VAL G 49 -48.39 28.53 -58.06
C VAL G 49 -49.57 28.46 -59.04
N VAL G 50 -49.28 28.16 -60.30
CA VAL G 50 -50.31 28.01 -61.33
C VAL G 50 -50.84 26.56 -61.34
N LYS G 51 -50.21 25.69 -60.56
CA LYS G 51 -50.54 24.27 -60.48
C LYS G 51 -50.47 23.62 -61.87
N LYS G 52 -49.32 23.77 -62.52
CA LYS G 52 -49.20 23.43 -63.93
C LYS G 52 -47.99 22.55 -64.27
N LYS G 53 -47.99 21.98 -65.47
CA LYS G 53 -46.80 21.35 -66.05
C LYS G 53 -46.06 22.37 -66.90
N VAL G 54 -44.78 22.53 -66.61
CA VAL G 54 -43.99 23.63 -67.15
C VAL G 54 -42.76 23.18 -67.92
N LEU G 55 -42.16 24.10 -68.68
CA LEU G 55 -40.83 23.91 -69.26
C LEU G 55 -39.78 24.59 -68.38
N PHE G 56 -38.92 23.78 -67.77
CA PHE G 56 -37.85 24.30 -66.93
C PHE G 56 -36.52 24.35 -67.72
N VAL G 57 -35.83 25.49 -67.61
CA VAL G 57 -34.60 25.73 -68.37
C VAL G 57 -33.38 25.71 -67.46
N GLU G 58 -32.33 24.99 -67.86
CA GLU G 58 -31.10 24.93 -67.07
C GLU G 58 -30.46 26.31 -66.89
N GLN G 59 -30.18 26.68 -65.64
CA GLN G 59 -29.51 27.93 -65.32
C GLN G 59 -28.48 27.69 -64.21
N LYS G 60 -27.86 28.78 -63.75
CA LYS G 60 -26.87 28.70 -62.68
C LYS G 60 -27.44 29.20 -61.34
N LYS H 50 33.08 21.37 -0.24
CA LYS H 50 33.20 20.07 0.40
C LYS H 50 32.06 19.82 1.39
N ALA H 51 32.26 20.15 2.67
CA ALA H 51 31.17 20.03 3.65
C ALA H 51 30.47 21.37 3.75
N ARG H 52 29.15 21.35 3.89
CA ARG H 52 28.33 22.56 3.75
C ARG H 52 27.48 22.85 4.98
N GLY H 53 26.91 24.04 5.05
CA GLY H 53 26.10 24.41 6.21
C GLY H 53 26.78 25.45 7.07
N ASN H 54 28.02 25.75 6.73
CA ASN H 54 28.73 26.83 7.37
C ASN H 54 28.59 28.12 6.56
N GLU H 55 27.65 28.15 5.61
CA GLU H 55 27.55 29.26 4.65
C GLU H 55 27.59 30.66 5.24
N TYR H 56 27.13 30.84 6.48
CA TYR H 56 27.03 32.18 7.04
C TYR H 56 28.29 32.57 7.81
N GLN H 57 29.05 33.48 7.22
CA GLN H 57 30.30 33.97 7.82
C GLN H 57 30.07 35.35 8.38
N PRO H 58 29.96 35.46 9.71
CA PRO H 58 29.46 36.69 10.31
C PRO H 58 30.33 37.90 10.02
N SER H 59 29.70 38.99 9.60
CA SER H 59 30.38 40.26 9.46
C SER H 59 29.43 41.36 9.91
N ASN H 60 29.89 42.27 10.76
CA ASN H 60 29.01 43.32 11.24
C ASN H 60 28.79 44.39 10.21
N ILE H 61 29.77 44.62 9.35
CA ILE H 61 29.60 45.67 8.35
C ILE H 61 28.62 45.22 7.28
N LYS H 62 28.80 44.02 6.76
CA LYS H 62 27.87 43.49 5.76
C LYS H 62 26.43 43.36 6.28
N ARG H 63 26.30 43.05 7.57
CA ARG H 63 24.99 42.89 8.15
C ARG H 63 24.24 44.20 8.16
N LYS H 64 24.86 45.25 8.67
CA LYS H 64 24.20 46.55 8.66
C LYS H 64 24.06 47.11 7.26
N HIS H 65 24.97 46.78 6.35
CA HIS H 65 24.90 47.38 5.02
C HIS H 65 23.82 46.78 4.15
N LYS H 66 23.61 45.47 4.26
CA LYS H 66 22.51 44.84 3.52
C LYS H 66 21.12 44.98 4.15
N HIS H 67 21.02 44.61 5.41
CA HIS H 67 19.71 44.61 6.06
C HIS H 67 19.41 45.76 7.05
N GLY H 68 20.31 46.71 7.21
CA GLY H 68 20.13 47.76 8.20
C GLY H 68 19.09 48.82 7.88
N TRP H 69 18.61 49.51 8.91
CA TRP H 69 17.53 50.50 8.81
C TRP H 69 17.70 51.49 7.65
N VAL H 70 18.92 51.98 7.44
CA VAL H 70 19.16 52.94 6.37
C VAL H 70 18.89 52.36 4.97
N ARG H 71 19.47 51.18 4.73
CA ARG H 71 19.26 50.45 3.48
C ARG H 71 17.78 50.24 3.16
N ARG H 72 16.99 49.91 4.19
CA ARG H 72 15.56 49.78 4.01
C ARG H 72 14.99 51.10 3.56
N LEU H 73 15.25 52.15 4.32
CA LEU H 73 14.64 53.46 4.03
C LEU H 73 15.01 54.09 2.69
N ARG H 74 16.12 53.68 2.08
CA ARG H 74 16.51 54.30 0.83
C ARG H 74 15.60 53.96 -0.36
N THR H 75 15.00 52.78 -0.35
CA THR H 75 14.19 52.32 -1.49
C THR H 75 12.70 52.12 -1.11
N PRO H 76 11.77 52.38 -2.05
CA PRO H 76 10.34 52.28 -1.74
C PRO H 76 9.95 50.91 -1.16
N THR H 77 10.42 49.86 -1.81
CA THR H 77 10.08 48.52 -1.39
C THR H 77 10.68 48.20 -0.02
N GLY H 78 11.84 48.77 0.27
CA GLY H 78 12.40 48.66 1.60
C GLY H 78 11.42 49.26 2.60
N VAL H 79 10.87 50.42 2.25
CA VAL H 79 9.92 51.10 3.11
C VAL H 79 8.75 50.18 3.38
N GLN H 80 8.24 49.51 2.35
CA GLN H 80 7.13 48.58 2.57
C GLN H 80 7.52 47.37 3.39
N VAL H 81 8.79 47.00 3.38
CA VAL H 81 9.21 45.94 4.27
C VAL H 81 9.03 46.43 5.68
N ILE H 82 9.48 47.65 5.95
CA ILE H 82 9.25 48.21 7.27
C ILE H 82 7.75 48.26 7.59
N LEU H 83 6.95 48.77 6.66
CA LEU H 83 5.51 48.91 6.86
C LEU H 83 4.83 47.60 7.20
N ARG H 84 5.02 46.57 6.38
CA ARG H 84 4.44 45.27 6.65
C ARG H 84 4.90 44.75 8.00
N ARG H 85 6.17 45.00 8.32
CA ARG H 85 6.69 44.50 9.58
C ARG H 85 6.10 45.24 10.78
N MET H 86 5.68 46.49 10.59
CA MET H 86 5.01 47.22 11.65
C MET H 86 3.57 46.77 11.77
N HIS H 87 2.92 46.51 10.65
CA HIS H 87 1.55 46.03 10.68
C HIS H 87 1.44 44.68 11.36
N LYS H 88 2.46 43.84 11.23
CA LYS H 88 2.49 42.59 12.01
C LYS H 88 3.02 42.83 13.42
N GLY H 89 3.52 44.04 13.69
CA GLY H 89 4.00 44.40 15.01
C GLY H 89 5.20 43.62 15.53
N ARG H 90 6.29 43.61 14.77
CA ARG H 90 7.50 42.91 15.18
C ARG H 90 8.35 43.68 16.17
N LYS H 91 8.95 42.98 17.13
CA LYS H 91 9.84 43.60 18.10
C LYS H 91 11.02 44.27 17.41
N SER H 92 11.55 43.59 16.40
CA SER H 92 12.65 44.11 15.60
C SER H 92 12.24 44.38 14.16
N LEU H 93 12.20 45.65 13.78
CA LEU H 93 11.92 45.98 12.40
C LEU H 93 13.10 45.67 11.49
N SER H 94 14.27 46.20 11.79
CA SER H 94 15.40 46.07 10.89
C SER H 94 16.72 45.72 11.56
N HIS H 95 17.46 44.83 10.91
CA HIS H 95 18.80 44.46 11.35
C HIS H 95 19.65 45.65 11.75
N VAL I 94 -25.46 24.92 -17.37
CA VAL I 94 -26.47 25.58 -16.55
C VAL I 94 -25.81 26.21 -15.32
N THR I 95 -26.21 27.42 -15.00
CA THR I 95 -25.73 28.07 -13.78
C THR I 95 -26.82 28.00 -12.72
N TYR I 96 -26.57 27.27 -11.63
CA TYR I 96 -27.61 27.08 -10.63
C TYR I 96 -27.76 28.25 -9.68
N PHE I 97 -26.71 29.04 -9.49
CA PHE I 97 -26.79 30.31 -8.77
C PHE I 97 -25.92 31.32 -9.46
N SER I 98 -26.47 32.48 -9.82
CA SER I 98 -25.70 33.46 -10.59
C SER I 98 -24.77 34.25 -9.72
N SER I 99 -23.91 35.05 -10.34
CA SER I 99 -22.98 35.83 -9.56
C SER I 99 -23.70 37.02 -8.94
N ARG I 100 -24.25 37.89 -9.78
CA ARG I 100 -24.83 39.14 -9.32
C ARG I 100 -26.17 39.02 -8.62
N LYS I 101 -27.12 38.28 -9.20
CA LYS I 101 -28.44 38.14 -8.58
C LYS I 101 -28.65 36.90 -7.70
N GLY I 102 -27.74 35.92 -7.76
CA GLY I 102 -27.95 34.68 -7.05
C GLY I 102 -29.10 33.81 -7.55
N LYS I 103 -29.73 34.22 -8.65
CA LYS I 103 -30.81 33.47 -9.30
C LYS I 103 -30.27 32.27 -10.07
N ARG I 104 -31.14 31.64 -10.86
CA ARG I 104 -30.76 30.50 -11.71
C ARG I 104 -30.81 30.85 -13.20
N LYS I 105 -29.68 30.83 -13.88
CA LYS I 105 -29.59 31.30 -15.26
C LYS I 105 -30.21 30.36 -16.29
N THR I 106 -30.49 30.87 -17.48
CA THR I 106 -30.99 30.02 -18.56
C THR I 106 -30.01 29.83 -19.71
N VAL I 107 -30.04 28.66 -20.33
CA VAL I 107 -29.19 28.37 -21.47
C VAL I 107 -29.89 28.89 -22.71
N LYS I 108 -29.31 29.86 -23.41
CA LYS I 108 -30.04 30.45 -24.54
C LYS I 108 -30.05 29.56 -25.79
N ALA I 109 -29.04 28.69 -25.91
CA ALA I 109 -29.01 27.81 -27.07
C ALA I 109 -30.19 26.84 -27.07
N VAL I 110 -30.85 26.65 -25.94
CA VAL I 110 -32.05 25.82 -25.93
C VAL I 110 -33.23 26.63 -26.41
N ILE I 111 -33.22 27.92 -26.12
CA ILE I 111 -34.30 28.83 -26.50
C ILE I 111 -34.30 29.10 -27.99
N TYR I 112 -33.15 28.97 -28.64
CA TYR I 112 -33.19 29.22 -30.07
C TYR I 112 -33.70 28.05 -30.93
N ARG I 113 -33.49 26.81 -30.53
CA ARG I 113 -33.97 25.72 -31.39
C ARG I 113 -35.25 24.99 -30.99
N PHE I 114 -35.84 25.32 -29.86
CA PHE I 114 -36.95 24.50 -29.38
C PHE I 114 -38.15 25.35 -29.07
N LEU I 115 -39.27 24.70 -28.85
CA LEU I 115 -40.47 25.41 -28.47
C LEU I 115 -41.24 24.65 -27.41
N ARG I 116 -41.62 25.32 -26.34
CA ARG I 116 -42.33 24.64 -25.26
C ARG I 116 -43.80 24.94 -25.30
N LEU I 117 -44.62 23.91 -25.46
CA LEU I 117 -46.05 24.16 -25.39
C LEU I 117 -46.42 24.08 -23.91
N HIS I 118 -47.66 24.43 -23.55
CA HIS I 118 -47.92 24.52 -22.12
C HIS I 118 -48.25 23.16 -21.53
N SER I 119 -48.54 22.20 -22.41
CA SER I 119 -48.71 20.82 -22.00
C SER I 119 -47.43 20.26 -21.43
N GLY I 120 -46.30 20.80 -21.88
CA GLY I 120 -44.99 20.32 -21.47
C GLY I 120 -44.23 19.62 -22.59
N LEU I 121 -44.91 19.36 -23.70
CA LEU I 121 -44.28 18.86 -24.91
C LEU I 121 -43.30 19.88 -25.48
N TRP I 122 -42.12 19.43 -25.88
CA TRP I 122 -41.17 20.31 -26.56
C TRP I 122 -41.19 19.98 -28.02
N LEU I 123 -40.96 20.99 -28.85
CA LEU I 123 -41.14 20.86 -30.30
C LEU I 123 -39.92 21.39 -31.06
N ARG I 124 -39.37 20.53 -31.92
CA ARG I 124 -38.09 20.83 -32.54
C ARG I 124 -38.05 20.58 -34.04
N ARG I 125 -37.19 21.30 -34.74
CA ARG I 125 -36.93 21.05 -36.16
C ARG I 125 -36.20 19.72 -36.38
N LYS I 126 -36.16 19.22 -37.62
CA LYS I 126 -35.46 17.96 -37.91
C LYS I 126 -34.09 18.17 -38.57
N ALA I 127 -33.05 17.65 -37.94
CA ALA I 127 -31.66 17.92 -38.32
C ALA I 127 -31.32 17.68 -39.79
N GLY I 128 -30.74 18.69 -40.43
CA GLY I 128 -30.28 18.57 -41.81
C GLY I 128 -31.34 18.83 -42.86
N TYR I 129 -32.32 19.66 -42.53
CA TYR I 129 -33.40 19.90 -43.47
C TYR I 129 -33.04 20.94 -44.53
N LYS I 130 -32.03 21.77 -44.25
CA LYS I 130 -31.58 22.74 -45.25
C LYS I 130 -30.38 22.22 -46.02
N LYS I 131 -29.96 21.00 -45.70
CA LYS I 131 -28.67 20.46 -46.13
C LYS I 131 -28.72 19.49 -47.29
N LYS I 132 -28.01 19.80 -48.37
CA LYS I 132 -27.88 18.89 -49.54
C LYS I 132 -29.22 18.33 -50.03
N LEU I 133 -30.06 19.20 -50.60
CA LEU I 133 -31.38 18.78 -51.04
C LEU I 133 -31.39 18.02 -52.38
N TRP I 134 -30.48 18.37 -53.29
CA TRP I 134 -30.49 17.72 -54.60
C TRP I 134 -30.19 16.22 -54.53
N LYS I 135 -29.54 15.76 -53.45
CA LYS I 135 -29.29 14.33 -53.31
C LYS I 135 -30.54 13.55 -52.95
N LYS I 136 -31.35 14.12 -52.05
CA LYS I 136 -32.41 13.37 -51.38
C LYS I 136 -33.72 13.22 -52.17
N THR I 137 -34.46 12.16 -51.87
CA THR I 137 -35.76 11.88 -52.48
C THR I 137 -36.83 12.86 -52.02
N ALA I 138 -37.90 12.99 -52.82
CA ALA I 138 -39.07 13.75 -52.41
C ALA I 138 -39.56 13.30 -51.03
N ALA I 139 -39.53 11.98 -50.81
CA ALA I 139 -39.93 11.40 -49.54
C ALA I 139 -39.12 11.99 -48.39
N ARG I 140 -37.79 11.92 -48.49
CA ARG I 140 -36.93 12.38 -47.42
C ARG I 140 -37.07 13.87 -47.18
N LYS I 141 -37.23 14.63 -48.25
CA LYS I 141 -37.43 16.06 -48.11
C LYS I 141 -38.68 16.35 -47.29
N ARG I 142 -39.77 15.65 -47.61
CA ARG I 142 -40.98 15.83 -46.82
C ARG I 142 -40.72 15.48 -45.37
N ARG I 143 -40.09 14.34 -45.10
CA ARG I 143 -39.81 13.94 -43.72
C ARG I 143 -38.98 14.98 -42.97
N LEU I 144 -38.10 15.68 -43.69
CA LEU I 144 -37.22 16.68 -43.09
C LEU I 144 -37.90 18.03 -42.82
N ARG I 145 -38.84 18.42 -43.67
CA ARG I 145 -39.50 19.70 -43.46
C ARG I 145 -40.35 19.71 -42.17
N GLU I 146 -40.75 18.53 -41.71
CA GLU I 146 -41.69 18.40 -40.59
C GLU I 146 -41.13 18.76 -39.21
N PHE I 147 -41.99 19.28 -38.33
CA PHE I 147 -41.70 19.47 -36.91
C PHE I 147 -41.94 18.16 -36.15
N VAL I 148 -41.26 17.95 -35.02
CA VAL I 148 -41.47 16.71 -34.28
C VAL I 148 -41.43 16.88 -32.74
N PHE I 149 -41.87 15.86 -32.02
CA PHE I 149 -41.91 15.90 -30.55
C PHE I 149 -40.82 15.04 -29.91
N CYS I 150 -40.30 15.48 -28.76
CA CYS I 150 -39.20 14.80 -28.07
C CYS I 150 -39.63 13.87 -26.94
N ASN I 151 -38.89 12.78 -26.76
CA ASN I 151 -39.22 11.80 -25.73
C ASN I 151 -39.06 12.39 -24.33
N LYS I 152 -39.62 11.71 -23.34
CA LYS I 152 -39.60 12.18 -21.96
C LYS I 152 -38.20 12.59 -21.50
N THR I 153 -37.20 11.76 -21.80
CA THR I 153 -35.83 12.01 -21.35
C THR I 153 -35.32 13.39 -21.76
N GLN I 154 -35.70 13.80 -22.96
CA GLN I 154 -35.29 15.08 -23.52
C GLN I 154 -36.07 16.24 -22.95
N SER I 155 -37.39 16.21 -23.10
CA SER I 155 -38.23 17.26 -22.54
C SER I 155 -37.81 17.57 -21.11
N LYS I 156 -37.57 16.51 -20.35
CA LYS I 156 -37.11 16.65 -18.97
C LYS I 156 -35.80 17.44 -18.91
N LEU I 157 -34.84 17.04 -19.73
CA LEU I 157 -33.55 17.72 -19.77
C LEU I 157 -33.67 19.17 -20.22
N LEU I 158 -34.46 19.43 -21.24
CA LEU I 158 -34.68 20.79 -21.73
C LEU I 158 -35.37 21.66 -20.70
N ASP I 159 -36.11 21.03 -19.80
CA ASP I 159 -36.83 21.78 -18.79
C ASP I 159 -35.86 22.29 -17.73
N LYS I 160 -34.86 21.49 -17.40
CA LYS I 160 -33.84 21.86 -16.43
C LYS I 160 -32.96 23.00 -16.91
N MET I 161 -32.91 23.22 -18.20
CA MET I 161 -32.11 24.30 -18.76
C MET I 161 -32.91 25.57 -19.00
N THR I 162 -34.15 25.59 -18.54
CA THR I 162 -35.00 26.73 -18.82
C THR I 162 -35.67 27.22 -17.56
N THR I 163 -35.70 28.54 -17.38
CA THR I 163 -36.23 29.09 -16.14
C THR I 163 -37.75 29.10 -16.16
N SER I 164 -38.36 29.69 -15.13
CA SER I 164 -39.81 29.77 -15.07
C SER I 164 -40.38 30.60 -16.22
N PHE I 165 -39.63 31.59 -16.69
CA PHE I 165 -40.16 32.50 -17.68
C PHE I 165 -40.56 31.83 -19.00
N TRP I 166 -39.98 30.69 -19.33
CA TRP I 166 -40.33 30.07 -20.60
C TRP I 166 -41.40 29.00 -20.41
N LYS I 167 -41.77 28.74 -19.16
CA LYS I 167 -42.80 27.76 -18.86
C LYS I 167 -44.15 28.45 -18.71
N ARG I 168 -44.10 29.78 -18.79
CA ARG I 168 -45.23 30.69 -18.69
C ARG I 168 -46.35 30.44 -19.72
N ARG I 169 -47.59 30.71 -19.32
CA ARG I 169 -48.74 30.70 -20.24
C ARG I 169 -48.78 31.93 -21.15
N ASN I 170 -48.85 31.74 -22.46
CA ASN I 170 -48.79 32.88 -23.36
C ASN I 170 -49.94 33.03 -24.31
N TRP I 171 -50.57 34.19 -24.30
CA TRP I 171 -51.58 34.47 -25.29
C TRP I 171 -51.04 35.49 -26.27
N TYR I 172 -50.72 35.08 -27.48
CA TYR I 172 -50.30 36.03 -28.49
C TYR I 172 -51.47 36.30 -29.42
N ALA I 173 -51.55 37.52 -29.92
CA ALA I 173 -52.47 37.76 -31.02
C ALA I 173 -51.98 36.95 -32.19
N ASP I 174 -52.88 36.19 -32.82
CA ASP I 174 -52.58 35.42 -34.03
C ASP I 174 -51.79 34.13 -33.78
N ASP I 175 -51.54 33.82 -32.52
CA ASP I 175 -50.64 32.71 -32.17
C ASP I 175 -51.09 31.41 -32.85
N PRO I 176 -50.24 30.88 -33.75
CA PRO I 176 -50.54 29.67 -34.50
C PRO I 176 -50.67 28.47 -33.58
N TYR I 177 -49.76 28.40 -32.61
CA TYR I 177 -49.64 27.20 -31.80
C TYR I 177 -50.59 27.24 -30.62
N GLN I 178 -51.29 28.36 -30.44
CA GLN I 178 -52.16 28.50 -29.29
C GLN I 178 -53.21 27.42 -29.31
N LYS I 179 -53.60 27.01 -30.50
CA LYS I 179 -54.54 25.91 -30.61
C LYS I 179 -53.88 24.58 -30.16
N TYR I 180 -52.55 24.51 -30.17
CA TYR I 180 -51.85 23.29 -29.73
C TYR I 180 -51.38 23.23 -28.30
N GLN I 181 -51.65 24.25 -27.50
CA GLN I 181 -51.03 24.31 -26.19
C GLN I 181 -51.76 23.53 -25.09
N ASP I 182 -53.01 23.13 -25.34
CA ASP I 182 -53.76 22.37 -24.36
C ASP I 182 -53.81 20.89 -24.73
N ARG I 183 -53.81 20.03 -23.71
CA ARG I 183 -53.95 18.60 -23.93
C ARG I 183 -55.39 18.11 -23.79
N THR I 184 -55.84 17.24 -24.71
CA THR I 184 -57.23 16.77 -24.70
C THR I 184 -57.33 15.25 -24.80
N ASN I 185 -58.34 14.68 -24.13
CA ASN I 185 -58.63 13.24 -24.18
C ASN I 185 -57.44 12.36 -23.88
N LEU I 186 -56.67 12.71 -22.86
CA LEU I 186 -55.53 11.88 -22.55
C LEU I 186 -55.80 11.03 -21.32
N LYS I 187 -56.04 9.74 -21.54
CA LYS I 187 -56.25 8.79 -20.46
C LYS I 187 -54.98 7.98 -20.27
N VAL I 188 -54.28 8.28 -19.19
CA VAL I 188 -52.99 7.67 -18.94
C VAL I 188 -53.16 6.38 -18.15
N PHE J 63 21.50 -58.74 -23.06
CA PHE J 63 20.12 -58.39 -22.72
C PHE J 63 19.68 -57.04 -23.30
N LYS J 64 18.37 -56.87 -23.36
CA LYS J 64 17.78 -55.62 -23.80
C LYS J 64 16.50 -55.39 -23.02
N THR J 65 16.25 -54.16 -22.60
CA THR J 65 14.96 -53.85 -21.99
C THR J 65 13.98 -53.48 -23.10
N LYS J 66 12.90 -54.25 -23.24
CA LYS J 66 11.94 -54.00 -24.32
C LYS J 66 10.50 -53.86 -23.87
N GLY J 67 9.69 -53.26 -24.73
CA GLY J 67 8.27 -53.16 -24.49
C GLY J 67 7.53 -54.43 -24.85
N VAL J 68 7.94 -55.04 -25.96
CA VAL J 68 7.30 -56.24 -26.47
C VAL J 68 8.34 -57.31 -26.80
N LEU J 69 8.25 -58.45 -26.14
CA LEU J 69 9.15 -59.57 -26.43
C LEU J 69 8.66 -60.34 -27.62
N LYS J 70 9.55 -60.74 -28.52
CA LYS J 70 9.16 -61.67 -29.56
C LYS J 70 10.28 -62.66 -29.83
N LYS J 71 9.95 -63.95 -29.90
CA LYS J 71 10.94 -64.98 -30.17
C LYS J 71 11.53 -64.76 -31.55
N ARG J 72 12.85 -64.62 -31.64
CA ARG J 72 13.48 -64.34 -32.93
C ARG J 72 13.75 -65.57 -33.80
N CYS J 73 13.93 -66.74 -33.18
CA CYS J 73 14.15 -67.98 -33.92
C CYS J 73 13.36 -69.11 -33.28
N ARG J 74 13.58 -70.35 -33.73
CA ARG J 74 12.80 -71.46 -33.19
C ARG J 74 13.27 -71.84 -31.78
N ASP J 75 14.46 -71.39 -31.43
CA ASP J 75 15.10 -71.83 -30.19
C ASP J 75 14.95 -70.88 -29.00
N CYS J 76 14.21 -69.79 -29.17
CA CYS J 76 13.93 -68.88 -28.05
C CYS J 76 12.82 -69.41 -27.15
N TYR J 77 13.11 -69.68 -25.88
CA TYR J 77 12.04 -70.03 -24.96
C TYR J 77 11.78 -68.89 -23.97
N LEU J 78 10.52 -68.72 -23.62
CA LEU J 78 10.02 -67.52 -22.96
C LEU J 78 9.63 -67.80 -21.49
N VAL J 79 10.40 -67.25 -20.55
CA VAL J 79 10.29 -67.66 -19.14
C VAL J 79 9.98 -66.47 -18.23
N LYS J 80 9.23 -66.71 -17.16
CA LYS J 80 8.90 -65.63 -16.23
C LYS J 80 9.76 -65.73 -14.96
N ARG J 81 10.69 -64.80 -14.77
CA ARG J 81 11.50 -64.83 -13.56
C ARG J 81 11.52 -63.50 -12.86
N ARG J 82 11.49 -63.54 -11.54
CA ARG J 82 11.43 -62.34 -10.73
C ARG J 82 10.26 -61.44 -11.12
N GLY J 83 9.16 -62.04 -11.57
CA GLY J 83 8.00 -61.28 -11.96
C GLY J 83 8.28 -60.41 -13.17
N ARG J 84 9.09 -60.92 -14.09
CA ARG J 84 9.24 -60.32 -15.40
C ARG J 84 9.22 -61.40 -16.46
N TRP J 85 9.10 -60.98 -17.71
CA TRP J 85 9.18 -61.91 -18.82
C TRP J 85 10.50 -61.76 -19.54
N PHE J 86 11.26 -62.85 -19.58
CA PHE J 86 12.54 -62.89 -20.28
C PHE J 86 12.43 -63.78 -21.48
N ILE J 87 13.22 -63.46 -22.50
CA ILE J 87 13.42 -64.39 -23.59
C ILE J 87 14.82 -64.97 -23.49
N TYR J 88 14.92 -66.28 -23.27
CA TYR J 88 16.24 -66.91 -23.24
C TYR J 88 16.49 -67.76 -24.47
N CYS J 89 17.72 -67.68 -24.97
CA CYS J 89 18.10 -68.43 -26.16
C CYS J 89 19.48 -69.04 -25.98
N LYS J 90 19.57 -70.36 -26.12
CA LYS J 90 20.85 -71.02 -25.94
C LYS J 90 21.70 -70.95 -27.22
N THR J 91 21.05 -71.08 -28.38
CA THR J 91 21.76 -71.03 -29.67
C THR J 91 22.49 -69.70 -29.88
N ASN J 92 21.77 -68.58 -29.79
CA ASN J 92 22.42 -67.28 -29.82
C ASN J 92 22.08 -66.47 -28.59
N PRO J 93 23.09 -65.88 -27.95
CA PRO J 93 22.82 -65.00 -26.82
C PRO J 93 22.23 -63.64 -27.22
N LYS J 94 22.38 -63.22 -28.46
CA LYS J 94 21.97 -61.88 -28.80
C LYS J 94 20.45 -61.78 -28.86
N HIS J 95 19.73 -62.88 -28.70
CA HIS J 95 18.28 -62.78 -28.74
C HIS J 95 17.71 -62.51 -27.34
N LYS J 96 18.54 -62.51 -26.30
CA LYS J 96 18.08 -62.24 -24.92
C LYS J 96 17.34 -60.91 -24.80
N GLN J 97 16.13 -60.96 -24.22
CA GLN J 97 15.34 -59.76 -23.96
C GLN J 97 14.65 -59.84 -22.61
N ARG J 98 14.30 -58.67 -22.11
CA ARG J 98 13.68 -58.55 -20.82
C ARG J 98 12.59 -57.50 -20.86
N GLN J 99 11.36 -57.90 -20.55
CA GLN J 99 10.24 -56.98 -20.60
C GLN J 99 10.34 -55.98 -19.46
N MET J 100 9.95 -54.73 -19.71
CA MET J 100 9.96 -53.73 -18.64
C MET J 100 8.55 -53.37 -18.16
N1 P5P L 1 -57.49 -73.61 -78.94
C2 P5P L 1 -58.47 -74.56 -78.70
N3 P5P L 1 -59.40 -74.89 -79.59
C4 P5P L 1 -59.27 -74.20 -80.75
C5 P5P L 1 -58.33 -73.24 -81.08
C6 P5P L 1 -57.34 -72.89 -80.12
N7 P5P L 1 -58.54 -72.76 -82.37
C8 P5P L 1 -59.58 -73.43 -82.79
N9 P5P L 1 -60.09 -74.31 -81.86
C1' P5P L 1 -61.25 -75.20 -82.04
C2' P5P L 1 -62.48 -74.68 -81.30
O2' P5P L 1 -63.27 -75.78 -80.89
C3' P5P L 1 -63.19 -73.89 -82.40
O3' P5P L 1 -64.58 -73.68 -82.16
C4' P5P L 1 -62.89 -74.71 -83.65
O4' P5P L 1 -61.56 -75.26 -83.42
C5' P5P L 1 -62.91 -73.95 -84.97
O5' P5P L 1 -61.81 -73.06 -85.08
P P5P L 1 -62.05 -71.51 -85.39
OP1 P5P L 1 -63.45 -71.36 -85.87
OP2 P5P L 1 -60.94 -71.04 -86.27
OP3 P5P L 1 -61.93 -70.79 -84.09
P Y5P L 2 -65.15 -72.21 -81.83
C5' Y5P L 2 -65.03 -71.74 -79.25
O5' Y5P L 2 -64.37 -71.78 -80.51
C4' Y5P L 2 -64.24 -72.44 -78.18
O4' Y5P L 2 -62.95 -72.83 -78.72
C3' Y5P L 2 -63.90 -71.59 -76.96
O3' Y5P L 2 -64.94 -71.54 -76.00
C2' Y5P L 2 -62.62 -72.25 -76.44
O2' Y5P L 2 -62.92 -73.43 -75.68
C1' Y5P L 2 -61.94 -72.68 -77.75
N1 Y5P L 2 -60.96 -71.68 -78.24
C2 Y5P L 2 -59.80 -71.44 -77.49
N3 Y5P L 2 -58.95 -70.51 -78.02
C4 Y5P L 2 -59.10 -69.81 -79.20
C6 Y5P L 2 -61.17 -71.01 -79.42
OP1 Y5P L 2 -66.59 -72.34 -81.51
OP2 Y5P L 2 -64.72 -71.29 -82.91
C5 Y5P L 2 -60.31 -70.11 -79.92
P Y5P L 3 -65.73 -70.17 -75.70
C5' Y5P L 3 -65.23 -69.03 -73.36
O5' Y5P L 3 -65.78 -70.11 -74.10
C4' Y5P L 3 -64.11 -69.49 -72.45
O4' Y5P L 3 -63.18 -70.31 -73.22
C3' Y5P L 3 -63.26 -68.38 -71.86
O3' Y5P L 3 -63.79 -67.84 -70.67
C2' Y5P L 3 -61.89 -69.03 -71.70
O2' Y5P L 3 -61.85 -69.85 -70.53
C1' Y5P L 3 -61.85 -69.94 -72.92
N1 Y5P L 3 -61.32 -69.25 -74.12
C2 Y5P L 3 -60.05 -68.69 -74.10
N3 Y5P L 3 -59.68 -68.08 -75.27
C4 Y5P L 3 -60.42 -67.95 -76.44
C6 Y5P L 3 -62.08 -69.15 -75.25
OP1 Y5P L 3 -67.13 -70.32 -76.16
OP2 Y5P L 3 -64.93 -69.03 -76.24
C5 Y5P L 3 -61.72 -68.55 -76.38
N1 P5P L 4 -62.74 -65.16 -78.01
C2 P5P L 4 -61.56 -64.60 -77.72
N3 P5P L 4 -60.98 -64.40 -76.53
C4 P5P L 4 -61.76 -64.87 -75.54
C5 P5P L 4 -63.01 -65.47 -75.67
C6 P5P L 4 -63.50 -65.62 -76.98
N7 P5P L 4 -63.53 -65.82 -74.43
C8 P5P L 4 -62.60 -65.43 -73.60
N9 P5P L 4 -61.50 -64.85 -74.19
C1' P5P L 4 -60.30 -64.31 -73.52
C2' P5P L 4 -60.54 -62.95 -72.88
O2' P5P L 4 -59.30 -62.26 -72.82
C3' P5P L 4 -60.98 -63.37 -71.48
O3' P5P L 4 -60.86 -62.35 -70.51
C4' P5P L 4 -60.11 -64.59 -71.20
O4' P5P L 4 -59.94 -65.22 -72.50
C5' P5P L 4 -60.67 -65.59 -70.22
O5' P5P L 4 -61.91 -66.14 -70.67
P P5P L 4 -62.90 -66.93 -69.68
OP1 P5P L 4 -62.12 -67.84 -68.80
OP2 P5P L 4 -63.80 -65.94 -69.05
N1 P5P L 5 -60.31 -59.15 -77.49
C2 P5P L 5 -59.70 -58.36 -76.59
N3 P5P L 5 -59.92 -58.26 -75.29
C4 P5P L 5 -60.89 -59.09 -74.89
C5 P5P L 5 -61.61 -59.97 -75.70
C6 P5P L 5 -61.29 -59.99 -77.08
N7 P5P L 5 -62.55 -60.68 -74.95
C8 P5P L 5 -62.38 -60.23 -73.73
N9 P5P L 5 -61.39 -59.26 -73.62
C1' P5P L 5 -60.95 -58.55 -72.41
C2' P5P L 5 -61.67 -57.21 -72.25
O2' P5P L 5 -60.82 -56.34 -71.52
C3' P5P L 5 -62.87 -57.63 -71.40
O3' P5P L 5 -63.51 -56.54 -70.74
C4' P5P L 5 -62.26 -58.65 -70.46
O4' P5P L 5 -61.28 -59.34 -71.28
C5' P5P L 5 -63.22 -59.65 -69.86
O5' P5P L 5 -62.98 -60.96 -70.35
P P5P L 5 -62.08 -62.00 -69.53
OP1 P5P L 5 -61.53 -61.27 -68.35
OP2 P5P L 5 -62.89 -63.24 -69.32
P Y5P L 6 -64.77 -55.81 -71.43
C5' Y5P L 6 -64.57 -53.74 -73.05
O5' Y5P L 6 -64.19 -54.37 -71.84
C4' Y5P L 6 -63.39 -53.61 -73.98
O4' Y5P L 6 -62.83 -54.92 -74.26
C3' Y5P L 6 -63.69 -53.02 -75.36
O3' Y5P L 6 -63.72 -51.60 -75.35
C2' Y5P L 6 -62.58 -53.60 -76.23
O2' Y5P L 6 -61.39 -52.87 -76.08
C1' Y5P L 6 -62.38 -54.99 -75.60
N1 Y5P L 6 -63.11 -56.07 -76.29
C2 Y5P L 6 -62.63 -56.54 -77.50
N3 Y5P L 6 -63.37 -57.56 -78.07
C4 Y5P L 6 -64.52 -58.15 -77.55
C6 Y5P L 6 -64.25 -56.63 -75.72
OP1 Y5P L 6 -65.82 -55.61 -70.41
OP2 Y5P L 6 -65.11 -56.55 -72.67
C5 Y5P L 6 -64.94 -57.62 -76.29
N1 P5P L 7 -65.25 -55.96 -82.61
C2 P5P L 7 -64.50 -54.89 -83.04
N3 P5P L 7 -64.14 -53.90 -82.25
C4 P5P L 7 -64.58 -54.07 -80.98
C5 P5P L 7 -65.35 -55.09 -80.46
C6 P5P L 7 -65.73 -56.15 -81.32
N7 P5P L 7 -65.61 -54.88 -79.11
C8 P5P L 7 -65.02 -53.74 -78.85
N9 P5P L 7 -64.39 -53.20 -79.94
C1' P5P L 7 -63.61 -51.95 -80.01
C2' P5P L 7 -64.22 -50.84 -80.85
O2' P5P L 7 -63.98 -51.03 -82.23
C3' P5P L 7 -63.54 -49.61 -80.25
O3' P5P L 7 -62.20 -49.54 -80.75
C4' P5P L 7 -63.52 -49.96 -78.77
O4' P5P L 7 -63.50 -51.41 -78.69
C5' P5P L 7 -64.70 -49.44 -77.98
O5' P5P L 7 -64.49 -49.54 -76.57
P P5P L 7 -65.04 -50.79 -75.73
OP1 P5P L 7 -65.65 -50.27 -74.48
OP2 P5P L 7 -65.86 -51.61 -76.65
P Y5P L 8 -61.12 -48.55 -80.06
C5' Y5P L 8 -61.82 -46.08 -79.70
O5' Y5P L 8 -61.98 -47.44 -79.34
C4' Y5P L 8 -63.02 -45.55 -80.44
O4' Y5P L 8 -64.06 -45.25 -79.48
C3' Y5P L 8 -62.74 -44.24 -81.17
O3' Y5P L 8 -62.36 -44.48 -82.52
C2' Y5P L 8 -64.05 -43.45 -81.04
O2' Y5P L 8 -64.96 -43.81 -82.07
C1' Y5P L 8 -64.59 -43.97 -79.70
N1 Y5P L 8 -64.20 -43.14 -78.53
C2 Y5P L 8 -64.65 -41.84 -78.36
N3 Y5P L 8 -64.22 -41.26 -77.18
C4 Y5P L 8 -63.42 -41.82 -76.19
C6 Y5P L 8 -63.44 -43.75 -77.55
OP1 Y5P L 8 -60.37 -47.87 -81.16
OP2 Y5P L 8 -60.38 -49.31 -79.01
C5 Y5P L 8 -63.03 -43.16 -76.43
N1 P5P L 9 -63.77 -34.99 -83.19
C2 P5P L 9 -63.38 -35.65 -84.29
N3 P5P L 9 -62.47 -36.62 -84.43
C4 P5P L 9 -61.91 -36.91 -83.24
C5 P5P L 9 -62.20 -36.32 -82.03
C6 P5P L 9 -63.18 -35.31 -82.01
N7 P5P L 9 -61.44 -36.87 -81.00
C8 P5P L 9 -60.71 -37.76 -81.62
N9 P5P L 9 -60.94 -37.85 -82.97
C1' P5P L 9 -60.26 -38.73 -83.93
C2' P5P L 9 -59.38 -39.78 -83.27
O2' P5P L 9 -58.11 -39.26 -82.91
C3' P5P L 9 -59.33 -40.87 -84.35
O3' P5P L 9 -58.29 -40.59 -85.29
C4' P5P L 9 -60.71 -40.77 -85.00
O4' P5P L 9 -61.23 -39.46 -84.65
C5' P5P L 9 -61.69 -41.83 -84.57
O5' P5P L 9 -61.33 -42.34 -83.29
P P5P L 9 -60.98 -43.89 -83.10
OP1 P5P L 9 -60.72 -44.51 -84.42
OP2 P5P L 9 -59.94 -44.01 -82.05
N1 P5P L 10 -54.53 -36.14 -80.08
C2 P5P L 10 -53.53 -37.06 -79.87
N3 P5P L 10 -53.22 -38.01 -80.73
C4 P5P L 10 -54.00 -37.97 -81.84
C5 P5P L 10 -55.02 -37.10 -82.13
C6 P5P L 10 -55.35 -36.08 -81.21
N7 P5P L 10 -55.58 -37.38 -83.37
C8 P5P L 10 -54.91 -38.41 -83.79
N9 P5P L 10 -53.94 -38.84 -82.92
C1' P5P L 10 -53.03 -39.97 -83.17
C2' P5P L 10 -53.06 -41.03 -82.06
O2' P5P L 10 -51.75 -41.55 -81.91
C3' P5P L 10 -53.99 -42.08 -82.67
O3' P5P L 10 -53.76 -43.39 -82.15
C4' P5P L 10 -53.71 -41.98 -84.16
O4' P5P L 10 -53.39 -40.58 -84.38
C5' P5P L 10 -54.84 -42.39 -85.08
O5' P5P L 10 -55.93 -41.49 -84.99
P P5P L 10 -57.30 -41.75 -85.79
OP1 P5P L 10 -57.07 -41.54 -87.24
OP2 P5P L 10 -57.83 -43.06 -85.30
P Y5P L 11 -54.71 -43.98 -81.00
C5' Y5P L 11 -53.28 -43.41 -78.87
O5' Y5P L 11 -54.38 -43.10 -79.71
C4' Y5P L 11 -53.20 -42.47 -77.68
O4' Y5P L 11 -53.22 -41.09 -78.14
C3' Y5P L 11 -54.32 -42.54 -76.67
O3' Y5P L 11 -54.18 -43.59 -75.73
C2' Y5P L 11 -54.30 -41.16 -76.02
O2' Y5P L 11 -53.28 -41.09 -75.04
C1' Y5P L 11 -53.89 -40.28 -77.20
N1 Y5P L 11 -55.07 -39.66 -77.85
C2 Y5P L 11 -55.75 -38.60 -77.22
N3 Y5P L 11 -56.82 -38.05 -77.82
C4 Y5P L 11 -57.23 -38.51 -79.00
C6 Y5P L 11 -55.51 -40.12 -79.07
OP1 Y5P L 11 -54.26 -45.38 -80.70
OP2 Y5P L 11 -56.11 -43.74 -81.43
C5 Y5P L 11 -56.57 -39.58 -79.67
P Y5P L 12 -55.41 -44.06 -74.82
C5' Y5P L 12 -56.44 -43.03 -72.62
O5' Y5P L 12 -55.35 -43.11 -73.53
C4' Y5P L 12 -56.60 -41.62 -72.06
O4' Y5P L 12 -56.32 -40.66 -73.12
C3' Y5P L 12 -57.99 -41.25 -71.56
O3' Y5P L 12 -58.25 -41.68 -70.23
C2' Y5P L 12 -58.00 -39.73 -71.72
O2' Y5P L 12 -57.28 -39.11 -70.65
C1' Y5P L 12 -57.19 -39.56 -73.00
N1 Y5P L 12 -58.06 -39.52 -74.21
C2 Y5P L 12 -58.83 -38.39 -74.42
N3 Y5P L 12 -59.61 -38.43 -75.56
C4 Y5P L 12 -59.69 -39.46 -76.48
C6 Y5P L 12 -58.11 -40.59 -75.09
OP1 Y5P L 12 -55.17 -45.46 -74.38
OP2 Y5P L 12 -56.66 -43.73 -75.55
C5 Y5P L 12 -58.88 -40.60 -76.18
P Y5P L 13 -59.77 -41.89 -69.72
C5' Y5P L 13 -60.38 -39.81 -68.22
O5' Y5P L 13 -60.35 -40.42 -69.51
C4' Y5P L 13 -61.28 -38.60 -68.16
O4' Y5P L 13 -61.04 -37.71 -69.28
C3' Y5P L 13 -62.78 -38.85 -68.20
O3' Y5P L 13 -63.33 -39.27 -66.97
C2' Y5P L 13 -63.33 -37.51 -68.68
O2' Y5P L 13 -63.39 -36.56 -67.62
C1' Y5P L 13 -62.23 -37.06 -69.66
N1 Y5P L 13 -62.56 -37.43 -71.05
C2 Y5P L 13 -63.54 -36.75 -71.74
N3 Y5P L 13 -63.74 -37.21 -73.01
C4 Y5P L 13 -63.08 -38.24 -73.65
C6 Y5P L 13 -61.86 -38.48 -71.63
OP1 Y5P L 13 -59.69 -42.56 -68.40
OP2 Y5P L 13 -60.55 -42.53 -70.82
C5 Y5P L 13 -62.08 -38.89 -72.86
N1 P5P L 14 -69.02 -37.92 -75.82
C2 P5P L 14 -69.28 -36.96 -74.92
N3 P5P L 14 -68.81 -36.80 -73.68
C4 P5P L 14 -67.99 -37.81 -73.36
C5 P5P L 14 -67.63 -38.88 -74.17
C6 P5P L 14 -68.18 -38.92 -75.47
N7 P5P L 14 -66.75 -39.73 -73.51
C8 P5P L 14 -66.60 -39.18 -72.34
N9 P5P L 14 -67.32 -38.01 -72.18
C1' P5P L 14 -67.34 -37.16 -70.97
C2' P5P L 14 -68.74 -37.05 -70.37
O2' P5P L 14 -68.83 -35.81 -69.68
C3' P5P L 14 -68.76 -38.22 -69.40
O3' P5P L 14 -69.67 -38.03 -68.33
C4' P5P L 14 -67.31 -38.31 -68.92
O4' P5P L 14 -66.52 -37.78 -70.02
C5' P5P L 14 -66.81 -39.70 -68.59
O5' P5P L 14 -65.43 -39.73 -68.32
P P5P L 14 -64.89 -39.61 -66.82
OP1 P5P L 14 -65.58 -38.45 -66.20
OP2 P5P L 14 -65.00 -40.95 -66.19
N1 P5P L 15 -71.01 -40.99 -76.49
C2 P5P L 15 -71.68 -39.86 -76.26
N3 P5P L 15 -71.87 -39.21 -75.10
C4 P5P L 15 -71.25 -39.85 -74.09
C5 P5P L 15 -70.51 -41.02 -74.17
C6 P5P L 15 -70.40 -41.61 -75.45
N7 P5P L 15 -70.02 -41.39 -72.94
C8 P5P L 15 -70.46 -40.45 -72.14
N9 P5P L 15 -71.21 -39.49 -72.76
C1' P5P L 15 -71.83 -38.31 -72.12
C2' P5P L 15 -73.35 -38.23 -72.35
O2' P5P L 15 -73.72 -36.86 -72.44
C3' P5P L 15 -73.87 -38.88 -71.08
O3' P5P L 15 -75.20 -38.52 -70.76
C4' P5P L 15 -72.87 -38.44 -70.02
O4' P5P L 15 -71.60 -38.39 -70.73
C5' P5P L 15 -72.74 -39.33 -68.81
O5' P5P L 15 -71.43 -39.85 -68.68
P P5P L 15 -70.41 -39.26 -67.59
OP1 P5P L 15 -71.21 -38.68 -66.48
OP2 P5P L 15 -69.41 -40.30 -67.24
N1 P5P L 16 -65.37 -36.38 -74.91
C2 P5P L 16 -66.06 -35.29 -74.60
N3 P5P L 16 -66.98 -34.64 -75.32
C4 P5P L 16 -67.18 -35.24 -76.51
C5 P5P L 16 -66.54 -36.38 -76.96
C6 P5P L 16 -65.60 -36.97 -76.11
N7 P5P L 16 -66.98 -36.75 -78.21
C8 P5P L 16 -67.87 -35.84 -78.51
N9 P5P L 16 -68.05 -34.91 -77.53
C1' P5P L 16 -68.98 -33.77 -77.61
C2' P5P L 16 -68.20 -32.46 -77.70
O2' P5P L 16 -69.03 -31.40 -77.22
C3' P5P L 16 -67.99 -32.35 -79.20
O3' P5P L 16 -67.63 -31.05 -79.63
C4' P5P L 16 -69.34 -32.81 -79.72
O4' P5P L 16 -69.71 -33.89 -78.81
C5' P5P L 16 -69.37 -33.31 -81.14
O5' P5P L 16 -70.37 -32.62 -81.89
P P5P L 16 -71.91 -32.70 -81.46
OP1 P5P L 16 -72.70 -32.82 -82.70
OP2 P5P L 16 -72.21 -31.62 -80.48
N1 P5P L 17 -61.47 -36.06 -75.50
C2 P5P L 17 -61.86 -35.32 -74.45
N3 P5P L 17 -62.73 -34.31 -74.38
C4 P5P L 17 -63.24 -34.06 -75.60
C5 P5P L 17 -62.94 -34.72 -76.78
C6 P5P L 17 -62.01 -35.78 -76.71
N7 P5P L 17 -63.66 -34.19 -77.84
C8 P5P L 17 -64.37 -33.24 -77.30
N9 P5P L 17 -64.17 -33.09 -75.95
C1' P5P L 17 -64.84 -32.11 -75.07
C2' P5P L 17 -63.92 -30.97 -74.63
O2' P5P L 17 -64.37 -30.51 -73.36
C3' P5P L 17 -64.20 -29.93 -75.72
O3' P5P L 17 -63.92 -28.60 -75.32
C4' P5P L 17 -65.68 -30.13 -76.01
O4' P5P L 17 -65.90 -31.55 -75.80
C5' P5P L 17 -66.11 -29.75 -77.40
O5' P5P L 17 -65.49 -30.58 -78.38
P P5P L 17 -66.07 -30.69 -79.86
OP1 P5P L 17 -65.98 -29.35 -80.49
OP2 P5P L 17 -65.44 -31.86 -80.51
N1 P5P L 18 -57.80 -35.49 -76.73
C2 P5P L 18 -57.44 -35.05 -75.47
N3 P5P L 18 -58.01 -34.00 -74.87
C4 P5P L 18 -58.98 -33.44 -75.62
C5 P5P L 18 -59.40 -33.82 -76.89
C6 P5P L 18 -58.79 -34.93 -77.53
N7 P5P L 18 -60.42 -33.01 -77.36
C8 P5P L 18 -60.60 -32.15 -76.40
N9 P5P L 18 -59.77 -32.35 -75.32
C1' P5P L 18 -59.82 -31.49 -74.12
C2' P5P L 18 -58.52 -30.70 -73.93
O2' P5P L 18 -58.46 -30.27 -72.58
C3' P5P L 18 -58.76 -29.52 -74.87
O3' P5P L 18 -57.99 -28.38 -74.59
C4' P5P L 18 -60.25 -29.26 -74.73
O4' P5P L 18 -60.83 -30.55 -74.36
C5' P5P L 18 -60.88 -28.79 -76.00
O5' P5P L 18 -61.68 -27.63 -75.82
P P5P L 18 -63.17 -27.61 -76.34
OP1 P5P L 18 -63.75 -26.25 -76.17
OP2 P5P L 18 -63.16 -28.24 -77.69
P Y5P L 19 -56.65 -28.11 -75.44
C5' Y5P L 19 -54.27 -29.19 -75.09
O5' Y5P L 19 -55.68 -29.27 -74.94
C4' Y5P L 19 -53.63 -30.54 -74.94
O4' Y5P L 19 -54.67 -31.56 -74.90
C3' Y5P L 19 -52.73 -30.96 -76.08
O3' Y5P L 19 -51.43 -30.45 -75.95
C2' Y5P L 19 -52.81 -32.49 -76.04
O2' Y5P L 19 -51.98 -33.01 -75.01
C1' Y5P L 19 -54.27 -32.69 -75.65
N1 Y5P L 19 -55.15 -32.79 -76.83
C2 Y5P L 19 -55.12 -33.90 -77.67
N3 Y5P L 19 -55.96 -33.93 -78.74
C4 Y5P L 19 -56.78 -32.92 -78.98
C6 Y5P L 19 -56.01 -31.76 -77.09
OP1 Y5P L 19 -56.08 -26.81 -75.00
OP2 Y5P L 19 -56.96 -28.31 -76.88
C5 Y5P L 19 -56.84 -31.78 -78.14
N1 P5P L 20 -53.81 -34.71 -84.27
C2 P5P L 20 -52.80 -35.42 -83.74
N3 P5P L 20 -52.14 -35.23 -82.60
C4 P5P L 20 -52.62 -34.16 -81.95
C5 P5P L 20 -53.65 -33.33 -82.37
C6 P5P L 20 -54.26 -33.64 -83.60
N7 P5P L 20 -53.89 -32.32 -81.47
C8 P5P L 20 -53.01 -32.54 -80.52
N9 P5P L 20 -52.20 -33.63 -80.75
C1' P5P L 20 -51.13 -34.08 -79.83
C2' P5P L 20 -49.81 -34.35 -80.54
O2' P5P L 20 -49.08 -35.30 -79.79
C3' P5P L 20 -49.15 -32.98 -80.48
O3' P5P L 20 -47.74 -33.01 -80.60
C4' P5P L 20 -49.60 -32.44 -79.13
O4' P5P L 20 -50.91 -33.03 -78.91
C5' P5P L 20 -49.72 -30.93 -79.07
O5' P5P L 20 -49.64 -30.45 -77.72
P P5P L 20 -50.81 -29.54 -77.12
OP1 P5P L 20 -50.17 -28.35 -76.47
OP2 P5P L 20 -51.86 -29.33 -78.14
N1 P5P L 21 -54.69 -29.71 -86.61
C2 P5P L 21 -54.29 -30.80 -87.27
N3 P5P L 21 -53.33 -31.68 -86.96
C4 P5P L 21 -52.72 -31.33 -85.80
C5 P5P L 21 -53.02 -30.24 -85.01
C6 P5P L 21 -54.06 -29.40 -85.45
N7 P5P L 21 -52.20 -30.19 -83.90
C8 P5P L 21 -51.43 -31.24 -84.03
N9 P5P L 21 -51.69 -31.98 -85.16
C1' P5P L 21 -51.00 -33.22 -85.59
C2' P5P L 21 -50.37 -33.08 -86.99
O2' P5P L 21 -50.35 -34.37 -87.58
C3' P5P L 21 -48.96 -32.63 -86.61
O3' P5P L 21 -47.99 -32.82 -87.62
C4' P5P L 21 -48.68 -33.43 -85.36
O4' P5P L 21 -49.96 -33.49 -84.69
C5' P5P L 21 -47.63 -32.85 -84.46
O5' P5P L 21 -47.94 -33.07 -83.09
P P5P L 21 -47.03 -32.49 -81.94
OP1 P5P L 21 -45.70 -33.16 -82.06
OP2 P5P L 21 -47.10 -31.00 -81.97
N1 P5P L 22 -53.78 -25.70 -89.25
C2 P5P L 22 -53.71 -26.33 -90.47
N3 P5P L 22 -53.05 -27.45 -90.67
C4 P5P L 22 -52.46 -27.90 -89.54
C5 P5P L 22 -52.46 -27.35 -88.27
C6 P5P L 22 -53.18 -26.13 -88.07
N7 P5P L 22 -51.72 -28.13 -87.39
C8 P5P L 22 -51.29 -29.12 -88.13
N9 P5P L 22 -51.70 -29.03 -89.44
C1' P5P L 22 -51.44 -29.94 -90.57
C2' P5P L 22 -50.71 -29.26 -91.74
O2' P5P L 22 -51.33 -29.64 -92.95
C3' P5P L 22 -49.31 -29.84 -91.61
O3' P5P L 22 -48.60 -29.88 -92.84
C4' P5P L 22 -49.55 -31.23 -91.05
O4' P5P L 22 -50.67 -31.04 -90.15
C5' P5P L 22 -48.40 -31.86 -90.33
O5' P5P L 22 -47.87 -31.00 -89.33
P P5P L 22 -47.07 -31.60 -88.09
OP1 P5P L 22 -45.79 -32.15 -88.61
OP2 P5P L 22 -47.04 -30.62 -86.98
N1 P5P L 23 -52.46 -22.06 -90.59
C2 P5P L 23 -52.65 -22.21 -91.94
N3 P5P L 23 -52.14 -23.21 -92.66
C4 P5P L 23 -51.41 -24.08 -91.91
C5 P5P L 23 -51.16 -24.00 -90.55
C6 P5P L 23 -51.71 -22.93 -89.80
N7 P5P L 23 -50.36 -25.06 -90.14
C8 P5P L 23 -50.15 -25.74 -91.23
N9 P5P L 23 -50.73 -25.21 -92.34
C1' P5P L 23 -50.67 -25.79 -93.70
C2' P5P L 23 -50.28 -24.79 -94.79
O2' P5P L 23 -50.98 -25.14 -95.98
C3' P5P L 23 -48.79 -25.05 -94.95
O3' P5P L 23 -48.27 -24.67 -96.21
C4' P5P L 23 -48.68 -26.55 -94.71
O4' P5P L 23 -49.69 -26.83 -93.71
C5' P5P L 23 -47.33 -27.03 -94.27
O5' P5P L 23 -47.38 -27.70 -93.01
P P5P L 23 -47.12 -29.26 -92.94
OP1 P5P L 23 -46.54 -29.64 -94.24
OP2 P5P L 23 -46.41 -29.56 -91.67
P Y5P L 24 -46.81 -24.03 -96.33
C5' Y5P L 24 -48.13 -21.97 -97.23
O5' Y5P L 24 -47.06 -22.47 -96.43
C4' Y5P L 24 -48.83 -20.83 -96.54
O4' Y5P L 24 -49.62 -21.32 -95.41
C3' Y5P L 24 -47.95 -19.77 -95.92
O3' Y5P L 24 -47.44 -18.85 -96.88
C2' Y5P L 24 -48.87 -19.11 -94.89
O2' Y5P L 24 -49.73 -18.16 -95.51
C1' Y5P L 24 -49.71 -20.31 -94.43
N1 Y5P L 24 -49.29 -20.84 -93.12
C2 Y5P L 24 -49.48 -20.03 -91.99
N3 Y5P L 24 -49.12 -20.49 -90.78
C4 Y5P L 24 -48.58 -21.71 -90.66
C6 Y5P L 24 -48.75 -22.09 -92.99
OP1 Y5P L 24 -46.25 -24.48 -97.64
OP2 Y5P L 24 -46.05 -24.30 -95.10
C5 Y5P L 24 -48.39 -22.56 -91.79
N1 P5P L 25 -46.93 -18.08 -87.58
C2 P5P L 25 -47.29 -16.85 -87.96
N3 P5P L 25 -47.37 -16.34 -89.19
C4 P5P L 25 -47.01 -17.26 -90.11
C5 P5P L 25 -46.62 -18.57 -89.87
C6 P5P L 25 -46.59 -18.98 -88.53
N7 P5P L 25 -46.34 -19.22 -91.06
C8 P5P L 25 -46.55 -18.31 -91.97
N9 P5P L 25 -46.97 -17.10 -91.47
C1' P5P L 25 -47.31 -15.87 -92.20
C2' P5P L 25 -46.25 -14.77 -92.05
O2' P5P L 25 -46.92 -13.53 -91.86
C3' P5P L 25 -45.54 -14.81 -93.40
O3' P5P L 25 -44.98 -13.56 -93.77
C4' P5P L 25 -46.63 -15.26 -94.36
O4' P5P L 25 -47.45 -16.16 -93.58
C5' P5P L 25 -46.19 -15.93 -95.64
O5' P5P L 25 -45.98 -17.33 -95.48
P P5P L 25 -45.94 -18.32 -96.74
OP1 P5P L 25 -45.66 -17.50 -97.95
OP2 P5P L 25 -45.07 -19.50 -96.44
P Y5P L 26 -43.46 -13.45 -94.29
C5' Y5P L 26 -42.05 -12.30 -92.39
O5' Y5P L 26 -42.57 -13.49 -92.97
C4' Y5P L 26 -42.12 -12.34 -90.88
O4' Y5P L 26 -43.26 -13.14 -90.47
C3' Y5P L 26 -40.94 -12.96 -90.16
O3' Y5P L 26 -39.85 -12.06 -89.99
C2' Y5P L 26 -41.55 -13.43 -88.85
O2' Y5P L 26 -41.72 -12.34 -87.95
C1' Y5P L 26 -42.94 -13.88 -89.31
N1 Y5P L 26 -42.96 -15.33 -89.64
C2 Y5P L 26 -43.10 -16.24 -88.61
N3 Y5P L 26 -43.13 -17.57 -88.88
C4 Y5P L 26 -43.02 -17.98 -90.15
C6 Y5P L 26 -42.87 -15.77 -90.94
OP1 Y5P L 26 -43.29 -12.11 -94.91
OP2 Y5P L 26 -43.19 -14.67 -95.09
C5 Y5P L 26 -42.89 -17.07 -91.23
P Y5P L 27 -38.34 -12.53 -90.29
C5' Y5P L 27 -38.02 -14.29 -88.37
O5' Y5P L 27 -38.25 -14.02 -89.75
C4' Y5P L 27 -37.11 -15.48 -88.15
O4' Y5P L 27 -37.88 -16.69 -87.93
C3' Y5P L 27 -36.18 -15.86 -89.30
O3' Y5P L 27 -35.06 -15.01 -89.46
C2' Y5P L 27 -35.83 -17.31 -88.96
O2' Y5P L 27 -34.84 -17.37 -87.95
C1' Y5P L 27 -37.16 -17.82 -88.40
N1 Y5P L 27 -37.95 -18.52 -89.44
C2 Y5P L 27 -37.91 -19.91 -89.46
N3 Y5P L 27 -38.64 -20.50 -90.47
C4 Y5P L 27 -39.39 -19.87 -91.43
C6 Y5P L 27 -38.68 -17.83 -90.39
OP1 Y5P L 27 -37.43 -11.66 -89.49
OP2 Y5P L 27 -38.18 -12.56 -91.77
C5 Y5P L 27 -39.39 -18.44 -91.36
N1 P5P L 28 -30.03 -21.04 -86.89
C2 P5P L 28 -30.05 -21.48 -88.19
N3 P5P L 28 -30.40 -20.73 -89.21
C4 P5P L 28 -30.75 -19.48 -88.85
C5 P5P L 28 -30.76 -18.93 -87.58
C6 P5P L 28 -30.38 -19.75 -86.48
N7 P5P L 28 -31.19 -17.60 -87.63
C8 P5P L 28 -31.41 -17.37 -88.90
N9 P5P L 28 -31.17 -18.47 -89.71
C1' P5P L 28 -31.32 -18.54 -91.17
C2' P5P L 28 -32.13 -19.75 -91.63
O2' P5P L 28 -31.59 -20.22 -92.86
C3' P5P L 28 -33.50 -19.14 -91.86
O3' P5P L 28 -34.32 -19.84 -92.77
C4' P5P L 28 -33.17 -17.73 -92.35
O4' P5P L 28 -31.98 -17.36 -91.63
C5' P5P L 28 -34.24 -16.70 -92.13
O5' P5P L 28 -33.72 -15.54 -91.54
P P5P L 28 -34.67 -14.43 -90.91
OP1 P5P L 28 -33.88 -13.18 -90.70
OP2 P5P L 28 -35.89 -14.40 -91.76
N1 P5P L 29 -33.09 -21.74 -84.27
C2 P5P L 29 -33.06 -23.04 -84.61
N3 P5P L 29 -33.22 -23.60 -85.81
C4 P5P L 29 -33.43 -22.67 -86.76
C5 P5P L 29 -33.49 -21.30 -86.57
C6 P5P L 29 -33.30 -20.82 -85.25
N7 P5P L 29 -33.72 -20.65 -87.77
C8 P5P L 29 -33.80 -21.63 -88.65
N9 P5P L 29 -33.62 -22.87 -88.10
C1' P5P L 29 -33.68 -24.19 -88.76
C2' P5P L 29 -35.12 -24.71 -88.78
O2' P5P L 29 -35.07 -26.13 -88.80
C3' P5P L 29 -35.58 -24.16 -90.13
O3' P5P L 29 -36.77 -24.76 -90.64
C4' P5P L 29 -34.36 -24.40 -91.00
O4' P5P L 29 -33.26 -24.06 -90.11
C5' P5P L 29 -34.28 -23.61 -92.28
O5' P5P L 29 -34.03 -22.23 -92.04
P P5P L 29 -35.14 -21.13 -92.29
OP1 P5P L 29 -36.02 -21.56 -93.40
OP2 P5P L 29 -35.74 -20.82 -90.96
N1 P5P L 30 -35.84 -21.04 -81.87
C2 P5P L 30 -35.67 -22.36 -81.68
N3 P5P L 30 -35.89 -23.38 -82.52
C4 P5P L 30 -36.33 -22.92 -83.70
C5 P5P L 30 -36.55 -21.59 -84.05
C6 P5P L 30 -36.28 -20.61 -83.07
N7 P5P L 30 -37.00 -21.51 -85.36
C8 P5P L 30 -37.05 -22.75 -85.76
N9 P5P L 30 -36.65 -23.66 -84.81
C1' P5P L 30 -36.59 -25.13 -84.96
C2' P5P L 30 -37.64 -25.82 -84.09
O2' P5P L 30 -37.16 -27.11 -83.72
C3' P5P L 30 -38.81 -25.91 -85.06
O3' P5P L 30 -39.74 -26.92 -84.72
C4' P5P L 30 -38.14 -26.15 -86.40
O4' P5P L 30 -36.88 -25.43 -86.31
C5' P5P L 30 -38.91 -25.67 -87.60
O5' P5P L 30 -38.15 -25.76 -88.80
P P5P L 30 -38.17 -24.58 -89.89
OP1 P5P L 30 -39.24 -24.81 -90.90
OP2 P5P L 30 -38.14 -23.33 -89.09
N1 P5P L 31 -39.53 -17.82 -81.74
C2 P5P L 31 -39.61 -18.54 -80.61
N3 P5P L 31 -39.70 -19.86 -80.47
C4 P5P L 31 -39.69 -20.48 -81.66
C5 P5P L 31 -39.61 -19.87 -82.91
C6 P5P L 31 -39.52 -18.47 -82.93
N7 P5P L 31 -39.64 -20.84 -83.91
C8 P5P L 31 -39.74 -21.98 -83.27
N9 P5P L 31 -39.77 -21.84 -81.91
C1' P5P L 31 -39.87 -22.88 -80.87
C2' P5P L 31 -41.26 -22.89 -80.19
O2' P5P L 31 -41.07 -23.14 -78.81
C3' P5P L 31 -41.92 -24.08 -80.87
O3' P5P L 31 -42.98 -24.63 -80.11
C4' P5P L 31 -40.75 -25.03 -81.07
O4' P5P L 31 -39.66 -24.16 -81.42
C5' P5P L 31 -40.92 -26.13 -82.10
O5' P5P L 31 -41.41 -25.65 -83.34
P P5P L 31 -41.30 -26.53 -84.67
OP1 P5P L 31 -42.07 -27.80 -84.53
OP2 P5P L 31 -41.57 -25.65 -85.83
N1 P5P L 32 -43.08 -16.63 -83.36
C2 P5P L 32 -43.17 -16.39 -82.05
N3 P5P L 32 -43.26 -17.24 -81.04
C4 P5P L 32 -43.25 -18.52 -81.51
C5 P5P L 32 -43.17 -18.93 -82.82
C6 P5P L 32 -43.08 -17.92 -83.80
N7 P5P L 32 -43.19 -20.31 -82.90
C8 P5P L 32 -43.29 -20.70 -81.66
N9 P5P L 32 -43.32 -19.66 -80.76
C1' P5P L 32 -43.44 -19.72 -79.29
C2' P5P L 32 -44.72 -19.04 -78.84
O2' P5P L 32 -44.53 -18.57 -77.51
C3' P5P L 32 -45.69 -20.22 -78.87
O3' P5P L 32 -46.86 -20.02 -78.09
C4' P5P L 32 -44.83 -21.37 -78.36
O4' P5P L 32 -43.51 -21.07 -78.91
C5' P5P L 32 -45.25 -22.75 -78.79
O5' P5P L 32 -44.93 -23.01 -80.15
P P5P L 32 -44.50 -24.48 -80.60
OP1 P5P L 32 -45.34 -25.45 -79.84
OP2 P5P L 32 -44.50 -24.53 -82.10
P Y5P L 33 -48.30 -20.18 -78.78
C5' Y5P L 33 -48.09 -17.57 -78.49
O5' Y5P L 33 -48.84 -18.69 -78.94
C4' Y5P L 33 -48.10 -16.44 -79.50
O4' Y5P L 33 -46.89 -16.49 -80.30
C3' Y5P L 33 -49.22 -16.45 -80.53
O3' Y5P L 33 -50.45 -15.94 -80.05
C2' Y5P L 33 -48.63 -15.64 -81.67
O2' Y5P L 33 -48.67 -14.24 -81.40
C1' Y5P L 33 -47.18 -16.09 -81.62
N1 Y5P L 33 -46.95 -17.25 -82.52
C2 Y5P L 33 -46.76 -16.97 -83.85
N3 Y5P L 33 -46.57 -18.06 -84.66
C4 Y5P L 33 -46.59 -19.38 -84.28
C6 Y5P L 33 -47.00 -18.56 -82.08
OP1 Y5P L 33 -49.18 -20.93 -77.84
OP2 Y5P L 33 -48.05 -20.73 -80.14
C5 Y5P L 33 -46.83 -19.60 -82.89
N1 P5P L 34 -50.21 -18.67 -88.60
C2 P5P L 34 -50.55 -17.37 -88.92
N3 P5P L 34 -50.76 -16.42 -88.04
C4 P5P L 34 -50.62 -16.86 -86.78
C5 P5P L 34 -50.29 -18.13 -86.35
C6 P5P L 34 -50.06 -19.16 -87.30
N7 P5P L 34 -50.24 -18.19 -84.96
C8 P5P L 34 -50.54 -16.97 -84.58
N9 P5P L 34 -50.78 -16.12 -85.63
C1' P5P L 34 -51.13 -14.68 -85.53
C2' P5P L 34 -52.55 -14.40 -86.01
O2' P5P L 34 -52.61 -13.06 -86.48
C3' P5P L 34 -53.34 -14.57 -84.72
O3' P5P L 34 -54.61 -13.94 -84.74
C4' P5P L 34 -52.38 -13.97 -83.67
O4' P5P L 34 -51.06 -14.31 -84.16
C5' P5P L 34 -52.53 -14.48 -82.27
O5' P5P L 34 -51.92 -15.75 -82.11
P P5P L 34 -51.84 -16.46 -80.69
OP1 P5P L 34 -52.95 -15.90 -79.87
OP2 P5P L 34 -51.75 -17.93 -80.91
P Y5P L 35 -55.96 -14.81 -84.82
C5' Y5P L 35 -56.31 -14.29 -87.38
O5' Y5P L 35 -56.07 -15.25 -86.36
C4' Y5P L 35 -56.15 -14.91 -88.75
O4' Y5P L 35 -54.78 -15.34 -88.94
C3' Y5P L 35 -56.97 -16.15 -89.04
O3' Y5P L 35 -58.32 -15.88 -89.38
C2' Y5P L 35 -56.18 -16.82 -90.14
O2' Y5P L 35 -56.41 -16.19 -91.39
C1' Y5P L 35 -54.74 -16.52 -89.72
N1 Y5P L 35 -54.19 -17.61 -88.88
C2 Y5P L 35 -53.70 -18.77 -89.51
N3 Y5P L 35 -53.21 -19.77 -88.75
C4 Y5P L 35 -53.21 -19.66 -87.42
C6 Y5P L 35 -54.18 -17.52 -87.52
OP1 Y5P L 35 -57.06 -13.84 -84.54
OP2 Y5P L 35 -55.85 -16.03 -83.98
C5 Y5P L 35 -53.69 -18.51 -86.75
P Y5P L 36 -59.49 -16.91 -88.96
C5' Y5P L 36 -59.72 -19.10 -90.36
O5' Y5P L 36 -58.96 -18.31 -89.47
C4' Y5P L 36 -58.85 -19.81 -91.35
O4' Y5P L 36 -57.46 -19.71 -90.94
C3' Y5P L 36 -59.09 -21.31 -91.47
O3' Y5P L 36 -60.19 -21.64 -92.31
C2' Y5P L 36 -57.75 -21.83 -91.96
O2' Y5P L 36 -57.60 -21.59 -93.35
C1' Y5P L 36 -56.79 -20.93 -91.21
N1 Y5P L 36 -56.35 -21.51 -89.91
C2 Y5P L 36 -55.59 -22.69 -89.90
N3 Y5P L 36 -55.19 -23.22 -88.73
C4 Y5P L 36 -55.52 -22.62 -87.58
C6 Y5P L 36 -56.67 -20.91 -88.73
OP1 Y5P L 36 -60.74 -16.57 -89.69
OP2 Y5P L 36 -59.54 -16.98 -87.48
C5 Y5P L 36 -56.28 -21.43 -87.56
P Y5P L 37 -61.33 -22.66 -91.79
C5' Y5P L 37 -59.80 -24.75 -91.61
O5' Y5P L 37 -60.82 -24.08 -92.32
C4' Y5P L 37 -59.26 -25.93 -92.37
O4' Y5P L 37 -57.85 -26.04 -92.07
C3' Y5P L 37 -59.87 -27.27 -91.97
O3' Y5P L 37 -61.00 -27.62 -92.74
C2' Y5P L 37 -58.70 -28.24 -92.09
O2' Y5P L 37 -58.51 -28.60 -93.45
C1' Y5P L 37 -57.53 -27.35 -91.67
N1 Y5P L 37 -57.29 -27.32 -90.20
C2 Y5P L 37 -56.81 -28.42 -89.51
N3 Y5P L 37 -56.61 -28.25 -88.16
C4 Y5P L 37 -56.85 -27.09 -87.44
C6 Y5P L 37 -57.52 -26.15 -89.50
OP1 Y5P L 37 -62.61 -22.38 -92.48
OP2 Y5P L 37 -61.26 -22.68 -90.31
C5 Y5P L 37 -57.33 -25.99 -88.21
N1 P5P L 38 -57.75 -32.89 -86.01
C2 P5P L 38 -57.59 -33.68 -87.08
N3 P5P L 38 -57.94 -33.46 -88.33
C4 P5P L 38 -58.54 -32.27 -88.47
C5 P5P L 38 -58.77 -31.34 -87.47
C6 P5P L 38 -58.35 -31.69 -86.19
N7 P5P L 38 -59.41 -30.22 -87.98
C8 P5P L 38 -59.53 -30.48 -89.26
N9 P5P L 38 -59.02 -31.70 -89.63
C1' P5P L 38 -58.99 -32.33 -90.97
C2' P5P L 38 -59.97 -33.49 -91.08
O2' P5P L 38 -59.40 -34.49 -91.92
C3' P5P L 38 -61.17 -32.83 -91.73
O3' P5P L 38 -62.02 -33.73 -92.40
C4' P5P L 38 -60.53 -31.79 -92.65
O4' P5P L 38 -59.34 -31.37 -91.95
C5' P5P L 38 -61.36 -30.60 -93.04
O5' P5P L 38 -61.80 -29.88 -91.91
P P5P L 38 -62.25 -28.36 -92.04
OP1 P5P L 38 -63.46 -28.28 -92.92
OP2 P5P L 38 -62.31 -27.79 -90.65
N1 P5P L 39 -59.27 -34.72 -83.89
C2 P5P L 39 -58.92 -35.69 -84.78
N3 P5P L 39 -59.53 -35.86 -85.95
C4 P5P L 39 -60.50 -34.96 -86.14
C5 P5P L 39 -60.92 -33.94 -85.32
C6 P5P L 39 -60.28 -33.78 -84.06
N7 P5P L 39 -61.96 -33.23 -85.89
C8 P5P L 39 -62.16 -33.80 -87.04
N9 P5P L 39 -61.31 -34.85 -87.25
C1' P5P L 39 -61.28 -35.72 -88.45
C2' P5P L 39 -61.94 -37.07 -88.19
O2' P5P L 39 -61.34 -38.03 -89.04
C3' P5P L 39 -63.39 -36.78 -88.62
O3' P5P L 39 -64.12 -37.94 -88.96
C4' P5P L 39 -63.20 -35.83 -89.80
O4' P5P L 39 -62.02 -35.06 -89.46
C5' P5P L 39 -64.35 -34.89 -90.08
O5' P5P L 39 -63.91 -33.68 -90.71
P P5P L 39 -63.63 -33.62 -92.27
OP1 P5P L 39 -64.21 -34.86 -92.86
OP2 P5P L 39 -64.06 -32.29 -92.77
N1 P5P L 40 -65.43 -37.51 -80.53
C2 P5P L 40 -64.73 -38.63 -80.74
N3 P5P L 40 -64.63 -39.34 -81.85
C4 P5P L 40 -65.37 -38.81 -82.83
C5 P5P L 40 -66.15 -37.67 -82.77
C6 P5P L 40 -66.17 -37.00 -81.54
N7 P5P L 40 -66.78 -37.41 -83.98
C8 P5P L 40 -66.36 -38.38 -84.75
N9 P5P L 40 -65.52 -39.26 -84.12
C1' P5P L 40 -64.86 -40.47 -84.65
C2' P5P L 40 -65.82 -41.66 -84.72
O2' P5P L 40 -65.09 -42.86 -84.46
C3' P5P L 40 -66.28 -41.60 -86.17
O3' P5P L 40 -66.77 -42.84 -86.68
C4' P5P L 40 -65.04 -41.13 -86.90
O4' P5P L 40 -64.41 -40.22 -85.96
C5' P5P L 40 -65.27 -40.43 -88.22
O5' P5P L 40 -66.07 -39.26 -88.08
P P5P L 40 -65.72 -37.94 -88.90
OP1 P5P L 40 -66.24 -38.11 -90.29
OP2 P5P L 40 -66.15 -36.77 -88.09
P Y5P L 41 -68.24 -43.37 -86.27
C5' Y5P L 41 -69.29 -44.00 -83.96
O5' Y5P L 41 -68.13 -43.68 -84.71
C4' Y5P L 41 -68.96 -44.28 -82.51
O4' Y5P L 41 -68.45 -43.08 -81.89
C3' Y5P L 41 -70.15 -44.74 -81.67
O3' Y5P L 41 -69.82 -45.81 -80.76
C2' Y5P L 41 -70.55 -43.48 -80.89
O2' Y5P L 41 -71.17 -43.71 -79.65
C1' Y5P L 41 -69.21 -42.76 -80.73
N1 Y5P L 41 -69.31 -41.29 -80.65
C2 Y5P L 41 -69.13 -40.65 -79.42
N3 Y5P L 41 -69.23 -39.28 -79.44
C4 Y5P L 41 -69.48 -38.47 -80.54
C6 Y5P L 41 -69.55 -40.52 -81.77
OP1 Y5P L 41 -68.45 -44.68 -86.96
OP2 Y5P L 41 -69.22 -42.27 -86.45
C5 Y5P L 41 -69.64 -39.18 -81.77
N1 P5P L 42 -68.68 -55.48 -83.42
C2 P5P L 42 -68.14 -54.91 -84.56
N3 P5P L 42 -67.65 -53.69 -84.60
C4 P5P L 42 -67.71 -53.06 -83.40
C5 P5P L 42 -68.22 -53.54 -82.21
C6 P5P L 42 -68.76 -54.86 -82.17
N7 P5P L 42 -68.11 -52.58 -81.20
C8 P5P L 42 -67.54 -51.57 -81.79
N9 P5P L 42 -67.26 -51.78 -83.12
C1' P5P L 42 -66.65 -50.84 -84.07
C2' P5P L 42 -67.68 -50.25 -85.03
O2' P5P L 42 -67.05 -49.94 -86.26
C3' P5P L 42 -68.08 -48.97 -84.29
O3' P5P L 42 -68.70 -48.01 -85.12
C4' P5P L 42 -66.75 -48.52 -83.70
O4' P5P L 42 -66.07 -49.77 -83.35
C5' P5P L 42 -66.79 -47.62 -82.48
O5' P5P L 42 -68.10 -47.17 -82.14
P P5P L 42 -68.37 -46.55 -80.70
OP1 P5P L 42 -68.56 -47.73 -79.81
OP2 P5P L 42 -67.32 -45.57 -80.34
N1 P5P L 43 -72.79 -56.28 -84.59
C2 P5P L 43 -72.62 -56.30 -85.92
N3 P5P L 43 -72.08 -55.39 -86.72
C4 P5P L 43 -71.66 -54.31 -86.02
C5 P5P L 43 -71.78 -54.13 -84.65
C6 P5P L 43 -72.37 -55.17 -83.91
N7 P5P L 43 -71.25 -52.90 -84.26
C8 P5P L 43 -70.85 -52.37 -85.38
N9 P5P L 43 -71.05 -53.16 -86.49
C1' P5P L 43 -70.72 -52.84 -87.89
C2' P5P L 43 -71.97 -52.48 -88.68
O2' P5P L 43 -71.72 -52.74 -90.05
C3' P5P L 43 -72.06 -50.98 -88.42
O3' P5P L 43 -72.91 -50.29 -89.32
C4' P5P L 43 -70.59 -50.57 -88.48
O4' P5P L 43 -69.89 -51.69 -87.89
C5' P5P L 43 -70.22 -49.28 -87.77
O5' P5P L 43 -70.45 -49.36 -86.37
P P5P L 43 -70.28 -48.08 -85.42
OP1 P5P L 43 -70.64 -46.88 -86.21
OP2 P5P L 43 -70.99 -48.36 -84.14
N1 P5P L 44 -76.70 -56.52 -83.08
C2 P5P L 44 -77.15 -57.16 -84.21
N3 P5P L 44 -76.99 -56.66 -85.44
C4 P5P L 44 -76.31 -55.49 -85.44
C5 P5P L 44 -75.82 -54.79 -84.36
C6 P5P L 44 -76.00 -55.31 -83.05
N7 P5P L 44 -75.18 -53.62 -84.78
C8 P5P L 44 -75.31 -53.63 -86.08
N9 P5P L 44 -75.97 -54.74 -86.55
C1' P5P L 44 -76.30 -55.06 -87.94
C2' P5P L 44 -77.73 -54.64 -88.31
O2' P5P L 44 -78.24 -55.55 -89.26
C3' P5P L 44 -77.48 -53.26 -88.92
O3' P5P L 44 -78.54 -52.80 -89.76
C4' P5P L 44 -76.16 -53.47 -89.67
O4' P5P L 44 -75.42 -54.36 -88.80
C5' P5P L 44 -75.36 -52.22 -89.98
O5' P5P L 44 -75.12 -51.43 -88.81
P P5P L 44 -74.45 -49.99 -88.92
OP1 P5P L 44 -75.08 -49.26 -90.05
OP2 P5P L 44 -74.46 -49.39 -87.56
P Y5P L 45 -79.80 -52.03 -89.14
C5' Y5P L 45 -81.62 -53.06 -87.54
O5' Y5P L 45 -80.76 -53.21 -88.67
C4' Y5P L 45 -81.83 -54.37 -86.83
O4' Y5P L 45 -80.54 -54.90 -86.39
C3' Y5P L 45 -82.67 -54.31 -85.56
O3' Y5P L 45 -84.07 -54.31 -85.80
C2' Y5P L 45 -82.17 -55.53 -84.79
O2' Y5P L 45 -82.73 -56.73 -85.31
C1' Y5P L 45 -80.68 -55.50 -85.12
N1 Y5P L 45 -79.90 -54.70 -84.14
C2 Y5P L 45 -79.67 -55.19 -82.85
N3 Y5P L 45 -78.95 -54.43 -81.97
C4 Y5P L 45 -78.47 -53.25 -82.35
C6 Y5P L 45 -79.40 -53.48 -84.51
OP1 Y5P L 45 -80.47 -51.29 -90.24
OP2 Y5P L 45 -79.35 -51.28 -87.93
C5 Y5P L 45 -78.69 -52.73 -83.66
P Y5P L 46 -85.02 -53.35 -84.93
C5' Y5P L 46 -85.43 -55.29 -83.19
O5' Y5P L 46 -84.95 -53.97 -83.45
C4' Y5P L 46 -85.27 -55.66 -81.73
O4' Y5P L 46 -83.86 -55.72 -81.39
C3' Y5P L 46 -85.85 -54.68 -80.72
O3' Y5P L 46 -87.25 -54.83 -80.54
C2' Y5P L 46 -85.03 -54.98 -79.46
O2' Y5P L 46 -85.52 -56.13 -78.80
C1' Y5P L 46 -83.66 -55.29 -80.05
N1 Y5P L 46 -82.76 -54.11 -80.06
C2 Y5P L 46 -82.18 -53.66 -78.85
N3 Y5P L 46 -81.36 -52.58 -78.89
C4 Y5P L 46 -81.09 -51.97 -80.05
C6 Y5P L 46 -82.47 -53.47 -81.24
OP1 Y5P L 46 -86.42 -53.50 -85.43
OP2 Y5P L 46 -84.41 -51.99 -84.89
C5 Y5P L 46 -81.66 -52.41 -81.28
N1 P5P L 47 -80.07 -52.34 -76.10
C2 P5P L 47 -80.51 -53.09 -75.09
N3 P5P L 47 -80.11 -53.09 -73.81
C4 P5P L 47 -79.12 -52.19 -73.61
C5 P5P L 47 -78.56 -51.35 -74.57
C6 P5P L 47 -79.08 -51.46 -75.88
N7 P5P L 47 -77.57 -50.56 -74.01
C8 P5P L 47 -77.54 -50.92 -72.75
N9 P5P L 47 -78.45 -51.91 -72.44
C1' P5P L 47 -78.69 -52.54 -71.12
C2' P5P L 47 -78.33 -54.03 -71.15
O2' P5P L 47 -79.15 -54.71 -70.20
C3' P5P L 47 -76.87 -53.98 -70.67
O3' P5P L 47 -76.39 -55.23 -70.19
C4' P5P L 47 -76.91 -52.88 -69.62
O4' P5P L 47 -77.86 -51.91 -70.16
C5' P5P L 47 -75.60 -52.20 -69.32
O5' P5P L 47 -74.96 -51.73 -70.49
P P5P L 47 -73.41 -51.33 -70.48
OP1 P5P L 47 -72.83 -51.68 -71.81
OP2 P5P L 47 -72.79 -51.85 -69.24
N1 P5P L 48 -78.97 -55.46 -79.21
C2 P5P L 48 -79.84 -56.43 -78.76
N3 P5P L 48 -79.91 -56.81 -77.50
C4 P5P L 48 -79.03 -56.15 -76.70
C5 P5P L 48 -78.13 -55.17 -77.05
C6 P5P L 48 -78.05 -54.77 -78.42
N7 P5P L 48 -77.40 -54.75 -75.95
C8 P5P L 48 -77.87 -55.46 -74.96
N9 P5P L 48 -78.86 -56.33 -75.35
C1' P5P L 48 -79.59 -57.27 -74.48
C2' P5P L 48 -79.18 -58.72 -74.76
O2' P5P L 48 -80.30 -59.57 -74.53
C3' P5P L 48 -78.10 -58.93 -73.69
O3' P5P L 48 -77.85 -60.29 -73.41
C4' P5P L 48 -78.66 -58.15 -72.52
O4' P5P L 48 -79.30 -57.00 -73.12
C5' P5P L 48 -77.65 -57.70 -71.48
O5' P5P L 48 -76.63 -56.91 -72.06
P P5P L 48 -75.52 -56.19 -71.15
OP1 P5P L 48 -74.88 -57.22 -70.30
OP2 P5P L 48 -74.69 -55.36 -72.05
P Y5P L 49 -76.59 -61.04 -74.09
C5' Y5P L 49 -78.08 -62.14 -75.94
O5' Y5P L 49 -77.04 -61.24 -75.60
C4' Y5P L 49 -78.38 -62.15 -77.43
O4' Y5P L 49 -78.89 -60.86 -77.83
C3' Y5P L 49 -77.19 -62.38 -78.34
O3' Y5P L 49 -76.76 -63.73 -78.43
C2' Y5P L 49 -77.69 -61.78 -79.67
O2' Y5P L 49 -78.61 -62.67 -80.30
C1' Y5P L 49 -78.46 -60.57 -79.15
N1 Y5P L 49 -77.60 -59.35 -79.14
C2 Y5P L 49 -77.56 -58.54 -80.27
N3 Y5P L 49 -76.76 -57.43 -80.27
C4 Y5P L 49 -76.00 -57.14 -79.21
C6 Y5P L 49 -76.81 -59.05 -78.06
OP1 Y5P L 49 -76.48 -62.40 -73.48
OP2 Y5P L 49 -75.42 -60.13 -74.07
C5 Y5P L 49 -76.02 -57.97 -78.04
P Y5P L 50 -75.19 -64.06 -78.62
C5' Y5P L 50 -75.57 -64.41 -81.19
O5' Y5P L 50 -74.90 -63.71 -80.14
C4' Y5P L 50 -75.45 -63.69 -82.51
O4' Y5P L 50 -76.00 -62.34 -82.42
C3' Y5P L 50 -74.06 -63.47 -83.07
O3' Y5P L 50 -73.46 -64.62 -83.63
C2' Y5P L 50 -74.30 -62.35 -84.08
O2' Y5P L 50 -74.93 -62.86 -85.26
C1' Y5P L 50 -75.33 -61.49 -83.33
N1 Y5P L 50 -74.67 -60.39 -82.58
C2 Y5P L 50 -74.30 -59.25 -83.31
N3 Y5P L 50 -73.68 -58.27 -82.57
C4 Y5P L 50 -73.40 -58.30 -81.22
C6 Y5P L 50 -74.40 -60.47 -81.24
OP1 Y5P L 50 -75.00 -65.53 -78.42
OP2 Y5P L 50 -74.41 -63.11 -77.77
C5 Y5P L 50 -73.80 -59.50 -80.55
P Y5P L 51 -71.86 -64.79 -83.62
C5' Y5P L 51 -71.81 -63.98 -86.12
O5' Y5P L 51 -71.36 -63.81 -84.78
C4' Y5P L 51 -71.55 -62.75 -86.96
O4' Y5P L 51 -72.17 -61.58 -86.34
C3' Y5P L 51 -70.09 -62.33 -87.13
O3' Y5P L 51 -69.40 -63.08 -88.13
C2' Y5P L 51 -70.20 -60.84 -87.44
O2' Y5P L 51 -70.58 -60.62 -88.79
C1' Y5P L 51 -71.36 -60.43 -86.54
N1 Y5P L 51 -70.91 -59.94 -85.21
C2 Y5P L 51 -70.30 -58.69 -85.13
N3 Y5P L 51 -69.92 -58.32 -83.86
C4 Y5P L 51 -70.07 -59.03 -82.69
C6 Y5P L 51 -71.09 -60.69 -84.07
OP1 Y5P L 51 -71.53 -66.19 -84.01
OP2 Y5P L 51 -71.35 -64.26 -82.32
C5 Y5P L 51 -70.71 -60.30 -82.86
P Y5P L 52 -67.87 -63.51 -87.91
C5' Y5P L 52 -66.99 -61.54 -89.43
O5' Y5P L 52 -67.04 -62.16 -88.15
C4' Y5P L 52 -66.39 -60.16 -89.37
O4' Y5P L 52 -67.20 -59.29 -88.53
C3' Y5P L 52 -65.00 -60.05 -88.74
O3' Y5P L 52 -63.94 -60.41 -89.62
C2' Y5P L 52 -64.95 -58.60 -88.29
O2' Y5P L 52 -64.75 -57.72 -89.39
C1' Y5P L 52 -66.39 -58.41 -87.79
N1 Y5P L 52 -66.51 -58.76 -86.35
C2 Y5P L 52 -66.05 -57.87 -85.38
N3 Y5P L 52 -66.17 -58.21 -84.07
C4 Y5P L 52 -66.70 -59.38 -83.71
C6 Y5P L 52 -67.05 -59.95 -85.96
OP1 Y5P L 52 -67.51 -64.48 -88.98
OP2 Y5P L 52 -67.69 -63.91 -86.50
C5 Y5P L 52 -67.17 -60.31 -84.68
N1 P5P L 53 -62.59 -57.53 -80.79
C2 P5P L 53 -61.98 -56.57 -81.50
N3 P5P L 53 -61.77 -56.50 -82.81
C4 P5P L 53 -62.25 -57.58 -83.43
C5 P5P L 53 -62.89 -58.66 -82.85
C6 P5P L 53 -63.06 -58.61 -81.45
N7 P5P L 53 -63.25 -59.61 -83.81
C8 P5P L 53 -62.82 -59.09 -84.94
N9 P5P L 53 -62.21 -57.86 -84.78
C1' P5P L 53 -61.62 -56.99 -85.82
C2' P5P L 53 -60.09 -57.08 -85.82
O2' P5P L 53 -59.57 -55.81 -86.19
C3' P5P L 53 -59.84 -58.12 -86.92
O3' P5P L 53 -58.53 -58.09 -87.46
C4' P5P L 53 -60.94 -57.77 -87.92
O4' P5P L 53 -62.06 -57.40 -87.11
C5' P5P L 53 -61.33 -58.86 -88.89
O5' P5P L 53 -61.86 -60.01 -88.22
P P5P L 53 -62.62 -61.15 -89.04
OP1 P5P L 53 -61.77 -61.56 -90.19
OP2 P5P L 53 -63.06 -62.18 -88.06
P Y5P L 54 -57.40 -59.08 -86.88
C5' Y5P L 54 -56.44 -57.16 -85.37
O5' Y5P L 54 -57.02 -58.45 -85.46
C4' Y5P L 54 -56.48 -56.63 -83.95
O4' Y5P L 54 -57.84 -56.65 -83.45
C3' Y5P L 54 -55.69 -57.39 -82.90
O3' Y5P L 54 -54.29 -57.11 -82.93
C2' Y5P L 54 -56.36 -56.97 -81.60
O2' Y5P L 54 -55.94 -55.68 -81.21
C1' Y5P L 54 -57.83 -56.88 -82.05
N1 Y5P L 54 -58.58 -58.12 -81.75
C2 Y5P L 54 -59.01 -58.31 -80.45
N3 Y5P L 54 -59.70 -59.47 -80.22
C4 Y5P L 54 -60.02 -60.45 -81.14
C6 Y5P L 54 -58.86 -59.07 -82.72
OP1 Y5P L 54 -56.20 -58.98 -87.76
OP2 Y5P L 54 -58.03 -60.41 -86.65
C5 Y5P L 54 -59.54 -60.20 -82.46
N1 P5P L 55 -58.40 -62.04 -75.93
C2 P5P L 55 -57.80 -61.02 -75.31
N3 P5P L 55 -56.97 -60.10 -75.82
C4 P5P L 55 -56.78 -60.29 -77.13
C5 P5P L 55 -57.33 -61.30 -77.92
C6 P5P L 55 -58.17 -62.20 -77.27
N7 P5P L 55 -56.90 -61.19 -79.25
C8 P5P L 55 -56.12 -60.14 -79.24
N9 P5P L 55 -55.99 -59.55 -77.99
C1' P5P L 55 -55.19 -58.36 -77.66
C2' P5P L 55 -54.09 -58.65 -76.64
O2' P5P L 55 -53.91 -57.50 -75.83
C3' P5P L 55 -52.89 -58.88 -77.54
O3' P5P L 55 -51.64 -58.65 -76.90
C4' P5P L 55 -53.14 -57.93 -78.71
O4' P5P L 55 -54.58 -57.89 -78.84
C5' P5P L 55 -52.51 -58.32 -80.03
O5' P5P L 55 -53.50 -58.58 -81.02
P P5P L 55 -53.22 -58.26 -82.56
OP1 P5P L 55 -51.86 -57.65 -82.63
OP2 P5P L 55 -53.52 -59.46 -83.37
N1 P5P L 56 -57.75 -66.26 -75.65
C2 P5P L 56 -57.40 -65.76 -74.45
N3 P5P L 56 -56.49 -64.84 -74.16
C4 P5P L 56 -55.86 -64.41 -75.30
C5 P5P L 56 -56.11 -64.85 -76.59
C6 P5P L 56 -57.11 -65.82 -76.76
N7 P5P L 56 -55.29 -64.20 -77.50
C8 P5P L 56 -54.57 -63.40 -76.76
N9 P5P L 56 -54.87 -63.47 -75.41
C1' P5P L 56 -54.22 -62.71 -74.34
C2' P5P L 56 -53.47 -63.62 -73.38
O2' P5P L 56 -53.29 -62.95 -72.14
C3' P5P L 56 -52.13 -63.76 -74.12
O3' P5P L 56 -51.06 -64.22 -73.31
C4' P5P L 56 -51.92 -62.35 -74.67
O4' P5P L 56 -53.27 -61.86 -74.95
C5' P5P L 56 -51.07 -62.26 -75.91
O5' P5P L 56 -51.44 -61.16 -76.73
P P5P L 56 -50.56 -59.83 -76.78
OP1 P5P L 56 -49.88 -59.71 -75.46
OP2 P5P L 56 -49.73 -59.85 -78.02
N1 P5P L 57 -56.81 -69.76 -76.20
C2 P5P L 57 -57.02 -69.89 -74.88
N3 P5P L 57 -56.40 -69.30 -73.86
C4 P5P L 57 -55.43 -68.48 -74.31
C5 P5P L 57 -55.09 -68.25 -75.63
C6 P5P L 57 -55.83 -68.93 -76.62
N7 P5P L 57 -54.03 -67.36 -75.73
C8 P5P L 57 -53.76 -67.07 -74.48
N9 P5P L 57 -54.57 -67.71 -73.56
C1' P5P L 57 -54.52 -67.60 -72.09
C2' P5P L 57 -54.02 -68.89 -71.43
O2' P5P L 57 -54.58 -68.97 -70.13
C3' P5P L 57 -52.52 -68.62 -71.37
O3' P5P L 57 -51.83 -69.45 -70.45
C4' P5P L 57 -52.46 -67.14 -71.03
O4' P5P L 57 -53.60 -66.58 -71.73
C5' P5P L 57 -51.20 -66.42 -71.43
O5' P5P L 57 -50.85 -66.69 -72.78
P P5P L 57 -50.24 -65.55 -73.73
OP1 P5P L 57 -48.82 -65.35 -73.37
OP2 P5P L 57 -50.61 -65.89 -75.13
P Y5P L 58 -51.01 -70.72 -70.98
C5' Y5P L 58 -53.16 -72.15 -70.61
O5' Y5P L 58 -52.14 -71.72 -71.50
C4' Y5P L 58 -54.14 -73.10 -71.25
O4' Y5P L 58 -55.05 -72.40 -72.15
C3' Y5P L 58 -53.57 -74.22 -72.11
O3' Y5P L 58 -52.95 -75.27 -71.40
C2' Y5P L 58 -54.78 -74.64 -72.93
O2' Y5P L 58 -55.67 -75.44 -72.15
C1' Y5P L 58 -55.47 -73.29 -73.18
N1 Y5P L 58 -55.11 -72.73 -74.51
C2 Y5P L 58 -55.95 -73.04 -75.59
N3 Y5P L 58 -55.65 -72.55 -76.82
C4 Y5P L 58 -54.55 -71.82 -77.01
C6 Y5P L 58 -53.98 -71.97 -74.71
OP1 Y5P L 58 -50.33 -71.36 -69.81
OP2 Y5P L 58 -50.17 -70.28 -72.13
C5 Y5P L 58 -53.67 -71.50 -75.92
N1 P5P L 59 -54.15 -74.33 -81.73
C2 P5P L 59 -55.10 -75.07 -81.14
N3 P5P L 59 -55.17 -75.54 -79.90
C4 P5P L 59 -54.09 -75.14 -79.18
C5 P5P L 59 -53.02 -74.38 -79.64
C6 P5P L 59 -53.07 -73.96 -80.98
N7 P5P L 59 -52.10 -74.17 -78.63
C8 P5P L 59 -52.60 -74.80 -77.60
N9 P5P L 59 -53.81 -75.42 -77.87
C1' P5P L 59 -54.64 -76.20 -76.93
C2' P5P L 59 -54.70 -77.69 -77.29
O2' P5P L 59 -55.95 -78.20 -76.86
C3' P5P L 59 -53.55 -78.24 -76.45
O3' P5P L 59 -53.63 -79.63 -76.21
C4' P5P L 59 -53.63 -77.41 -75.18
O4' P5P L 59 -54.05 -76.10 -75.64
C5' P5P L 59 -52.35 -77.28 -74.40
O5' P5P L 59 -52.61 -77.16 -73.00
P P5P L 59 -51.80 -76.13 -72.10
OP1 P5P L 59 -51.05 -76.92 -71.07
OP2 P5P L 59 -51.06 -75.21 -73.00
P Y5P L 60 -52.47 -80.62 -76.72
C5' Y5P L 60 -54.32 -81.44 -78.39
O5' Y5P L 60 -52.97 -81.09 -78.16
C4' Y5P L 60 -54.71 -81.30 -79.83
O4' Y5P L 60 -54.87 -79.89 -80.17
C3' Y5P L 60 -53.69 -81.81 -80.86
O3' Y5P L 60 -53.69 -83.22 -81.01
C2' Y5P L 60 -54.08 -81.03 -82.11
O2' Y5P L 60 -55.24 -81.58 -82.71
C1' Y5P L 60 -54.44 -79.67 -81.51
N1 Y5P L 60 -53.30 -78.73 -81.51
C2 Y5P L 60 -52.97 -78.03 -82.70
N3 Y5P L 60 -51.91 -77.18 -82.68
C4 Y5P L 60 -51.19 -77.00 -81.57
C6 Y5P L 60 -52.54 -78.54 -80.38
OP1 Y5P L 60 -52.45 -81.81 -75.82
OP2 Y5P L 60 -51.24 -79.81 -76.90
C5 Y5P L 60 -51.49 -77.70 -80.36
P Y5P L 61 -52.29 -84.02 -81.12
C5' Y5P L 61 -52.92 -84.37 -83.65
O5' Y5P L 61 -51.96 -83.97 -82.68
C4' Y5P L 61 -52.61 -83.81 -85.02
O4' Y5P L 61 -52.76 -82.37 -85.01
C3' Y5P L 61 -51.18 -84.02 -85.52
O3' Y5P L 61 -50.94 -85.32 -86.03
C2' Y5P L 61 -51.03 -82.91 -86.55
O2' Y5P L 61 -51.70 -83.25 -87.76
C1' Y5P L 61 -51.81 -81.77 -85.87
N1 Y5P L 61 -50.94 -80.87 -85.08
C2 Y5P L 61 -50.23 -79.84 -85.75
N3 Y5P L 61 -49.43 -79.02 -85.02
C4 Y5P L 61 -49.31 -79.17 -83.69
C6 Y5P L 61 -50.80 -81.01 -83.73
OP1 Y5P L 61 -52.55 -85.44 -80.76
OP2 Y5P L 61 -51.24 -83.26 -80.41
C5 Y5P L 61 -50.01 -80.21 -83.01
N1 P5P L 62 -45.10 -79.02 -86.20
C2 P5P L 62 -45.17 -79.29 -87.52
N3 P5P L 62 -45.73 -80.31 -88.14
C4 P5P L 62 -46.29 -81.18 -87.27
C5 P5P L 62 -46.30 -81.05 -85.88
C6 P5P L 62 -45.67 -79.91 -85.34
N7 P5P L 62 -46.96 -82.13 -85.29
C8 P5P L 62 -47.33 -82.87 -86.31
N9 P5P L 62 -46.96 -82.36 -87.53
C1' P5P L 62 -47.22 -82.95 -88.86
C2' P5P L 62 -46.06 -83.82 -89.33
O2' P5P L 62 -46.02 -83.80 -90.75
C3' P5P L 62 -46.49 -85.19 -88.82
O3' P5P L 62 -45.87 -86.28 -89.48
C4' P5P L 62 -48.00 -85.16 -89.02
O4' P5P L 62 -48.37 -83.77 -88.77
C5' P5P L 62 -48.81 -86.06 -88.13
O5' P5P L 62 -48.55 -85.79 -86.76
P P5P L 62 -49.61 -86.15 -85.62
OP1 P5P L 62 -49.92 -87.60 -85.71
OP2 P5P L 62 -49.07 -85.58 -84.35
N ALA N 61 23.62 48.53 -8.65
CA ALA N 61 22.96 49.75 -8.19
C ALA N 61 23.53 50.97 -8.92
N THR N 62 24.66 51.49 -8.45
CA THR N 62 25.30 52.62 -9.13
C THR N 62 26.77 52.33 -9.43
N SER N 63 27.40 53.25 -10.14
CA SER N 63 28.84 53.29 -10.28
C SER N 63 29.25 54.69 -10.68
N VAL N 64 30.51 55.03 -10.45
CA VAL N 64 31.07 56.28 -10.95
C VAL N 64 32.25 55.96 -11.85
N SER N 65 32.33 56.62 -13.00
CA SER N 65 33.43 56.42 -13.95
C SER N 65 34.78 56.97 -13.45
N TRP N 66 35.88 56.41 -13.95
CA TRP N 66 37.23 56.79 -13.49
C TRP N 66 37.84 57.94 -14.24
N LYS N 67 37.15 58.40 -15.28
CA LYS N 67 37.76 59.27 -16.26
C LYS N 67 37.68 60.74 -15.91
N SER N 68 37.33 61.07 -14.67
CA SER N 68 37.31 62.49 -14.32
C SER N 68 38.69 63.06 -14.09
N ARG N 69 39.11 63.93 -15.01
CA ARG N 69 40.29 64.75 -14.85
C ARG N 69 40.04 66.01 -15.66
N THR N 70 40.20 67.19 -15.10
CA THR N 70 39.96 68.35 -15.95
C THR N 70 41.21 68.90 -16.63
N LYS N 71 42.39 68.61 -16.09
CA LYS N 71 43.61 69.29 -16.53
C LYS N 71 44.59 68.33 -17.17
N TYR N 72 45.44 68.86 -18.04
CA TYR N 72 46.41 68.04 -18.74
C TYR N 72 47.71 67.92 -17.98
N THR N 73 48.02 66.71 -17.51
CA THR N 73 49.29 66.43 -16.86
C THR N 73 50.02 65.36 -17.64
N VAL N 74 51.31 65.53 -17.79
CA VAL N 74 52.09 64.51 -18.47
C VAL N 74 52.45 63.39 -17.49
N MET N 75 52.45 63.69 -16.19
CA MET N 75 52.64 62.64 -15.18
C MET N 75 51.53 61.61 -15.27
N PRO N 76 51.89 60.32 -15.42
CA PRO N 76 50.91 59.24 -15.59
C PRO N 76 49.84 59.22 -14.51
N VAL N 77 48.57 59.17 -14.91
CA VAL N 77 47.46 59.22 -13.97
C VAL N 77 46.84 57.83 -13.75
N LYS N 78 46.58 57.50 -12.49
CA LYS N 78 46.05 56.20 -12.09
C LYS N 78 44.65 55.91 -12.64
N MET N 79 44.51 54.78 -13.33
CA MET N 79 43.23 54.44 -13.95
C MET N 79 42.65 53.12 -13.44
N ARG N 80 41.33 53.10 -13.35
CA ARG N 80 40.61 52.00 -12.77
C ARG N 80 39.94 51.26 -13.90
N LYS N 81 40.33 50.02 -14.14
CA LYS N 81 39.81 49.27 -15.28
C LYS N 81 38.51 48.57 -14.93
N SER N 82 37.56 48.49 -15.85
CA SER N 82 36.34 47.72 -15.60
C SER N 82 36.12 46.63 -16.62
N GLY N 83 36.31 45.37 -16.21
CA GLY N 83 36.20 44.32 -17.20
C GLY N 83 34.78 44.16 -17.66
N GLY N 84 34.53 44.55 -18.91
CA GLY N 84 33.30 44.21 -19.60
C GLY N 84 31.98 44.83 -19.12
N ARG N 85 31.96 45.50 -17.97
CA ARG N 85 30.68 45.88 -17.39
C ARG N 85 30.30 47.32 -17.76
N ASN N 86 29.01 47.58 -17.97
CA ASN N 86 28.54 48.96 -18.10
C ASN N 86 28.35 49.59 -16.73
N HIS N 87 27.82 50.81 -16.68
CA HIS N 87 27.71 51.53 -15.40
C HIS N 87 26.66 50.90 -14.47
N THR N 88 25.88 49.96 -14.98
CA THR N 88 24.89 49.24 -14.17
C THR N 88 25.46 47.92 -13.68
N GLY N 89 26.74 47.69 -13.97
CA GLY N 89 27.44 46.52 -13.48
C GLY N 89 27.08 45.21 -14.12
N GLN N 90 26.61 45.23 -15.36
CA GLN N 90 26.30 43.99 -16.09
C GLN N 90 27.31 43.75 -17.19
N ILE N 91 27.56 42.50 -17.53
CA ILE N 91 28.51 42.25 -18.62
C ILE N 91 27.94 42.73 -19.93
N GLN N 92 28.66 43.61 -20.60
CA GLN N 92 28.24 44.10 -21.90
C GLN N 92 29.13 43.47 -22.97
N VAL N 93 30.44 43.70 -22.88
CA VAL N 93 31.37 43.08 -23.81
C VAL N 93 32.12 41.92 -23.15
N HIS N 94 31.93 40.70 -23.63
CA HIS N 94 32.55 39.55 -22.98
C HIS N 94 34.06 39.47 -23.14
N GLY N 95 34.69 38.77 -22.22
CA GLY N 95 36.10 38.42 -22.30
C GLY N 95 37.10 39.54 -22.09
N ILE N 96 36.92 40.30 -21.03
CA ILE N 96 37.84 41.37 -20.68
C ILE N 96 38.01 41.34 -19.17
N GLY N 97 39.25 41.39 -18.69
CA GLY N 97 39.48 41.63 -17.28
C GLY N 97 40.76 41.01 -16.74
N GLY N 98 41.06 41.31 -15.49
CA GLY N 98 42.23 40.76 -14.83
C GLY N 98 43.58 41.05 -15.48
N GLY N 99 43.69 42.15 -16.22
CA GLY N 99 44.96 42.46 -16.85
C GLY N 99 46.04 42.79 -15.82
N HIS N 100 47.25 43.08 -16.29
CA HIS N 100 48.25 43.64 -15.40
C HIS N 100 47.87 45.08 -15.13
N LYS N 101 48.05 45.57 -13.90
CA LYS N 101 47.60 46.93 -13.54
C LYS N 101 48.36 48.04 -14.28
N GLN N 102 47.65 48.91 -14.99
CA GLN N 102 48.29 49.96 -15.79
C GLN N 102 47.89 51.37 -15.40
N ARG N 103 48.85 52.28 -15.45
CA ARG N 103 48.56 53.72 -15.45
C ARG N 103 48.21 54.21 -16.85
N TYR N 104 47.47 55.31 -16.91
CA TYR N 104 47.12 55.91 -18.19
C TYR N 104 47.99 57.13 -18.45
N ARG N 105 48.34 57.40 -19.70
CA ARG N 105 49.12 58.62 -19.98
C ARG N 105 48.46 59.47 -21.07
N MET N 106 48.03 60.67 -20.69
CA MET N 106 47.24 61.53 -21.57
C MET N 106 47.94 61.89 -22.88
N ILE N 107 47.20 61.80 -23.98
CA ILE N 107 47.72 62.15 -25.29
C ILE N 107 47.06 63.42 -25.80
N ASP N 108 47.84 64.31 -26.43
CA ASP N 108 47.26 65.46 -27.10
C ASP N 108 47.22 65.14 -28.59
N PHE N 109 46.03 64.94 -29.13
CA PHE N 109 45.90 64.56 -30.53
C PHE N 109 45.73 65.77 -31.43
N LEU N 110 45.53 66.94 -30.84
CA LEU N 110 45.48 68.12 -31.68
C LEU N 110 46.91 68.62 -31.70
N ARG N 111 47.58 68.40 -32.82
CA ARG N 111 49.02 68.63 -32.88
C ARG N 111 49.34 70.09 -33.12
N PHE N 112 48.46 70.80 -33.81
CA PHE N 112 48.65 72.22 -33.93
C PHE N 112 47.73 72.84 -32.89
N ARG N 113 48.36 73.31 -31.82
CA ARG N 113 47.64 73.82 -30.65
C ARG N 113 48.39 74.99 -30.01
N PRO N 114 48.18 76.23 -30.52
CA PRO N 114 48.92 77.39 -30.02
C PRO N 114 48.89 77.49 -28.50
N GLU N 115 50.07 77.62 -27.90
CA GLU N 115 50.22 77.46 -26.46
C GLU N 115 49.73 78.67 -25.68
N HIS N 116 50.21 79.84 -26.08
CA HIS N 116 49.71 81.09 -25.51
C HIS N 116 48.67 81.64 -26.48
N GLU N 117 47.47 81.89 -25.96
CA GLU N 117 46.31 82.23 -26.78
C GLU N 117 46.55 83.45 -27.68
N SER N 118 47.48 84.30 -27.25
CA SER N 118 47.78 85.56 -27.94
C SER N 118 48.53 85.39 -29.27
N LYS N 119 49.65 84.66 -29.26
CA LYS N 119 50.48 84.52 -30.47
C LYS N 119 50.06 83.32 -31.34
N PRO N 120 49.61 83.59 -32.57
CA PRO N 120 49.01 82.63 -33.52
C PRO N 120 49.98 81.66 -34.21
N GLY N 121 51.26 82.04 -34.34
CA GLY N 121 52.17 81.38 -35.25
C GLY N 121 52.52 79.91 -35.02
N PRO N 122 53.29 79.32 -35.96
CA PRO N 122 53.75 77.92 -35.97
C PRO N 122 54.70 77.50 -34.83
N PHE N 123 54.64 76.21 -34.51
CA PHE N 123 55.39 75.57 -33.44
C PHE N 123 56.67 74.91 -33.88
N GLU N 124 57.66 74.98 -33.01
CA GLU N 124 58.80 74.10 -33.09
C GLU N 124 58.97 73.37 -31.78
N GLU N 125 58.94 72.04 -31.80
CA GLU N 125 58.96 71.25 -30.58
C GLU N 125 60.14 70.28 -30.56
N LYS N 126 60.47 69.74 -29.38
CA LYS N 126 61.64 68.87 -29.24
C LYS N 126 61.29 67.54 -28.60
N VAL N 127 61.89 66.47 -29.08
CA VAL N 127 61.62 65.14 -28.56
C VAL N 127 62.57 64.79 -27.45
N ILE N 128 62.04 64.71 -26.25
CA ILE N 128 62.84 64.39 -25.07
C ILE N 128 63.04 62.88 -24.87
N ALA N 129 61.99 62.10 -25.04
CA ALA N 129 62.10 60.65 -24.81
C ALA N 129 61.05 59.85 -25.60
N VAL N 130 61.29 58.56 -25.77
CA VAL N 130 60.31 57.68 -26.42
C VAL N 130 60.04 56.46 -25.54
N ARG N 131 58.80 56.31 -25.10
CA ARG N 131 58.50 55.28 -24.12
C ARG N 131 57.43 54.31 -24.61
N TYR N 132 57.38 53.17 -23.93
CA TYR N 132 56.34 52.18 -24.13
C TYR N 132 55.07 52.67 -23.48
N ASP N 133 53.92 52.34 -24.06
CA ASP N 133 52.68 52.58 -23.35
C ASP N 133 51.86 51.30 -23.30
N PRO N 134 51.30 50.99 -22.12
CA PRO N 134 50.40 49.84 -21.99
C PRO N 134 49.03 50.09 -22.62
N CYS N 135 48.58 51.35 -22.66
CA CYS N 135 47.21 51.61 -23.07
C CYS N 135 46.97 51.44 -24.58
N ARG N 136 47.95 51.79 -25.40
CA ARG N 136 47.78 51.71 -26.86
C ARG N 136 48.85 50.81 -27.48
N SER N 137 48.66 50.40 -28.73
CA SER N 137 49.62 49.49 -29.36
C SER N 137 50.87 50.22 -29.90
N ALA N 138 50.71 51.48 -30.28
CA ALA N 138 51.81 52.31 -30.77
C ALA N 138 52.73 52.84 -29.65
N ASP N 139 53.92 53.30 -30.01
CA ASP N 139 54.85 53.89 -29.01
C ASP N 139 54.73 55.40 -28.88
N ILE N 140 54.85 55.90 -27.66
CA ILE N 140 54.60 57.31 -27.36
C ILE N 140 55.86 58.15 -27.13
N ALA N 141 55.82 59.38 -27.63
CA ALA N 141 56.94 60.33 -27.53
C ALA N 141 56.60 61.55 -26.70
N LEU N 142 57.51 61.91 -25.80
CA LEU N 142 57.35 63.09 -24.95
C LEU N 142 57.98 64.32 -25.59
N VAL N 143 57.15 65.28 -25.94
CA VAL N 143 57.57 66.40 -26.75
C VAL N 143 57.37 67.72 -26.01
N ALA N 144 58.40 68.56 -25.96
CA ALA N 144 58.30 69.81 -25.22
C ALA N 144 58.68 71.04 -26.05
N GLY N 145 58.07 72.17 -25.71
CA GLY N 145 58.46 73.46 -26.25
C GLY N 145 57.83 74.55 -25.40
N GLY N 146 58.45 75.72 -25.34
CA GLY N 146 57.99 76.75 -24.41
C GLY N 146 57.91 76.20 -23.01
N ASN N 147 56.77 76.39 -22.37
CA ASN N 147 56.57 75.86 -21.03
C ASN N 147 55.82 74.55 -21.03
N ARG N 148 55.50 74.05 -22.22
CA ARG N 148 54.58 72.93 -22.36
C ARG N 148 55.25 71.58 -22.70
N LYS N 149 54.83 70.53 -21.99
CA LYS N 149 55.16 69.14 -22.33
C LYS N 149 53.89 68.39 -22.78
N ARG N 150 54.02 67.47 -23.73
CA ARG N 150 52.87 66.66 -24.19
C ARG N 150 53.30 65.24 -24.56
N TRP N 151 52.41 64.27 -24.35
CA TRP N 151 52.61 62.96 -24.97
C TRP N 151 51.96 62.91 -26.33
N ILE N 152 52.74 62.79 -27.40
CA ILE N 152 52.13 62.60 -28.71
C ILE N 152 52.54 61.25 -29.28
N ILE N 153 51.73 60.73 -30.21
CA ILE N 153 52.07 59.45 -30.82
C ILE N 153 53.30 59.58 -31.69
N ALA N 154 54.29 58.73 -31.45
CA ALA N 154 55.57 58.82 -32.11
C ALA N 154 55.54 58.21 -33.51
N THR N 155 56.13 58.91 -34.48
CA THR N 155 56.35 58.33 -35.80
C THR N 155 57.58 57.41 -35.84
N GLU N 156 57.58 56.49 -36.80
CA GLU N 156 58.36 55.24 -36.76
C GLU N 156 59.84 55.34 -36.35
N ASN N 157 60.59 56.25 -36.97
CA ASN N 157 62.03 56.35 -36.70
C ASN N 157 62.42 57.43 -35.69
N MET N 158 61.43 58.12 -35.11
CA MET N 158 61.70 59.21 -34.17
C MET N 158 62.58 58.78 -33.01
N LYS N 159 63.64 59.53 -32.80
CA LYS N 159 64.61 59.23 -31.75
C LYS N 159 64.62 60.35 -30.73
N ALA N 160 65.14 60.08 -29.54
CA ALA N 160 65.32 61.11 -28.54
C ALA N 160 66.28 62.17 -29.07
N GLY N 161 66.11 63.41 -28.62
CA GLY N 161 66.91 64.52 -29.13
C GLY N 161 66.60 64.82 -30.58
N ASP N 162 65.33 65.11 -30.83
CA ASP N 162 64.85 65.32 -32.19
C ASP N 162 64.07 66.63 -32.29
N THR N 163 63.83 67.10 -33.52
CA THR N 163 63.08 68.33 -33.73
C THR N 163 61.83 68.10 -34.59
N VAL N 164 60.73 68.72 -34.18
CA VAL N 164 59.42 68.53 -34.79
C VAL N 164 58.79 69.87 -35.19
N LEU N 165 58.15 69.92 -36.36
CA LEU N 165 57.54 71.18 -36.80
C LEU N 165 56.01 71.08 -36.91
N ASN N 166 55.31 72.04 -36.31
CA ASN N 166 53.85 72.07 -36.40
C ASN N 166 53.34 73.36 -37.02
N SER N 167 52.70 73.28 -38.18
CA SER N 167 52.19 74.50 -38.78
C SER N 167 50.83 74.26 -39.42
N ASP N 168 49.96 75.26 -39.34
CA ASP N 168 48.65 75.19 -39.98
C ASP N 168 48.68 75.91 -41.33
N HIS N 169 49.84 76.46 -41.66
CA HIS N 169 49.98 77.26 -42.87
C HIS N 169 49.97 76.40 -44.13
N ILE N 170 49.22 76.86 -45.13
CA ILE N 170 49.16 76.22 -46.44
C ILE N 170 49.77 77.12 -47.50
N GLY N 171 50.93 76.73 -48.01
CA GLY N 171 51.57 77.42 -49.12
C GLY N 171 51.22 76.70 -50.42
N ARG N 172 51.41 77.38 -51.55
CA ARG N 172 51.05 76.84 -52.85
C ARG N 172 52.13 75.90 -53.42
N MET N 173 53.34 76.00 -52.87
CA MET N 173 54.48 75.22 -53.34
C MET N 173 54.66 73.95 -52.51
N ALA N 174 53.73 73.76 -51.58
CA ALA N 174 53.75 72.70 -50.57
C ALA N 174 55.07 72.65 -49.76
N VAL N 175 55.44 71.46 -49.31
CA VAL N 175 56.60 71.26 -48.42
C VAL N 175 57.07 69.80 -48.55
N ALA N 176 58.36 69.55 -48.31
CA ALA N 176 58.86 68.19 -48.10
C ALA N 176 59.00 67.92 -46.60
N ALA N 177 58.31 66.92 -46.08
CA ALA N 177 58.24 66.76 -44.62
C ALA N 177 58.98 65.54 -44.07
N ARG N 178 59.54 65.70 -42.87
CA ARG N 178 60.09 64.58 -42.13
C ARG N 178 58.94 63.82 -41.48
N GLU N 179 59.25 62.81 -40.68
CA GLU N 179 58.20 62.05 -40.03
C GLU N 179 57.56 62.81 -38.87
N GLY N 180 58.36 63.58 -38.16
CA GLY N 180 57.90 64.30 -36.98
C GLY N 180 57.23 65.60 -37.39
N ASP N 181 56.85 65.67 -38.65
CA ASP N 181 56.24 66.88 -39.17
C ASP N 181 54.71 66.74 -39.17
N ALA N 182 54.03 67.82 -38.80
CA ALA N 182 52.58 67.86 -38.89
C ALA N 182 52.14 69.06 -39.74
N HIS N 183 51.49 68.80 -40.88
CA HIS N 183 51.03 69.88 -41.75
C HIS N 183 49.56 69.78 -42.10
N PRO N 184 48.97 70.87 -42.59
CA PRO N 184 47.61 70.71 -43.11
C PRO N 184 47.61 69.82 -44.35
N LEU N 185 46.56 69.01 -44.52
CA LEU N 185 46.48 68.05 -45.60
C LEU N 185 46.79 68.65 -46.97
N GLY N 186 46.20 69.80 -47.26
CA GLY N 186 46.39 70.47 -48.53
C GLY N 186 47.78 71.02 -48.79
N ALA N 187 48.61 71.10 -47.75
CA ALA N 187 49.97 71.61 -47.90
C ALA N 187 51.00 70.51 -48.19
N LEU N 188 50.55 69.26 -48.11
CA LEU N 188 51.42 68.12 -48.38
C LEU N 188 51.44 67.79 -49.86
N PRO N 189 52.52 67.16 -50.34
CA PRO N 189 52.62 66.61 -51.70
C PRO N 189 51.60 65.49 -51.95
N VAL N 190 51.32 65.21 -53.23
CA VAL N 190 50.28 64.27 -53.62
C VAL N 190 50.56 62.81 -53.25
N GLY N 191 51.83 62.43 -53.17
CA GLY N 191 52.15 61.05 -52.93
C GLY N 191 52.35 60.61 -51.48
N THR N 192 52.38 61.56 -50.55
CA THR N 192 52.91 61.35 -49.20
C THR N 192 52.15 60.35 -48.29
N LEU N 193 52.85 59.89 -47.25
CA LEU N 193 52.37 58.88 -46.31
C LEU N 193 51.97 59.47 -44.95
N ILE N 194 50.70 59.33 -44.56
CA ILE N 194 50.20 60.03 -43.38
C ILE N 194 49.61 59.12 -42.29
N ASN N 195 49.48 59.68 -41.08
CA ASN N 195 48.87 58.99 -39.94
C ASN N 195 48.36 60.04 -38.94
N ASN N 196 47.52 59.62 -38.00
CA ASN N 196 46.81 60.55 -37.11
C ASN N 196 46.07 61.61 -37.92
N VAL N 197 45.14 61.16 -38.74
CA VAL N 197 44.36 62.03 -39.60
C VAL N 197 43.13 62.51 -38.86
N GLU N 198 42.88 63.81 -38.96
CA GLU N 198 41.77 64.48 -38.32
C GLU N 198 40.56 64.51 -39.26
N SER N 199 39.36 64.37 -38.71
CA SER N 199 38.17 64.30 -39.53
C SER N 199 37.68 65.69 -39.97
N GLU N 200 37.13 66.45 -39.03
CA GLU N 200 36.73 67.83 -39.25
C GLU N 200 37.74 68.79 -38.61
N PRO N 201 38.18 69.85 -39.33
CA PRO N 201 39.27 70.70 -38.84
C PRO N 201 39.07 71.24 -37.43
N GLY N 202 40.06 71.06 -36.56
CA GLY N 202 39.95 71.49 -35.17
C GLY N 202 39.46 70.41 -34.23
N ARG N 203 39.08 69.24 -34.77
CA ARG N 203 38.52 68.17 -33.96
C ARG N 203 39.55 67.25 -33.29
N GLY N 204 40.79 67.28 -33.78
CA GLY N 204 41.83 66.39 -33.29
C GLY N 204 41.96 65.13 -34.15
N ALA N 205 43.02 64.37 -33.93
CA ALA N 205 43.25 63.17 -34.73
C ALA N 205 42.38 62.01 -34.27
N GLN N 206 41.87 61.24 -35.21
CA GLN N 206 41.01 60.11 -34.88
C GLN N 206 41.47 58.82 -35.56
N TYR N 207 41.51 58.87 -36.88
CA TYR N 207 41.84 57.73 -37.72
C TYR N 207 43.34 57.50 -37.87
N ILE N 208 43.71 56.23 -38.05
CA ILE N 208 45.10 55.79 -38.29
C ILE N 208 46.04 56.07 -37.11
N ARG N 209 45.64 55.69 -35.90
CA ARG N 209 46.53 55.81 -34.76
C ARG N 209 47.28 54.53 -34.39
N ALA N 210 46.89 53.39 -34.95
CA ALA N 210 47.35 52.11 -34.38
C ALA N 210 48.82 51.85 -34.66
N ALA N 211 49.32 50.72 -34.18
CA ALA N 211 50.74 50.40 -34.28
C ALA N 211 51.11 50.14 -35.73
N GLY N 212 52.05 50.92 -36.25
CA GLY N 212 52.59 50.70 -37.58
C GLY N 212 51.63 50.76 -38.75
N THR N 213 50.74 51.74 -38.75
CA THR N 213 49.76 51.87 -39.80
C THR N 213 50.07 53.14 -40.55
N CYS N 214 49.54 53.27 -41.76
CA CYS N 214 49.71 54.52 -42.48
C CYS N 214 48.55 54.74 -43.41
N GLY N 215 48.23 56.01 -43.63
CA GLY N 215 47.32 56.41 -44.69
C GLY N 215 48.15 56.99 -45.81
N VAL N 216 47.53 57.20 -46.96
CA VAL N 216 48.21 57.84 -48.07
C VAL N 216 47.29 58.89 -48.71
N LEU N 217 47.87 60.05 -49.00
CA LEU N 217 47.14 61.10 -49.72
C LEU N 217 46.98 60.71 -51.18
N LEU N 218 45.78 60.84 -51.74
CA LEU N 218 45.54 60.37 -53.11
C LEU N 218 45.45 61.51 -54.12
N ARG N 219 44.40 62.32 -54.04
CA ARG N 219 44.17 63.42 -54.97
C ARG N 219 43.62 64.63 -54.22
N LYS N 220 43.52 65.77 -54.90
CA LYS N 220 42.89 66.96 -54.32
C LYS N 220 41.88 67.59 -55.27
N VAL N 221 40.68 67.84 -54.77
CA VAL N 221 39.61 68.42 -55.58
C VAL N 221 38.90 69.56 -54.85
N ASN N 222 38.87 70.72 -55.47
CA ASN N 222 38.14 71.88 -54.93
C ASN N 222 38.56 72.24 -53.50
N GLY N 223 39.87 72.27 -53.25
CA GLY N 223 40.38 72.58 -51.92
C GLY N 223 40.00 71.52 -50.89
N THR N 224 39.83 70.29 -51.36
CA THR N 224 39.50 69.16 -50.47
C THR N 224 40.31 67.92 -50.83
N ALA N 225 41.07 67.43 -49.85
CA ALA N 225 41.92 66.24 -50.05
C ALA N 225 41.17 64.91 -49.96
N ILE N 226 41.69 63.92 -50.67
CA ILE N 226 41.21 62.54 -50.54
C ILE N 226 42.30 61.61 -50.02
N ILE N 227 42.00 60.90 -48.94
CA ILE N 227 42.97 60.03 -48.32
C ILE N 227 42.52 58.58 -48.40
N GLN N 228 43.47 57.67 -48.29
CA GLN N 228 43.13 56.26 -48.24
C GLN N 228 43.44 55.67 -46.86
N LEU N 229 42.40 55.25 -46.14
CA LEU N 229 42.56 54.62 -44.82
C LEU N 229 43.19 53.25 -44.96
N PRO N 230 43.74 52.70 -43.86
CA PRO N 230 44.32 51.35 -43.84
C PRO N 230 43.42 50.24 -44.38
N SER N 231 42.10 50.34 -44.18
CA SER N 231 41.18 49.32 -44.72
C SER N 231 40.98 49.51 -46.23
N LYS N 232 41.61 50.56 -46.74
CA LYS N 232 41.50 51.03 -48.13
C LYS N 232 40.15 51.61 -48.50
N ARG N 233 39.38 52.07 -47.52
CA ARG N 233 38.21 52.87 -47.84
C ARG N 233 38.73 54.29 -48.03
N GLN N 234 38.13 55.06 -48.93
CA GLN N 234 38.62 56.41 -49.19
C GLN N 234 37.82 57.48 -48.47
N MET N 235 38.54 58.47 -47.93
CA MET N 235 37.97 59.49 -47.07
C MET N 235 38.15 60.90 -47.64
N GLN N 236 37.05 61.65 -47.70
CA GLN N 236 37.01 63.02 -48.24
C GLN N 236 37.11 64.06 -47.12
N VAL N 237 38.19 64.84 -47.09
CA VAL N 237 38.41 65.79 -45.98
C VAL N 237 38.80 67.20 -46.43
N LEU N 238 38.31 68.22 -45.73
CA LEU N 238 38.71 69.60 -45.99
C LEU N 238 40.22 69.78 -45.91
N GLU N 239 40.74 70.69 -46.72
CA GLU N 239 42.17 70.93 -46.82
C GLU N 239 42.83 71.39 -45.52
N THR N 240 42.07 72.05 -44.65
CA THR N 240 42.64 72.66 -43.44
C THR N 240 42.92 71.64 -42.30
N CYS N 241 42.44 70.41 -42.44
CA CYS N 241 42.78 69.36 -41.47
C CYS N 241 44.29 69.07 -41.36
N ILE N 242 44.81 69.05 -40.13
CA ILE N 242 46.21 68.71 -39.90
C ILE N 242 46.41 67.20 -39.91
N ALA N 243 47.55 66.75 -40.44
CA ALA N 243 47.93 65.35 -40.39
C ALA N 243 49.42 65.25 -40.11
N THR N 244 49.86 64.08 -39.65
CA THR N 244 51.28 63.83 -39.41
C THR N 244 51.81 63.05 -40.61
N VAL N 245 53.07 63.27 -40.96
CA VAL N 245 53.64 62.60 -42.13
C VAL N 245 54.52 61.44 -41.71
N GLY N 246 54.08 60.21 -41.96
CA GLY N 246 54.92 59.06 -41.68
C GLY N 246 54.19 57.79 -41.30
N ARG N 247 54.94 56.86 -40.73
CA ARG N 247 54.34 55.66 -40.15
C ARG N 247 54.35 55.75 -38.65
N VAL N 248 53.37 55.13 -38.02
CA VAL N 248 53.35 55.01 -36.58
C VAL N 248 54.48 54.09 -36.11
N SER N 249 54.96 54.30 -34.89
CA SER N 249 56.11 53.58 -34.33
C SER N 249 55.86 52.10 -34.13
N ASN N 250 56.95 51.34 -34.01
CA ASN N 250 56.88 49.93 -33.69
C ASN N 250 56.11 49.15 -34.75
N VAL N 251 56.66 49.07 -35.95
CA VAL N 251 55.98 48.41 -37.05
C VAL N 251 55.96 46.88 -36.90
N ASP N 252 56.69 46.36 -35.92
CA ASP N 252 56.79 44.92 -35.77
C ASP N 252 55.79 44.33 -34.80
N HIS N 253 54.91 45.17 -34.29
CA HIS N 253 53.86 44.76 -33.38
C HIS N 253 53.04 43.59 -33.92
N ASN N 254 52.97 43.48 -35.24
CA ASN N 254 52.14 42.46 -35.86
C ASN N 254 52.76 41.06 -35.84
N LYS N 255 54.08 41.00 -35.77
CA LYS N 255 54.76 39.72 -35.86
C LYS N 255 55.08 39.09 -34.51
N ARG N 256 54.74 39.78 -33.43
CA ARG N 256 55.00 39.27 -32.07
C ARG N 256 54.22 37.98 -31.84
N VAL N 257 54.86 36.98 -31.27
CA VAL N 257 54.18 35.75 -30.94
C VAL N 257 53.78 35.79 -29.47
N ILE N 258 52.54 35.39 -29.18
CA ILE N 258 52.14 35.21 -27.81
C ILE N 258 52.51 33.77 -27.47
N GLY N 259 53.42 33.59 -26.52
CA GLY N 259 53.97 32.27 -26.27
C GLY N 259 53.02 31.26 -25.62
N LYS N 260 52.40 31.65 -24.53
CA LYS N 260 51.55 30.74 -23.78
C LYS N 260 50.18 31.37 -23.64
N ALA N 261 49.27 30.71 -22.94
CA ALA N 261 47.99 31.32 -22.62
C ALA N 261 48.21 32.45 -21.61
N GLY N 262 49.27 32.33 -20.82
CA GLY N 262 49.61 33.33 -19.84
C GLY N 262 49.64 34.75 -20.37
N ARG N 263 50.33 34.95 -21.50
CA ARG N 263 50.42 36.29 -22.07
C ARG N 263 49.04 36.91 -22.29
N ASN N 264 48.04 36.07 -22.54
CA ASN N 264 46.71 36.59 -22.74
C ASN N 264 46.13 37.17 -21.47
N ARG N 265 46.32 36.47 -20.35
CA ARG N 265 45.83 36.99 -19.09
C ARG N 265 46.64 38.21 -18.67
N TRP N 266 47.86 38.32 -19.18
CA TRP N 266 48.66 39.50 -18.90
C TRP N 266 48.14 40.70 -19.68
N LEU N 267 47.72 40.48 -20.92
CA LEU N 267 47.16 41.57 -21.71
C LEU N 267 45.72 41.89 -21.29
N GLY N 268 45.17 41.07 -20.40
CA GLY N 268 43.81 41.25 -19.91
C GLY N 268 42.72 40.74 -20.82
N LYS N 269 42.93 39.57 -21.39
CA LYS N 269 41.95 38.93 -22.24
C LYS N 269 41.52 37.57 -21.68
N ARG N 270 40.24 37.41 -21.43
CA ARG N 270 39.73 36.16 -20.89
C ARG N 270 39.53 35.11 -21.97
N PRO N 271 39.60 33.82 -21.60
CA PRO N 271 39.34 32.73 -22.55
C PRO N 271 37.92 32.80 -23.13
N ASN N 272 37.67 32.19 -24.29
CA ASN N 272 36.34 32.23 -24.91
C ASN N 272 35.39 31.25 -24.26
N SER N 273 34.13 31.22 -24.68
CA SER N 273 33.21 30.32 -24.00
C SER N 273 33.50 28.88 -24.40
N GLY N 274 32.85 27.94 -23.75
CA GLY N 274 33.04 26.54 -24.08
C GLY N 274 31.82 26.06 -24.83
N LEU N 275 30.90 26.97 -25.10
CA LEU N 275 29.68 26.63 -25.82
C LEU N 275 30.03 26.40 -27.27
N TRP N 276 29.52 25.32 -27.85
CA TRP N 276 29.78 25.03 -29.26
C TRP N 276 28.62 25.47 -30.12
N GLN N 277 28.90 26.09 -31.26
CA GLN N 277 27.81 26.60 -32.11
C GLN N 277 28.04 26.27 -33.57
N ARG N 278 27.01 25.79 -34.28
CA ARG N 278 27.15 25.68 -35.73
C ARG N 278 27.42 27.05 -36.28
N LYS N 279 28.25 27.11 -37.30
CA LYS N 279 28.46 28.35 -38.02
C LYS N 279 27.17 28.66 -38.77
N GLY N 280 26.76 29.93 -38.80
CA GLY N 280 25.51 30.27 -39.45
C GLY N 280 25.67 30.63 -40.92
N GLY N 281 24.62 31.21 -41.49
CA GLY N 281 24.70 31.69 -42.86
C GLY N 281 25.71 32.80 -42.97
N TRP N 282 25.98 33.46 -41.84
CA TRP N 282 26.90 34.58 -41.82
C TRP N 282 28.32 34.14 -42.21
N ALA N 283 28.67 32.89 -41.90
CA ALA N 283 30.01 32.37 -42.14
C ALA N 283 30.25 31.92 -43.59
N GLY N 284 31.45 32.18 -44.08
CA GLY N 284 31.90 31.77 -45.40
C GLY N 284 32.82 32.89 -45.85
N ARG N 285 33.39 32.82 -47.04
CA ARG N 285 34.17 33.94 -47.50
C ARG N 285 33.32 34.77 -48.44
N LYS N 286 32.93 35.95 -47.99
CA LYS N 286 32.14 36.87 -48.80
C LYS N 286 33.05 37.83 -49.52
N ILE N 287 32.82 38.03 -50.82
CA ILE N 287 33.60 39.01 -51.57
C ILE N 287 32.76 40.22 -51.96
N ARG N 288 32.99 41.33 -51.26
CA ARG N 288 32.21 42.55 -51.43
C ARG N 288 32.88 43.59 -52.32
N PRO N 289 32.11 44.20 -53.24
CA PRO N 289 32.63 45.40 -53.91
C PRO N 289 32.90 46.46 -52.85
N LEU N 290 34.08 47.08 -52.92
CA LEU N 290 34.58 47.94 -51.85
C LEU N 290 33.62 49.07 -51.46
N PRO N 291 33.36 49.23 -50.15
CA PRO N 291 32.44 50.23 -49.62
C PRO N 291 32.83 51.63 -50.10
N PRO N 292 31.84 52.41 -50.55
CA PRO N 292 32.03 53.70 -51.22
C PRO N 292 32.69 54.73 -50.31
N MET N 293 33.18 55.79 -50.94
CA MET N 293 33.88 56.87 -50.26
C MET N 293 33.05 57.57 -49.17
N LYS N 294 33.68 57.83 -48.02
CA LYS N 294 33.08 58.61 -46.94
C LYS N 294 33.39 60.09 -47.07
N SER N 295 32.36 60.93 -47.03
CA SER N 295 32.54 62.34 -47.29
C SER N 295 32.22 63.18 -46.07
N TYR N 296 33.22 63.86 -45.52
CA TYR N 296 32.99 64.70 -44.37
C TYR N 296 32.76 66.15 -44.75
N VAL N 297 32.71 66.42 -46.05
CA VAL N 297 32.35 67.74 -46.53
C VAL N 297 30.83 67.84 -46.66
N LYS N 298 30.25 68.88 -46.04
CA LYS N 298 28.81 69.10 -46.10
C LYS N 298 28.45 70.18 -47.12
N LEU N 299 27.34 69.99 -47.82
CA LEU N 299 26.91 70.91 -48.88
C LEU N 299 26.39 72.24 -48.32
N PRO N 300 26.54 73.32 -49.11
CA PRO N 300 26.06 74.65 -48.71
C PRO N 300 24.54 74.81 -48.87
N HIS O 42 16.72 -19.44 59.36
CA HIS O 42 18.07 -20.01 59.22
C HIS O 42 18.67 -19.67 57.84
N GLY O 43 19.70 -18.83 57.87
CA GLY O 43 20.36 -18.25 56.69
C GLY O 43 21.68 -18.87 56.27
N LYS O 44 21.87 -20.17 56.52
CA LYS O 44 23.18 -20.77 56.82
C LYS O 44 24.35 -20.35 55.95
N SER O 45 25.48 -20.11 56.63
CA SER O 45 26.69 -19.59 56.02
C SER O 45 27.43 -20.64 55.18
N VAL O 46 28.33 -20.19 54.32
CA VAL O 46 29.19 -21.08 53.55
C VAL O 46 30.42 -21.47 54.38
N THR O 47 30.77 -22.75 54.33
CA THR O 47 31.92 -23.27 55.05
C THR O 47 32.86 -24.03 54.13
N TRP O 48 34.16 -23.75 54.23
CA TRP O 48 35.14 -24.60 53.59
C TRP O 48 35.87 -25.28 54.74
N TRP O 49 36.75 -26.22 54.42
CA TRP O 49 37.27 -27.13 55.44
C TRP O 49 38.21 -26.42 56.41
N ASP O 50 38.95 -25.45 55.91
CA ASP O 50 40.06 -24.91 56.66
C ASP O 50 39.67 -23.66 57.45
N GLU O 51 38.40 -23.27 57.33
CA GLU O 51 37.91 -22.01 57.87
C GLU O 51 38.18 -21.83 59.36
N HIS O 52 37.79 -22.80 60.19
CA HIS O 52 37.84 -22.61 61.63
C HIS O 52 39.09 -23.14 62.34
N LEU O 53 40.01 -23.74 61.61
CA LEU O 53 41.19 -24.31 62.26
C LEU O 53 42.19 -23.24 62.65
N SER O 54 42.94 -23.49 63.73
CA SER O 54 43.94 -22.55 64.22
C SER O 54 45.31 -22.81 63.60
N GLU O 55 46.28 -21.98 63.95
CA GLU O 55 47.66 -22.18 63.50
C GLU O 55 48.18 -23.55 63.90
N GLU O 56 47.95 -23.90 65.17
CA GLU O 56 48.37 -25.19 65.72
C GLU O 56 47.80 -26.38 64.96
N ASN O 57 46.50 -26.34 64.69
CA ASN O 57 45.81 -27.50 64.14
C ASN O 57 45.88 -27.64 62.62
N VAL O 58 46.31 -26.59 61.92
CA VAL O 58 46.36 -26.64 60.45
C VAL O 58 47.39 -27.67 59.93
N PRO O 59 48.65 -27.63 60.44
CA PRO O 59 49.56 -28.68 59.98
C PRO O 59 49.14 -30.06 60.48
N PHE O 60 48.64 -30.14 61.72
CA PHE O 60 48.24 -31.42 62.30
C PHE O 60 47.25 -32.18 61.42
N VAL O 61 46.19 -31.48 60.99
CA VAL O 61 45.16 -32.08 60.12
C VAL O 61 45.79 -32.68 58.86
N LYS O 62 46.65 -31.90 58.22
CA LYS O 62 47.33 -32.33 57.00
C LYS O 62 48.19 -33.56 57.23
N GLN O 63 49.08 -33.50 58.21
CA GLN O 63 49.96 -34.64 58.53
C GLN O 63 49.14 -35.89 58.82
N LEU O 64 48.00 -35.70 59.50
CA LEU O 64 47.13 -36.79 59.89
C LEU O 64 46.47 -37.46 58.68
N VAL O 65 45.95 -36.63 57.78
CA VAL O 65 45.28 -37.11 56.57
C VAL O 65 46.25 -37.83 55.62
N SER O 66 47.44 -37.24 55.42
CA SER O 66 48.48 -37.90 54.62
C SER O 66 48.95 -39.23 55.25
N ASP O 67 49.12 -39.24 56.57
CA ASP O 67 49.47 -40.46 57.29
C ASP O 67 48.45 -41.57 57.03
N GLU O 68 47.18 -41.26 57.27
CA GLU O 68 46.14 -42.27 57.05
C GLU O 68 46.10 -42.68 55.57
N ASN O 69 46.48 -41.77 54.68
CA ASN O 69 46.53 -42.06 53.25
C ASN O 69 47.61 -43.07 52.83
N LYS O 70 48.85 -42.83 53.28
CA LYS O 70 49.95 -43.77 53.03
C LYS O 70 49.63 -45.13 53.65
N ALA O 71 49.08 -45.10 54.86
CA ALA O 71 48.70 -46.33 55.56
C ALA O 71 47.71 -47.14 54.73
N GLN O 72 46.64 -46.47 54.30
CA GLN O 72 45.59 -47.11 53.52
C GLN O 72 46.06 -47.60 52.16
N LEU O 73 47.05 -46.91 51.58
CA LEU O 73 47.63 -47.31 50.30
C LEU O 73 48.52 -48.54 50.42
N ALA O 74 49.46 -48.51 51.34
CA ALA O 74 50.40 -49.61 51.53
C ALA O 74 49.67 -50.86 52.04
N SER O 75 48.54 -50.65 52.71
CA SER O 75 47.74 -51.78 53.18
C SER O 75 47.12 -52.57 52.02
N LYS O 76 46.74 -51.87 50.94
CA LYS O 76 46.10 -52.51 49.79
C LYS O 76 47.14 -52.95 48.78
N LEU O 77 48.41 -52.79 49.14
CA LEU O 77 49.53 -53.12 48.26
C LEU O 77 49.65 -54.61 47.96
N CYS O 78 49.00 -55.46 48.74
CA CYS O 78 49.13 -56.91 48.53
C CYS O 78 47.78 -57.57 48.27
N PRO O 79 47.34 -57.58 47.01
CA PRO O 79 46.05 -58.15 46.58
C PRO O 79 45.95 -59.68 46.67
N LEU O 80 47.02 -60.35 46.28
CA LEU O 80 46.99 -61.79 46.08
C LEU O 80 46.88 -62.57 47.37
N LYS O 81 47.46 -62.03 48.44
CA LYS O 81 47.44 -62.68 49.74
C LYS O 81 46.31 -62.20 50.64
N ASP O 82 45.45 -61.32 50.13
CA ASP O 82 44.42 -60.74 50.98
C ASP O 82 43.16 -61.62 51.01
N GLU O 83 42.31 -61.48 49.99
CA GLU O 83 41.17 -62.36 49.79
C GLU O 83 40.91 -62.50 48.30
N PRO O 84 41.87 -63.10 47.56
CA PRO O 84 41.84 -63.08 46.09
C PRO O 84 40.59 -63.75 45.53
N TRP O 85 40.04 -63.18 44.46
CA TRP O 85 38.88 -63.76 43.77
C TRP O 85 39.31 -64.89 42.85
N PRO O 86 38.38 -65.81 42.52
CA PRO O 86 38.74 -66.94 41.66
C PRO O 86 39.33 -66.50 40.33
N ILE O 87 40.48 -67.07 39.98
CA ILE O 87 41.10 -66.77 38.69
C ILE O 87 40.60 -67.75 37.64
N HIS O 88 40.23 -67.23 36.47
CA HIS O 88 39.69 -68.05 35.41
C HIS O 88 40.70 -68.12 34.28
N PRO O 89 40.66 -69.19 33.48
CA PRO O 89 41.60 -69.36 32.35
C PRO O 89 41.32 -68.36 31.22
N TRP O 90 42.12 -68.39 30.16
CA TRP O 90 41.87 -67.49 29.03
C TRP O 90 41.08 -68.14 27.89
N GLU O 91 39.86 -67.65 27.66
CA GLU O 91 39.06 -68.03 26.50
C GLU O 91 39.28 -67.03 25.35
N PRO O 92 38.99 -67.43 24.10
CA PRO O 92 39.30 -66.60 22.92
C PRO O 92 38.48 -65.32 22.73
N GLY O 93 37.30 -65.21 23.36
CA GLY O 93 36.46 -64.05 23.18
C GLY O 93 36.57 -63.04 24.32
N SER O 94 37.66 -63.15 25.05
CA SER O 94 37.89 -62.38 26.28
C SER O 94 38.25 -60.91 26.02
N SER O 95 37.98 -60.06 27.00
CA SER O 95 38.36 -58.65 26.93
C SER O 95 38.91 -58.19 28.28
N ARG O 96 40.13 -57.67 28.27
CA ARG O 96 40.89 -57.29 29.47
C ARG O 96 40.46 -56.00 30.19
N VAL O 97 40.91 -55.83 31.43
CA VAL O 97 40.72 -54.55 32.13
C VAL O 97 41.63 -53.47 31.53
N GLY O 98 41.30 -52.20 31.76
CA GLY O 98 42.13 -51.11 31.30
C GLY O 98 42.99 -50.45 32.36
N LEU O 99 43.41 -49.20 32.12
CA LEU O 99 44.24 -48.44 33.05
C LEU O 99 43.97 -46.96 32.94
N ILE O 100 44.23 -46.22 34.01
CA ILE O 100 44.16 -44.77 33.94
C ILE O 100 45.55 -44.18 34.10
N ALA O 101 45.96 -43.31 33.16
CA ALA O 101 47.33 -42.80 33.17
C ALA O 101 47.45 -41.27 33.18
N LEU O 102 48.68 -40.82 33.24
CA LEU O 102 49.03 -39.41 33.26
C LEU O 102 49.93 -39.16 32.05
N LYS O 103 49.54 -38.25 31.18
CA LYS O 103 50.38 -37.99 30.01
C LYS O 103 51.56 -37.10 30.40
N LEU O 104 52.77 -37.61 30.26
CA LEU O 104 53.95 -36.89 30.71
C LEU O 104 54.39 -35.87 29.69
N GLY O 105 54.77 -36.34 28.50
CA GLY O 105 55.22 -35.48 27.42
C GLY O 105 55.55 -36.36 26.24
N MET O 106 56.34 -35.86 25.30
CA MET O 106 56.75 -36.70 24.17
C MET O 106 58.26 -36.76 24.04
N MET O 107 58.75 -37.85 23.48
CA MET O 107 60.18 -38.07 23.39
C MET O 107 60.49 -38.85 22.11
N PRO O 108 61.63 -38.55 21.47
CA PRO O 108 62.02 -39.31 20.26
C PRO O 108 62.56 -40.70 20.60
N LEU O 109 62.34 -41.66 19.72
CA LEU O 109 62.82 -43.03 19.90
C LEU O 109 63.15 -43.71 18.58
N TRP O 110 64.31 -44.35 18.51
CA TRP O 110 64.77 -44.90 17.24
C TRP O 110 64.68 -46.42 17.17
N THR O 111 64.11 -46.91 16.07
CA THR O 111 64.07 -48.34 15.79
C THR O 111 65.44 -48.87 15.31
N LYS O 112 65.65 -50.18 15.41
CA LYS O 112 66.90 -50.79 14.92
C LYS O 112 67.08 -50.61 13.42
N ASP O 113 65.99 -50.21 12.76
CA ASP O 113 65.96 -50.14 11.30
C ASP O 113 66.41 -48.79 10.78
N GLY O 114 66.52 -47.81 11.67
CA GLY O 114 66.99 -46.51 11.29
C GLY O 114 65.90 -45.46 11.22
N GLN O 115 64.64 -45.90 11.31
CA GLN O 115 63.51 -44.98 11.30
C GLN O 115 63.37 -44.30 12.65
N LYS O 116 62.84 -43.09 12.64
CA LYS O 116 62.67 -42.31 13.85
C LYS O 116 61.20 -42.17 14.20
N HIS O 117 60.80 -42.64 15.38
CA HIS O 117 59.42 -42.48 15.82
C HIS O 117 59.38 -41.52 16.98
N VAL O 118 58.25 -40.87 17.16
CA VAL O 118 58.07 -40.04 18.33
C VAL O 118 57.03 -40.71 19.22
N VAL O 119 57.32 -40.81 20.52
CA VAL O 119 56.43 -41.51 21.43
C VAL O 119 55.95 -40.67 22.63
N THR O 120 54.82 -41.08 23.21
CA THR O 120 54.24 -40.38 24.34
C THR O 120 54.32 -41.23 25.61
N LEU O 121 54.86 -40.64 26.67
CA LEU O 121 55.03 -41.29 27.95
C LEU O 121 53.76 -41.17 28.78
N LEU O 122 53.18 -42.31 29.14
CA LEU O 122 52.04 -42.34 30.03
C LEU O 122 52.45 -42.95 31.35
N GLN O 123 52.09 -42.31 32.46
CA GLN O 123 52.49 -42.84 33.74
C GLN O 123 51.29 -43.29 34.55
N VAL O 124 51.39 -44.43 35.22
CA VAL O 124 50.34 -44.84 36.15
C VAL O 124 50.71 -44.41 37.56
N GLN O 125 49.95 -43.48 38.13
CA GLN O 125 50.29 -42.97 39.46
C GLN O 125 49.66 -43.84 40.56
N ASP O 126 48.34 -43.72 40.72
CA ASP O 126 47.60 -44.59 41.62
C ASP O 126 46.43 -45.19 40.85
N CYS O 127 46.46 -46.49 40.67
CA CYS O 127 45.39 -47.12 39.91
C CYS O 127 44.81 -48.29 40.68
N HIS O 128 43.51 -48.24 40.92
CA HIS O 128 42.82 -49.32 41.60
C HIS O 128 41.47 -49.52 40.96
N VAL O 129 41.01 -50.76 40.87
CA VAL O 129 39.64 -50.98 40.46
C VAL O 129 38.74 -50.59 41.62
N LEU O 130 37.62 -49.96 41.35
CA LEU O 130 36.77 -49.44 42.42
C LEU O 130 35.55 -50.30 42.66
N LYS O 131 34.56 -50.23 41.79
CA LYS O 131 33.40 -51.10 42.01
C LYS O 131 33.22 -52.06 40.85
N TYR O 132 32.25 -52.96 41.00
CA TYR O 132 32.02 -54.03 40.04
C TYR O 132 30.54 -54.14 39.74
N THR O 133 30.21 -54.19 38.46
CA THR O 133 28.82 -54.34 38.03
C THR O 133 28.65 -55.65 37.26
N PRO O 134 27.78 -56.54 37.77
CA PRO O 134 27.52 -57.84 37.14
C PRO O 134 26.96 -57.66 35.72
N LYS O 135 27.02 -58.73 34.94
CA LYS O 135 26.60 -58.72 33.53
C LYS O 135 25.23 -58.10 33.27
N GLU O 136 24.21 -58.61 33.97
CA GLU O 136 22.83 -58.16 33.80
C GLU O 136 22.66 -56.71 34.24
N ASN O 137 23.50 -56.28 35.17
CA ASN O 137 23.31 -54.98 35.79
C ASN O 137 23.94 -53.83 35.03
N HIS O 138 24.57 -54.11 33.90
CA HIS O 138 25.14 -53.01 33.15
C HIS O 138 24.63 -52.88 31.70
N ASN O 139 25.21 -53.67 30.79
CA ASN O 139 24.86 -53.60 29.36
C ASN O 139 23.92 -54.72 28.93
N GLY O 140 23.64 -55.63 29.85
CA GLY O 140 23.02 -56.88 29.48
C GLY O 140 24.01 -57.83 28.81
N ARG O 141 25.20 -57.33 28.46
CA ARG O 141 26.21 -58.12 27.74
C ARG O 141 27.51 -58.27 28.50
N MET O 142 28.21 -57.16 28.73
CA MET O 142 29.50 -57.21 29.39
C MET O 142 29.48 -56.51 30.76
N ALA O 143 30.30 -57.03 31.66
CA ALA O 143 30.35 -56.55 33.04
C ALA O 143 31.20 -55.29 33.16
N ALA O 144 30.74 -54.34 33.96
CA ALA O 144 31.44 -53.07 34.11
C ALA O 144 32.44 -53.11 35.26
N LEU O 145 33.68 -52.75 34.96
CA LEU O 145 34.69 -52.59 36.01
C LEU O 145 35.08 -51.13 36.11
N THR O 146 34.82 -50.52 37.26
CA THR O 146 35.08 -49.11 37.40
C THR O 146 36.47 -48.87 37.97
N VAL O 147 37.29 -48.13 37.22
CA VAL O 147 38.66 -47.88 37.59
C VAL O 147 38.88 -46.43 37.99
N GLY O 148 39.65 -46.23 39.08
CA GLY O 148 40.04 -44.92 39.56
C GLY O 148 41.41 -44.42 39.12
N GLY O 149 41.57 -43.10 39.10
CA GLY O 149 42.81 -42.45 38.69
C GLY O 149 43.63 -41.89 39.84
N LYS O 150 44.34 -40.80 39.56
CA LYS O 150 45.28 -40.16 40.48
C LYS O 150 44.65 -39.69 41.83
N THR O 151 45.44 -39.72 42.90
CA THR O 151 44.96 -39.34 44.24
C THR O 151 44.76 -37.83 44.41
N VAL O 152 43.63 -37.42 44.97
CA VAL O 152 43.36 -36.00 45.27
C VAL O 152 43.21 -35.76 46.77
N SER O 153 42.90 -34.54 47.20
CA SER O 153 42.72 -34.29 48.64
C SER O 153 41.27 -34.50 49.08
N HIS O 154 41.09 -35.07 50.28
CA HIS O 154 39.76 -35.33 50.81
C HIS O 154 38.92 -34.07 50.94
N PHE O 155 39.58 -32.95 51.18
CA PHE O 155 38.91 -31.76 51.67
C PHE O 155 37.98 -31.09 50.65
N HIS O 156 38.23 -31.32 49.37
CA HIS O 156 37.40 -30.69 48.33
C HIS O 156 36.33 -31.55 47.67
N LYS O 157 36.20 -32.81 48.08
CA LYS O 157 35.18 -33.67 47.47
C LYS O 157 33.84 -33.62 48.19
N SER O 158 32.86 -34.30 47.60
CA SER O 158 31.51 -34.37 48.15
C SER O 158 31.32 -35.40 49.27
N ALA O 159 30.31 -35.20 50.09
CA ALA O 159 29.94 -36.13 51.16
C ALA O 159 29.73 -37.56 50.62
N SER O 160 28.87 -37.68 49.61
CA SER O 160 28.56 -38.97 48.99
C SER O 160 29.82 -39.73 48.55
N ILE O 161 30.75 -38.99 47.94
CA ILE O 161 31.95 -39.57 47.36
C ILE O 161 32.93 -40.07 48.44
N LEU O 162 33.14 -39.24 49.46
CA LEU O 162 33.97 -39.61 50.59
C LEU O 162 33.38 -40.82 51.30
N GLU O 163 32.04 -40.89 51.33
CA GLU O 163 31.37 -42.08 51.84
C GLU O 163 31.75 -43.31 51.02
N PHE O 164 31.72 -43.18 49.70
CA PHE O 164 32.09 -44.27 48.81
C PHE O 164 33.50 -44.77 49.04
N TYR O 165 34.42 -43.85 49.33
CA TYR O 165 35.80 -44.26 49.56
C TYR O 165 36.04 -44.75 50.99
N GLN O 166 35.16 -44.38 51.92
CA GLN O 166 35.33 -44.87 53.28
C GLN O 166 34.85 -46.31 53.40
N GLU O 167 33.93 -46.71 52.52
CA GLU O 167 33.45 -48.09 52.49
C GLU O 167 34.38 -48.96 51.66
N LEU O 168 35.45 -48.35 51.15
CA LEU O 168 36.42 -49.02 50.30
C LEU O 168 37.77 -49.12 51.00
N GLY O 169 38.28 -47.96 51.42
CA GLY O 169 39.54 -47.90 52.14
C GLY O 169 40.69 -47.28 51.36
N LEU O 170 40.39 -46.81 50.17
CA LEU O 170 41.34 -46.00 49.39
C LEU O 170 41.13 -44.50 49.57
N PRO O 171 42.19 -43.69 49.33
CA PRO O 171 42.04 -42.24 49.13
C PRO O 171 41.15 -41.92 47.92
N PRO O 172 40.56 -40.71 47.83
CA PRO O 172 39.73 -40.40 46.66
C PRO O 172 40.54 -40.27 45.36
N LYS O 173 40.07 -40.85 44.26
CA LYS O 173 40.75 -40.73 42.97
C LYS O 173 40.17 -39.58 42.16
N GLN O 174 41.01 -38.90 41.38
CA GLN O 174 40.53 -37.78 40.59
C GLN O 174 39.59 -38.17 39.45
N LYS O 175 40.01 -39.08 38.60
CA LYS O 175 39.21 -39.45 37.42
C LYS O 175 38.79 -40.91 37.44
N VAL O 176 37.50 -41.15 37.23
CA VAL O 176 36.91 -42.47 37.36
C VAL O 176 36.21 -42.93 36.07
N LYS O 177 36.74 -43.97 35.43
CA LYS O 177 36.20 -44.42 34.14
C LYS O 177 35.69 -45.85 34.18
N ILE O 178 34.71 -46.17 33.35
CA ILE O 178 34.07 -47.48 33.34
C ILE O 178 34.50 -48.38 32.17
N PHE O 179 35.19 -49.47 32.47
CA PHE O 179 35.63 -50.41 31.43
C PHE O 179 34.68 -51.57 31.20
N ASN O 180 34.43 -51.92 29.94
CA ASN O 180 33.64 -53.11 29.65
C ASN O 180 34.53 -54.35 29.66
N VAL O 181 34.09 -55.42 30.30
CA VAL O 181 34.95 -56.60 30.54
C VAL O 181 34.12 -57.88 30.56
N THR O 182 34.68 -58.98 30.05
CA THR O 182 34.03 -60.29 30.10
C THR O 182 34.17 -60.99 31.47
N GLU O 183 33.25 -61.91 31.76
CA GLU O 183 33.13 -62.50 33.09
C GLU O 183 34.40 -63.18 33.61
N ASN O 184 35.25 -63.67 32.71
CA ASN O 184 36.47 -64.32 33.16
C ASN O 184 37.60 -63.34 33.47
N ALA O 185 37.39 -62.06 33.14
CA ALA O 185 38.40 -61.03 33.38
C ALA O 185 38.16 -60.23 34.66
N VAL O 186 37.09 -60.54 35.38
CA VAL O 186 36.72 -59.80 36.58
C VAL O 186 37.84 -59.83 37.63
N ILE O 187 37.94 -58.77 38.43
CA ILE O 187 38.90 -58.67 39.52
C ILE O 187 38.11 -58.39 40.80
N LYS O 188 38.76 -58.09 41.91
CA LYS O 188 38.01 -57.79 43.11
C LYS O 188 38.16 -56.31 43.39
N PRO O 189 37.07 -55.64 43.80
CA PRO O 189 37.07 -54.19 44.01
C PRO O 189 38.15 -53.81 45.02
N GLY O 190 38.79 -52.68 44.80
CA GLY O 190 39.91 -52.25 45.62
C GLY O 190 41.18 -53.06 45.40
N THR O 191 41.60 -53.18 44.15
CA THR O 191 42.81 -53.95 43.80
C THR O 191 43.77 -53.05 43.04
N PRO O 192 45.07 -53.12 43.33
CA PRO O 192 46.02 -52.24 42.63
C PRO O 192 46.32 -52.71 41.21
N LEU O 193 46.47 -51.76 40.29
CA LEU O 193 46.81 -52.05 38.89
C LEU O 193 48.10 -51.34 38.47
N TYR O 194 49.15 -52.10 38.17
CA TYR O 194 50.42 -51.49 37.78
C TYR O 194 50.58 -51.39 36.28
N ALA O 195 51.67 -50.77 35.86
CA ALA O 195 51.84 -50.42 34.45
C ALA O 195 52.50 -51.51 33.63
N ALA O 196 52.77 -52.66 34.24
CA ALA O 196 53.35 -53.80 33.53
C ALA O 196 52.23 -54.54 32.85
N HIS O 197 51.04 -53.96 32.98
CA HIS O 197 49.83 -54.59 32.51
C HIS O 197 49.83 -54.75 31.00
N PHE O 198 50.49 -53.85 30.29
CA PHE O 198 50.64 -54.00 28.84
C PHE O 198 52.05 -54.39 28.51
N ARG O 199 52.27 -55.64 28.11
CA ARG O 199 53.61 -56.10 27.77
C ARG O 199 54.05 -55.50 26.43
N PRO O 200 55.35 -55.19 26.29
CA PRO O 200 55.86 -54.39 25.17
C PRO O 200 55.68 -55.07 23.81
N GLY O 201 55.03 -54.31 22.94
CA GLY O 201 54.57 -54.67 21.61
C GLY O 201 53.18 -55.23 21.80
N GLN O 202 52.22 -54.60 21.13
CA GLN O 202 50.79 -54.76 21.42
C GLN O 202 50.15 -53.58 20.73
N TYR O 203 48.83 -53.50 20.69
CA TYR O 203 48.25 -52.21 20.30
C TYR O 203 47.23 -51.80 21.33
N VAL O 204 47.31 -50.53 21.73
CA VAL O 204 46.37 -50.06 22.72
C VAL O 204 45.51 -48.96 22.14
N ASP O 205 44.51 -48.54 22.91
CA ASP O 205 43.62 -47.46 22.52
C ASP O 205 43.62 -46.46 23.63
N VAL O 206 43.41 -45.20 23.29
CA VAL O 206 43.42 -44.16 24.29
C VAL O 206 42.24 -43.21 24.14
N THR O 207 41.52 -42.96 25.22
CA THR O 207 40.48 -41.95 25.18
C THR O 207 40.85 -40.82 26.13
N ALA O 208 40.69 -39.57 25.68
CA ALA O 208 40.86 -38.45 26.62
C ALA O 208 40.14 -37.21 26.13
N LYS O 209 40.00 -36.22 26.99
CA LYS O 209 39.46 -34.93 26.57
C LYS O 209 40.52 -34.13 25.81
N THR O 210 40.20 -33.74 24.57
CA THR O 210 41.16 -33.01 23.74
C THR O 210 41.36 -31.58 24.20
N ILE O 211 42.46 -30.96 23.77
CA ILE O 211 42.80 -29.61 24.20
C ILE O 211 41.72 -28.60 23.86
N GLY O 212 41.15 -27.97 24.89
CA GLY O 212 40.06 -27.02 24.69
C GLY O 212 40.46 -25.67 24.11
N LYS O 213 39.93 -25.34 22.94
CA LYS O 213 40.22 -24.07 22.28
C LYS O 213 39.11 -23.01 22.42
N GLY O 214 38.07 -23.31 23.19
CA GLY O 214 37.01 -22.34 23.45
C GLY O 214 36.03 -22.14 22.31
N PHE O 215 35.60 -20.89 22.12
CA PHE O 215 34.66 -20.54 21.05
C PHE O 215 35.45 -20.08 19.84
N GLN O 216 35.50 -20.93 18.83
CA GLN O 216 36.36 -20.69 17.69
C GLN O 216 35.55 -20.38 16.43
N GLY O 217 36.08 -19.53 15.56
CA GLY O 217 35.36 -19.14 14.34
C GLY O 217 35.22 -20.29 13.37
N VAL O 218 34.71 -20.04 12.17
CA VAL O 218 34.50 -21.12 11.21
C VAL O 218 35.80 -21.66 10.56
N MET O 219 36.77 -20.80 10.34
CA MET O 219 38.01 -21.22 9.70
C MET O 219 38.84 -22.16 10.54
N ARG O 220 38.66 -22.13 11.85
CA ARG O 220 39.32 -23.09 12.72
C ARG O 220 38.49 -24.32 12.91
N ARG O 221 37.33 -24.14 13.51
CA ARG O 221 36.46 -25.24 13.88
C ARG O 221 36.26 -26.25 12.76
N TRP O 222 36.04 -25.75 11.55
CA TRP O 222 35.70 -26.58 10.41
C TRP O 222 36.83 -26.58 9.41
N GLY O 223 37.32 -25.42 9.02
CA GLY O 223 38.39 -25.38 8.07
C GLY O 223 37.94 -24.93 6.70
N PHE O 224 36.80 -24.26 6.67
CA PHE O 224 36.37 -23.52 5.49
C PHE O 224 37.48 -22.58 5.04
N LYS O 225 37.69 -22.45 3.73
CA LYS O 225 38.56 -21.41 3.19
C LYS O 225 37.99 -20.07 3.59
N GLY O 226 38.81 -19.04 3.57
CA GLY O 226 38.25 -17.73 3.83
C GLY O 226 37.72 -17.12 2.55
N GLN O 227 37.46 -15.83 2.64
CA GLN O 227 37.29 -14.99 1.47
C GLN O 227 38.64 -14.30 1.16
N PRO O 228 38.87 -13.93 -0.11
CA PRO O 228 40.16 -13.36 -0.51
C PRO O 228 40.39 -12.04 0.22
N ALA O 229 41.63 -11.68 0.52
CA ALA O 229 41.89 -10.55 1.41
C ALA O 229 41.85 -9.17 0.76
N THR O 230 42.40 -9.04 -0.43
CA THR O 230 42.70 -7.69 -0.97
C THR O 230 41.80 -7.06 -2.05
N HIS O 231 40.91 -7.81 -2.67
CA HIS O 231 40.37 -7.30 -3.93
C HIS O 231 39.13 -6.41 -3.79
N GLY O 232 38.88 -5.92 -2.58
CA GLY O 232 37.78 -5.03 -2.33
C GLY O 232 36.68 -5.65 -1.49
N GLN O 233 36.97 -6.82 -0.95
CA GLN O 233 36.10 -7.46 0.03
C GLN O 233 35.94 -6.61 1.27
N THR O 234 34.70 -6.42 1.72
CA THR O 234 34.43 -5.57 2.87
C THR O 234 33.87 -6.36 4.07
N LYS O 235 34.69 -6.47 5.12
CA LYS O 235 34.34 -7.12 6.38
C LYS O 235 34.01 -8.60 6.27
N THR O 236 34.49 -9.24 5.22
CA THR O 236 34.21 -10.67 5.04
C THR O 236 35.31 -11.70 5.30
N HIS O 237 36.52 -11.28 5.63
CA HIS O 237 37.71 -12.15 5.46
C HIS O 237 37.68 -13.50 6.18
N ARG O 238 36.69 -13.73 7.04
CA ARG O 238 36.56 -14.95 7.84
C ARG O 238 35.21 -15.67 7.65
N ARG O 239 34.11 -14.92 7.71
CA ARG O 239 32.75 -15.45 7.83
C ARG O 239 32.39 -16.61 6.92
N PRO O 240 31.53 -17.52 7.41
CA PRO O 240 31.15 -18.78 6.75
C PRO O 240 30.65 -18.63 5.31
N GLY O 241 30.04 -17.51 4.95
CA GLY O 241 29.46 -17.39 3.62
C GLY O 241 28.07 -18.00 3.65
N ALA O 242 27.46 -18.21 2.48
CA ALA O 242 26.07 -18.64 2.41
C ALA O 242 25.85 -19.89 3.24
N ILE O 243 24.86 -19.86 4.13
CA ILE O 243 24.63 -21.00 4.98
C ILE O 243 23.49 -21.91 4.53
N SER O 244 22.78 -21.55 3.47
CA SER O 244 21.70 -22.41 2.98
C SER O 244 21.15 -22.04 1.61
N THR O 245 20.05 -22.69 1.25
CA THR O 245 19.45 -22.53 -0.07
C THR O 245 18.16 -21.74 0.00
N GLY O 246 17.95 -20.85 -0.96
CA GLY O 246 16.77 -20.03 -1.03
C GLY O 246 15.41 -20.72 -0.91
N ASP O 247 15.24 -21.92 -1.42
CA ASP O 247 13.91 -22.50 -1.36
C ASP O 247 13.60 -22.96 0.04
N VAL O 248 14.55 -23.70 0.61
CA VAL O 248 14.38 -24.30 1.92
C VAL O 248 13.92 -23.29 2.99
N ALA O 249 14.44 -22.07 2.94
CA ALA O 249 13.97 -20.99 3.83
C ALA O 249 14.26 -21.25 5.31
N ARG O 250 14.86 -22.39 5.63
CA ARG O 250 15.35 -22.67 6.97
C ARG O 250 16.81 -23.06 6.81
N VAL O 251 17.57 -23.18 7.88
CA VAL O 251 18.91 -23.74 7.72
C VAL O 251 18.89 -25.13 8.35
N TRP O 252 19.55 -26.07 7.68
CA TRP O 252 19.44 -27.48 8.05
C TRP O 252 20.01 -27.81 9.42
N PRO O 253 19.41 -28.78 10.11
CA PRO O 253 19.80 -29.25 11.44
C PRO O 253 21.25 -29.70 11.60
N GLY O 254 22.01 -29.89 10.55
CA GLY O 254 23.41 -30.26 10.74
C GLY O 254 24.43 -29.16 10.53
N THR O 255 23.99 -28.02 10.00
CA THR O 255 24.87 -27.01 9.38
C THR O 255 26.05 -26.55 10.24
N LYS O 256 27.23 -26.51 9.63
CA LYS O 256 28.46 -26.14 10.32
C LYS O 256 28.54 -24.65 10.62
N MET O 257 28.73 -24.31 11.89
CA MET O 257 28.77 -22.91 12.31
C MET O 257 29.80 -22.67 13.43
N PRO O 258 30.17 -21.41 13.73
CA PRO O 258 31.17 -21.17 14.77
C PRO O 258 30.71 -21.63 16.14
N GLY O 259 31.61 -22.15 16.98
CA GLY O 259 31.22 -22.60 18.30
C GLY O 259 32.29 -23.28 19.13
N GLN O 260 31.85 -24.08 20.10
CA GLN O 260 32.75 -24.85 20.95
C GLN O 260 33.64 -25.80 20.17
N LEU O 261 34.94 -25.71 20.38
CA LEU O 261 35.89 -26.59 19.69
C LEU O 261 36.92 -27.23 20.60
N GLY O 262 36.91 -28.54 20.70
CA GLY O 262 38.02 -29.21 21.34
C GLY O 262 37.87 -29.72 22.76
N ASN O 263 36.92 -29.24 23.56
CA ASN O 263 36.82 -29.95 24.81
C ASN O 263 35.68 -30.93 24.64
N ILE O 264 36.08 -32.17 24.37
CA ILE O 264 35.15 -33.23 24.02
C ILE O 264 35.97 -34.50 24.20
N ASP O 265 35.34 -35.66 24.25
CA ASP O 265 36.13 -36.88 24.32
C ASP O 265 36.54 -37.36 22.93
N ARG O 266 37.77 -37.82 22.79
CA ARG O 266 38.15 -38.49 21.56
C ARG O 266 38.87 -39.79 21.88
N THR O 267 39.02 -40.62 20.87
CA THR O 267 39.77 -41.86 21.02
C THR O 267 40.73 -42.08 19.86
N ALA O 268 41.97 -42.40 20.21
CA ALA O 268 42.95 -42.82 19.23
C ALA O 268 43.10 -44.34 19.26
N PHE O 269 42.94 -44.95 18.09
CA PHE O 269 43.08 -46.39 17.97
C PHE O 269 44.42 -46.80 17.45
N GLY O 270 44.67 -48.10 17.43
CA GLY O 270 45.86 -48.68 16.82
C GLY O 270 47.21 -48.09 17.15
N LEU O 271 47.42 -47.67 18.39
CA LEU O 271 48.76 -47.23 18.81
C LEU O 271 49.59 -48.41 19.26
N LYS O 272 50.85 -48.47 18.84
CA LYS O 272 51.72 -49.55 19.29
C LYS O 272 52.43 -49.16 20.58
N VAL O 273 52.63 -50.11 21.48
CA VAL O 273 53.39 -49.84 22.69
C VAL O 273 54.83 -50.32 22.46
N TRP O 274 55.80 -49.42 22.69
CA TRP O 274 57.19 -49.72 22.40
C TRP O 274 57.98 -50.24 23.61
N ARG O 275 58.08 -49.45 24.67
CA ARG O 275 58.80 -49.91 25.86
C ARG O 275 58.08 -49.59 27.17
N ILE O 276 58.40 -50.37 28.21
CA ILE O 276 57.79 -50.22 29.53
C ILE O 276 58.83 -49.99 30.63
N ASN O 277 58.59 -49.04 31.53
CA ASN O 277 59.43 -48.87 32.71
C ASN O 277 58.73 -49.45 33.94
N THR O 278 59.37 -50.38 34.64
CA THR O 278 58.72 -51.04 35.76
C THR O 278 58.69 -50.22 37.04
N LYS O 279 59.79 -49.54 37.36
CA LYS O 279 59.91 -48.86 38.65
C LYS O 279 59.01 -47.64 38.75
N HIS O 280 59.00 -46.83 37.70
CA HIS O 280 58.23 -45.61 37.71
C HIS O 280 56.86 -45.82 37.06
N ASN O 281 56.61 -47.04 36.61
CA ASN O 281 55.35 -47.39 35.96
C ASN O 281 55.05 -46.51 34.77
N ILE O 282 55.89 -46.57 33.75
CA ILE O 282 55.72 -45.68 32.61
C ILE O 282 55.68 -46.44 31.27
N ILE O 283 54.54 -46.32 30.58
CA ILE O 283 54.35 -46.86 29.24
C ILE O 283 54.82 -45.89 28.17
N TYR O 284 55.48 -46.40 27.13
CA TYR O 284 55.82 -45.54 25.99
C TYR O 284 54.95 -45.92 24.82
N VAL O 285 53.95 -45.10 24.50
CA VAL O 285 53.06 -45.47 23.42
C VAL O 285 53.47 -44.65 22.22
N ASN O 286 52.89 -44.95 21.07
CA ASN O 286 53.41 -44.48 19.81
C ASN O 286 52.60 -43.30 19.27
N GLY O 287 53.27 -42.37 18.61
CA GLY O 287 52.57 -41.22 18.04
C GLY O 287 52.03 -40.29 19.12
N SER O 288 50.81 -39.77 18.93
CA SER O 288 50.27 -38.83 19.91
C SER O 288 48.95 -39.30 20.51
N VAL O 289 48.71 -38.84 21.73
CA VAL O 289 47.49 -39.12 22.46
C VAL O 289 46.68 -37.85 22.72
N PRO O 290 45.41 -37.83 22.33
CA PRO O 290 44.62 -36.61 22.51
C PRO O 290 44.55 -36.14 23.96
N GLY O 291 44.90 -34.88 24.23
CA GLY O 291 44.72 -34.25 25.54
C GLY O 291 45.82 -33.23 25.79
N HIS O 292 45.75 -32.42 26.85
CA HIS O 292 46.90 -31.60 27.15
C HIS O 292 47.90 -32.47 27.87
N LYS O 293 49.17 -32.08 27.84
CA LYS O 293 50.17 -32.81 28.62
C LYS O 293 49.83 -32.65 30.08
N ASN O 294 50.10 -33.68 30.88
CA ASN O 294 49.82 -33.70 32.31
C ASN O 294 48.34 -33.99 32.60
N CYS O 295 47.57 -34.18 31.55
CA CYS O 295 46.17 -34.61 31.67
C CYS O 295 45.99 -36.09 32.05
N LEU O 296 44.80 -36.43 32.54
CA LEU O 296 44.41 -37.80 32.88
C LEU O 296 43.78 -38.56 31.69
N VAL O 297 44.26 -39.77 31.42
CA VAL O 297 44.03 -40.47 30.14
C VAL O 297 43.57 -41.93 30.28
N LYS O 298 42.64 -42.39 29.45
CA LYS O 298 42.13 -43.76 29.59
C LYS O 298 42.69 -44.79 28.59
N ILE O 299 43.43 -45.80 29.09
CA ILE O 299 44.08 -46.82 28.23
C ILE O 299 43.42 -48.20 28.20
N LYS O 300 43.24 -48.76 27.02
CA LYS O 300 42.74 -50.13 26.93
C LYS O 300 43.46 -50.93 25.86
N ASP O 301 43.24 -52.23 25.80
CA ASP O 301 43.73 -53.01 24.68
C ASP O 301 42.95 -52.56 23.45
N SER O 302 43.50 -52.80 22.26
CA SER O 302 42.82 -52.36 21.04
C SER O 302 41.60 -53.21 20.70
N LYS O 303 40.51 -52.52 20.34
CA LYS O 303 39.29 -53.18 19.93
C LYS O 303 39.23 -53.30 18.40
N LEU O 304 40.31 -52.89 17.74
CA LEU O 304 40.38 -52.99 16.28
C LEU O 304 40.38 -54.43 15.81
N PRO O 305 39.72 -54.70 14.67
CA PRO O 305 39.45 -56.06 14.17
C PRO O 305 40.70 -56.85 13.79
N ALA O 306 41.83 -56.19 13.60
CA ALA O 306 43.07 -56.87 13.25
C ALA O 306 43.72 -57.55 14.45
N TYR O 307 43.52 -56.97 15.63
CA TYR O 307 44.19 -57.42 16.85
C TYR O 307 43.37 -58.32 17.77
N LYS O 308 42.19 -58.74 17.33
CA LYS O 308 41.16 -59.29 18.21
C LYS O 308 41.65 -60.29 19.28
N ASP O 309 42.52 -61.23 18.91
CA ASP O 309 42.98 -62.30 19.82
C ASP O 309 44.32 -62.10 20.52
N PHE O 310 44.90 -60.91 20.36
CA PHE O 310 46.23 -60.60 20.88
C PHE O 310 46.39 -60.72 22.40
N CYS O 311 45.27 -60.85 23.10
CA CYS O 311 45.24 -60.82 24.57
C CYS O 311 45.58 -62.17 25.21
N LYS O 312 45.93 -63.15 24.40
CA LYS O 312 46.22 -64.46 24.93
C LYS O 312 47.59 -64.53 25.61
N ASN O 313 48.48 -63.60 25.26
CA ASN O 313 49.84 -63.61 25.82
C ASN O 313 50.09 -62.67 27.00
N LEU O 314 49.04 -62.04 27.51
CA LEU O 314 49.20 -61.03 28.54
C LEU O 314 48.65 -61.53 29.87
N PRO O 315 49.18 -61.00 30.99
CA PRO O 315 48.95 -61.54 32.34
C PRO O 315 47.49 -61.40 32.79
N PHE O 316 46.68 -62.44 32.61
CA PHE O 316 45.24 -62.20 32.51
C PHE O 316 44.30 -62.74 33.59
N PRO O 317 44.39 -62.23 34.84
CA PRO O 317 43.32 -61.28 35.19
C PRO O 317 43.84 -59.88 34.83
N THR O 318 45.09 -59.65 35.26
CA THR O 318 45.94 -58.45 35.15
C THR O 318 47.32 -58.88 35.68
N TYR O 319 48.26 -57.95 35.80
CA TYR O 319 49.60 -58.29 36.29
C TYR O 319 49.72 -58.26 37.83
N PHE O 320 50.44 -59.23 38.38
CA PHE O 320 50.59 -59.39 39.83
C PHE O 320 52.03 -59.52 40.29
N PRO O 321 52.66 -58.41 40.72
CA PRO O 321 54.06 -58.40 41.16
C PRO O 321 54.37 -59.37 42.32
N ASP O 322 53.37 -59.68 43.15
CA ASP O 322 53.55 -60.63 44.24
C ASP O 322 53.67 -62.07 43.74
N GLY O 323 52.70 -62.45 42.91
CA GLY O 323 52.56 -63.83 42.44
C GLY O 323 53.76 -64.47 41.78
N ASP O 324 54.33 -63.82 40.78
CA ASP O 324 55.48 -64.40 40.06
C ASP O 324 56.70 -64.52 40.95
N GLU O 325 56.82 -63.61 41.91
CA GLU O 325 57.96 -63.55 42.83
C GLU O 325 59.29 -63.43 42.06
N GLU O 326 59.27 -62.64 40.99
CA GLU O 326 60.46 -62.36 40.20
C GLU O 326 60.62 -60.86 40.00
N ALA O 327 61.84 -60.42 39.77
CA ALA O 327 62.09 -59.02 39.46
C ALA O 327 62.15 -58.82 37.95
N LEU O 328 61.17 -58.11 37.41
CA LEU O 328 61.20 -57.78 35.99
C LEU O 328 62.32 -56.80 35.71
N PRO O 329 63.00 -56.98 34.56
CA PRO O 329 64.04 -56.05 34.14
C PRO O 329 63.50 -54.63 34.16
N GLU O 330 64.32 -53.65 34.50
CA GLU O 330 63.82 -52.29 34.72
C GLU O 330 63.19 -51.68 33.47
N ASP O 331 63.57 -52.18 32.31
CA ASP O 331 62.91 -51.77 31.06
C ASP O 331 62.59 -52.97 30.17
N LEU O 332 61.35 -53.01 29.68
CA LEU O 332 60.93 -54.01 28.71
C LEU O 332 60.81 -53.41 27.33
N TYR O 333 61.74 -53.78 26.43
CA TYR O 333 61.76 -53.23 25.08
C TYR O 333 61.13 -54.16 24.06
N ASP O 334 60.46 -53.56 23.07
CA ASP O 334 60.04 -54.29 21.89
C ASP O 334 61.28 -54.74 21.12
N GLU O 335 61.17 -55.79 20.33
CA GLU O 335 62.31 -56.36 19.62
C GLU O 335 62.89 -55.40 18.58
N ASN O 336 62.08 -54.42 18.15
CA ASN O 336 62.49 -53.47 17.12
C ASN O 336 63.36 -52.33 17.61
N VAL O 337 63.11 -51.91 18.83
CA VAL O 337 63.68 -50.67 19.34
C VAL O 337 65.19 -50.71 19.54
N CYS O 338 65.85 -49.64 19.13
CA CYS O 338 67.23 -49.43 19.56
C CYS O 338 67.26 -49.06 21.03
N GLN O 339 67.99 -49.83 21.82
CA GLN O 339 68.04 -49.56 23.26
C GLN O 339 68.95 -48.35 23.54
N PRO O 340 68.71 -47.65 24.67
CA PRO O 340 69.45 -46.44 25.04
C PRO O 340 70.96 -46.68 25.11
N GLY O 341 71.36 -47.95 25.08
CA GLY O 341 72.74 -48.25 24.81
C GLY O 341 72.73 -49.49 23.96
N ALA O 342 73.76 -49.62 23.13
CA ALA O 342 73.73 -50.51 21.98
C ALA O 342 74.96 -50.30 21.11
N PRO O 343 75.18 -51.19 20.14
CA PRO O 343 76.29 -51.11 19.18
C PRO O 343 76.43 -49.82 18.32
N SER O 344 75.41 -48.95 18.23
CA SER O 344 75.45 -47.82 17.26
C SER O 344 75.44 -48.23 15.78
N ILE O 345 74.23 -48.42 15.24
CA ILE O 345 73.94 -49.24 14.06
C ILE O 345 74.89 -49.14 12.88
N THR O 346 75.29 -50.32 12.37
CA THR O 346 76.05 -50.43 11.13
C THR O 346 75.32 -51.26 10.08
N PHE O 347 74.95 -50.60 8.98
CA PHE O 347 74.35 -51.30 7.85
C PHE O 347 75.42 -52.05 7.07
N THR O 348 75.01 -53.06 6.31
CA THR O 348 75.93 -53.81 5.45
C THR O 348 75.19 -54.38 4.24
N PRO P 45 -77.72 47.21 36.78
CA PRO P 45 -78.39 46.43 35.73
C PRO P 45 -77.42 45.45 35.05
N PRO P 46 -77.87 44.22 34.77
CA PRO P 46 -77.01 43.24 34.09
C PRO P 46 -76.60 43.71 32.69
N VAL P 47 -75.31 43.67 32.41
CA VAL P 47 -74.80 44.08 31.09
C VAL P 47 -74.94 42.92 30.09
N LEU P 48 -75.69 43.14 29.03
CA LEU P 48 -75.91 42.11 28.03
C LEU P 48 -75.27 42.52 26.71
N ARG P 49 -74.52 41.62 26.10
CA ARG P 49 -73.79 41.96 24.89
C ARG P 49 -74.24 41.11 23.70
N LYS P 50 -74.86 41.78 22.74
CA LYS P 50 -75.34 41.17 21.50
C LYS P 50 -74.29 41.33 20.40
N CYS P 51 -74.16 40.34 19.52
CA CYS P 51 -73.16 40.40 18.44
C CYS P 51 -73.51 41.36 17.30
N GLU P 52 -72.52 42.15 16.91
CA GLU P 52 -72.70 43.21 15.91
C GLU P 52 -72.38 42.75 14.50
N LEU P 53 -72.05 41.47 14.34
CA LEU P 53 -71.80 40.91 13.01
C LEU P 53 -72.70 39.72 12.73
N PRO P 54 -73.09 39.53 11.46
CA PRO P 54 -74.05 38.48 11.08
C PRO P 54 -73.52 37.08 11.37
N VAL P 55 -74.33 36.27 12.05
CA VAL P 55 -74.01 34.86 12.25
C VAL P 55 -74.46 34.04 11.05
N PRO P 56 -73.72 32.98 10.72
CA PRO P 56 -74.17 32.06 9.66
C PRO P 56 -75.54 31.47 10.00
N ALA P 57 -76.36 31.28 8.97
CA ALA P 57 -77.77 30.93 9.16
C ALA P 57 -77.96 29.64 9.97
N HIS P 58 -77.03 28.72 9.81
CA HIS P 58 -77.15 27.39 10.38
C HIS P 58 -76.50 27.25 11.76
N ARG P 59 -76.01 28.35 12.31
CA ARG P 59 -75.16 28.28 13.49
C ARG P 59 -75.53 29.29 14.61
N ARG P 60 -75.93 28.78 15.77
CA ARG P 60 -76.28 29.64 16.91
C ARG P 60 -75.03 30.06 17.67
N PRO P 61 -75.01 31.30 18.19
CA PRO P 61 -73.79 31.85 18.82
C PRO P 61 -73.37 31.12 20.08
N VAL P 62 -72.28 31.57 20.72
CA VAL P 62 -71.82 30.96 21.96
C VAL P 62 -71.99 31.98 23.08
N GLN P 63 -72.06 31.55 24.34
CA GLN P 63 -72.23 32.53 25.40
C GLN P 63 -71.18 32.37 26.49
N ALA P 64 -70.79 33.48 27.11
CA ALA P 64 -69.82 33.46 28.20
C ALA P 64 -70.22 34.43 29.31
N TRP P 65 -69.94 34.08 30.56
CA TRP P 65 -70.21 34.98 31.68
C TRP P 65 -69.38 36.25 31.60
N ILE P 66 -69.98 37.39 31.90
CA ILE P 66 -69.21 38.61 32.03
C ILE P 66 -68.90 38.87 33.49
N GLU P 67 -67.62 38.80 33.83
CA GLU P 67 -67.16 38.95 35.21
C GLU P 67 -66.69 40.38 35.44
N SER P 68 -66.83 40.86 36.66
CA SER P 68 -66.26 42.15 37.06
C SER P 68 -65.00 41.94 37.88
N LEU P 69 -64.05 42.85 37.75
CA LEU P 69 -62.77 42.69 38.41
C LEU P 69 -62.68 43.44 39.74
N ARG P 70 -63.74 44.17 40.10
CA ARG P 70 -63.76 44.98 41.32
C ARG P 70 -64.12 44.23 42.61
N GLY P 71 -65.15 43.39 42.57
CA GLY P 71 -65.50 42.62 43.75
C GLY P 71 -64.78 41.29 43.76
N TYR P 72 -64.44 40.80 44.97
CA TYR P 72 -63.94 39.44 45.10
C TYR P 72 -65.04 38.49 44.68
N GLU P 73 -66.24 38.79 45.17
CA GLU P 73 -67.37 37.89 45.08
C GLU P 73 -68.31 38.14 43.91
N GLN P 74 -68.10 39.19 43.12
CA GLN P 74 -69.07 39.35 42.05
C GLN P 74 -68.53 38.60 40.84
N GLU P 75 -69.10 37.41 40.69
CA GLU P 75 -68.66 36.43 39.72
C GLU P 75 -69.29 36.64 38.36
N ARG P 76 -70.62 36.73 38.33
CA ARG P 76 -71.31 36.98 37.07
C ARG P 76 -72.07 38.30 37.11
N VAL P 77 -71.48 39.29 36.44
CA VAL P 77 -72.07 40.59 36.27
C VAL P 77 -73.01 40.60 35.07
N GLY P 78 -72.67 39.84 34.03
CA GLY P 78 -73.45 39.88 32.81
C GLY P 78 -73.36 38.63 31.95
N LEU P 79 -73.91 38.71 30.74
CA LEU P 79 -73.87 37.60 29.79
C LEU P 79 -73.47 38.11 28.42
N THR P 80 -72.45 37.51 27.82
CA THR P 80 -71.99 37.93 26.50
C THR P 80 -72.26 36.89 25.43
N GLU P 81 -72.82 37.37 24.33
CA GLU P 81 -72.96 36.60 23.12
C GLU P 81 -71.67 36.73 22.30
N LEU P 82 -71.02 35.60 22.04
CA LEU P 82 -69.80 35.52 21.28
C LEU P 82 -70.03 34.87 19.95
N HIS P 83 -69.29 35.32 18.94
CA HIS P 83 -69.50 34.89 17.57
C HIS P 83 -69.01 33.45 17.36
N PRO P 84 -69.86 32.61 16.77
CA PRO P 84 -69.57 31.18 16.71
C PRO P 84 -68.38 30.89 15.81
N ASP P 85 -68.07 31.83 14.93
CA ASP P 85 -66.99 31.59 14.00
C ASP P 85 -65.63 31.86 14.65
N VAL P 86 -65.53 32.93 15.43
CA VAL P 86 -64.27 33.21 16.10
C VAL P 86 -64.00 32.26 17.26
N PHE P 87 -64.93 32.18 18.21
CA PHE P 87 -64.70 31.36 19.40
C PHE P 87 -65.10 29.87 19.28
N SER P 88 -66.04 29.53 18.42
CA SER P 88 -66.47 28.13 18.29
C SER P 88 -65.83 27.35 17.13
N THR P 89 -64.85 27.95 16.45
CA THR P 89 -64.16 27.34 15.30
C THR P 89 -63.73 25.91 15.55
N ALA P 90 -63.88 25.04 14.54
CA ALA P 90 -63.45 23.64 14.67
C ALA P 90 -61.99 23.56 15.10
N PRO P 91 -61.73 22.95 16.28
CA PRO P 91 -60.43 23.04 16.94
C PRO P 91 -59.37 22.28 16.17
N ARG P 92 -58.26 22.94 15.88
CA ARG P 92 -57.16 22.29 15.20
C ARG P 92 -55.86 22.51 15.92
N LEU P 93 -55.32 21.44 16.50
CA LEU P 93 -54.05 21.54 17.19
C LEU P 93 -52.91 21.67 16.18
N ASP P 94 -53.22 21.27 14.95
CA ASP P 94 -52.30 21.34 13.83
C ASP P 94 -51.83 22.77 13.58
N ILE P 95 -52.78 23.67 13.36
CA ILE P 95 -52.44 25.03 13.00
C ILE P 95 -51.89 25.78 14.20
N LEU P 96 -52.34 25.39 15.40
CA LEU P 96 -51.76 25.92 16.62
C LEU P 96 -50.27 25.64 16.63
N HIS P 97 -49.92 24.40 16.33
CA HIS P 97 -48.53 24.00 16.24
C HIS P 97 -47.75 24.80 15.20
N GLN P 98 -48.22 24.82 13.96
CA GLN P 98 -47.53 25.56 12.91
C GLN P 98 -47.25 27.01 13.26
N VAL P 99 -48.26 27.74 13.75
CA VAL P 99 -48.04 29.14 14.10
C VAL P 99 -47.20 29.30 15.36
N ALA P 100 -47.32 28.35 16.29
CA ALA P 100 -46.55 28.41 17.52
C ALA P 100 -45.08 28.34 17.19
N ILE P 101 -44.72 27.49 16.25
CA ILE P 101 -43.35 27.37 15.79
C ILE P 101 -42.92 28.57 14.97
N TRP P 102 -43.78 29.00 14.05
CA TRP P 102 -43.49 30.18 13.25
C TRP P 102 -43.10 31.36 14.12
N GLN P 103 -43.87 31.62 15.16
CA GLN P 103 -43.59 32.74 16.05
C GLN P 103 -42.20 32.66 16.62
N LYS P 104 -41.80 31.44 16.96
CA LYS P 104 -40.50 31.22 17.52
C LYS P 104 -39.40 31.44 16.46
N ASN P 105 -39.61 30.94 15.27
CA ASN P 105 -38.52 30.98 14.32
C ASN P 105 -38.41 32.13 13.34
N PHE P 106 -39.44 32.94 13.14
CA PHE P 106 -39.27 33.92 12.06
C PHE P 106 -38.36 35.03 12.56
N LYS P 107 -38.39 35.32 13.87
CA LYS P 107 -37.51 36.33 14.43
C LYS P 107 -36.03 35.94 14.40
N ARG P 108 -35.76 34.64 14.47
CA ARG P 108 -34.42 34.12 14.78
C ARG P 108 -33.29 34.51 13.83
N ILE P 109 -32.23 35.10 14.37
CA ILE P 109 -30.99 35.28 13.61
C ILE P 109 -29.80 34.77 14.41
N SER P 110 -29.19 33.68 13.94
CA SER P 110 -28.04 33.10 14.63
C SER P 110 -26.74 33.75 14.22
N TYR P 111 -26.00 34.29 15.18
CA TYR P 111 -24.65 34.69 14.85
C TYR P 111 -23.74 33.61 15.40
N ALA P 112 -23.36 32.68 14.55
CA ALA P 112 -22.32 31.74 14.92
C ALA P 112 -21.49 31.55 13.69
N LYS P 113 -20.23 31.96 13.78
CA LYS P 113 -19.33 31.92 12.65
C LYS P 113 -18.17 31.04 13.05
N THR P 114 -17.64 30.28 12.11
CA THR P 114 -16.51 29.42 12.36
C THR P 114 -15.53 29.73 11.25
N LYS P 115 -14.26 29.93 11.54
CA LYS P 115 -13.32 30.26 10.48
C LYS P 115 -13.03 29.07 9.60
N THR P 116 -13.31 29.18 8.31
CA THR P 116 -12.98 28.09 7.38
C THR P 116 -11.51 28.06 7.12
N ARG P 117 -11.07 26.95 6.55
CA ARG P 117 -9.69 26.70 6.22
C ARG P 117 -8.99 27.86 5.47
N ALA P 118 -9.78 28.67 4.78
CA ALA P 118 -9.26 29.85 4.10
C ALA P 118 -9.08 31.06 5.02
N GLU P 119 -9.87 31.17 6.08
CA GLU P 119 -9.85 32.37 6.90
C GLU P 119 -8.91 32.33 8.12
N VAL P 120 -8.32 31.16 8.41
CA VAL P 120 -7.44 31.00 9.58
C VAL P 120 -6.15 31.84 9.43
N ARG P 121 -5.44 32.10 10.53
CA ARG P 121 -4.38 33.12 10.58
C ARG P 121 -3.28 33.08 9.53
N GLY P 122 -2.67 31.94 9.32
CA GLY P 122 -1.41 31.91 8.62
C GLY P 122 -1.21 30.57 7.95
N GLY P 123 -0.01 30.29 7.50
CA GLY P 123 0.26 28.96 6.99
C GLY P 123 -0.23 28.74 5.59
N GLY P 124 0.09 29.66 4.70
CA GLY P 124 -0.19 29.49 3.28
C GLY P 124 0.92 28.74 2.57
N ARG P 125 1.69 27.94 3.31
CA ARG P 125 2.85 27.25 2.75
C ARG P 125 2.83 25.75 3.02
N LYS P 126 3.55 24.96 2.22
CA LYS P 126 3.61 23.51 2.40
C LYS P 126 4.58 23.08 3.52
N PRO P 127 4.10 22.34 4.54
CA PRO P 127 4.90 22.09 5.74
C PRO P 127 6.22 21.35 5.48
N TRP P 128 6.17 20.29 4.66
CA TRP P 128 7.39 19.66 4.15
C TRP P 128 7.10 19.23 2.70
N VAL P 129 8.10 18.69 2.01
CA VAL P 129 7.91 18.30 0.59
C VAL P 129 7.15 17.00 0.42
N GLN P 130 6.56 16.84 -0.76
CA GLN P 130 5.65 15.72 -1.04
C GLN P 130 6.25 14.34 -0.79
N LYS P 131 7.33 14.02 -1.51
CA LYS P 131 7.94 12.69 -1.44
C LYS P 131 9.29 12.66 -0.73
N GLY P 132 9.55 11.55 -0.04
CA GLY P 132 10.84 11.31 0.59
C GLY P 132 10.89 11.43 2.10
N SER P 133 9.93 12.14 2.69
CA SER P 133 9.96 12.37 4.13
C SER P 133 9.70 11.09 4.91
N GLY P 134 8.68 10.35 4.53
CA GLY P 134 8.28 9.17 5.27
C GLY P 134 7.02 9.38 6.10
N ARG P 135 6.50 10.62 6.12
CA ARG P 135 5.22 10.87 6.77
C ARG P 135 4.12 11.13 5.74
N ALA P 136 2.89 11.35 6.21
CA ALA P 136 1.74 11.57 5.33
C ALA P 136 1.78 12.95 4.69
N ARG P 137 1.32 13.06 3.44
CA ARG P 137 1.41 14.29 2.66
C ARG P 137 0.39 15.35 3.04
N HIS P 138 0.82 16.60 3.14
CA HIS P 138 -0.09 17.68 3.55
C HIS P 138 0.02 18.95 2.75
N GLY P 139 -1.06 19.71 2.73
CA GLY P 139 -1.05 21.05 2.19
C GLY P 139 -0.82 21.94 3.37
N SER P 140 -1.46 23.11 3.36
CA SER P 140 -1.40 24.05 4.47
C SER P 140 -1.62 23.35 5.78
N ILE P 141 -0.83 23.71 6.78
CA ILE P 141 -1.03 23.24 8.14
C ILE P 141 -2.34 23.75 8.76
N ARG P 142 -3.08 24.59 8.03
CA ARG P 142 -4.38 25.04 8.49
C ARG P 142 -5.54 24.20 7.94
N SER P 143 -5.22 23.11 7.24
CA SER P 143 -6.24 22.17 6.75
C SER P 143 -7.06 21.65 7.92
N PRO P 144 -8.33 21.26 7.69
CA PRO P 144 -9.22 20.83 8.78
C PRO P 144 -8.74 19.59 9.52
N ILE P 145 -7.82 18.83 8.95
CA ILE P 145 -7.31 17.67 9.67
C ILE P 145 -6.42 18.10 10.82
N TRP P 146 -5.64 19.15 10.61
CA TRP P 146 -4.63 19.59 11.59
C TRP P 146 -5.19 20.15 12.87
N ARG P 147 -4.34 20.21 13.89
CA ARG P 147 -4.77 20.53 15.24
C ARG P 147 -5.27 21.95 15.38
N GLY P 148 -4.57 22.93 14.84
CA GLY P 148 -5.09 24.28 14.90
C GLY P 148 -5.90 24.72 13.69
N GLY P 149 -6.27 23.76 12.84
CA GLY P 149 -6.84 24.05 11.53
C GLY P 149 -8.24 24.62 11.49
N GLY P 150 -8.71 24.94 10.29
CA GLY P 150 -10.05 25.45 10.08
C GLY P 150 -11.09 24.37 10.23
N VAL P 151 -12.30 24.77 10.60
CA VAL P 151 -13.41 23.85 10.76
C VAL P 151 -14.02 23.54 9.41
N ALA P 152 -14.21 22.25 9.13
CA ALA P 152 -14.56 21.77 7.79
C ALA P 152 -15.89 22.26 7.27
N HIS P 153 -16.94 22.10 8.06
CA HIS P 153 -18.19 22.69 7.64
C HIS P 153 -18.66 23.76 8.62
N GLY P 154 -19.23 23.37 9.75
CA GLY P 154 -19.48 24.33 10.81
C GLY P 154 -20.50 25.42 10.49
N PRO P 155 -20.87 26.21 11.50
CA PRO P 155 -21.86 27.26 11.33
C PRO P 155 -21.29 28.39 10.49
N ARG P 156 -22.04 28.96 9.54
CA ARG P 156 -21.45 29.96 8.66
C ARG P 156 -22.17 31.30 8.59
N GLY P 157 -21.48 32.34 9.05
CA GLY P 157 -21.97 33.72 8.96
C GLY P 157 -23.15 33.94 9.88
N PRO P 158 -23.61 35.20 10.01
CA PRO P 158 -24.91 35.35 10.66
C PRO P 158 -25.98 34.76 9.74
N THR P 159 -26.84 33.91 10.30
CA THR P 159 -27.87 33.20 9.55
C THR P 159 -29.22 33.71 9.97
N SER P 160 -30.12 33.91 9.03
CA SER P 160 -31.47 34.27 9.40
C SER P 160 -32.43 33.20 8.99
N TYR P 161 -33.29 32.80 9.91
CA TYR P 161 -34.39 31.94 9.59
C TYR P 161 -35.58 32.84 9.36
N TYR P 162 -36.04 32.97 8.15
CA TYR P 162 -37.20 33.82 8.00
C TYR P 162 -38.17 33.25 6.99
N TYR P 163 -39.39 33.00 7.44
CA TYR P 163 -40.40 32.54 6.51
C TYR P 163 -41.74 33.10 6.90
N MET P 164 -42.48 33.56 5.91
CA MET P 164 -43.75 34.18 6.17
C MET P 164 -44.90 33.22 5.87
N LEU P 165 -45.57 32.75 6.92
CA LEU P 165 -46.80 31.98 6.75
C LEU P 165 -47.85 32.81 6.02
N PRO P 166 -48.65 32.16 5.16
CA PRO P 166 -49.74 32.89 4.51
C PRO P 166 -50.73 33.43 5.53
N MET P 167 -51.25 34.64 5.31
CA MET P 167 -52.06 35.33 6.32
C MET P 167 -53.16 34.52 6.94
N LYS P 168 -53.99 33.92 6.10
CA LYS P 168 -55.17 33.19 6.57
C LYS P 168 -54.80 32.03 7.50
N VAL P 169 -53.59 31.50 7.36
CA VAL P 169 -53.12 30.48 8.28
C VAL P 169 -52.87 31.11 9.66
N ARG P 170 -52.19 32.25 9.70
CA ARG P 170 -51.96 32.94 10.97
C ARG P 170 -53.29 33.31 11.63
N VAL P 171 -54.21 33.87 10.84
CA VAL P 171 -55.52 34.23 11.35
C VAL P 171 -56.22 33.02 11.96
N GLN P 172 -56.38 31.95 11.19
CA GLN P 172 -57.11 30.81 11.71
C GLN P 172 -56.39 30.17 12.89
N GLY P 173 -55.09 30.36 12.97
CA GLY P 173 -54.33 29.95 14.15
C GLY P 173 -54.79 30.71 15.38
N LEU P 174 -54.87 32.04 15.25
CA LEU P 174 -55.40 32.90 16.31
C LEU P 174 -56.82 32.48 16.75
N LYS P 175 -57.71 32.31 15.78
CA LYS P 175 -59.05 31.80 16.07
C LYS P 175 -59.00 30.53 16.88
N VAL P 176 -58.25 29.53 16.42
CA VAL P 176 -58.18 28.25 17.11
C VAL P 176 -57.70 28.39 18.54
N ALA P 177 -56.74 29.28 18.75
CA ALA P 177 -56.23 29.50 20.10
C ALA P 177 -57.34 30.03 21.01
N LEU P 178 -58.10 31.01 20.50
CA LEU P 178 -59.22 31.53 21.27
C LEU P 178 -60.25 30.44 21.58
N THR P 179 -60.63 29.68 20.55
CA THR P 179 -61.55 28.57 20.71
C THR P 179 -61.14 27.57 21.77
N VAL P 180 -59.89 27.13 21.70
CA VAL P 180 -59.33 26.21 22.69
C VAL P 180 -59.46 26.76 24.09
N LYS P 181 -59.03 28.01 24.26
CA LYS P 181 -59.15 28.71 25.53
C LYS P 181 -60.57 28.66 26.08
N LEU P 182 -61.54 28.97 25.23
CA LEU P 182 -62.93 29.00 25.64
C LEU P 182 -63.48 27.62 26.00
N ALA P 183 -63.27 26.64 25.13
CA ALA P 183 -63.81 25.30 25.31
C ALA P 183 -63.11 24.51 26.42
N GLN P 184 -61.97 24.99 26.92
CA GLN P 184 -61.38 24.38 28.10
C GLN P 184 -61.68 25.12 29.40
N ASP P 185 -62.52 26.14 29.32
CA ASP P 185 -63.06 26.86 30.49
C ASP P 185 -62.04 27.86 31.06
N ASP P 186 -60.89 27.94 30.43
CA ASP P 186 -59.78 28.76 30.91
C ASP P 186 -59.78 30.18 30.32
N LEU P 187 -60.83 30.54 29.60
CA LEU P 187 -61.06 31.93 29.20
C LEU P 187 -62.08 32.60 30.12
N HIS P 188 -61.81 33.86 30.51
CA HIS P 188 -62.76 34.66 31.30
C HIS P 188 -62.94 36.06 30.74
N ILE P 189 -64.15 36.38 30.32
CA ILE P 189 -64.42 37.71 29.79
C ILE P 189 -64.71 38.67 30.92
N VAL P 190 -64.02 39.80 30.92
CA VAL P 190 -64.21 40.81 31.95
C VAL P 190 -64.70 42.08 31.27
N ASP P 191 -65.31 42.96 32.06
CA ASP P 191 -65.76 44.25 31.57
C ASP P 191 -65.14 45.21 32.53
N SER P 192 -65.22 46.52 32.26
CA SER P 192 -64.54 47.49 33.11
C SER P 192 -63.06 47.14 33.07
N LEU P 193 -62.58 46.49 34.13
CA LEU P 193 -61.16 46.28 34.48
C LEU P 193 -60.62 47.32 35.46
N GLU P 194 -61.43 48.31 35.85
CA GLU P 194 -61.07 49.18 36.97
C GLU P 194 -60.78 48.37 38.25
N LEU P 195 -59.61 48.56 38.85
CA LEU P 195 -59.31 47.90 40.12
C LEU P 195 -59.65 48.76 41.33
N PRO P 196 -60.18 48.12 42.39
CA PRO P 196 -60.54 48.75 43.66
C PRO P 196 -59.33 49.38 44.39
N THR P 197 -58.12 49.00 43.99
CA THR P 197 -56.88 49.39 44.70
C THR P 197 -55.68 48.92 43.88
N ALA P 198 -54.49 49.46 44.16
CA ALA P 198 -53.30 49.17 43.36
C ALA P 198 -52.42 48.07 43.96
N ASP P 199 -52.89 47.49 45.06
CA ASP P 199 -52.14 46.47 45.78
C ASP P 199 -52.17 45.14 45.04
N PRO P 200 -50.98 44.61 44.68
CA PRO P 200 -50.83 43.35 43.95
C PRO P 200 -51.44 42.13 44.69
N GLN P 201 -51.40 42.17 46.03
CA GLN P 201 -52.02 41.14 46.86
C GLN P 201 -53.50 40.94 46.53
N TYR P 202 -54.16 42.04 46.19
CA TYR P 202 -55.54 41.99 45.74
C TYR P 202 -55.69 41.13 44.49
N LEU P 203 -54.76 41.28 43.55
CA LEU P 203 -54.83 40.57 42.27
C LEU P 203 -54.55 39.09 42.45
N ILE P 204 -53.54 38.78 43.27
CA ILE P 204 -53.26 37.38 43.58
C ILE P 204 -54.42 36.68 44.31
N GLU P 205 -54.94 37.31 45.36
CA GLU P 205 -56.10 36.76 46.06
C GLU P 205 -57.31 36.63 45.11
N LEU P 206 -57.44 37.58 44.17
CA LEU P 206 -58.51 37.53 43.17
C LEU P 206 -58.34 36.35 42.22
N ALA P 207 -57.09 35.95 42.01
CA ALA P 207 -56.82 34.76 41.23
C ALA P 207 -57.23 33.53 42.03
N ARG P 208 -56.87 33.51 43.31
CA ARG P 208 -57.17 32.36 44.16
C ARG P 208 -58.66 32.11 44.39
N TYR P 209 -59.40 33.16 44.73
CA TYR P 209 -60.80 32.99 45.11
C TYR P 209 -61.65 32.53 43.92
N ARG P 210 -61.22 32.89 42.71
CA ARG P 210 -61.95 32.51 41.49
C ARG P 210 -61.38 31.25 40.84
N ARG P 211 -60.35 30.68 41.49
CA ARG P 211 -59.60 29.52 40.97
C ARG P 211 -59.20 29.68 39.52
N TRP P 212 -58.38 30.69 39.25
CA TRP P 212 -58.05 31.03 37.88
C TRP P 212 -56.85 30.25 37.35
N GLY P 213 -56.27 29.39 38.17
CA GLY P 213 -55.05 28.70 37.75
C GLY P 213 -53.82 29.56 37.97
N ASP P 214 -52.66 28.99 37.67
CA ASP P 214 -51.38 29.51 38.17
C ASP P 214 -50.90 30.81 37.54
N SER P 215 -50.94 30.91 36.22
CA SER P 215 -50.52 32.14 35.54
C SER P 215 -51.70 32.77 34.82
N VAL P 216 -51.65 34.07 34.61
CA VAL P 216 -52.76 34.78 33.98
C VAL P 216 -52.27 35.90 33.06
N LEU P 217 -52.91 36.01 31.90
CA LEU P 217 -52.65 37.10 30.96
C LEU P 217 -53.90 37.98 30.82
N LEU P 218 -53.73 39.29 30.78
CA LEU P 218 -54.84 40.23 30.69
C LEU P 218 -54.70 41.06 29.42
N VAL P 219 -55.81 41.24 28.70
CA VAL P 219 -55.75 41.94 27.42
C VAL P 219 -56.72 43.11 27.36
N ASP P 220 -56.13 44.30 27.17
CA ASP P 220 -56.87 45.57 27.15
C ASP P 220 -56.89 46.14 25.74
N LEU P 221 -57.94 46.92 25.43
CA LEU P 221 -58.14 47.42 24.08
C LEU P 221 -57.01 48.31 23.61
N GLU P 222 -56.64 49.30 24.42
CA GLU P 222 -55.60 50.23 24.02
C GLU P 222 -54.52 50.39 25.09
N HIS P 223 -53.36 50.92 24.68
CA HIS P 223 -52.23 51.14 25.58
C HIS P 223 -52.32 52.45 26.37
N GLU P 224 -52.93 53.46 25.77
CA GLU P 224 -53.09 54.74 26.45
C GLU P 224 -54.28 54.71 27.40
N ASP P 225 -55.26 53.87 27.09
CA ASP P 225 -56.53 53.88 27.81
C ASP P 225 -56.56 52.96 29.02
N MET P 226 -55.40 52.38 29.35
CA MET P 226 -55.30 51.49 30.52
C MET P 226 -55.47 52.27 31.83
N PRO P 227 -56.33 51.78 32.73
CA PRO P 227 -56.53 52.44 34.03
C PRO P 227 -55.30 52.32 34.94
N GLN P 228 -55.08 53.32 35.79
CA GLN P 228 -53.88 53.41 36.63
C GLN P 228 -53.60 52.20 37.55
N ASN P 229 -54.54 51.93 38.46
CA ASN P 229 -54.40 50.84 39.43
C ASN P 229 -53.96 49.52 38.80
N VAL P 230 -54.58 49.17 37.67
CA VAL P 230 -54.23 47.96 36.94
C VAL P 230 -52.80 47.98 36.43
N VAL P 231 -52.42 49.04 35.74
CA VAL P 231 -51.07 49.19 35.21
C VAL P 231 -50.05 48.96 36.32
N ALA P 232 -50.21 49.67 37.44
CA ALA P 232 -49.27 49.50 38.55
C ALA P 232 -49.25 48.06 39.10
N ALA P 233 -50.42 47.61 39.54
CA ALA P 233 -50.56 46.32 40.20
C ALA P 233 -50.02 45.17 39.35
N THR P 234 -50.28 45.21 38.04
CA THR P 234 -49.81 44.15 37.17
C THR P 234 -48.34 44.31 36.85
N SER P 235 -47.89 45.54 36.65
CA SER P 235 -46.47 45.79 36.36
C SER P 235 -45.59 45.41 37.55
N GLY P 236 -46.21 45.12 38.69
CA GLY P 236 -45.46 44.56 39.81
C GLY P 236 -45.41 43.04 39.97
N LEU P 237 -45.80 42.28 38.94
CA LEU P 237 -45.89 40.82 39.06
C LEU P 237 -45.29 40.06 37.87
N LYS P 238 -44.71 38.89 38.12
CA LYS P 238 -44.24 37.99 37.06
C LYS P 238 -45.30 37.06 36.45
N THR P 239 -46.05 36.38 37.31
CA THR P 239 -46.98 35.35 36.86
C THR P 239 -48.18 35.97 36.16
N PHE P 240 -48.62 37.13 36.65
CA PHE P 240 -49.63 37.90 35.94
C PHE P 240 -48.96 38.71 34.84
N ASN P 241 -49.74 39.05 33.83
CA ASN P 241 -49.16 39.78 32.71
C ASN P 241 -50.18 40.66 32.03
N LEU P 242 -49.75 41.80 31.51
CA LEU P 242 -50.67 42.78 30.95
C LEU P 242 -50.28 43.27 29.54
N VAL P 243 -51.21 43.17 28.59
CA VAL P 243 -50.88 43.48 27.20
C VAL P 243 -52.02 44.21 26.45
N PRO P 244 -51.67 45.15 25.55
CA PRO P 244 -52.71 45.74 24.68
C PRO P 244 -53.24 44.70 23.70
N ALA P 245 -54.40 44.96 23.10
CA ALA P 245 -55.05 43.95 22.27
C ALA P 245 -54.34 43.79 20.94
N VAL P 246 -53.58 44.81 20.56
CA VAL P 246 -52.81 44.79 19.32
C VAL P 246 -51.76 43.69 19.39
N GLY P 247 -51.34 43.37 20.61
CA GLY P 247 -50.28 42.40 20.84
C GLY P 247 -50.73 41.03 21.30
N LEU P 248 -51.97 40.65 21.03
CA LEU P 248 -52.37 39.28 21.30
C LEU P 248 -51.57 38.40 20.34
N ASN P 249 -51.26 37.17 20.74
CA ASN P 249 -50.56 36.20 19.89
C ASN P 249 -50.71 34.78 20.42
N VAL P 250 -50.44 33.78 19.59
CA VAL P 250 -50.63 32.39 19.99
C VAL P 250 -49.68 31.90 21.09
N HIS P 251 -48.40 32.22 20.91
CA HIS P 251 -47.37 31.73 21.84
C HIS P 251 -47.62 32.16 23.27
N SER P 252 -48.07 33.39 23.44
CA SER P 252 -48.34 33.93 24.77
C SER P 252 -49.62 33.35 25.35
N MET P 253 -50.63 33.18 24.50
CA MET P 253 -51.87 32.50 24.89
C MET P 253 -51.61 31.09 25.41
N LEU P 254 -50.65 30.41 24.84
CA LEU P 254 -50.31 29.07 25.31
C LEU P 254 -49.40 29.09 26.53
N LYS P 255 -48.71 30.21 26.73
CA LYS P 255 -47.77 30.34 27.82
C LYS P 255 -48.47 30.62 29.15
N HIS P 256 -49.67 31.20 29.11
CA HIS P 256 -50.42 31.44 30.34
C HIS P 256 -51.64 30.55 30.45
N GLN P 257 -51.83 29.92 31.60
CA GLN P 257 -52.93 28.98 31.78
C GLN P 257 -54.30 29.64 31.66
N THR P 258 -54.35 30.95 31.86
CA THR P 258 -55.64 31.63 31.87
C THR P 258 -55.59 32.96 31.13
N LEU P 259 -56.51 33.13 30.18
CA LEU P 259 -56.63 34.35 29.41
C LEU P 259 -57.81 35.19 29.90
N VAL P 260 -57.64 36.51 29.95
CA VAL P 260 -58.70 37.41 30.37
C VAL P 260 -58.85 38.57 29.38
N LEU P 261 -60.04 38.74 28.81
CA LEU P 261 -60.27 39.80 27.82
C LEU P 261 -61.17 40.91 28.33
N THR P 262 -60.88 42.17 27.97
CA THR P 262 -61.89 43.23 28.21
C THR P 262 -63.03 43.08 27.17
N LEU P 263 -64.21 43.59 27.49
CA LEU P 263 -65.35 43.51 26.57
C LEU P 263 -65.13 44.26 25.25
N PRO P 264 -64.67 45.52 25.31
CA PRO P 264 -64.40 46.18 24.03
C PRO P 264 -63.32 45.45 23.22
N THR P 265 -62.49 44.67 23.92
CA THR P 265 -61.48 43.84 23.27
C THR P 265 -62.09 42.69 22.46
N VAL P 266 -63.12 42.05 23.01
CA VAL P 266 -63.87 41.03 22.27
C VAL P 266 -64.53 41.67 21.05
N ALA P 267 -65.14 42.82 21.28
CA ALA P 267 -65.79 43.54 20.17
C ALA P 267 -64.77 43.85 19.08
N PHE P 268 -63.51 44.02 19.48
CA PHE P 268 -62.41 44.33 18.56
C PHE P 268 -61.96 43.11 17.76
N LEU P 269 -61.43 42.12 18.49
CA LEU P 269 -60.96 40.86 17.91
C LEU P 269 -61.97 40.23 16.98
N GLU P 270 -63.20 40.05 17.47
CA GLU P 270 -64.26 39.37 16.72
C GLU P 270 -64.39 39.98 15.33
N GLU P 271 -64.26 41.29 15.29
CA GLU P 271 -64.39 42.06 14.06
C GLU P 271 -63.17 41.83 13.14
N LYS P 272 -61.99 42.19 13.64
CA LYS P 272 -60.75 41.98 12.87
C LYS P 272 -60.61 40.56 12.28
N LEU P 273 -60.74 39.54 13.13
CA LEU P 273 -60.59 38.16 12.68
C LEU P 273 -61.70 37.73 11.73
N LEU P 274 -62.95 38.04 12.06
CA LEU P 274 -64.04 37.64 11.17
C LEU P 274 -63.91 38.28 9.79
N TRP P 275 -63.20 39.39 9.70
CA TRP P 275 -63.07 40.09 8.42
C TRP P 275 -62.34 39.30 7.32
N HIS P 276 -61.63 38.22 7.67
CA HIS P 276 -60.82 37.51 6.68
C HIS P 276 -61.51 36.38 5.91
N ASN P 277 -62.68 35.95 6.34
CA ASN P 277 -63.45 35.01 5.55
C ASN P 277 -63.95 35.67 4.30
N SER P 278 -64.38 36.90 4.47
CA SER P 278 -65.12 37.61 3.45
C SER P 278 -64.26 38.49 2.55
N ARG P 279 -62.94 38.49 2.76
CA ARG P 279 -62.09 39.40 2.00
C ARG P 279 -61.69 38.87 0.62
N TYR P 280 -61.39 39.79 -0.30
CA TYR P 280 -60.69 39.48 -1.53
C TYR P 280 -59.23 39.18 -1.25
N THR P 281 -58.57 38.54 -2.21
CA THR P 281 -57.12 38.49 -2.19
C THR P 281 -56.56 39.91 -2.40
N PRO P 282 -55.54 40.30 -1.61
CA PRO P 282 -54.97 41.66 -1.66
C PRO P 282 -54.47 42.05 -3.04
N LEU P 283 -54.69 43.30 -3.42
CA LEU P 283 -54.22 43.81 -4.70
C LEU P 283 -52.85 44.47 -4.52
N TYR P 284 -52.77 45.52 -3.71
CA TYR P 284 -51.48 46.05 -3.26
C TYR P 284 -51.49 45.96 -1.73
N PRO P 285 -50.45 46.48 -1.06
CA PRO P 285 -50.49 46.47 0.41
C PRO P 285 -51.71 47.18 1.02
N PHE P 286 -52.37 46.51 1.95
CA PHE P 286 -53.64 46.99 2.49
C PHE P 286 -53.56 48.36 3.17
N ARG P 287 -52.36 48.84 3.43
CA ARG P 287 -52.21 50.16 4.03
C ARG P 287 -52.71 51.26 3.09
N LEU P 288 -52.61 51.01 1.78
CA LEU P 288 -53.06 51.97 0.77
C LEU P 288 -54.60 52.06 0.72
N PRO P 289 -55.14 53.10 0.04
CA PRO P 289 -56.59 53.29 0.00
C PRO P 289 -57.39 52.19 -0.72
N TYR P 290 -58.45 51.72 -0.06
CA TYR P 290 -59.45 50.84 -0.67
C TYR P 290 -60.81 51.46 -0.44
N CYS P 291 -61.81 50.99 -1.19
CA CYS P 291 -63.17 51.49 -1.05
C CYS P 291 -63.66 51.42 0.41
N ASP P 292 -63.95 50.22 0.91
CA ASP P 292 -64.47 50.05 2.27
C ASP P 292 -63.39 50.04 3.33
N PHE P 293 -62.28 49.37 3.06
CA PHE P 293 -61.23 49.18 4.04
C PHE P 293 -60.35 50.41 4.15
N PRO P 294 -60.16 50.91 5.38
CA PRO P 294 -59.40 52.15 5.66
C PRO P 294 -57.96 52.11 5.13
N THR Q 53 -3.77 62.32 -32.67
CA THR Q 53 -5.12 61.88 -32.30
C THR Q 53 -5.52 60.61 -33.02
N VAL Q 54 -5.77 59.56 -32.24
CA VAL Q 54 -6.35 58.34 -32.77
C VAL Q 54 -7.78 58.20 -32.27
N ILE Q 55 -8.73 58.05 -33.18
CA ILE Q 55 -10.12 57.86 -32.76
C ILE Q 55 -10.39 56.36 -32.63
N VAL Q 56 -11.00 55.94 -31.52
CA VAL Q 56 -11.05 54.52 -31.18
C VAL Q 56 -12.46 54.03 -30.79
N GLU Q 57 -12.77 52.77 -31.07
CA GLU Q 57 -14.05 52.18 -30.66
C GLU Q 57 -13.80 50.88 -29.89
N ARG Q 58 -14.75 50.47 -29.05
CA ARG Q 58 -14.65 49.19 -28.36
C ARG Q 58 -15.26 48.03 -29.14
N TRP Q 59 -14.67 46.85 -28.99
CA TRP Q 59 -15.21 45.66 -29.63
C TRP Q 59 -16.44 45.12 -28.91
N TRP Q 60 -16.44 45.19 -27.59
CA TRP Q 60 -17.53 44.61 -26.82
C TRP Q 60 -18.48 45.68 -26.32
N LYS Q 61 -19.78 45.48 -26.54
CA LYS Q 61 -20.79 46.40 -26.06
C LYS Q 61 -20.76 46.53 -24.53
N VAL Q 62 -20.80 47.77 -24.02
CA VAL Q 62 -20.87 47.98 -22.58
C VAL Q 62 -22.31 47.97 -22.11
N PRO Q 63 -22.59 47.34 -20.96
CA PRO Q 63 -23.94 47.46 -20.40
C PRO Q 63 -24.28 48.92 -20.06
N LEU Q 64 -25.47 49.16 -19.53
CA LEU Q 64 -25.92 50.52 -19.24
C LEU Q 64 -26.06 50.77 -17.74
N ALA Q 65 -25.82 52.01 -17.29
CA ALA Q 65 -26.41 52.49 -16.05
C ALA Q 65 -26.94 53.91 -16.27
N GLY Q 66 -28.25 54.11 -16.22
CA GLY Q 66 -28.83 55.36 -16.68
C GLY Q 66 -29.33 56.35 -15.63
N GLU Q 67 -29.37 55.90 -14.39
CA GLU Q 67 -30.00 56.69 -13.32
C GLU Q 67 -29.01 57.74 -12.82
N GLY Q 68 -27.84 57.76 -13.45
CA GLY Q 68 -26.77 58.64 -13.07
C GLY Q 68 -25.63 57.86 -12.44
N ARG Q 69 -25.88 56.59 -12.11
CA ARG Q 69 -24.81 55.70 -11.67
C ARG Q 69 -23.77 55.58 -12.79
N LYS Q 70 -22.50 55.39 -12.42
CA LYS Q 70 -21.45 55.32 -13.43
C LYS Q 70 -21.38 53.91 -14.04
N PRO Q 71 -21.05 53.83 -15.34
CA PRO Q 71 -20.99 52.61 -16.15
C PRO Q 71 -19.97 51.63 -15.59
N ARG Q 72 -20.37 50.37 -15.46
CA ARG Q 72 -19.55 49.36 -14.81
C ARG Q 72 -18.71 48.62 -15.84
N LEU Q 73 -17.40 48.83 -15.79
CA LEU Q 73 -16.48 48.36 -16.83
C LEU Q 73 -15.76 47.08 -16.49
N HIS Q 74 -15.62 46.21 -17.48
CA HIS Q 74 -14.92 44.95 -17.30
C HIS Q 74 -13.68 44.92 -18.19
N ARG Q 75 -12.90 43.85 -18.13
CA ARG Q 75 -11.65 43.75 -18.89
C ARG Q 75 -11.87 43.59 -20.39
N ARG Q 76 -13.01 43.04 -20.77
CA ARG Q 76 -13.29 42.80 -22.18
C ARG Q 76 -13.68 44.10 -22.89
N HIS Q 77 -13.84 45.17 -22.12
CA HIS Q 77 -14.19 46.48 -22.68
C HIS Q 77 -12.93 47.26 -22.96
N ARG Q 78 -11.80 46.60 -22.80
CA ARG Q 78 -10.50 47.18 -23.11
C ARG Q 78 -9.88 46.77 -24.46
N VAL Q 79 -10.57 45.98 -25.29
CA VAL Q 79 -10.05 45.76 -26.65
C VAL Q 79 -10.57 46.85 -27.56
N TYR Q 80 -9.72 47.38 -28.42
CA TYR Q 80 -10.08 48.53 -29.25
C TYR Q 80 -9.81 48.32 -30.72
N LYS Q 81 -10.77 48.64 -31.58
CA LYS Q 81 -10.48 48.70 -33.02
C LYS Q 81 -10.20 50.16 -33.37
N LEU Q 82 -9.27 50.39 -34.29
CA LEU Q 82 -8.93 51.77 -34.62
C LEU Q 82 -9.83 52.28 -35.74
N VAL Q 83 -10.77 53.17 -35.45
CA VAL Q 83 -11.75 53.57 -36.46
C VAL Q 83 -11.19 54.60 -37.42
N GLU Q 84 -10.48 55.58 -36.89
CA GLU Q 84 -10.07 56.71 -37.71
C GLU Q 84 -8.77 57.28 -37.18
N ASP Q 85 -7.99 57.89 -38.06
CA ASP Q 85 -6.81 58.62 -37.65
C ASP Q 85 -6.84 60.06 -38.14
N THR Q 86 -6.56 60.99 -37.22
CA THR Q 86 -6.60 62.41 -37.52
C THR Q 86 -5.43 62.84 -38.38
N LYS Q 87 -4.24 62.30 -38.10
CA LYS Q 87 -3.05 62.73 -38.82
C LYS Q 87 -3.00 62.18 -40.26
N HIS Q 88 -3.87 61.22 -40.58
CA HIS Q 88 -3.95 60.73 -41.96
C HIS Q 88 -5.07 61.38 -42.76
N ARG Q 89 -5.77 62.33 -42.14
CA ARG Q 89 -6.84 63.09 -42.80
C ARG Q 89 -6.29 64.24 -43.62
N PRO Q 90 -6.97 64.58 -44.72
CA PRO Q 90 -6.59 65.76 -45.52
C PRO Q 90 -6.79 67.07 -44.76
N LYS Q 91 -5.92 68.05 -45.00
CA LYS Q 91 -5.97 69.31 -44.25
C LYS Q 91 -7.06 70.29 -44.74
N ASP Q 92 -7.51 71.16 -43.85
CA ASP Q 92 -8.50 72.19 -44.21
C ASP Q 92 -7.86 73.52 -44.61
N ASN Q 93 -8.69 74.51 -44.87
CA ASN Q 93 -8.18 75.84 -45.18
C ASN Q 93 -8.34 76.78 -44.01
N LEU Q 94 -7.30 77.59 -43.79
CA LEU Q 94 -7.29 78.56 -42.72
C LEU Q 94 -7.69 79.95 -43.23
N GLU Q 95 -8.85 80.42 -42.78
CA GLU Q 95 -9.36 81.72 -43.20
C GLU Q 95 -8.77 82.81 -42.33
N LEU Q 96 -8.02 83.72 -42.95
CA LEU Q 96 -7.32 84.77 -42.22
C LEU Q 96 -7.53 86.14 -42.88
N VAL Q 97 -7.17 87.20 -42.18
CA VAL Q 97 -7.24 88.54 -42.77
C VAL Q 97 -5.86 89.21 -42.73
N LEU Q 98 -5.46 89.78 -43.86
CA LEU Q 98 -4.10 90.31 -44.02
C LEU Q 98 -4.00 91.78 -43.60
N THR Q 99 -3.07 92.05 -42.69
CA THR Q 99 -2.84 93.41 -42.21
C THR Q 99 -1.86 94.15 -43.12
N GLN Q 100 -1.21 93.41 -44.00
CA GLN Q 100 -0.27 93.99 -44.97
C GLN Q 100 -0.33 93.25 -46.30
N SER Q 101 0.61 93.56 -47.18
CA SER Q 101 0.69 92.91 -48.48
C SER Q 101 1.70 91.77 -48.46
N VAL Q 102 1.19 90.54 -48.58
CA VAL Q 102 2.04 89.36 -48.72
C VAL Q 102 2.24 89.11 -50.21
N GLU Q 103 3.44 88.65 -50.56
CA GLU Q 103 3.90 88.57 -51.95
C GLU Q 103 2.88 87.98 -52.91
N GLU Q 104 2.64 86.67 -52.78
CA GLU Q 104 1.72 85.98 -53.68
C GLU Q 104 0.27 86.17 -53.26
N LEU Q 105 0.04 86.05 -51.96
CA LEU Q 105 -1.31 85.84 -51.45
C LEU Q 105 -2.22 87.05 -51.56
N GLY Q 106 -1.82 88.17 -50.97
CA GLY Q 106 -2.76 89.28 -50.88
C GLY Q 106 -2.30 90.71 -50.66
N VAL Q 107 -3.16 91.62 -51.08
CA VAL Q 107 -3.04 93.04 -50.81
C VAL Q 107 -3.43 93.35 -49.37
N ARG Q 108 -3.01 94.52 -48.88
CA ARG Q 108 -3.37 94.98 -47.54
C ARG Q 108 -4.89 95.03 -47.36
N GLY Q 109 -5.37 94.43 -46.28
CA GLY Q 109 -6.79 94.43 -45.99
C GLY Q 109 -7.61 93.47 -46.82
N ASP Q 110 -7.17 92.22 -46.92
CA ASP Q 110 -7.84 91.24 -47.77
C ASP Q 110 -8.11 89.91 -47.05
N LEU Q 111 -9.11 89.17 -47.52
CA LEU Q 111 -9.45 87.87 -46.96
C LEU Q 111 -8.70 86.75 -47.69
N VAL Q 112 -7.93 85.96 -46.93
CA VAL Q 112 -7.10 84.91 -47.52
C VAL Q 112 -7.47 83.50 -47.00
N SER Q 113 -7.31 82.51 -47.86
CA SER Q 113 -7.37 81.10 -47.45
C SER Q 113 -6.00 80.45 -47.60
N VAL Q 114 -5.37 80.15 -46.47
CA VAL Q 114 -4.06 79.52 -46.47
C VAL Q 114 -4.15 78.05 -46.05
N LYS Q 115 -2.99 77.41 -45.95
CA LYS Q 115 -2.92 76.12 -45.28
C LYS Q 115 -2.15 76.29 -43.98
N LYS Q 116 -2.45 75.44 -43.00
CA LYS Q 116 -1.97 75.61 -41.64
C LYS Q 116 -0.44 75.66 -41.54
N SER Q 117 0.25 75.04 -42.49
CA SER Q 117 1.71 75.08 -42.54
C SER Q 117 2.22 76.51 -42.69
N VAL Q 118 1.77 77.18 -43.75
CA VAL Q 118 2.14 78.55 -44.03
C VAL Q 118 1.53 79.52 -43.04
N GLY Q 119 0.26 79.30 -42.71
CA GLY Q 119 -0.46 80.17 -41.81
C GLY Q 119 0.04 80.22 -40.37
N ARG Q 120 0.24 79.05 -39.77
CA ARG Q 120 0.59 78.99 -38.36
C ARG Q 120 2.03 79.42 -38.08
N ASN Q 121 2.93 79.16 -39.01
CA ASN Q 121 4.36 79.42 -38.76
C ASN Q 121 4.92 80.69 -39.36
N ARG Q 122 4.09 81.42 -40.10
CA ARG Q 122 4.53 82.66 -40.72
C ARG Q 122 3.68 83.86 -40.33
N LEU Q 123 2.47 83.90 -40.90
CA LEU Q 123 1.60 85.07 -40.78
C LEU Q 123 1.29 85.43 -39.33
N LEU Q 124 0.59 84.55 -38.62
CA LEU Q 124 0.16 84.85 -37.25
C LEU Q 124 1.30 85.15 -36.26
N PRO Q 125 2.46 84.44 -36.34
CA PRO Q 125 3.56 84.80 -35.44
C PRO Q 125 4.25 86.14 -35.74
N GLN Q 126 4.37 86.50 -37.02
CA GLN Q 126 5.06 87.72 -37.42
C GLN Q 126 4.15 88.95 -37.40
N GLY Q 127 2.85 88.73 -37.27
CA GLY Q 127 1.89 89.82 -37.20
C GLY Q 127 1.40 90.27 -38.57
N LEU Q 128 1.62 89.44 -39.58
CA LEU Q 128 1.16 89.71 -40.94
C LEU Q 128 -0.35 89.56 -41.10
N ALA Q 129 -0.91 88.53 -40.48
CA ALA Q 129 -2.34 88.24 -40.58
C ALA Q 129 -3.00 87.99 -39.23
N VAL Q 130 -4.31 88.21 -39.15
CA VAL Q 130 -5.06 87.93 -37.92
C VAL Q 130 -6.17 86.91 -38.24
N TYR Q 131 -6.74 86.30 -37.21
CA TYR Q 131 -7.76 85.25 -37.37
C TYR Q 131 -9.08 85.76 -37.96
N ALA Q 132 -9.91 84.85 -38.45
CA ALA Q 132 -11.18 85.19 -39.09
C ALA Q 132 -12.22 85.87 -38.17
N SER Q 133 -11.88 86.07 -36.90
CA SER Q 133 -12.83 86.54 -35.87
C SER Q 133 -13.73 87.69 -36.34
N PRO Q 134 -15.05 87.57 -36.08
CA PRO Q 134 -16.08 88.55 -36.50
C PRO Q 134 -15.78 89.97 -36.02
N GLU Q 135 -15.36 90.06 -34.75
CA GLU Q 135 -14.92 91.31 -34.15
C GLU Q 135 -13.73 91.91 -34.91
N ASN Q 136 -12.92 91.05 -35.52
CA ASN Q 136 -11.79 91.50 -36.33
C ASN Q 136 -12.19 91.76 -37.79
N LYS Q 137 -13.35 91.24 -38.20
CA LYS Q 137 -13.89 91.49 -39.54
C LYS Q 137 -14.60 92.85 -39.61
N LYS Q 138 -15.21 93.27 -38.50
CA LYS Q 138 -15.84 94.60 -38.42
C LYS Q 138 -14.78 95.70 -38.62
N LEU Q 139 -13.55 95.41 -38.22
CA LEU Q 139 -12.42 96.31 -38.38
C LEU Q 139 -12.15 96.62 -39.84
N PHE Q 140 -12.32 95.60 -40.69
CA PHE Q 140 -12.09 95.77 -42.12
C PHE Q 140 -13.35 96.14 -42.90
N GLU Q 141 -14.52 96.02 -42.25
CA GLU Q 141 -15.71 96.73 -42.72
C GLU Q 141 -15.46 98.23 -42.61
N GLU Q 142 -14.77 98.58 -41.52
CA GLU Q 142 -14.44 99.97 -41.20
C GLU Q 142 -13.38 100.51 -42.16
N GLU Q 143 -12.20 99.89 -42.15
CA GLU Q 143 -11.12 100.23 -43.08
C GLU Q 143 -11.56 100.20 -44.55
N LYS Q 144 -12.42 99.26 -44.94
CA LYS Q 144 -12.90 99.21 -46.32
C LYS Q 144 -13.91 100.32 -46.65
N LEU Q 145 -14.76 100.69 -45.69
CA LEU Q 145 -15.71 101.78 -45.93
C LEU Q 145 -15.05 103.17 -45.85
N LEU Q 146 -13.90 103.25 -45.19
CA LEU Q 146 -13.10 104.49 -45.16
C LEU Q 146 -12.03 104.52 -46.27
N ARG Q 147 -11.85 103.40 -46.95
CA ARG Q 147 -10.88 103.31 -48.05
C ARG Q 147 -11.43 104.01 -49.29
N GLN Q 148 -12.55 103.51 -49.80
CA GLN Q 148 -13.23 104.09 -50.97
C GLN Q 148 -13.85 105.46 -50.67
N GLU Q 149 -13.85 105.85 -49.40
CA GLU Q 149 -14.40 107.13 -48.97
C GLU Q 149 -13.46 108.28 -49.36
N GLY Q 150 -12.31 108.34 -48.71
CA GLY Q 150 -11.33 109.38 -48.99
C GLY Q 150 -10.66 109.20 -50.34
N GLY R 29 -10.61 -23.02 -22.03
CA GLY R 29 -11.62 -23.98 -22.46
C GLY R 29 -11.12 -24.82 -23.62
N SER R 30 -11.49 -26.10 -23.62
CA SER R 30 -11.01 -27.04 -24.63
C SER R 30 -12.05 -27.29 -25.72
N LYS R 31 -11.59 -27.42 -26.95
CA LYS R 31 -12.50 -27.58 -28.07
C LYS R 31 -13.24 -28.90 -28.04
N ALA R 32 -14.34 -28.95 -28.79
CA ALA R 32 -15.23 -30.11 -28.80
C ALA R 32 -14.48 -31.41 -29.11
N VAL R 33 -13.52 -31.32 -30.02
CA VAL R 33 -12.63 -32.44 -30.33
C VAL R 33 -11.18 -32.07 -29.94
N THR R 34 -10.48 -32.98 -29.29
CA THR R 34 -9.13 -32.74 -28.76
C THR R 34 -8.41 -34.09 -28.70
N ARG R 35 -7.09 -34.10 -28.56
CA ARG R 35 -6.40 -35.38 -28.46
C ARG R 35 -6.02 -35.84 -27.05
N HIS R 36 -6.23 -34.98 -26.06
CA HIS R 36 -5.73 -35.27 -24.72
C HIS R 36 -6.79 -36.02 -23.93
N ARG R 37 -7.86 -36.42 -24.61
CA ARG R 37 -8.88 -37.34 -24.08
C ARG R 37 -9.93 -36.67 -23.14
N ARG R 38 -9.71 -35.43 -22.73
CA ARG R 38 -10.82 -34.56 -22.31
C ARG R 38 -11.67 -34.99 -21.12
N VAL R 39 -11.18 -34.75 -19.90
CA VAL R 39 -11.90 -35.07 -18.66
C VAL R 39 -13.38 -34.67 -18.66
N MET R 40 -14.27 -35.61 -18.31
CA MET R 40 -15.71 -35.37 -18.35
C MET R 40 -16.25 -34.71 -17.08
N HIS R 41 -17.24 -33.82 -17.23
CA HIS R 41 -17.95 -33.25 -16.09
C HIS R 41 -18.50 -34.37 -15.20
N PHE R 42 -18.33 -34.24 -13.88
CA PHE R 42 -18.55 -35.37 -12.98
C PHE R 42 -19.92 -36.03 -13.12
N GLU R 43 -20.98 -35.23 -13.25
CA GLU R 43 -22.33 -35.77 -13.40
C GLU R 43 -22.43 -36.70 -14.62
N ARG R 44 -21.66 -36.39 -15.66
CA ARG R 44 -21.61 -37.26 -16.83
C ARG R 44 -20.81 -38.55 -16.59
N GLN R 45 -19.76 -38.48 -15.77
CA GLN R 45 -19.02 -39.69 -15.42
C GLN R 45 -19.90 -40.64 -14.63
N LYS R 46 -20.69 -40.10 -13.71
CA LYS R 46 -21.67 -40.92 -13.02
C LYS R 46 -22.64 -41.51 -14.05
N LEU R 47 -23.12 -40.67 -14.96
CA LEU R 47 -24.01 -41.14 -16.04
C LEU R 47 -23.43 -42.33 -16.78
N MET R 48 -22.12 -42.28 -17.05
CA MET R 48 -21.38 -43.37 -17.69
C MET R 48 -21.36 -44.64 -16.85
N ALA R 49 -20.93 -44.52 -15.60
CA ALA R 49 -20.79 -45.68 -14.73
C ALA R 49 -22.12 -46.38 -14.51
N VAL R 50 -23.21 -45.64 -14.67
CA VAL R 50 -24.51 -46.26 -14.48
C VAL R 50 -24.95 -47.10 -15.68
N THR R 51 -24.64 -46.63 -16.87
CA THR R 51 -25.11 -47.26 -18.10
C THR R 51 -24.20 -48.34 -18.70
N GLU R 52 -23.16 -48.77 -17.98
CA GLU R 52 -22.24 -49.77 -18.51
C GLU R 52 -22.95 -51.08 -18.87
N TYR R 53 -22.33 -51.86 -19.74
CA TYR R 53 -22.89 -53.14 -20.16
C TYR R 53 -22.81 -54.22 -19.09
N ILE R 54 -23.95 -54.83 -18.77
CA ILE R 54 -24.00 -55.97 -17.86
C ILE R 54 -24.40 -57.25 -18.61
N PRO R 55 -23.48 -58.23 -18.69
CA PRO R 55 -23.64 -59.44 -19.50
C PRO R 55 -24.60 -60.46 -18.87
N PRO R 56 -25.34 -61.22 -19.71
CA PRO R 56 -26.28 -62.24 -19.21
C PRO R 56 -25.57 -63.30 -18.39
N LYS R 57 -26.11 -63.56 -17.19
CA LYS R 57 -25.47 -64.46 -16.24
C LYS R 57 -26.26 -65.76 -16.09
N PRO R 58 -25.64 -66.88 -16.47
CA PRO R 58 -26.30 -68.19 -16.48
C PRO R 58 -26.59 -68.69 -15.06
N THR R 59 -27.66 -69.45 -14.90
CA THR R 59 -27.96 -70.12 -13.62
C THR R 59 -26.92 -71.17 -13.30
N ILE R 60 -26.72 -72.10 -14.24
CA ILE R 60 -25.62 -73.05 -14.15
C ILE R 60 -24.76 -72.93 -15.38
N ASN R 61 -23.45 -73.01 -15.18
CA ASN R 61 -22.52 -72.84 -16.28
C ASN R 61 -22.58 -74.01 -17.28
N PRO R 62 -22.40 -73.72 -18.58
CA PRO R 62 -22.55 -74.74 -19.63
C PRO R 62 -21.61 -75.95 -19.52
N ARG R 63 -20.33 -75.75 -19.24
CA ARG R 63 -19.40 -76.87 -19.17
C ARG R 63 -19.67 -77.76 -17.96
N CYS R 64 -20.19 -77.18 -16.89
CA CYS R 64 -20.46 -77.96 -15.68
C CYS R 64 -21.87 -78.57 -15.76
N LEU R 65 -22.58 -78.31 -16.85
CA LEU R 65 -23.83 -79.00 -17.18
C LEU R 65 -23.46 -80.38 -17.73
N PRO R 66 -24.45 -81.28 -17.90
CA PRO R 66 -24.11 -82.61 -18.42
C PRO R 66 -23.50 -82.55 -19.83
N PRO R 67 -23.07 -83.70 -20.37
CA PRO R 67 -22.47 -83.66 -21.71
C PRO R 67 -23.42 -83.05 -22.74
N PRO R 68 -22.85 -82.34 -23.71
CA PRO R 68 -23.60 -81.70 -24.80
C PRO R 68 -24.30 -82.77 -25.64
N PRO R 69 -25.27 -82.36 -26.47
CA PRO R 69 -25.87 -83.38 -27.36
C PRO R 69 -24.83 -83.98 -28.31
N THR R 70 -25.24 -84.97 -29.11
CA THR R 70 -24.28 -85.74 -29.90
C THR R 70 -24.05 -85.22 -31.31
N PRO R 71 -22.79 -84.83 -31.62
CA PRO R 71 -22.30 -84.47 -32.96
C PRO R 71 -21.61 -85.63 -33.71
N PRO R 72 -22.37 -86.62 -34.21
CA PRO R 72 -21.73 -87.83 -34.77
C PRO R 72 -21.01 -87.60 -36.10
N GLN R 73 -19.80 -88.13 -36.22
CA GLN R 73 -19.03 -88.06 -37.46
C GLN R 73 -19.63 -89.00 -38.49
N GLU R 74 -19.35 -88.74 -39.77
CA GLU R 74 -19.87 -89.58 -40.84
C GLU R 74 -18.75 -89.99 -41.79
N GLU R 75 -18.91 -91.17 -42.39
CA GLU R 75 -17.88 -91.71 -43.28
C GLU R 75 -17.64 -90.83 -44.49
N THR R 76 -16.38 -90.46 -44.68
CA THR R 76 -15.95 -89.73 -45.88
C THR R 76 -15.72 -90.74 -47.00
N GLY R 77 -15.11 -90.28 -48.09
CA GLY R 77 -14.69 -91.18 -49.15
C GLY R 77 -13.49 -92.01 -48.71
N LEU R 78 -12.64 -91.41 -47.89
CA LEU R 78 -11.42 -92.04 -47.39
C LEU R 78 -11.73 -93.18 -46.42
N VAL R 79 -12.71 -92.94 -45.54
CA VAL R 79 -13.16 -93.96 -44.58
C VAL R 79 -13.79 -95.18 -45.29
N ARG R 80 -14.57 -94.93 -46.35
CA ARG R 80 -15.18 -96.01 -47.13
C ARG R 80 -14.13 -96.77 -47.95
N LEU R 81 -13.19 -96.02 -48.52
CA LEU R 81 -12.07 -96.59 -49.25
C LEU R 81 -11.21 -97.50 -48.36
N LEU R 82 -10.98 -97.06 -47.12
CA LEU R 82 -10.16 -97.83 -46.19
C LEU R 82 -10.90 -99.03 -45.63
N ARG R 83 -12.19 -98.88 -45.32
CA ARG R 83 -13.01 -100.01 -44.90
C ARG R 83 -13.09 -101.08 -45.98
N ARG R 84 -13.25 -100.66 -47.24
CA ARG R 84 -13.38 -101.58 -48.37
C ARG R 84 -12.05 -102.25 -48.76
N GLU R 85 -10.98 -101.45 -48.75
CA GLU R 85 -9.64 -101.93 -49.06
C GLU R 85 -9.10 -102.89 -47.97
N ILE R 86 -9.38 -102.55 -46.71
CA ILE R 86 -9.02 -103.42 -45.58
C ILE R 86 -9.91 -104.69 -45.56
N ALA R 87 -11.16 -104.56 -46.00
CA ALA R 87 -12.04 -105.73 -46.15
C ALA R 87 -11.50 -106.69 -47.21
N ALA R 88 -11.02 -106.14 -48.32
CA ALA R 88 -10.37 -106.93 -49.37
C ALA R 88 -9.02 -107.49 -48.90
N VAL R 89 -8.37 -106.78 -47.97
CA VAL R 89 -7.07 -107.17 -47.42
C VAL R 89 -7.09 -108.52 -46.72
N PHE R 90 -8.20 -108.85 -46.06
CA PHE R 90 -8.28 -110.14 -45.38
C PHE R 90 -8.73 -111.24 -46.35
N ARG R 91 -9.28 -110.83 -47.48
CA ARG R 91 -9.61 -111.76 -48.56
C ARG R 91 -8.38 -112.25 -49.33
N ASP R 92 -7.56 -111.32 -49.81
CA ASP R 92 -6.44 -111.71 -50.68
C ASP R 92 -5.21 -112.25 -49.92
N ASN R 93 -4.95 -111.74 -48.72
CA ASN R 93 -3.81 -112.27 -47.96
C ASN R 93 -4.17 -113.60 -47.31
N ARG R 94 -3.46 -114.65 -47.70
CA ARG R 94 -3.63 -115.97 -47.09
C ARG R 94 -2.85 -116.00 -45.78
N MET R 95 -1.67 -115.40 -45.79
CA MET R 95 -0.96 -115.17 -44.54
C MET R 95 -0.83 -113.69 -44.24
N ILE R 96 -1.57 -113.25 -43.23
CA ILE R 96 -1.51 -111.88 -42.77
C ILE R 96 -0.69 -111.84 -41.49
N ALA R 97 0.53 -111.28 -41.60
CA ALA R 97 1.43 -111.21 -40.46
C ALA R 97 1.54 -109.77 -39.97
N VAL R 98 1.70 -109.57 -38.67
CA VAL R 98 1.87 -108.22 -38.13
C VAL R 98 3.31 -108.01 -37.69
N CYS R 99 4.03 -107.18 -38.44
CA CYS R 99 5.42 -106.89 -38.13
C CYS R 99 5.52 -105.47 -37.60
N GLN R 100 6.08 -105.32 -36.39
CA GLN R 100 6.20 -104.00 -35.78
C GLN R 100 6.95 -103.03 -36.69
N HIS R 101 6.34 -101.89 -36.98
CA HIS R 101 6.99 -100.88 -37.82
C HIS R 101 8.14 -100.28 -37.03
N VAL R 102 9.34 -100.37 -37.60
CA VAL R 102 10.57 -99.95 -36.92
C VAL R 102 11.36 -99.02 -37.84
N ALA R 103 12.02 -98.02 -37.25
CA ALA R 103 12.65 -96.98 -38.06
C ALA R 103 13.97 -97.46 -38.65
N LEU R 104 13.99 -97.55 -39.98
CA LEU R 104 15.21 -97.88 -40.70
C LEU R 104 15.43 -96.78 -41.70
N SER R 105 16.66 -96.66 -42.18
CA SER R 105 16.93 -95.63 -43.18
C SER R 105 16.17 -96.02 -44.45
N ALA R 106 15.98 -95.04 -45.34
CA ALA R 106 15.27 -95.26 -46.58
C ALA R 106 15.96 -96.38 -47.36
N GLU R 107 17.27 -96.47 -47.19
CA GLU R 107 18.09 -97.54 -47.76
C GLU R 107 17.63 -98.93 -47.32
N ASP R 108 17.58 -99.14 -46.01
CA ASP R 108 17.19 -100.43 -45.43
C ASP R 108 15.75 -100.82 -45.78
N LYS R 109 14.86 -99.83 -45.78
CA LYS R 109 13.45 -100.06 -46.07
C LYS R 109 13.21 -100.40 -47.54
N LEU R 110 13.93 -99.71 -48.44
CA LEU R 110 13.82 -99.96 -49.88
C LEU R 110 14.47 -101.29 -50.31
N LEU R 111 15.64 -101.58 -49.75
CA LEU R 111 16.27 -102.88 -49.94
C LEU R 111 15.35 -103.99 -49.44
N LEU R 112 14.72 -103.75 -48.29
CA LEU R 112 13.74 -104.67 -47.70
C LEU R 112 12.56 -104.93 -48.64
N ARG R 113 12.03 -103.84 -49.20
CA ARG R 113 10.93 -103.93 -50.13
C ARG R 113 11.31 -104.65 -51.42
N HIS R 114 12.58 -104.52 -51.82
CA HIS R 114 13.04 -105.19 -53.02
C HIS R 114 13.24 -106.69 -52.81
N GLN R 115 13.69 -107.09 -51.63
CA GLN R 115 13.81 -108.52 -51.30
C GLN R 115 12.42 -109.15 -51.22
N LEU R 116 11.50 -108.42 -50.57
CA LEU R 116 10.11 -108.85 -50.51
C LEU R 116 9.50 -108.92 -51.90
N ARG R 117 9.96 -108.06 -52.79
CA ARG R 117 9.62 -108.20 -54.20
C ARG R 117 10.19 -109.49 -54.78
N LYS R 118 11.41 -109.85 -54.38
CA LYS R 118 12.09 -111.02 -54.93
C LYS R 118 11.44 -112.35 -54.56
N HIS R 119 10.82 -112.44 -53.38
CA HIS R 119 10.01 -113.63 -53.12
C HIS R 119 8.52 -113.43 -53.51
N LYS R 120 8.20 -112.22 -53.96
CA LYS R 120 6.83 -111.79 -54.36
C LYS R 120 5.95 -111.46 -53.15
N ILE R 121 6.49 -111.61 -51.94
CA ILE R 121 5.78 -111.25 -50.72
C ILE R 121 5.53 -109.74 -50.69
N LEU R 122 4.39 -109.34 -50.12
CA LEU R 122 3.99 -107.95 -50.14
C LEU R 122 4.00 -107.35 -48.72
N MET R 123 4.12 -106.02 -48.66
CA MET R 123 3.98 -105.29 -47.40
C MET R 123 3.08 -104.08 -47.63
N LYS R 124 2.22 -103.80 -46.65
CA LYS R 124 1.26 -102.69 -46.72
C LYS R 124 1.10 -102.03 -45.36
N ILE R 125 0.89 -100.72 -45.35
CA ILE R 125 0.71 -99.99 -44.10
C ILE R 125 -0.66 -99.32 -44.09
N PHE R 126 -1.25 -99.19 -42.89
CA PHE R 126 -2.57 -98.60 -42.72
C PHE R 126 -2.58 -97.61 -41.56
N PRO R 127 -3.58 -96.72 -41.53
CA PRO R 127 -3.76 -95.89 -40.33
C PRO R 127 -4.29 -96.74 -39.19
N ASN R 128 -3.79 -96.53 -37.98
CA ASN R 128 -4.31 -97.26 -36.83
C ASN R 128 -5.75 -96.85 -36.58
N GLN R 129 -6.06 -95.59 -36.82
CA GLN R 129 -7.39 -95.03 -36.53
C GLN R 129 -8.54 -95.73 -37.29
N VAL R 130 -8.33 -96.01 -38.58
CA VAL R 130 -9.34 -96.71 -39.37
C VAL R 130 -9.15 -98.24 -39.38
N LEU R 131 -7.96 -98.71 -39.00
CA LEU R 131 -7.71 -100.15 -38.97
C LEU R 131 -8.25 -100.77 -37.68
N LYS R 132 -8.17 -100.00 -36.59
CA LYS R 132 -8.59 -100.45 -35.26
C LYS R 132 -10.08 -100.84 -35.18
N PRO R 133 -11.01 -99.91 -35.47
CA PRO R 133 -12.42 -100.21 -35.21
C PRO R 133 -13.04 -101.25 -36.16
N PHE R 134 -12.36 -101.52 -37.27
CA PHE R 134 -12.80 -102.55 -38.22
C PHE R 134 -12.63 -103.94 -37.61
N LEU R 135 -11.52 -104.13 -36.92
CA LEU R 135 -11.19 -105.42 -36.31
C LEU R 135 -11.85 -105.59 -34.94
N GLU R 136 -12.44 -104.50 -34.44
CA GLU R 136 -13.17 -104.51 -33.17
C GLU R 136 -14.64 -104.86 -33.36
N GLU R 137 -14.99 -105.21 -34.60
CA GLU R 137 -16.37 -105.58 -34.93
C GLU R 137 -16.65 -107.05 -34.67
N SER R 138 -16.10 -107.95 -35.49
CA SER R 138 -16.45 -109.36 -35.36
C SER R 138 -15.29 -110.36 -35.30
N LYS R 139 -14.64 -110.59 -36.44
CA LYS R 139 -13.84 -111.79 -36.65
C LYS R 139 -12.43 -111.80 -36.05
N TYR R 140 -11.70 -110.72 -36.28
CA TYR R 140 -10.25 -110.67 -36.11
C TYR R 140 -9.77 -110.12 -34.76
N GLN R 141 -10.69 -110.06 -33.79
CA GLN R 141 -10.48 -109.39 -32.50
C GLN R 141 -9.12 -109.60 -31.82
N ASN R 142 -8.58 -110.81 -31.90
CA ASN R 142 -7.37 -111.17 -31.15
C ASN R 142 -6.12 -110.38 -31.56
N LEU R 143 -6.24 -109.59 -32.62
CA LEU R 143 -5.16 -108.72 -33.08
C LEU R 143 -5.10 -107.38 -32.36
N LEU R 144 -6.16 -107.06 -31.63
CA LEU R 144 -6.29 -105.76 -30.96
C LEU R 144 -5.11 -105.32 -30.07
N PRO R 145 -4.53 -106.24 -29.28
CA PRO R 145 -3.39 -105.76 -28.46
C PRO R 145 -2.12 -105.43 -29.26
N LEU R 146 -2.01 -106.01 -30.45
CA LEU R 146 -0.86 -105.82 -31.34
C LEU R 146 -0.90 -104.52 -32.12
N PHE R 147 -2.07 -103.90 -32.18
CA PHE R 147 -2.24 -102.69 -32.98
C PHE R 147 -2.13 -101.39 -32.19
N VAL R 148 -1.95 -101.50 -30.88
CA VAL R 148 -1.77 -100.30 -30.04
C VAL R 148 -0.39 -99.69 -30.31
N GLY R 149 0.60 -100.55 -30.56
CA GLY R 149 1.92 -100.08 -30.94
C GLY R 149 1.98 -99.61 -32.38
N HIS R 150 3.19 -99.41 -32.88
CA HIS R 150 3.43 -99.10 -34.29
C HIS R 150 3.41 -100.39 -35.12
N ASN R 151 2.52 -100.46 -36.11
CA ASN R 151 2.36 -101.70 -36.86
C ASN R 151 2.67 -101.54 -38.34
N LEU R 152 3.03 -102.66 -38.95
CA LEU R 152 3.21 -102.78 -40.39
C LEU R 152 2.64 -104.12 -40.82
N LEU R 153 1.74 -104.10 -41.80
CA LEU R 153 1.02 -105.30 -42.17
C LEU R 153 1.74 -106.02 -43.29
N LEU R 154 2.24 -107.22 -42.99
CA LEU R 154 2.88 -108.05 -44.00
C LEU R 154 1.86 -108.93 -44.70
N VAL R 155 1.67 -108.63 -45.99
CA VAL R 155 0.71 -109.31 -46.85
C VAL R 155 1.38 -110.49 -47.56
N SER R 156 0.87 -111.68 -47.31
CA SER R 156 1.45 -112.86 -47.94
C SER R 156 0.43 -113.63 -48.77
N GLU R 157 0.62 -113.59 -50.08
CA GLU R 157 -0.25 -114.23 -51.06
C GLU R 157 0.40 -115.51 -51.61
N GLU R 158 -0.26 -116.65 -51.39
CA GLU R 158 0.32 -117.96 -51.63
C GLU R 158 1.71 -118.13 -51.01
N PRO R 159 1.85 -117.78 -49.72
CA PRO R 159 3.16 -117.67 -49.05
C PRO R 159 3.79 -118.98 -48.65
N LYS R 160 5.09 -118.91 -48.38
CA LYS R 160 5.77 -119.93 -47.60
C LYS R 160 6.41 -119.20 -46.42
N VAL R 161 6.19 -119.72 -45.22
CA VAL R 161 6.60 -119.03 -44.00
C VAL R 161 8.13 -118.88 -43.90
N LYS R 162 8.85 -119.90 -44.36
CA LYS R 162 10.33 -119.92 -44.34
C LYS R 162 10.95 -118.70 -45.00
N GLU R 163 10.31 -118.24 -46.08
CA GLU R 163 10.81 -117.13 -46.87
C GLU R 163 10.50 -115.77 -46.23
N MET R 164 9.32 -115.65 -45.62
CA MET R 164 8.95 -114.45 -44.84
C MET R 164 9.88 -114.28 -43.63
N VAL R 165 10.22 -115.41 -43.00
CA VAL R 165 11.12 -115.43 -41.85
C VAL R 165 12.60 -115.26 -42.27
N ARG R 166 12.91 -115.61 -43.52
CA ARG R 166 14.25 -115.42 -44.08
C ARG R 166 14.80 -114.01 -43.90
N ILE R 167 13.94 -113.04 -44.14
CA ILE R 167 14.30 -111.62 -44.09
C ILE R 167 14.32 -111.07 -42.66
N LEU R 168 13.37 -111.51 -41.84
CA LEU R 168 13.29 -111.05 -40.45
C LEU R 168 14.39 -111.68 -39.60
N LYS R 169 15.06 -112.69 -40.14
CA LYS R 169 16.24 -113.29 -39.53
C LYS R 169 17.50 -112.46 -39.78
N GLY R 170 17.57 -111.83 -40.95
CA GLY R 170 18.71 -110.99 -41.31
C GLY R 170 18.85 -109.78 -40.40
N ILE R 171 17.78 -109.00 -40.29
CA ILE R 171 17.78 -107.84 -39.38
C ILE R 171 17.08 -108.18 -38.06
N PRO R 172 17.86 -108.22 -36.97
CA PRO R 172 17.42 -108.71 -35.64
C PRO R 172 16.32 -107.89 -34.95
N PHE R 173 16.35 -106.57 -35.09
CA PHE R 173 15.50 -105.67 -34.33
C PHE R 173 14.17 -105.37 -35.04
N LEU R 174 13.88 -106.16 -36.07
CA LEU R 174 12.62 -106.06 -36.81
C LEU R 174 11.78 -107.31 -36.56
N PRO R 175 11.04 -107.30 -35.43
CA PRO R 175 10.30 -108.41 -34.83
C PRO R 175 8.97 -108.69 -35.52
N LEU R 176 8.49 -109.93 -35.41
CA LEU R 176 7.25 -110.35 -36.04
C LEU R 176 6.28 -110.83 -34.97
N LEU R 177 5.15 -110.15 -34.82
CA LEU R 177 4.14 -110.52 -33.82
C LEU R 177 3.01 -111.41 -34.39
N GLY R 178 3.17 -111.84 -35.64
CA GLY R 178 2.24 -112.76 -36.26
C GLY R 178 0.86 -112.23 -36.59
N GLY R 179 -0.17 -112.86 -36.06
CA GLY R 179 -1.53 -112.66 -36.51
C GLY R 179 -2.15 -113.68 -37.46
N CYS R 180 -3.08 -113.20 -38.29
CA CYS R 180 -4.08 -114.04 -38.94
C CYS R 180 -3.53 -114.89 -40.08
N ILE R 181 -3.75 -116.20 -39.99
CA ILE R 181 -3.50 -117.13 -41.10
C ILE R 181 -4.71 -118.04 -41.30
N ASP R 182 -5.35 -117.92 -42.46
CA ASP R 182 -6.51 -118.75 -42.81
C ASP R 182 -7.58 -118.73 -41.70
N ASP R 183 -7.85 -117.52 -41.21
CA ASP R 183 -8.85 -117.22 -40.16
C ASP R 183 -8.39 -117.53 -38.72
N THR R 184 -7.19 -118.10 -38.55
CA THR R 184 -6.69 -118.45 -37.22
C THR R 184 -5.58 -117.50 -36.72
N ILE R 185 -5.69 -116.98 -35.50
CA ILE R 185 -4.67 -116.06 -34.96
C ILE R 185 -3.44 -116.83 -34.42
N LEU R 186 -2.27 -116.57 -35.00
CA LEU R 186 -1.07 -117.34 -34.69
C LEU R 186 0.13 -116.47 -34.31
N SER R 187 1.01 -116.97 -33.44
CA SER R 187 2.10 -116.14 -32.91
C SER R 187 3.48 -116.63 -33.39
N ARG R 188 4.53 -115.94 -32.94
CA ARG R 188 5.91 -116.16 -33.40
C ARG R 188 6.37 -117.63 -33.41
N GLN R 189 6.13 -118.34 -32.30
CA GLN R 189 6.49 -119.75 -32.19
C GLN R 189 5.70 -120.60 -33.19
N GLY R 190 4.46 -120.18 -33.44
CA GLY R 190 3.61 -120.81 -34.43
C GLY R 190 4.17 -120.71 -35.83
N PHE R 191 4.62 -119.52 -36.22
CA PHE R 191 5.31 -119.28 -37.49
C PHE R 191 6.64 -120.05 -37.59
N ILE R 192 7.32 -120.20 -36.46
CA ILE R 192 8.52 -121.04 -36.41
C ILE R 192 8.16 -122.48 -36.75
N ASN R 193 6.96 -122.90 -36.32
CA ASN R 193 6.42 -124.24 -36.63
C ASN R 193 5.93 -124.41 -38.09
N TYR R 194 5.19 -123.41 -38.59
CA TYR R 194 4.63 -123.46 -39.94
C TYR R 194 5.71 -123.37 -41.01
N SER R 195 6.80 -122.67 -40.68
CA SER R 195 7.97 -122.62 -41.56
C SER R 195 8.56 -124.02 -41.69
N LYS R 196 8.95 -124.62 -40.58
CA LYS R 196 9.51 -125.98 -40.57
C LYS R 196 8.47 -126.99 -41.05
N SER S 17 31.72 -88.98 -46.45
CA SER S 17 31.54 -87.60 -46.00
C SER S 17 30.51 -86.88 -46.85
N GLY S 18 30.22 -87.43 -48.04
CA GLY S 18 29.30 -86.79 -48.95
C GLY S 18 28.87 -87.61 -50.16
N MET S 19 27.72 -87.23 -50.68
CA MET S 19 27.16 -87.84 -51.89
C MET S 19 26.99 -86.81 -52.99
N ILE S 20 27.55 -87.10 -54.16
CA ILE S 20 27.56 -86.17 -55.29
C ILE S 20 26.74 -86.64 -56.49
N ARG S 21 25.65 -85.93 -56.77
CA ARG S 21 24.95 -86.07 -58.04
C ARG S 21 25.65 -85.26 -59.13
N ALA S 22 25.82 -85.87 -60.30
CA ALA S 22 26.26 -85.13 -61.47
C ALA S 22 25.66 -85.71 -62.74
N ILE S 23 25.16 -84.87 -63.64
CA ILE S 23 24.65 -85.39 -64.90
C ILE S 23 25.74 -85.15 -65.95
N VAL S 24 26.41 -86.22 -66.38
CA VAL S 24 27.62 -86.05 -67.19
C VAL S 24 27.50 -86.71 -68.57
N ARG S 25 28.01 -86.03 -69.59
CA ARG S 25 27.88 -86.49 -70.98
C ARG S 25 28.67 -87.78 -71.26
N ALA S 26 28.29 -88.48 -72.32
CA ALA S 26 28.82 -89.81 -72.63
C ALA S 26 30.36 -89.86 -72.74
N GLY S 27 30.91 -89.31 -73.81
CA GLY S 27 32.35 -89.38 -74.06
C GLY S 27 33.13 -88.30 -73.33
N GLN S 28 32.43 -87.45 -72.61
CA GLN S 28 33.03 -86.27 -72.02
C GLN S 28 33.09 -86.34 -70.50
N ALA S 29 34.30 -86.55 -69.98
CA ALA S 29 34.62 -86.34 -68.58
C ALA S 29 36.02 -85.71 -68.48
N ARG S 30 36.14 -84.54 -67.86
CA ARG S 30 37.42 -83.83 -67.85
C ARG S 30 37.76 -83.24 -66.49
N PRO S 31 39.07 -83.14 -66.18
CA PRO S 31 39.55 -82.57 -64.90
C PRO S 31 39.30 -81.06 -64.76
N GLY S 32 38.03 -80.66 -64.87
CA GLY S 32 37.62 -79.29 -64.64
C GLY S 32 36.13 -79.24 -64.27
N PRO S 33 35.60 -78.05 -63.97
CA PRO S 33 34.21 -77.85 -63.53
C PRO S 33 33.18 -78.46 -64.48
N PRO S 34 32.08 -79.01 -63.92
CA PRO S 34 31.79 -79.17 -62.48
C PRO S 34 32.64 -80.20 -61.73
N LEU S 35 33.34 -81.10 -62.43
CA LEU S 35 34.05 -82.22 -61.81
C LEU S 35 35.13 -81.82 -60.78
N GLY S 36 35.90 -80.77 -61.09
CA GLY S 36 36.90 -80.25 -60.17
C GLY S 36 36.39 -79.59 -58.89
N PRO S 37 35.52 -78.57 -59.03
CA PRO S 37 34.87 -77.83 -57.93
C PRO S 37 34.06 -78.67 -56.93
N ILE S 38 33.42 -79.74 -57.40
CA ILE S 38 32.56 -80.55 -56.55
C ILE S 38 33.32 -81.71 -55.89
N LEU S 39 33.89 -82.61 -56.70
CA LEU S 39 34.64 -83.74 -56.16
C LEU S 39 35.98 -83.34 -55.51
N GLY S 40 36.65 -82.33 -56.07
CA GLY S 40 37.92 -81.84 -55.55
C GLY S 40 37.85 -81.17 -54.18
N GLN S 41 36.66 -80.66 -53.86
CA GLN S 41 36.37 -80.12 -52.52
C GLN S 41 36.45 -81.19 -51.43
N ARG S 42 35.93 -82.38 -51.75
CA ARG S 42 35.94 -83.51 -50.83
C ARG S 42 37.36 -84.11 -50.72
N GLY S 43 38.24 -83.68 -51.62
CA GLY S 43 39.62 -84.12 -51.62
C GLY S 43 39.83 -85.31 -52.53
N VAL S 44 38.88 -85.54 -53.44
CA VAL S 44 38.88 -86.72 -54.33
C VAL S 44 39.82 -86.59 -55.55
N SER S 45 40.49 -87.70 -55.90
CA SER S 45 41.34 -87.75 -57.09
C SER S 45 40.50 -87.67 -58.38
N ILE S 46 40.79 -86.67 -59.21
CA ILE S 46 39.96 -86.38 -60.39
C ILE S 46 40.26 -87.31 -61.56
N ASN S 47 41.55 -87.54 -61.84
CA ASN S 47 41.98 -88.32 -63.01
C ASN S 47 41.50 -89.77 -63.01
N GLN S 48 41.61 -90.42 -61.85
CA GLN S 48 41.08 -91.77 -61.64
C GLN S 48 39.61 -91.84 -62.08
N PHE S 49 38.82 -90.88 -61.61
CA PHE S 49 37.41 -90.83 -61.96
C PHE S 49 37.18 -90.48 -63.43
N CYS S 50 38.00 -89.61 -64.00
CA CYS S 50 37.92 -89.28 -65.43
C CYS S 50 38.02 -90.54 -66.27
N LYS S 51 39.10 -91.29 -66.05
CA LYS S 51 39.40 -92.48 -66.83
C LYS S 51 38.42 -93.63 -66.55
N GLU S 52 37.99 -93.79 -65.31
CA GLU S 52 37.04 -94.86 -64.95
C GLU S 52 35.60 -94.59 -65.43
N PHE S 53 35.10 -93.41 -65.05
CA PHE S 53 33.78 -92.94 -65.50
C PHE S 53 33.72 -92.99 -67.02
N ASN S 54 34.77 -92.55 -67.70
CA ASN S 54 34.83 -92.68 -69.16
C ASN S 54 34.90 -94.14 -69.62
N GLU S 55 35.64 -94.98 -68.89
CA GLU S 55 35.74 -96.40 -69.22
C GLU S 55 34.37 -97.01 -69.38
N LYS S 56 33.47 -96.71 -68.45
CA LYS S 56 32.08 -97.16 -68.59
C LYS S 56 31.26 -96.32 -69.59
N THR S 57 31.40 -95.00 -69.49
CA THR S 57 30.54 -94.04 -70.21
C THR S 57 30.94 -93.79 -71.68
N LYS S 58 32.22 -93.89 -72.01
CA LYS S 58 32.67 -93.74 -73.41
C LYS S 58 32.01 -94.78 -74.29
N ASP S 59 31.71 -95.92 -73.67
CA ASP S 59 31.10 -97.06 -74.34
C ASP S 59 29.63 -96.83 -74.69
N ILE S 60 29.06 -95.73 -74.20
CA ILE S 60 27.75 -95.34 -74.70
C ILE S 60 28.00 -94.37 -75.86
N LYS S 61 27.79 -94.87 -77.07
CA LYS S 61 28.06 -94.13 -78.28
C LYS S 61 26.77 -93.55 -78.85
N GLU S 62 25.68 -93.79 -78.13
CA GLU S 62 24.36 -93.33 -78.55
C GLU S 62 24.14 -91.88 -78.12
N GLY S 63 25.17 -91.29 -77.51
CA GLY S 63 25.21 -89.88 -77.19
C GLY S 63 24.21 -89.44 -76.12
N ILE S 64 24.22 -90.11 -74.97
CA ILE S 64 23.20 -89.89 -73.95
C ILE S 64 23.79 -89.58 -72.56
N PRO S 65 23.92 -88.28 -72.22
CA PRO S 65 24.46 -87.90 -70.90
C PRO S 65 23.68 -88.49 -69.72
N LEU S 66 24.41 -89.13 -68.81
CA LEU S 66 23.84 -89.88 -67.68
C LEU S 66 24.04 -89.24 -66.30
N PRO S 67 22.92 -89.10 -65.54
CA PRO S 67 23.02 -88.76 -64.11
C PRO S 67 23.68 -89.92 -63.36
N THR S 68 24.64 -89.59 -62.53
CA THR S 68 25.53 -90.59 -61.96
C THR S 68 25.85 -90.25 -60.51
N LYS S 69 25.81 -91.26 -59.65
CA LYS S 69 25.91 -90.99 -58.21
C LYS S 69 27.29 -91.39 -57.66
N ILE S 70 28.03 -90.38 -57.20
CA ILE S 70 29.38 -90.56 -56.67
C ILE S 70 29.43 -90.43 -55.15
N PHE S 71 29.60 -91.56 -54.46
CA PHE S 71 29.74 -91.54 -53.01
C PHE S 71 31.21 -91.39 -52.61
N VAL S 72 31.51 -90.36 -51.84
CA VAL S 72 32.89 -90.14 -51.38
C VAL S 72 33.06 -90.58 -49.91
N LYS S 73 34.09 -91.38 -49.66
CA LYS S 73 34.35 -91.93 -48.33
C LYS S 73 35.23 -91.00 -47.50
N PRO S 74 35.20 -91.15 -46.16
CA PRO S 74 35.98 -90.30 -45.23
C PRO S 74 37.50 -90.24 -45.49
N ASP S 75 38.08 -91.26 -46.13
CA ASP S 75 39.50 -91.28 -46.45
C ASP S 75 39.77 -90.64 -47.82
N ARG S 76 38.71 -90.07 -48.40
CA ARG S 76 38.70 -89.26 -49.63
C ARG S 76 38.64 -90.09 -50.92
N THR S 77 38.68 -91.41 -50.80
CA THR S 77 38.40 -92.30 -51.93
C THR S 77 36.89 -92.30 -52.23
N PHE S 78 36.50 -92.99 -53.30
CA PHE S 78 35.13 -92.87 -53.81
C PHE S 78 34.65 -94.09 -54.62
N GLU S 79 33.33 -94.19 -54.77
CA GLU S 79 32.70 -95.16 -55.66
C GLU S 79 31.59 -94.47 -56.47
N ILE S 80 31.17 -95.05 -57.60
CA ILE S 80 30.15 -94.43 -58.43
C ILE S 80 29.17 -95.44 -59.04
N LYS S 81 27.88 -95.13 -58.98
CA LYS S 81 26.86 -95.89 -59.67
C LYS S 81 26.33 -95.10 -60.87
N ILE S 82 26.44 -95.69 -62.06
CA ILE S 82 25.98 -95.04 -63.27
C ILE S 82 24.49 -95.35 -63.48
N GLY S 83 23.69 -94.29 -63.63
CA GLY S 83 22.28 -94.45 -63.90
C GLY S 83 21.96 -94.22 -65.37
N GLN S 84 20.74 -94.58 -65.76
CA GLN S 84 20.23 -94.26 -67.09
C GLN S 84 20.16 -92.74 -67.27
N PRO S 85 20.40 -92.26 -68.51
CA PRO S 85 20.35 -90.85 -68.90
C PRO S 85 19.05 -90.14 -68.49
N THR S 86 19.14 -88.82 -68.26
CA THR S 86 18.01 -88.04 -67.77
C THR S 86 16.84 -88.11 -68.76
N VAL S 87 15.61 -88.11 -68.24
CA VAL S 87 14.43 -88.18 -69.11
C VAL S 87 14.37 -86.95 -70.01
N SER S 88 14.78 -85.79 -69.47
CA SER S 88 14.83 -84.55 -70.23
C SER S 88 15.58 -84.71 -71.55
N TYR S 89 16.69 -85.43 -71.49
CA TYR S 89 17.50 -85.68 -72.67
C TYR S 89 16.89 -86.74 -73.59
N PHE S 90 16.27 -87.77 -73.02
CA PHE S 90 15.57 -88.78 -73.82
C PHE S 90 14.43 -88.17 -74.62
N LEU S 91 13.77 -87.17 -74.04
CA LEU S 91 12.67 -86.46 -74.69
C LEU S 91 13.22 -85.45 -75.71
N LYS S 92 14.36 -84.84 -75.37
CA LYS S 92 15.09 -83.97 -76.31
C LYS S 92 15.46 -84.70 -77.60
N ALA S 93 15.90 -85.95 -77.45
CA ALA S 93 16.28 -86.76 -78.62
C ALA S 93 15.07 -87.38 -79.33
N ALA S 94 14.09 -87.84 -78.55
CA ALA S 94 12.89 -88.47 -79.10
C ALA S 94 12.00 -87.49 -79.88
N ALA S 95 11.95 -86.24 -79.42
CA ALA S 95 11.20 -85.21 -80.13
C ALA S 95 12.10 -84.46 -81.12
N GLY S 96 13.40 -84.79 -81.10
CA GLY S 96 14.38 -84.23 -82.01
C GLY S 96 14.64 -82.74 -81.88
N ILE S 97 14.33 -82.16 -80.73
CA ILE S 97 14.50 -80.72 -80.54
C ILE S 97 15.93 -80.36 -80.11
N GLU S 98 16.15 -79.07 -79.87
CA GLU S 98 17.46 -78.58 -79.44
C GLU S 98 17.46 -78.37 -77.92
N LYS S 99 16.64 -77.42 -77.47
CA LYS S 99 16.45 -77.16 -76.05
C LYS S 99 14.96 -77.08 -75.76
N GLY S 100 14.60 -77.11 -74.48
CA GLY S 100 13.21 -77.01 -74.07
C GLY S 100 12.62 -75.63 -74.35
N ALA S 101 11.29 -75.57 -74.40
CA ALA S 101 10.58 -74.30 -74.59
C ALA S 101 10.91 -73.32 -73.48
N ARG S 102 10.89 -72.02 -73.79
CA ARG S 102 11.24 -71.00 -72.81
C ARG S 102 10.13 -70.87 -71.78
N HIS S 103 8.91 -70.89 -72.29
CA HIS S 103 7.71 -70.93 -71.47
C HIS S 103 6.98 -72.26 -71.72
N THR S 104 6.99 -73.12 -70.70
CA THR S 104 6.40 -74.44 -70.78
C THR S 104 4.87 -74.40 -70.66
N GLY S 105 4.18 -75.04 -71.61
CA GLY S 105 2.72 -75.14 -71.59
C GLY S 105 2.06 -73.94 -72.26
N LYS S 106 2.77 -72.81 -72.25
CA LYS S 106 2.39 -71.63 -73.03
C LYS S 106 2.88 -71.82 -74.47
N GLU S 107 4.04 -72.47 -74.58
CA GLU S 107 4.70 -72.76 -75.85
C GLU S 107 5.07 -74.24 -75.93
N VAL S 108 4.71 -74.89 -77.03
CA VAL S 108 5.06 -76.29 -77.23
C VAL S 108 6.40 -76.40 -77.97
N ALA S 109 7.32 -77.21 -77.42
CA ALA S 109 8.65 -77.36 -77.99
C ALA S 109 8.70 -78.44 -79.08
N GLY S 110 8.40 -79.69 -78.70
CA GLY S 110 8.47 -80.82 -79.61
C GLY S 110 7.41 -81.88 -79.34
N LEU S 111 7.35 -82.88 -80.23
CA LEU S 111 6.29 -83.90 -80.21
C LEU S 111 6.82 -85.33 -79.99
N VAL S 112 6.11 -86.12 -79.18
CA VAL S 112 6.42 -87.55 -79.03
C VAL S 112 5.15 -88.40 -79.03
N THR S 113 5.28 -89.70 -79.30
CA THR S 113 4.11 -90.57 -79.44
C THR S 113 3.89 -91.44 -78.21
N LEU S 114 2.87 -92.31 -78.27
CA LEU S 114 2.61 -93.30 -77.23
C LEU S 114 3.76 -94.29 -77.15
N LYS S 115 4.40 -94.51 -78.31
CA LYS S 115 5.58 -95.39 -78.42
C LYS S 115 6.79 -94.81 -77.70
N HIS S 116 7.05 -93.52 -77.92
CA HIS S 116 8.21 -92.83 -77.36
C HIS S 116 8.26 -92.95 -75.83
N VAL S 117 7.11 -92.77 -75.19
CA VAL S 117 7.04 -92.83 -73.74
C VAL S 117 7.28 -94.26 -73.24
N TYR S 118 6.74 -95.24 -73.98
CA TYR S 118 6.98 -96.65 -73.72
C TYR S 118 8.50 -96.96 -73.76
N GLU S 119 9.18 -96.48 -74.79
CA GLU S 119 10.61 -96.71 -74.98
C GLU S 119 11.46 -96.06 -73.90
N ILE S 120 11.29 -94.74 -73.75
CA ILE S 120 12.01 -93.96 -72.75
C ILE S 120 11.79 -94.50 -71.34
N ALA S 121 10.58 -95.02 -71.08
CA ALA S 121 10.26 -95.61 -69.79
C ALA S 121 10.93 -96.97 -69.57
N ARG S 122 10.84 -97.85 -70.57
CA ARG S 122 11.45 -99.17 -70.46
C ARG S 122 12.98 -99.09 -70.39
N VAL S 123 13.54 -98.00 -70.95
CA VAL S 123 14.98 -97.76 -70.89
C VAL S 123 15.39 -97.31 -69.48
N LYS S 124 14.60 -96.41 -68.91
CA LYS S 124 14.89 -95.84 -67.59
C LYS S 124 14.27 -96.63 -66.44
N ALA S 125 13.70 -97.79 -66.74
CA ALA S 125 13.13 -98.68 -65.74
C ALA S 125 14.13 -99.14 -64.68
N GLN S 126 15.41 -99.17 -65.03
CA GLN S 126 16.45 -99.75 -64.17
C GLN S 126 17.20 -98.75 -63.29
N ASP S 127 16.71 -97.50 -63.24
CA ASP S 127 17.33 -96.46 -62.42
C ASP S 127 17.49 -96.94 -60.97
N ASP S 128 18.54 -96.46 -60.31
CA ASP S 128 18.79 -96.77 -58.90
C ASP S 128 17.55 -96.48 -58.05
N ALA S 129 16.80 -95.47 -58.47
CA ALA S 129 15.57 -95.04 -57.81
C ALA S 129 14.34 -95.86 -58.22
N PHE S 130 14.27 -96.24 -59.49
CA PHE S 130 13.14 -97.02 -60.00
C PHE S 130 13.33 -98.54 -59.84
N ALA S 131 14.56 -98.95 -59.51
CA ALA S 131 14.86 -100.36 -59.30
C ALA S 131 14.13 -100.91 -58.08
N LEU S 132 14.05 -100.09 -57.04
CA LEU S 132 13.46 -100.48 -55.76
C LEU S 132 11.94 -100.25 -55.72
N GLN S 133 11.42 -99.74 -56.84
CA GLN S 133 9.98 -99.60 -57.02
C GLN S 133 9.48 -100.67 -58.01
N ASP S 134 8.48 -101.42 -57.54
CA ASP S 134 7.90 -102.51 -58.30
C ASP S 134 7.00 -102.01 -59.42
N VAL S 135 6.51 -100.78 -59.29
CA VAL S 135 5.42 -100.25 -60.08
C VAL S 135 5.61 -100.48 -61.59
N PRO S 136 4.55 -100.99 -62.26
CA PRO S 136 4.56 -101.43 -63.66
C PRO S 136 4.89 -100.32 -64.67
N LEU S 137 4.90 -100.69 -65.95
CA LEU S 137 5.33 -99.79 -67.01
C LEU S 137 4.43 -98.56 -67.15
N SER S 138 3.15 -98.72 -66.81
CA SER S 138 2.19 -97.60 -66.87
C SER S 138 2.61 -96.41 -65.99
N SER S 139 3.12 -96.73 -64.79
CA SER S 139 3.51 -95.70 -63.84
C SER S 139 4.79 -94.98 -64.26
N VAL S 140 5.78 -95.75 -64.71
CA VAL S 140 7.02 -95.18 -65.24
C VAL S 140 6.73 -94.31 -66.46
N VAL S 141 5.74 -94.75 -67.24
CA VAL S 141 5.22 -93.97 -68.37
C VAL S 141 4.65 -92.63 -67.91
N ARG S 142 3.84 -92.65 -66.86
CA ARG S 142 3.30 -91.41 -66.30
C ARG S 142 4.41 -90.48 -65.83
N SER S 143 5.47 -91.06 -65.28
CA SER S 143 6.65 -90.30 -64.86
C SER S 143 7.28 -89.58 -66.05
N ILE S 144 7.54 -90.35 -67.11
CA ILE S 144 8.11 -89.80 -68.34
C ILE S 144 7.21 -88.70 -68.91
N ILE S 145 5.90 -88.86 -68.74
CA ILE S 145 4.90 -87.91 -69.23
C ILE S 145 4.91 -86.59 -68.43
N GLY S 146 5.17 -86.68 -67.13
CA GLY S 146 5.32 -85.49 -66.31
C GLY S 146 6.60 -84.73 -66.66
N SER S 147 7.70 -85.49 -66.75
CA SER S 147 9.00 -84.95 -67.14
C SER S 147 8.97 -84.35 -68.55
N ALA S 148 8.03 -84.83 -69.37
CA ALA S 148 7.77 -84.25 -70.68
C ALA S 148 6.96 -82.96 -70.56
N ARG S 149 5.91 -83.00 -69.73
CA ARG S 149 5.03 -81.85 -69.55
C ARG S 149 5.77 -80.63 -69.03
N SER S 150 6.85 -80.84 -68.27
CA SER S 150 7.66 -79.71 -67.80
C SER S 150 8.64 -79.19 -68.85
N LEU S 151 8.91 -80.00 -69.85
CA LEU S 151 9.90 -79.65 -70.87
C LEU S 151 9.22 -78.91 -72.02
N GLY S 152 7.88 -78.87 -71.98
CA GLY S 152 7.10 -78.31 -73.06
C GLY S 152 7.05 -79.24 -74.26
N ILE S 153 7.00 -80.54 -73.99
CA ILE S 153 6.98 -81.57 -75.04
C ILE S 153 5.68 -82.37 -75.01
N ARG S 154 4.88 -82.25 -76.06
CA ARG S 154 3.56 -82.85 -76.05
C ARG S 154 3.57 -84.33 -76.46
N VAL S 155 2.64 -85.07 -75.86
CA VAL S 155 2.42 -86.47 -76.20
C VAL S 155 1.23 -86.61 -77.16
N VAL S 156 1.39 -87.48 -78.15
CA VAL S 156 0.32 -87.80 -79.09
C VAL S 156 0.04 -89.31 -79.04
N LYS S 157 -1.18 -89.68 -78.70
CA LYS S 157 -1.51 -91.10 -78.55
C LYS S 157 -2.58 -91.52 -79.56
N ASP S 158 -2.22 -92.51 -80.39
CA ASP S 158 -3.10 -93.02 -81.44
C ASP S 158 -3.67 -94.39 -81.07
N SER T 2 -27.14 -51.10 44.26
CA SER T 2 -27.14 -49.80 43.61
C SER T 2 -26.88 -48.67 44.59
N SER T 3 -27.04 -48.92 45.89
CA SER T 3 -26.86 -47.84 46.85
C SER T 3 -25.44 -47.85 47.39
N PHE T 4 -24.65 -46.87 46.97
CA PHE T 4 -23.26 -46.77 47.39
C PHE T 4 -23.10 -45.37 47.96
N SER T 5 -22.02 -45.15 48.71
CA SER T 5 -21.76 -43.80 49.16
C SER T 5 -21.27 -43.01 47.95
N LYS T 6 -21.09 -41.70 48.08
CA LYS T 6 -20.82 -40.93 46.86
C LYS T 6 -19.40 -41.17 46.34
N ALA T 7 -18.40 -41.03 47.21
CA ALA T 7 -17.01 -41.25 46.84
C ALA T 7 -16.77 -42.65 46.23
N PRO T 8 -17.35 -43.71 46.81
CA PRO T 8 -17.17 -45.00 46.15
C PRO T 8 -17.94 -45.20 44.85
N GLN T 9 -19.08 -44.54 44.67
CA GLN T 9 -19.78 -44.62 43.38
C GLN T 9 -18.91 -44.01 42.31
N GLN T 10 -18.45 -42.80 42.62
CA GLN T 10 -17.49 -42.09 41.78
C GLN T 10 -16.31 -42.95 41.38
N TRP T 11 -15.71 -43.61 42.35
CA TRP T 11 -14.53 -44.44 42.10
C TRP T 11 -14.84 -45.65 41.24
N ALA T 12 -15.97 -46.28 41.51
CA ALA T 12 -16.34 -47.49 40.79
C ALA T 12 -16.59 -47.19 39.34
N THR T 13 -17.23 -46.05 39.05
CA THR T 13 -17.59 -45.75 37.68
C THR T 13 -16.37 -45.51 36.80
N PHE T 14 -15.43 -44.71 37.28
CA PHE T 14 -14.30 -44.27 36.45
C PHE T 14 -13.02 -45.12 36.60
N ALA T 15 -13.13 -46.28 37.27
CA ALA T 15 -12.03 -47.24 37.38
C ALA T 15 -11.38 -47.61 36.04
N ARG T 16 -10.05 -47.63 36.01
CA ARG T 16 -9.30 -48.08 34.84
C ARG T 16 -9.13 -49.59 34.85
N VAL T 17 -9.50 -50.25 33.77
CA VAL T 17 -9.49 -51.71 33.75
C VAL T 17 -8.50 -52.31 32.76
N TRP T 18 -7.52 -53.07 33.24
CA TRP T 18 -6.50 -53.66 32.37
C TRP T 18 -7.00 -54.81 31.49
N TYR T 19 -6.79 -54.70 30.19
CA TYR T 19 -7.18 -55.73 29.22
C TYR T 19 -6.01 -56.48 28.65
N LEU T 20 -6.13 -57.80 28.51
CA LEU T 20 -5.10 -58.56 27.84
C LEU T 20 -5.59 -59.01 26.47
N LEU T 21 -4.71 -58.89 25.49
CA LEU T 21 -5.04 -59.24 24.12
C LEU T 21 -3.92 -60.04 23.50
N ASP T 22 -4.18 -61.32 23.19
CA ASP T 22 -3.14 -62.21 22.68
C ASP T 22 -2.91 -61.99 21.18
N GLY T 23 -1.66 -61.83 20.79
CA GLY T 23 -1.36 -61.41 19.43
C GLY T 23 -1.06 -62.44 18.36
N LYS T 24 -0.61 -63.64 18.73
CA LYS T 24 0.03 -64.54 17.77
C LYS T 24 -0.85 -64.82 16.55
N MET T 25 -0.27 -64.62 15.37
CA MET T 25 -0.95 -64.83 14.08
C MET T 25 -2.16 -63.93 13.84
N GLN T 26 -2.06 -62.65 14.17
CA GLN T 26 -3.15 -61.73 13.91
C GLN T 26 -2.66 -60.59 13.02
N PRO T 27 -3.49 -60.12 12.10
CA PRO T 27 -3.11 -58.95 11.29
C PRO T 27 -2.97 -57.71 12.15
N PRO T 28 -1.85 -57.01 12.04
CA PRO T 28 -1.53 -56.01 13.05
C PRO T 28 -2.50 -54.86 12.99
N GLY T 29 -3.10 -54.68 11.83
CA GLY T 29 -4.14 -53.67 11.71
C GLY T 29 -5.40 -54.00 12.50
N LYS T 30 -5.95 -55.19 12.29
CA LYS T 30 -7.16 -55.60 13.00
C LYS T 30 -6.92 -55.60 14.49
N LEU T 31 -5.67 -55.83 14.88
CA LEU T 31 -5.28 -55.74 16.28
C LEU T 31 -5.39 -54.30 16.76
N ALA T 32 -4.75 -53.40 16.03
CA ALA T 32 -4.69 -52.00 16.42
C ALA T 32 -6.06 -51.33 16.40
N ALA T 33 -7.01 -51.92 15.66
CA ALA T 33 -8.38 -51.40 15.64
C ALA T 33 -9.00 -51.46 17.03
N MET T 34 -9.06 -52.67 17.59
CA MET T 34 -9.71 -52.84 18.88
C MET T 34 -8.82 -52.33 19.99
N ALA T 35 -7.50 -52.51 19.84
CA ALA T 35 -6.54 -51.96 20.80
C ALA T 35 -6.78 -50.46 20.97
N SER T 36 -6.97 -49.78 19.86
CA SER T 36 -7.24 -48.36 19.90
C SER T 36 -8.58 -48.05 20.53
N VAL T 37 -9.63 -48.79 20.15
CA VAL T 37 -10.93 -48.52 20.76
C VAL T 37 -10.86 -48.59 22.29
N LYS T 38 -10.35 -49.70 22.82
CA LYS T 38 -10.26 -49.88 24.27
C LYS T 38 -9.35 -48.86 24.93
N LEU T 39 -8.30 -48.44 24.22
CA LEU T 39 -7.35 -47.47 24.75
C LEU T 39 -7.99 -46.13 25.04
N GLN T 40 -8.92 -45.75 24.16
CA GLN T 40 -9.46 -44.41 24.08
C GLN T 40 -10.65 -44.19 25.01
N GLY T 41 -11.18 -45.30 25.49
CA GLY T 41 -12.34 -45.28 26.36
C GLY T 41 -13.67 -45.41 25.64
N LEU T 42 -13.63 -45.79 24.36
CA LEU T 42 -14.83 -45.74 23.53
C LEU T 42 -15.75 -46.93 23.71
N HIS T 43 -15.38 -47.83 24.63
CA HIS T 43 -16.26 -48.92 25.00
C HIS T 43 -17.12 -48.60 26.23
N LYS T 44 -16.81 -47.50 26.91
CA LYS T 44 -17.52 -47.13 28.12
C LYS T 44 -18.66 -46.16 27.85
N PRO T 45 -19.90 -46.53 28.20
CA PRO T 45 -21.02 -45.60 27.99
C PRO T 45 -20.88 -44.27 28.75
N VAL T 46 -19.98 -44.18 29.73
CA VAL T 46 -19.76 -42.92 30.43
C VAL T 46 -18.78 -42.02 29.69
N TYR T 47 -18.29 -42.49 28.55
CA TYR T 47 -17.23 -41.83 27.79
C TYR T 47 -17.50 -40.38 27.46
N HIS T 48 -16.46 -39.58 27.55
CA HIS T 48 -16.48 -38.23 27.02
C HIS T 48 -15.06 -37.85 26.68
N GLN T 49 -14.87 -36.92 25.76
CA GLN T 49 -13.54 -36.53 25.32
C GLN T 49 -12.70 -35.89 26.43
N LEU T 50 -13.35 -35.13 27.31
CA LEU T 50 -12.62 -34.37 28.32
C LEU T 50 -12.44 -35.13 29.62
N SER T 51 -13.09 -36.29 29.73
CA SER T 51 -12.84 -37.17 30.86
C SER T 51 -11.56 -37.94 30.63
N ASP T 52 -10.86 -38.25 31.70
CA ASP T 52 -9.56 -38.90 31.59
C ASP T 52 -9.71 -40.38 31.23
N CYS T 53 -10.96 -40.86 31.22
CA CYS T 53 -11.27 -42.28 31.10
C CYS T 53 -10.65 -42.93 29.86
N GLY T 54 -10.00 -44.06 30.08
CA GLY T 54 -9.50 -44.91 29.03
C GLY T 54 -8.74 -45.98 29.77
N ASP T 55 -8.58 -47.16 29.18
CA ASP T 55 -8.14 -48.31 29.96
C ASP T 55 -6.80 -48.80 29.50
N HIS T 56 -6.05 -49.48 30.36
CA HIS T 56 -4.78 -50.06 29.95
C HIS T 56 -5.01 -51.14 28.92
N VAL T 57 -4.02 -51.39 28.09
CA VAL T 57 -4.10 -52.50 27.17
C VAL T 57 -2.78 -53.24 27.12
N VAL T 58 -2.80 -54.53 27.43
CA VAL T 58 -1.58 -55.31 27.36
C VAL T 58 -1.63 -56.24 26.17
N ILE T 59 -0.82 -55.98 25.16
CA ILE T 59 -0.72 -56.91 24.05
C ILE T 59 0.46 -57.82 24.23
N MET T 60 0.19 -59.11 24.12
CA MET T 60 1.18 -60.14 24.33
C MET T 60 1.49 -60.80 22.98
N ASN T 61 2.68 -61.38 22.86
CA ASN T 61 3.06 -62.14 21.68
C ASN T 61 3.12 -61.31 20.40
N THR T 62 3.70 -60.12 20.47
CA THR T 62 3.73 -59.26 19.30
C THR T 62 4.57 -59.84 18.18
N ARG T 63 5.67 -60.50 18.50
CA ARG T 63 6.60 -60.97 17.47
C ARG T 63 5.95 -61.87 16.41
N HIS T 64 4.83 -62.48 16.77
CA HIS T 64 4.15 -63.45 15.90
C HIS T 64 3.03 -62.88 15.01
N ILE T 65 2.97 -61.56 14.84
CA ILE T 65 2.07 -60.91 13.89
C ILE T 65 2.04 -61.55 12.51
N ALA T 66 0.86 -61.65 11.91
CA ALA T 66 0.76 -62.00 10.49
C ALA T 66 0.37 -60.78 9.63
N PHE T 67 0.89 -60.70 8.41
CA PHE T 67 0.51 -59.64 7.47
C PHE T 67 -0.21 -60.22 6.27
N SER T 68 -1.40 -59.71 5.96
CA SER T 68 -2.14 -60.26 4.82
C SER T 68 -1.50 -59.92 3.49
N GLY T 69 -1.58 -60.84 2.53
CA GLY T 69 -1.00 -60.63 1.22
C GLY T 69 0.52 -60.55 1.24
N ASN T 70 1.10 -59.73 0.38
CA ASN T 70 2.55 -59.60 0.29
C ASN T 70 3.12 -58.46 1.12
N LYS T 71 2.29 -57.86 1.96
CA LYS T 71 2.65 -56.66 2.68
C LYS T 71 4.01 -56.70 3.38
N TRP T 72 4.42 -57.86 3.91
CA TRP T 72 5.74 -57.97 4.55
C TRP T 72 6.85 -57.40 3.70
N GLU T 73 6.77 -57.67 2.40
CA GLU T 73 7.77 -57.16 1.47
C GLU T 73 7.56 -55.74 0.97
N GLN T 74 6.33 -55.35 0.66
CA GLN T 74 6.16 -54.02 0.09
C GLN T 74 5.64 -52.89 0.98
N LYS T 75 5.42 -53.10 2.28
CA LYS T 75 5.07 -51.96 3.12
C LYS T 75 6.32 -51.29 3.70
N VAL T 76 6.47 -49.99 3.50
CA VAL T 76 7.69 -49.34 3.95
C VAL T 76 7.45 -48.35 5.09
N TYR T 77 8.33 -48.34 6.07
CA TYR T 77 8.24 -47.36 7.13
C TYR T 77 9.35 -46.36 6.95
N SER T 78 8.97 -45.10 6.83
CA SER T 78 9.93 -44.05 6.52
C SER T 78 10.18 -43.19 7.73
N SER T 79 11.39 -42.71 7.85
CA SER T 79 11.75 -41.90 8.99
C SER T 79 12.77 -40.88 8.54
N HIS T 80 12.82 -39.74 9.19
CA HIS T 80 13.82 -38.75 8.80
C HIS T 80 14.49 -38.16 10.03
N THR T 81 15.81 -38.09 10.01
CA THR T 81 16.55 -37.60 11.16
C THR T 81 16.69 -36.10 11.16
N GLY T 82 16.39 -35.49 10.01
CA GLY T 82 16.41 -34.04 9.90
C GLY T 82 17.70 -33.49 9.32
N TYR T 83 18.78 -34.26 9.48
CA TYR T 83 20.07 -33.95 8.87
C TYR T 83 19.98 -34.17 7.39
N PRO T 84 20.67 -33.33 6.60
CA PRO T 84 20.63 -33.58 5.15
C PRO T 84 21.09 -35.01 4.85
N GLY T 85 20.37 -35.71 3.98
CA GLY T 85 20.65 -37.11 3.70
C GLY T 85 20.36 -38.06 4.87
N GLY T 86 19.41 -37.69 5.72
CA GLY T 86 19.07 -38.48 6.89
C GLY T 86 17.79 -39.25 6.68
N PHE T 87 17.46 -39.47 5.42
CA PHE T 87 16.18 -40.06 5.08
C PHE T 87 16.26 -41.58 5.00
N ARG T 88 15.57 -42.28 5.90
CA ARG T 88 15.59 -43.73 5.87
C ARG T 88 14.26 -44.31 5.43
N GLN T 89 14.32 -45.44 4.73
CA GLN T 89 13.13 -46.21 4.39
C GLN T 89 13.40 -47.68 4.67
N VAL T 90 12.58 -48.28 5.52
CA VAL T 90 12.80 -49.68 5.88
C VAL T 90 11.63 -50.57 5.46
N THR T 91 11.92 -51.75 4.95
CA THR T 91 10.86 -52.69 4.63
C THR T 91 10.29 -53.31 5.92
N ALA T 92 8.97 -53.52 5.95
CA ALA T 92 8.28 -54.12 7.10
C ALA T 92 8.99 -55.36 7.64
N ALA T 93 9.53 -56.19 6.75
CA ALA T 93 10.32 -57.33 7.18
C ALA T 93 11.53 -56.89 8.02
N GLN T 94 12.27 -55.88 7.54
CA GLN T 94 13.48 -55.48 8.26
C GLN T 94 13.16 -54.78 9.56
N LEU T 95 12.17 -53.91 9.52
CA LEU T 95 11.75 -53.22 10.73
C LEU T 95 11.32 -54.23 11.77
N HIS T 96 10.62 -55.29 11.35
CA HIS T 96 10.14 -56.28 12.31
C HIS T 96 11.28 -57.12 12.85
N GLN T 97 12.31 -57.28 12.03
CA GLN T 97 13.52 -57.95 12.46
C GLN T 97 14.29 -57.19 13.54
N LYS T 98 14.41 -55.87 13.38
CA LYS T 98 15.15 -55.05 14.34
C LYS T 98 14.42 -54.83 15.68
N ASP T 99 13.14 -54.48 15.59
CA ASP T 99 12.31 -54.14 16.74
C ASP T 99 10.96 -54.88 16.71
N PRO T 100 10.86 -56.00 17.45
CA PRO T 100 9.64 -56.84 17.47
C PRO T 100 8.36 -56.07 17.87
N VAL T 101 8.52 -55.03 18.67
CA VAL T 101 7.43 -54.19 19.13
C VAL T 101 6.98 -53.13 18.10
N ALA T 102 7.92 -52.69 17.27
CA ALA T 102 7.72 -51.53 16.36
C ALA T 102 6.45 -51.53 15.52
N ILE T 103 6.16 -52.64 14.84
CA ILE T 103 5.05 -52.70 13.89
C ILE T 103 3.68 -52.49 14.54
N VAL T 104 3.39 -53.24 15.59
CA VAL T 104 2.08 -53.06 16.21
C VAL T 104 2.04 -51.68 16.88
N LYS T 105 3.18 -51.20 17.35
CA LYS T 105 3.23 -49.91 18.01
C LYS T 105 2.90 -48.76 17.04
N LEU T 106 3.42 -48.82 15.82
CA LEU T 106 3.13 -47.80 14.82
C LEU T 106 1.75 -48.00 14.24
N ALA T 107 1.26 -49.22 14.27
CA ALA T 107 -0.11 -49.48 13.86
C ALA T 107 -1.05 -48.72 14.77
N ILE T 108 -0.96 -49.00 16.07
CA ILE T 108 -1.82 -48.35 17.07
C ILE T 108 -1.65 -46.84 17.10
N TYR T 109 -0.42 -46.38 17.04
CA TYR T 109 -0.12 -44.95 17.17
C TYR T 109 -0.79 -44.08 16.10
N GLY T 110 -1.05 -44.66 14.93
CA GLY T 110 -1.63 -43.92 13.83
C GLY T 110 -3.15 -43.97 13.84
N MET T 111 -3.72 -44.81 14.70
CA MET T 111 -5.18 -44.93 14.81
C MET T 111 -5.86 -44.13 15.91
N LEU T 112 -5.08 -43.57 16.83
CA LEU T 112 -5.67 -42.74 17.88
C LEU T 112 -5.94 -41.37 17.26
N PRO T 113 -6.87 -40.59 17.85
CA PRO T 113 -7.09 -39.22 17.34
C PRO T 113 -5.80 -38.42 17.51
N LYS T 114 -5.63 -37.31 16.79
CA LYS T 114 -4.31 -36.69 16.71
C LYS T 114 -3.96 -35.68 17.82
N ASN T 115 -4.84 -35.50 18.79
CA ASN T 115 -4.65 -34.51 19.83
C ASN T 115 -3.54 -34.87 20.77
N LEU T 116 -3.38 -34.10 21.84
CA LEU T 116 -2.32 -34.37 22.81
C LEU T 116 -2.55 -35.64 23.62
N HIS T 117 -3.81 -35.92 23.92
CA HIS T 117 -4.17 -37.07 24.71
C HIS T 117 -3.65 -38.37 24.12
N ARG T 118 -3.38 -38.38 22.81
CA ARG T 118 -2.76 -39.54 22.18
C ARG T 118 -1.51 -39.94 22.94
N ARG T 119 -0.58 -39.00 23.10
CA ARG T 119 0.66 -39.25 23.84
C ARG T 119 0.40 -39.88 25.20
N THR T 120 -0.65 -39.43 25.87
CA THR T 120 -0.95 -39.94 27.18
C THR T 120 -1.52 -41.33 27.06
N MET T 121 -2.48 -41.53 26.16
CA MET T 121 -3.07 -42.86 26.11
C MET T 121 -2.04 -43.80 25.50
N MET T 122 -1.13 -43.26 24.70
CA MET T 122 -0.02 -44.06 24.19
C MET T 122 0.81 -44.67 25.32
N GLN T 123 0.79 -44.00 26.47
CA GLN T 123 1.53 -44.45 27.64
C GLN T 123 0.91 -45.66 28.33
N ARG T 124 -0.39 -45.86 28.12
CA ARG T 124 -1.09 -46.94 28.81
C ARG T 124 -1.06 -48.25 28.04
N LEU T 125 -0.35 -48.27 26.91
CA LEU T 125 -0.24 -49.49 26.11
C LEU T 125 1.05 -50.24 26.39
N HIS T 126 0.96 -51.52 26.70
CA HIS T 126 2.15 -52.31 27.03
C HIS T 126 2.33 -53.46 26.05
N LEU T 127 3.45 -53.47 25.33
CA LEU T 127 3.66 -54.49 24.30
C LEU T 127 4.78 -55.46 24.67
N PHE T 128 4.49 -56.76 24.62
CA PHE T 128 5.53 -57.77 24.85
C PHE T 128 5.76 -58.78 23.72
N PRO T 129 6.98 -58.81 23.17
CA PRO T 129 7.43 -59.65 22.03
C PRO T 129 7.01 -61.12 22.10
N ASP T 130 7.11 -61.74 23.27
CA ASP T 130 6.80 -63.16 23.48
C ASP T 130 5.77 -63.22 24.60
N GLU T 131 5.48 -64.39 25.17
CA GLU T 131 4.71 -64.30 26.40
C GLU T 131 5.65 -64.41 27.58
N ASP T 132 6.09 -63.24 28.02
CA ASP T 132 6.78 -63.03 29.28
C ASP T 132 6.32 -61.69 29.80
N ILE T 133 5.73 -61.68 30.98
CA ILE T 133 5.21 -60.45 31.53
C ILE T 133 5.56 -60.44 33.00
N PRO T 134 5.97 -59.27 33.53
CA PRO T 134 6.28 -59.14 34.96
C PRO T 134 5.09 -59.51 35.82
N GLU T 135 5.35 -60.11 36.98
CA GLU T 135 4.29 -60.57 37.88
C GLU T 135 3.32 -59.45 38.19
N ASP T 136 3.84 -58.22 38.18
CA ASP T 136 3.03 -57.03 38.45
C ASP T 136 1.90 -56.90 37.45
N ILE T 137 2.23 -56.93 36.17
CA ILE T 137 1.21 -56.76 35.14
C ILE T 137 0.33 -58.02 35.03
N LEU T 138 0.90 -59.20 35.24
CA LEU T 138 0.06 -60.39 35.24
C LEU T 138 -1.01 -60.32 36.34
N LYS T 139 -0.62 -59.82 37.51
CA LYS T 139 -1.51 -59.89 38.66
C LYS T 139 -2.67 -58.92 38.59
N ASN T 140 -2.51 -57.83 37.83
CA ASN T 140 -3.58 -56.84 37.77
C ASN T 140 -4.50 -56.88 36.54
N LEU T 141 -4.31 -57.85 35.65
CA LEU T 141 -5.18 -58.01 34.47
C LEU T 141 -6.60 -58.48 34.75
N VAL T 142 -7.59 -57.71 34.30
CA VAL T 142 -8.99 -58.08 34.49
C VAL T 142 -9.57 -59.08 33.48
N GLU T 143 -9.39 -58.83 32.19
CA GLU T 143 -10.22 -59.46 31.17
C GLU T 143 -9.48 -59.82 29.87
N GLU T 144 -9.84 -60.98 29.31
CA GLU T 144 -9.23 -61.47 28.08
C GLU T 144 -10.06 -61.14 26.85
N LEU T 145 -9.46 -60.42 25.90
CA LEU T 145 -10.15 -60.05 24.67
C LEU T 145 -10.15 -61.19 23.64
N PRO T 146 -11.23 -61.29 22.84
CA PRO T 146 -11.37 -62.27 21.75
C PRO T 146 -10.48 -61.97 20.55
N GLN T 147 -9.87 -63.00 19.98
CA GLN T 147 -9.04 -62.88 18.77
C GLN T 147 -9.82 -62.38 17.56
N PRO T 148 -9.41 -61.24 16.98
CA PRO T 148 -10.13 -60.68 15.82
C PRO T 148 -10.20 -61.61 14.60
N ARG T 149 -9.09 -62.23 14.22
CA ARG T 149 -9.05 -63.15 13.07
C ARG T 149 -9.12 -64.61 13.52
N LYS T 150 -9.81 -65.45 12.75
CA LYS T 150 -9.83 -66.87 13.06
C LYS T 150 -8.66 -67.54 12.36
N VAL T 151 -7.71 -68.02 13.15
CA VAL T 151 -6.53 -68.70 12.61
C VAL T 151 -6.90 -70.07 12.07
N PRO T 152 -6.60 -70.30 10.78
CA PRO T 152 -6.87 -71.59 10.13
C PRO T 152 -5.97 -72.69 10.67
N ARG T 153 -6.46 -73.92 10.64
CA ARG T 153 -5.65 -75.09 11.01
C ARG T 153 -4.68 -75.43 9.88
N ARG T 154 -3.63 -76.18 10.21
CA ARG T 154 -2.74 -76.76 9.20
C ARG T 154 -3.30 -78.11 8.75
N LEU T 155 -2.49 -78.90 8.05
CA LEU T 155 -2.94 -80.23 7.68
C LEU T 155 -2.88 -81.23 8.84
N ASP T 156 -1.83 -81.17 9.65
CA ASP T 156 -1.63 -82.15 10.71
C ASP T 156 -2.57 -82.01 11.92
N GLU T 157 -3.21 -80.84 12.05
CA GLU T 157 -4.12 -80.55 13.15
C GLU T 157 -5.37 -81.44 13.19
N TYR T 158 -5.92 -81.73 12.02
CA TYR T 158 -7.20 -82.42 11.92
C TYR T 158 -7.20 -83.82 12.55
N THR T 159 -8.19 -84.06 13.39
CA THR T 159 -8.47 -85.37 13.95
C THR T 159 -8.70 -86.37 12.82
N GLN T 160 -8.19 -87.59 12.97
CA GLN T 160 -8.41 -88.62 11.96
C GLN T 160 -9.90 -88.81 11.68
N GLU T 161 -10.74 -88.61 12.71
CA GLU T 161 -12.19 -88.61 12.54
C GLU T 161 -12.60 -87.64 11.43
N GLU T 162 -12.12 -86.41 11.52
CA GLU T 162 -12.48 -85.36 10.59
C GLU T 162 -11.95 -85.58 9.18
N ILE T 163 -10.75 -86.12 9.05
CA ILE T 163 -10.17 -86.38 7.73
C ILE T 163 -10.89 -87.54 7.04
N GLU T 164 -11.10 -88.62 7.79
CA GLU T 164 -11.87 -89.77 7.30
C GLU T 164 -13.29 -89.34 6.92
N ALA T 165 -13.83 -88.39 7.67
CA ALA T 165 -15.20 -87.93 7.47
C ALA T 165 -15.38 -87.08 6.20
N PHE T 166 -14.28 -86.54 5.68
CA PHE T 166 -14.35 -85.67 4.49
C PHE T 166 -14.24 -86.49 3.21
N PRO T 167 -15.14 -86.23 2.24
CA PRO T 167 -15.24 -86.99 0.99
C PRO T 167 -13.98 -86.90 0.13
N ARG T 168 -13.60 -88.00 -0.52
CA ARG T 168 -12.48 -87.99 -1.47
C ARG T 168 -13.09 -87.70 -2.82
N VAL T 169 -12.80 -86.51 -3.34
CA VAL T 169 -13.61 -85.89 -4.37
C VAL T 169 -13.52 -86.54 -5.74
N TRP T 170 -12.30 -86.88 -6.14
CA TRP T 170 -12.05 -87.49 -7.43
C TRP T 170 -11.48 -88.88 -7.25
N SER T 171 -11.64 -89.73 -8.26
CA SER T 171 -11.09 -91.08 -8.21
C SER T 171 -9.78 -91.14 -8.98
N PRO T 172 -8.66 -91.28 -8.25
CA PRO T 172 -7.33 -91.37 -8.88
C PRO T 172 -7.15 -92.68 -9.67
N PRO T 173 -6.49 -92.62 -10.83
CA PRO T 173 -6.15 -93.84 -11.59
C PRO T 173 -4.97 -94.58 -10.96
N GLU T 174 -4.92 -95.90 -11.12
CA GLU T 174 -3.89 -96.70 -10.45
C GLU T 174 -2.52 -96.62 -11.10
N ASP T 175 -2.50 -96.53 -12.43
CA ASP T 175 -1.24 -96.61 -13.18
C ASP T 175 -0.44 -95.31 -13.13
N TYR T 176 -1.04 -94.29 -12.54
CA TYR T 176 -0.37 -93.01 -12.38
C TYR T 176 0.51 -93.03 -11.13
N ARG T 177 1.76 -92.61 -11.25
CA ARG T 177 2.68 -92.64 -10.12
C ARG T 177 2.72 -91.32 -9.33
N LEU T 178 2.48 -91.42 -8.02
CA LEU T 178 2.37 -90.25 -7.16
C LEU T 178 3.27 -90.35 -5.93
N ALA U 31 59.96 -28.24 -1.29
CA ALA U 31 58.68 -27.85 -1.87
C ALA U 31 58.88 -27.01 -3.13
N ILE U 32 58.86 -27.66 -4.28
CA ILE U 32 58.97 -26.94 -5.53
C ILE U 32 57.66 -27.11 -6.30
N GLN U 33 57.07 -26.00 -6.74
CA GLN U 33 55.70 -26.02 -7.26
C GLN U 33 55.59 -25.33 -8.61
N LYS U 34 54.36 -25.18 -9.11
CA LYS U 34 54.16 -24.49 -10.37
C LYS U 34 54.79 -23.11 -10.31
N MET U 35 55.38 -22.69 -11.42
CA MET U 35 55.98 -21.37 -11.56
C MET U 35 57.20 -21.08 -10.70
N THR U 36 57.92 -22.11 -10.23
CA THR U 36 59.17 -21.89 -9.52
C THR U 36 60.34 -21.79 -10.50
N ARG U 37 61.23 -20.80 -10.32
CA ARG U 37 62.42 -20.76 -11.17
C ARG U 37 63.43 -21.80 -10.70
N VAL U 38 63.80 -22.73 -11.58
CA VAL U 38 64.76 -23.78 -11.23
C VAL U 38 66.05 -23.60 -11.99
N ARG U 39 67.12 -24.16 -11.45
CA ARG U 39 68.45 -24.06 -12.04
C ARG U 39 68.90 -25.44 -12.52
N VAL U 40 69.33 -25.53 -13.77
CA VAL U 40 69.61 -26.84 -14.37
C VAL U 40 71.05 -27.27 -14.14
N VAL U 41 71.24 -28.30 -13.33
CA VAL U 41 72.56 -28.68 -12.86
C VAL U 41 73.37 -29.56 -13.82
N ASP U 42 72.72 -30.52 -14.48
CA ASP U 42 73.45 -31.35 -15.42
C ASP U 42 73.96 -30.51 -16.60
N ASN U 43 74.98 -31.00 -17.29
CA ASN U 43 75.55 -30.29 -18.42
C ASN U 43 74.85 -30.71 -19.71
N SER U 44 74.07 -29.78 -20.25
CA SER U 44 73.26 -30.05 -21.43
C SER U 44 73.25 -28.86 -22.36
N ALA U 45 72.75 -29.08 -23.57
CA ALA U 45 72.55 -27.99 -24.51
C ALA U 45 71.67 -26.92 -23.88
N LEU U 46 70.48 -27.34 -23.47
CA LEU U 46 69.43 -26.45 -22.99
C LEU U 46 69.72 -25.80 -21.65
N GLY U 47 70.51 -26.49 -20.82
CA GLY U 47 70.84 -25.99 -19.50
C GLY U 47 71.70 -24.74 -19.51
N THR U 48 72.85 -24.83 -20.19
CA THR U 48 73.86 -23.78 -20.12
C THR U 48 73.61 -22.57 -21.02
N THR U 49 73.11 -22.81 -22.23
CA THR U 49 72.83 -21.71 -23.16
C THR U 49 71.85 -20.69 -22.56
N PRO U 50 72.15 -19.39 -22.70
CA PRO U 50 71.29 -18.34 -22.12
C PRO U 50 69.94 -18.21 -22.83
N TYR U 51 68.99 -17.57 -22.17
CA TYR U 51 67.65 -17.30 -22.69
C TYR U 51 67.10 -16.10 -21.93
N HIS U 52 66.15 -15.37 -22.48
CA HIS U 52 65.65 -14.17 -21.80
C HIS U 52 64.73 -14.51 -20.64
N ARG U 53 64.25 -15.75 -20.62
CA ARG U 53 63.44 -16.28 -19.52
C ARG U 53 64.19 -17.30 -18.67
N PRO U 54 64.19 -17.13 -17.33
CA PRO U 54 64.68 -18.25 -16.53
C PRO U 54 63.76 -19.45 -16.68
N PRO U 55 64.32 -20.67 -16.75
CA PRO U 55 63.48 -21.86 -16.94
C PRO U 55 62.46 -22.05 -15.81
N ARG U 56 61.18 -22.25 -16.15
CA ARG U 56 60.12 -22.26 -15.14
C ARG U 56 59.47 -23.62 -15.01
N CYS U 57 59.16 -24.04 -13.80
CA CYS U 57 58.40 -25.27 -13.67
C CYS U 57 56.92 -25.08 -13.95
N ILE U 58 56.41 -25.80 -14.94
CA ILE U 58 54.98 -25.83 -15.26
C ILE U 58 54.16 -26.77 -14.38
N HIS U 59 54.63 -27.99 -14.22
CA HIS U 59 53.79 -29.02 -13.65
C HIS U 59 54.58 -30.00 -12.81
N VAL U 60 54.05 -30.35 -11.65
CA VAL U 60 54.68 -31.38 -10.82
C VAL U 60 53.81 -32.63 -10.93
N TYR U 61 54.42 -33.82 -10.91
CA TYR U 61 53.63 -35.01 -11.18
C TYR U 61 53.12 -35.76 -9.97
N ASN U 62 53.39 -35.23 -8.78
CA ASN U 62 52.72 -35.73 -7.60
C ASN U 62 51.28 -35.24 -7.64
N LYS U 63 50.33 -35.94 -7.00
CA LYS U 63 48.97 -35.42 -6.93
C LYS U 63 48.90 -34.15 -6.08
N THR U 64 49.79 -34.05 -5.09
CA THR U 64 50.03 -32.80 -4.40
C THR U 64 50.80 -31.85 -5.31
N GLY U 65 50.42 -30.58 -5.32
CA GLY U 65 51.10 -29.60 -6.15
C GLY U 65 52.53 -29.30 -5.76
N VAL U 66 53.03 -29.98 -4.73
CA VAL U 66 54.38 -29.75 -4.21
C VAL U 66 55.34 -30.90 -4.58
N GLY U 67 56.48 -30.56 -5.19
CA GLY U 67 57.51 -31.52 -5.50
C GLY U 67 58.61 -31.58 -4.45
N LYS U 68 59.26 -32.72 -4.32
CA LYS U 68 60.34 -32.91 -3.37
C LYS U 68 61.56 -33.52 -4.06
N VAL U 69 62.60 -33.82 -3.29
CA VAL U 69 63.76 -34.49 -3.87
C VAL U 69 63.36 -35.87 -4.39
N GLY U 70 63.65 -36.11 -5.65
CA GLY U 70 63.35 -37.40 -6.25
C GLY U 70 61.96 -37.41 -6.87
N ASP U 71 61.37 -36.23 -7.02
CA ASP U 71 60.08 -36.08 -7.69
C ASP U 71 60.29 -35.69 -9.16
N ARG U 72 59.23 -35.62 -9.94
CA ARG U 72 59.36 -35.44 -11.39
C ARG U 72 58.61 -34.20 -11.86
N ILE U 73 59.25 -33.39 -12.69
CA ILE U 73 58.69 -32.09 -13.04
C ILE U 73 58.51 -31.95 -14.55
N LEU U 74 57.66 -31.02 -14.99
CA LEU U 74 57.61 -30.63 -16.39
C LEU U 74 58.07 -29.18 -16.55
N LEU U 75 59.24 -29.03 -17.13
CA LEU U 75 59.90 -27.76 -17.21
C LEU U 75 59.65 -27.03 -18.53
N ALA U 76 59.37 -25.74 -18.44
CA ALA U 76 59.37 -24.88 -19.63
C ALA U 76 60.72 -24.18 -19.75
N ILE U 77 61.48 -24.60 -20.77
CA ILE U 77 62.84 -24.10 -21.02
C ILE U 77 62.98 -23.65 -22.46
N ARG U 78 63.37 -22.40 -22.65
CA ARG U 78 63.62 -21.88 -24.00
C ARG U 78 62.45 -22.16 -24.92
N GLY U 79 61.24 -21.80 -24.47
CA GLY U 79 60.03 -22.00 -25.26
C GLY U 79 59.74 -23.42 -25.73
N GLN U 80 60.01 -24.40 -24.88
CA GLN U 80 59.61 -25.78 -25.17
C GLN U 80 59.53 -26.57 -23.87
N LYS U 81 58.85 -27.72 -23.89
CA LYS U 81 58.64 -28.49 -22.67
C LYS U 81 59.56 -29.71 -22.57
N LYS U 82 60.32 -29.79 -21.48
CA LYS U 82 61.20 -30.94 -21.24
C LYS U 82 60.82 -31.55 -19.89
N LYS U 83 61.22 -32.78 -19.60
CA LYS U 83 60.82 -33.33 -18.29
C LYS U 83 62.05 -33.28 -17.40
N ALA U 84 61.87 -33.18 -16.09
CA ALA U 84 63.03 -33.08 -15.25
C ALA U 84 62.92 -33.91 -13.99
N LEU U 85 64.04 -34.05 -13.30
CA LEU U 85 64.10 -34.74 -12.03
C LEU U 85 64.64 -33.81 -10.95
N ILE U 86 63.87 -33.56 -9.90
CA ILE U 86 64.32 -32.68 -8.82
C ILE U 86 65.41 -33.37 -8.02
N VAL U 87 66.55 -32.70 -7.95
CA VAL U 87 67.74 -33.20 -7.29
C VAL U 87 67.82 -32.64 -5.87
N GLY U 88 67.84 -31.32 -5.71
CA GLY U 88 67.88 -30.73 -4.39
C GLY U 88 67.06 -29.46 -4.35
N HIS U 89 66.70 -28.98 -3.16
CA HIS U 89 65.87 -27.79 -3.07
C HIS U 89 66.06 -27.07 -1.74
N ARG U 90 65.59 -25.83 -1.70
CA ARG U 90 65.93 -24.91 -0.62
C ARG U 90 64.99 -25.05 0.58
N MET U 91 63.95 -25.87 0.42
CA MET U 91 63.00 -26.12 1.50
C MET U 91 63.53 -27.23 2.40
N PRO U 92 63.42 -27.06 3.73
CA PRO U 92 63.92 -28.08 4.65
C PRO U 92 63.18 -29.41 4.49
N GLY U 93 63.78 -30.50 4.97
CA GLY U 93 63.22 -31.82 4.79
C GLY U 93 63.61 -32.61 6.01
N PRO U 94 63.26 -33.92 6.07
CA PRO U 94 63.44 -34.73 7.29
C PRO U 94 64.87 -34.59 7.80
N ARG U 95 65.10 -34.58 9.11
CA ARG U 95 66.47 -34.38 9.62
C ARG U 95 67.43 -35.40 9.02
N MET U 96 68.64 -34.91 8.70
CA MET U 96 69.75 -35.66 8.10
C MET U 96 69.69 -35.76 6.57
N THR U 97 68.66 -35.17 5.97
CA THR U 97 68.63 -34.91 4.53
C THR U 97 69.44 -33.64 4.24
N PRO U 98 70.27 -33.66 3.19
CA PRO U 98 70.98 -32.44 2.79
C PRO U 98 70.04 -31.37 2.24
N ARG U 99 70.18 -30.14 2.72
CA ARG U 99 69.40 -29.02 2.21
C ARG U 99 70.27 -28.10 1.36
N PHE U 100 69.83 -27.81 0.14
CA PHE U 100 70.68 -27.12 -0.83
C PHE U 100 70.34 -25.66 -0.98
N ASP U 101 71.34 -24.88 -1.37
CA ASP U 101 71.20 -23.45 -1.52
C ASP U 101 70.26 -23.03 -2.64
N SER U 102 70.18 -23.85 -3.68
CA SER U 102 69.38 -23.50 -4.84
C SER U 102 68.56 -24.71 -5.28
N ASN U 103 67.50 -24.47 -6.04
CA ASN U 103 66.67 -25.58 -6.51
C ASN U 103 67.20 -26.17 -7.81
N ASN U 104 67.62 -27.43 -7.76
CA ASN U 104 68.41 -28.05 -8.80
C ASN U 104 67.71 -29.20 -9.53
N VAL U 105 67.58 -29.09 -10.84
CA VAL U 105 66.92 -30.14 -11.60
C VAL U 105 67.80 -30.72 -12.68
N VAL U 106 67.57 -31.99 -13.01
CA VAL U 106 68.31 -32.65 -14.07
C VAL U 106 67.39 -32.90 -15.26
N LEU U 107 67.84 -32.51 -16.45
CA LEU U 107 66.99 -32.62 -17.64
C LEU U 107 66.85 -34.06 -18.09
N LEU U 108 65.64 -34.40 -18.49
CA LEU U 108 65.22 -35.76 -18.62
C LEU U 108 64.16 -35.92 -19.70
N GLU U 109 64.25 -37.01 -20.45
CA GLU U 109 63.25 -37.35 -21.46
C GLU U 109 62.32 -38.43 -20.94
N ASP U 110 61.33 -38.78 -21.75
CA ASP U 110 60.27 -39.69 -21.33
C ASP U 110 60.78 -41.10 -21.00
N ASN U 111 61.85 -41.51 -21.66
CA ASN U 111 62.45 -42.81 -21.43
C ASN U 111 63.07 -42.94 -20.04
N GLY U 112 63.22 -41.79 -19.37
CA GLY U 112 63.88 -41.76 -18.08
C GLY U 112 65.37 -41.58 -18.27
N ASN U 113 65.79 -41.37 -19.51
CA ASN U 113 67.21 -41.17 -19.83
C ASN U 113 67.62 -39.72 -19.64
N PRO U 114 68.63 -39.49 -18.80
CA PRO U 114 69.13 -38.11 -18.64
C PRO U 114 69.68 -37.59 -19.96
N VAL U 115 69.22 -36.42 -20.38
CA VAL U 115 69.67 -35.84 -21.64
C VAL U 115 71.06 -35.22 -21.45
N GLY U 116 71.51 -35.19 -20.21
CA GLY U 116 72.83 -34.68 -19.89
C GLY U 116 73.90 -35.77 -19.78
N THR U 117 75.16 -35.36 -19.88
CA THR U 117 76.28 -36.28 -19.75
C THR U 117 76.59 -36.59 -18.29
N ARG U 118 76.67 -35.55 -17.46
CA ARG U 118 77.01 -35.73 -16.06
C ARG U 118 76.58 -34.56 -15.16
N ILE U 119 76.50 -34.85 -13.87
CA ILE U 119 75.96 -33.92 -12.88
C ILE U 119 77.03 -33.59 -11.84
N LYS U 120 77.48 -32.34 -11.81
CA LYS U 120 78.59 -32.01 -10.92
C LYS U 120 78.15 -31.76 -9.49
N THR U 121 77.37 -30.70 -9.29
CA THR U 121 76.93 -30.28 -7.96
C THR U 121 76.26 -31.46 -7.23
N PRO U 122 76.58 -31.64 -5.94
CA PRO U 122 76.23 -32.82 -5.14
C PRO U 122 74.74 -33.20 -5.12
N ILE U 123 74.49 -34.50 -4.99
CA ILE U 123 73.14 -35.05 -5.03
C ILE U 123 72.86 -35.80 -3.73
N PRO U 124 71.61 -35.72 -3.22
CA PRO U 124 71.23 -36.46 -2.03
C PRO U 124 71.49 -37.96 -2.16
N SER U 125 72.15 -38.55 -1.17
CA SER U 125 72.43 -39.97 -1.14
C SER U 125 71.14 -40.77 -0.99
N SER U 126 70.07 -40.12 -0.55
CA SER U 126 68.75 -40.73 -0.43
C SER U 126 68.22 -41.22 -1.78
N LEU U 127 68.62 -40.54 -2.85
CA LEU U 127 68.18 -40.89 -4.20
C LEU U 127 68.55 -42.31 -4.63
N ARG U 128 69.56 -42.89 -3.99
CA ARG U 128 69.96 -44.25 -4.31
C ARG U 128 68.93 -45.26 -3.82
N GLN U 129 67.94 -44.81 -3.05
CA GLN U 129 66.92 -45.74 -2.56
C GLN U 129 66.15 -46.37 -3.71
N ARG U 130 65.65 -45.53 -4.61
CA ARG U 130 64.94 -46.06 -5.77
C ARG U 130 65.92 -46.20 -6.92
N GLU U 131 66.26 -47.45 -7.21
CA GLU U 131 67.15 -47.75 -8.31
C GLU U 131 66.40 -47.80 -9.63
N GLY U 132 65.18 -48.34 -9.57
CA GLY U 132 64.42 -48.64 -10.76
C GLY U 132 64.27 -47.50 -11.74
N GLU U 133 63.76 -46.37 -11.27
CA GLU U 133 63.50 -45.22 -12.14
C GLU U 133 64.75 -44.39 -12.41
N PHE U 134 65.54 -44.16 -11.38
CA PHE U 134 66.63 -43.19 -11.45
C PHE U 134 67.97 -43.81 -11.81
N SER U 135 67.99 -45.09 -12.16
CA SER U 135 69.24 -45.84 -12.38
C SER U 135 70.31 -45.05 -13.16
N LYS U 136 70.00 -44.69 -14.41
CA LYS U 136 70.92 -43.95 -15.28
C LYS U 136 71.36 -42.59 -14.73
N VAL U 137 70.39 -41.88 -14.15
CA VAL U 137 70.64 -40.58 -13.51
C VAL U 137 71.68 -40.70 -12.40
N LEU U 138 71.54 -41.78 -11.64
CA LEU U 138 72.49 -42.09 -10.59
C LEU U 138 73.85 -42.44 -11.19
N ALA U 139 73.81 -43.21 -12.28
CA ALA U 139 75.04 -43.64 -12.97
C ALA U 139 75.90 -42.47 -13.48
N ILE U 140 75.26 -41.37 -13.87
CA ILE U 140 76.03 -40.21 -14.33
C ILE U 140 76.31 -39.19 -13.23
N ALA U 141 75.93 -39.52 -12.00
CA ALA U 141 76.08 -38.62 -10.86
C ALA U 141 77.50 -38.68 -10.28
N GLN U 142 78.09 -37.51 -10.04
CA GLN U 142 79.47 -37.40 -9.59
C GLN U 142 79.64 -37.49 -8.07
N ASN U 143 79.09 -36.52 -7.36
CA ASN U 143 79.28 -36.40 -5.91
C ASN U 143 77.99 -36.52 -5.13
N PHE U 144 78.02 -37.35 -4.09
CA PHE U 144 76.83 -37.57 -3.27
C PHE U 144 77.00 -36.96 -1.89
N VAL U 145 75.89 -36.51 -1.31
CA VAL U 145 75.89 -35.98 0.06
C VAL U 145 74.66 -36.42 0.87
N GLY V 9 -71.01 23.42 17.69
CA GLY V 9 -70.90 22.72 16.42
C GLY V 9 -70.05 21.45 16.47
N PRO V 10 -68.71 21.62 16.46
CA PRO V 10 -67.64 20.62 16.39
C PRO V 10 -67.46 19.79 17.65
N ARG V 11 -68.08 18.60 17.69
CA ARG V 11 -68.14 17.72 18.87
C ARG V 11 -66.78 17.52 19.56
N ALA V 12 -65.70 17.78 18.82
CA ALA V 12 -64.35 17.82 19.34
C ALA V 12 -64.20 18.68 20.60
N LEU V 13 -64.97 19.77 20.67
CA LEU V 13 -64.97 20.63 21.83
C LEU V 13 -65.34 19.87 23.10
N ASP V 14 -66.38 19.04 23.01
CA ASP V 14 -66.80 18.22 24.13
C ASP V 14 -65.71 17.25 24.58
N LEU V 15 -64.87 16.82 23.63
CA LEU V 15 -63.72 15.99 23.99
C LEU V 15 -62.67 16.84 24.70
N LEU V 16 -62.51 18.09 24.25
CA LEU V 16 -61.56 19.02 24.84
C LEU V 16 -61.87 19.36 26.29
N ARG V 17 -63.15 19.25 26.68
CA ARG V 17 -63.51 19.43 28.10
C ARG V 17 -62.78 18.48 29.05
N ALA V 18 -62.67 17.20 28.67
CA ALA V 18 -62.12 16.17 29.54
C ALA V 18 -60.61 16.04 29.49
N LEU V 19 -59.99 16.62 28.46
CA LEU V 19 -58.54 16.48 28.26
C LEU V 19 -57.76 17.60 28.95
N PRO V 20 -56.45 17.37 29.23
CA PRO V 20 -55.62 18.36 29.90
C PRO V 20 -55.39 19.62 29.08
N ARG V 21 -54.94 20.70 29.73
CA ARG V 21 -54.74 21.99 29.06
C ARG V 21 -53.76 21.87 27.90
N VAL V 22 -54.16 22.36 26.73
CA VAL V 22 -53.23 22.54 25.64
C VAL V 22 -52.16 23.50 26.10
N SER V 23 -50.90 23.19 25.81
CA SER V 23 -49.81 24.10 26.14
C SER V 23 -48.71 24.01 25.11
N LEU V 24 -47.56 24.59 25.41
CA LEU V 24 -46.42 24.38 24.55
C LEU V 24 -45.89 22.97 24.74
N ALA V 25 -46.06 22.44 25.95
CA ALA V 25 -45.51 21.15 26.33
C ALA V 25 -45.99 19.98 25.46
N ASN V 26 -47.25 20.00 25.04
CA ASN V 26 -47.71 18.99 24.09
C ASN V 26 -48.14 19.60 22.76
N LEU V 27 -47.28 19.46 21.75
CA LEU V 27 -47.63 19.89 20.42
C LEU V 27 -47.10 18.91 19.39
N LYS V 28 -48.01 18.37 18.58
CA LYS V 28 -47.66 17.37 17.60
C LYS V 28 -47.94 17.89 16.20
N PRO V 29 -46.89 18.01 15.37
CA PRO V 29 -47.06 18.31 13.95
C PRO V 29 -47.84 17.21 13.26
N ASN V 30 -48.55 17.56 12.19
CA ASN V 30 -49.31 16.58 11.44
C ASN V 30 -48.52 15.33 11.06
N PRO V 31 -49.18 14.17 11.09
CA PRO V 31 -48.44 12.94 10.76
C PRO V 31 -47.94 12.96 9.32
N GLY V 32 -46.64 12.74 9.14
CA GLY V 32 -46.01 12.84 7.82
C GLY V 32 -45.92 14.25 7.26
N SER V 33 -46.05 15.26 8.12
CA SER V 33 -45.89 16.64 7.68
C SER V 33 -44.41 16.97 7.54
N ARG V 34 -43.65 16.55 8.54
CA ARG V 34 -42.19 16.54 8.49
C ARG V 34 -41.72 15.18 8.02
N LYS V 35 -40.91 15.14 6.96
CA LYS V 35 -40.21 13.91 6.62
C LYS V 35 -38.87 13.89 7.34
N PRO V 36 -38.53 12.78 7.98
CA PRO V 36 -37.27 12.67 8.72
C PRO V 36 -36.07 12.92 7.79
N GLU V 37 -35.10 13.72 8.23
CA GLU V 37 -33.90 14.01 7.44
C GLU V 37 -32.83 12.93 7.67
N ARG V 38 -32.22 12.41 6.60
CA ARG V 38 -31.24 11.32 6.76
C ARG V 38 -29.79 11.85 6.74
N ARG V 39 -28.93 11.25 7.55
CA ARG V 39 -27.52 11.67 7.59
C ARG V 39 -26.58 10.51 7.29
N PRO V 40 -25.47 10.78 6.60
CA PRO V 40 -24.56 9.69 6.28
C PRO V 40 -23.77 9.27 7.51
N ARG V 41 -24.41 8.55 8.43
CA ARG V 41 -23.74 7.94 9.57
C ARG V 41 -24.11 6.48 9.71
N GLY V 42 -23.34 5.74 10.50
CA GLY V 42 -23.65 4.35 10.76
C GLY V 42 -23.38 3.41 9.61
N ARG V 43 -23.88 2.17 9.74
CA ARG V 43 -23.57 1.13 8.79
C ARG V 43 -24.27 1.33 7.46
N ARG V 44 -25.51 1.82 7.47
CA ARG V 44 -26.26 1.91 6.22
C ARG V 44 -25.88 3.09 5.35
N ARG V 45 -26.05 4.30 5.84
CA ARG V 45 -25.76 5.47 5.02
C ARG V 45 -24.32 5.95 5.05
N GLY V 46 -23.43 5.24 5.73
CA GLY V 46 -22.03 5.64 5.76
C GLY V 46 -21.30 4.84 4.71
N ARG V 47 -19.98 5.00 4.65
CA ARG V 47 -19.16 4.11 3.83
C ARG V 47 -19.55 4.15 2.36
N LYS V 48 -19.10 5.20 1.66
CA LYS V 48 -19.47 5.56 0.29
C LYS V 48 -20.73 6.44 0.24
N CYS V 49 -21.48 6.52 1.35
CA CYS V 49 -22.53 7.53 1.54
C CYS V 49 -23.47 7.80 0.35
N GLY V 50 -23.86 6.75 -0.35
CA GLY V 50 -24.75 6.92 -1.48
C GLY V 50 -24.10 7.63 -2.64
N ARG V 51 -22.78 7.75 -2.61
CA ARG V 51 -22.05 8.42 -3.66
C ARG V 51 -21.44 7.49 -4.71
N GLY V 52 -21.59 6.18 -4.55
CA GLY V 52 -21.04 5.23 -5.51
C GLY V 52 -19.53 5.12 -5.37
N HIS V 53 -18.88 4.35 -6.26
CA HIS V 53 -17.47 4.04 -6.07
C HIS V 53 -16.52 4.63 -7.12
N LYS V 54 -15.59 5.47 -6.67
CA LYS V 54 -14.57 6.11 -7.54
C LYS V 54 -15.17 6.87 -8.70
N GLY V 55 -14.59 6.70 -9.88
CA GLY V 55 -15.12 7.36 -11.07
C GLY V 55 -15.12 8.86 -10.89
N GLU V 56 -15.86 9.58 -11.72
CA GLU V 56 -16.02 11.01 -11.53
C GLU V 56 -17.13 11.36 -10.57
N ARG V 57 -18.13 10.50 -10.49
CA ARG V 57 -19.29 10.76 -9.66
C ARG V 57 -19.01 10.80 -8.15
N GLN V 58 -18.06 10.02 -7.66
CA GLN V 58 -17.76 10.04 -6.25
C GLN V 58 -16.77 11.15 -5.90
N ARG V 59 -16.13 11.72 -6.90
CA ARG V 59 -15.33 12.89 -6.60
C ARG V 59 -16.22 14.13 -6.74
N GLY V 60 -17.35 13.98 -7.42
CA GLY V 60 -18.32 15.06 -7.55
C GLY V 60 -18.10 16.03 -8.69
N THR V 61 -17.17 15.70 -9.56
CA THR V 61 -16.81 16.58 -10.65
C THR V 61 -17.40 16.28 -12.04
N ARG V 62 -18.31 15.32 -12.15
CA ARG V 62 -18.87 14.94 -13.46
C ARG V 62 -19.43 16.16 -14.20
N PRO V 63 -19.47 16.13 -15.55
CA PRO V 63 -19.61 17.33 -16.41
C PRO V 63 -20.94 18.09 -16.27
N ARG V 64 -21.13 19.12 -17.09
CA ARG V 64 -22.35 19.93 -17.01
C ARG V 64 -23.53 19.30 -17.73
N LEU V 65 -24.70 19.93 -17.63
CA LEU V 65 -25.97 19.25 -17.93
C LEU V 65 -26.12 18.76 -19.36
N GLY V 66 -25.84 19.61 -20.33
CA GLY V 66 -26.08 19.25 -21.71
C GLY V 66 -25.11 18.21 -22.22
N PHE V 67 -24.01 18.02 -21.51
CA PHE V 67 -22.90 17.22 -22.00
C PHE V 67 -23.27 15.77 -22.25
N GLU V 68 -22.98 15.30 -23.46
CA GLU V 68 -23.34 13.95 -23.87
C GLU V 68 -22.21 12.98 -23.73
N GLY V 69 -21.10 13.43 -23.17
CA GLY V 69 -19.95 12.56 -23.04
C GLY V 69 -19.02 12.79 -24.21
N GLY V 70 -19.32 13.80 -25.00
CA GLY V 70 -18.44 14.16 -26.10
C GLY V 70 -18.95 13.92 -27.51
N GLN V 71 -20.01 13.13 -27.70
CA GLN V 71 -20.67 13.15 -28.99
C GLN V 71 -21.37 14.47 -29.00
N THR V 72 -21.72 15.02 -30.17
CA THR V 72 -22.29 16.37 -30.18
C THR V 72 -23.61 16.40 -29.42
N PRO V 73 -23.75 17.32 -28.45
CA PRO V 73 -24.90 17.33 -27.53
C PRO V 73 -26.24 17.26 -28.24
N PHE V 74 -27.26 16.68 -27.62
CA PHE V 74 -28.55 16.65 -28.27
C PHE V 74 -29.04 18.04 -28.59
N TYR V 75 -28.95 18.97 -27.64
CA TYR V 75 -29.51 20.27 -27.89
C TYR V 75 -28.68 21.07 -28.89
N LEU V 76 -27.46 20.64 -29.18
CA LEU V 76 -26.64 21.36 -30.16
C LEU V 76 -26.62 20.77 -31.58
N ARG V 77 -27.26 19.63 -31.82
CA ARG V 77 -27.34 19.10 -33.17
C ARG V 77 -28.39 19.79 -34.03
N ILE V 78 -29.59 19.88 -33.48
CA ILE V 78 -30.76 20.46 -34.11
C ILE V 78 -30.51 21.88 -34.63
N PRO V 79 -30.86 22.14 -35.90
CA PRO V 79 -30.69 23.48 -36.50
C PRO V 79 -31.52 24.49 -35.74
N LYS V 80 -31.22 25.78 -35.78
CA LYS V 80 -32.08 26.67 -35.01
C LYS V 80 -33.12 27.25 -35.95
N TYR V 81 -34.14 27.88 -35.39
CA TYR V 81 -35.28 28.30 -36.19
C TYR V 81 -35.97 29.40 -35.43
N GLY V 82 -36.65 30.31 -36.11
CA GLY V 82 -37.38 31.30 -35.35
C GLY V 82 -38.55 30.63 -34.66
N PHE V 83 -38.53 30.62 -33.34
CA PHE V 83 -39.62 30.02 -32.57
C PHE V 83 -40.01 31.01 -31.53
N ASN V 84 -39.03 31.24 -30.66
CA ASN V 84 -39.15 32.18 -29.57
C ASN V 84 -38.70 33.53 -30.05
N GLU V 85 -38.48 33.61 -31.35
CA GLU V 85 -38.09 34.84 -32.03
C GLU V 85 -39.02 36.03 -31.81
N GLY V 86 -38.44 37.17 -31.41
CA GLY V 86 -39.19 38.39 -31.16
C GLY V 86 -40.27 38.25 -30.10
N HIS V 87 -40.17 37.19 -29.28
CA HIS V 87 -41.18 36.89 -28.27
C HIS V 87 -41.32 38.04 -27.29
N SER V 88 -40.26 38.83 -27.16
CA SER V 88 -40.31 40.01 -26.32
C SER V 88 -41.27 41.05 -26.85
N PHE V 89 -41.36 41.15 -28.17
CA PHE V 89 -42.12 42.20 -28.83
C PHE V 89 -43.49 41.85 -29.42
N ARG V 90 -43.97 40.63 -29.24
CA ARG V 90 -45.35 40.30 -29.64
C ARG V 90 -46.35 40.72 -28.57
N HIS V 91 -47.37 41.49 -28.94
CA HIS V 91 -48.39 41.90 -27.97
C HIS V 91 -49.17 40.69 -27.46
N GLN V 92 -49.65 40.77 -26.23
CA GLN V 92 -50.40 39.66 -25.65
C GLN V 92 -51.74 40.08 -25.09
N TYR V 93 -52.80 39.35 -25.43
CA TYR V 93 -54.11 39.73 -24.95
C TYR V 93 -54.75 38.68 -24.07
N GLN V 94 -54.90 39.02 -22.80
CA GLN V 94 -55.56 38.18 -21.83
C GLN V 94 -57.04 37.91 -22.20
N PRO V 95 -57.40 36.64 -22.41
CA PRO V 95 -58.74 36.32 -22.92
C PRO V 95 -59.82 36.44 -21.86
N LEU V 96 -61.03 36.81 -22.29
CA LEU V 96 -62.16 36.89 -21.39
C LEU V 96 -63.37 36.24 -22.06
N SER V 97 -63.84 35.14 -21.49
CA SER V 97 -64.97 34.44 -22.07
C SER V 97 -66.26 35.12 -21.65
N LEU V 98 -67.32 34.96 -22.44
CA LEU V 98 -68.60 35.52 -22.04
C LEU V 98 -69.10 34.76 -20.83
N ASN V 99 -68.64 33.53 -20.66
CA ASN V 99 -68.91 32.81 -19.44
C ASN V 99 -68.41 33.59 -18.25
N ARG V 100 -67.14 33.98 -18.30
CA ARG V 100 -66.54 34.69 -17.19
C ARG V 100 -67.25 36.00 -16.95
N LEU V 101 -67.58 36.71 -18.02
CA LEU V 101 -68.26 37.99 -17.89
C LEU V 101 -69.65 37.85 -17.26
N GLN V 102 -70.49 37.00 -17.85
CA GLN V 102 -71.80 36.71 -17.29
C GLN V 102 -71.69 36.33 -15.83
N TYR V 103 -70.66 35.57 -15.50
CA TYR V 103 -70.39 35.13 -14.14
C TYR V 103 -70.13 36.30 -13.19
N LEU V 104 -69.28 37.22 -13.63
CA LEU V 104 -68.92 38.36 -12.81
C LEU V 104 -70.09 39.29 -12.60
N ILE V 105 -70.92 39.46 -13.62
CA ILE V 105 -72.11 40.29 -13.46
C ILE V 105 -73.11 39.63 -12.53
N ASP V 106 -73.29 38.32 -12.69
CA ASP V 106 -74.30 37.56 -11.96
C ASP V 106 -74.08 37.56 -10.47
N LEU V 107 -72.84 37.30 -10.05
CA LEU V 107 -72.50 37.36 -8.64
C LEU V 107 -72.32 38.81 -8.18
N GLY V 108 -72.43 39.73 -9.14
CA GLY V 108 -72.50 41.13 -8.84
C GLY V 108 -71.18 41.74 -8.40
N ARG V 109 -70.09 41.29 -8.99
CA ARG V 109 -68.79 41.91 -8.77
C ARG V 109 -68.69 43.15 -9.60
N VAL V 110 -68.76 42.98 -10.92
CA VAL V 110 -68.96 44.12 -11.79
C VAL V 110 -70.46 44.42 -11.85
N ASP V 111 -70.83 45.70 -11.76
CA ASP V 111 -72.22 46.09 -11.97
C ASP V 111 -72.42 46.69 -13.36
N PRO V 112 -73.42 46.20 -14.09
CA PRO V 112 -73.78 46.73 -15.42
C PRO V 112 -74.37 48.15 -15.34
N THR V 113 -74.72 48.59 -14.13
CA THR V 113 -75.32 49.90 -13.94
C THR V 113 -74.45 51.02 -14.50
N GLN V 114 -73.22 51.12 -14.04
CA GLN V 114 -72.24 52.07 -14.57
C GLN V 114 -71.35 51.43 -15.65
N PRO V 115 -70.74 52.26 -16.54
CA PRO V 115 -69.99 51.77 -17.71
C PRO V 115 -68.77 50.91 -17.38
N ILE V 116 -68.68 49.72 -17.99
CA ILE V 116 -67.70 48.71 -17.62
C ILE V 116 -66.43 48.71 -18.47
N ASP V 117 -65.33 49.12 -17.86
CA ASP V 117 -64.04 49.20 -18.55
C ASP V 117 -63.00 48.31 -17.86
N LEU V 118 -61.77 48.38 -18.35
CA LEU V 118 -60.67 47.58 -17.82
C LEU V 118 -60.48 47.70 -16.30
N THR V 119 -60.48 48.93 -15.79
CA THR V 119 -60.32 49.18 -14.36
C THR V 119 -61.32 48.41 -13.51
N GLN V 120 -62.59 48.42 -13.91
CA GLN V 120 -63.60 47.80 -13.09
C GLN V 120 -63.53 46.27 -13.19
N LEU V 121 -62.92 45.77 -14.28
CA LEU V 121 -62.63 44.34 -14.40
C LEU V 121 -61.51 43.91 -13.48
N VAL V 122 -60.50 44.75 -13.34
CA VAL V 122 -59.39 44.50 -12.42
C VAL V 122 -59.91 44.51 -11.00
N ASN V 123 -60.73 45.49 -10.67
CA ASN V 123 -61.25 45.59 -9.32
C ASN V 123 -62.12 44.40 -8.93
N GLY V 124 -62.72 43.74 -9.91
CA GLY V 124 -63.51 42.56 -9.66
C GLY V 124 -62.67 41.28 -9.65
N ARG V 125 -61.36 41.43 -9.83
CA ARG V 125 -60.41 40.32 -9.95
C ARG V 125 -60.88 39.28 -10.97
N GLY V 126 -61.55 39.73 -12.02
CA GLY V 126 -62.04 38.80 -13.02
C GLY V 126 -60.93 38.51 -13.99
N VAL V 127 -60.05 39.48 -14.15
CA VAL V 127 -58.95 39.41 -15.11
C VAL V 127 -57.68 40.08 -14.58
N THR V 128 -56.55 39.39 -14.68
CA THR V 128 -55.28 39.92 -14.17
C THR V 128 -54.36 40.36 -15.30
N ILE V 129 -54.08 41.65 -15.39
CA ILE V 129 -53.21 42.15 -16.44
C ILE V 129 -51.84 42.55 -15.91
N GLN V 130 -50.79 42.12 -16.60
CA GLN V 130 -49.43 42.54 -16.27
C GLN V 130 -48.78 43.22 -17.42
N PRO V 131 -48.86 44.54 -17.45
CA PRO V 131 -48.30 45.34 -18.54
C PRO V 131 -46.83 45.00 -18.75
N SER V 132 -46.18 44.69 -17.63
CA SER V 132 -44.73 44.50 -17.62
C SER V 132 -44.28 43.32 -18.48
N LYS V 133 -45.17 42.35 -18.65
CA LYS V 133 -44.94 41.11 -19.41
C LYS V 133 -45.33 41.22 -20.88
N ARG V 134 -45.50 42.44 -21.38
CA ARG V 134 -45.87 42.73 -22.78
C ARG V 134 -47.31 42.36 -23.04
N ASP V 135 -48.12 42.54 -22.01
CA ASP V 135 -49.54 42.27 -22.06
C ASP V 135 -50.28 43.57 -22.37
N TYR V 136 -50.98 43.64 -23.49
CA TYR V 136 -51.65 44.88 -23.91
C TYR V 136 -53.11 45.04 -23.50
N GLY V 137 -53.73 43.99 -22.97
CA GLY V 137 -55.05 44.16 -22.40
C GLY V 137 -55.98 42.97 -22.60
N VAL V 138 -57.24 43.15 -22.26
CA VAL V 138 -58.22 42.08 -22.40
C VAL V 138 -58.72 41.92 -23.83
N GLN V 139 -59.01 40.69 -24.24
CA GLN V 139 -59.68 40.43 -25.51
C GLN V 139 -60.96 39.64 -25.25
N LEU V 140 -61.86 39.59 -26.24
CA LEU V 140 -63.17 38.96 -26.05
C LEU V 140 -63.40 37.70 -26.89
N VAL V 141 -63.59 36.56 -26.21
CA VAL V 141 -63.92 35.35 -26.92
C VAL V 141 -65.29 34.79 -26.52
N GLU V 142 -65.88 34.00 -27.39
CA GLU V 142 -67.33 33.79 -27.45
C GLU V 142 -67.89 32.66 -26.59
N GLU V 143 -67.08 32.09 -25.71
CA GLU V 143 -67.44 30.87 -24.98
C GLU V 143 -68.87 30.78 -24.37
N GLY V 144 -69.42 31.88 -23.88
CA GLY V 144 -70.75 31.83 -23.29
C GLY V 144 -71.86 32.36 -24.19
N ALA V 145 -71.60 32.32 -25.51
CA ALA V 145 -72.42 33.04 -26.51
C ALA V 145 -73.92 32.82 -26.37
N ASP V 146 -74.34 31.57 -26.16
CA ASP V 146 -75.76 31.26 -26.05
C ASP V 146 -76.30 31.63 -24.67
N THR V 147 -75.50 31.37 -23.65
CA THR V 147 -75.90 31.59 -22.26
C THR V 147 -76.10 33.08 -21.91
N PHE V 148 -75.53 33.96 -22.72
CA PHE V 148 -75.29 35.33 -22.29
C PHE V 148 -76.55 36.22 -22.34
N LYS V 149 -77.03 36.63 -21.16
CA LYS V 149 -78.24 37.43 -21.04
C LYS V 149 -78.10 38.92 -20.70
N ALA V 150 -76.89 39.40 -20.44
CA ALA V 150 -76.70 40.69 -19.75
C ALA V 150 -76.69 41.89 -20.68
N LYS V 151 -77.22 43.02 -20.21
CA LYS V 151 -77.20 44.26 -20.99
C LYS V 151 -76.08 45.17 -20.49
N VAL V 152 -75.01 45.28 -21.29
CA VAL V 152 -73.70 45.73 -20.81
C VAL V 152 -73.04 46.75 -21.72
N ASN V 153 -72.25 47.65 -21.13
CA ASN V 153 -71.37 48.50 -21.91
C ASN V 153 -69.88 48.20 -21.65
N ILE V 154 -69.24 47.56 -22.63
CA ILE V 154 -67.90 47.00 -22.47
C ILE V 154 -66.88 47.74 -23.32
N GLU V 155 -65.69 48.00 -22.77
CA GLU V 155 -64.60 48.44 -23.62
C GLU V 155 -63.40 47.51 -23.53
N VAL V 156 -63.16 46.72 -24.59
CA VAL V 156 -62.02 45.80 -24.58
C VAL V 156 -60.92 46.29 -25.50
N GLN V 157 -59.79 45.57 -25.47
CA GLN V 157 -58.66 45.90 -26.35
C GLN V 157 -58.74 45.24 -27.71
N MET V 158 -59.34 44.06 -27.76
CA MET V 158 -59.54 43.32 -28.99
C MET V 158 -60.82 42.51 -28.88
N ALA V 159 -61.61 42.45 -29.92
CA ALA V 159 -62.86 41.70 -29.85
C ALA V 159 -63.07 40.82 -31.07
N SER V 160 -63.92 39.81 -30.91
CA SER V 160 -64.23 38.85 -31.96
C SER V 160 -65.67 39.08 -32.42
N GLU V 161 -65.97 38.71 -33.66
CA GLU V 161 -67.32 38.88 -34.22
C GLU V 161 -68.45 38.30 -33.40
N LEU V 162 -68.31 37.04 -33.00
CA LEU V 162 -69.37 36.36 -32.28
C LEU V 162 -69.62 37.04 -30.93
N ALA V 163 -68.56 37.57 -30.33
CA ALA V 163 -68.68 38.30 -29.06
C ALA V 163 -69.52 39.58 -29.21
N ILE V 164 -69.13 40.42 -30.17
CA ILE V 164 -69.88 41.61 -30.52
C ILE V 164 -71.35 41.29 -30.87
N ALA V 165 -71.55 40.21 -31.62
CA ALA V 165 -72.89 39.77 -31.99
C ALA V 165 -73.73 39.48 -30.75
N ALA V 166 -73.18 38.71 -29.82
CA ALA V 166 -73.87 38.38 -28.58
C ALA V 166 -74.27 39.63 -27.79
N ILE V 167 -73.29 40.51 -27.58
CA ILE V 167 -73.55 41.73 -26.82
C ILE V 167 -74.57 42.66 -27.51
N GLU V 168 -74.64 42.59 -28.83
CA GLU V 168 -75.68 43.31 -29.55
C GLU V 168 -77.06 42.73 -29.31
N LYS V 169 -77.18 41.41 -29.53
CA LYS V 169 -78.42 40.69 -29.38
C LYS V 169 -79.03 41.00 -28.02
N ASN V 170 -78.18 41.19 -27.01
CA ASN V 170 -78.72 41.60 -25.71
C ASN V 170 -78.91 43.10 -25.52
N GLY V 171 -78.52 43.89 -26.52
CA GLY V 171 -78.72 45.33 -26.47
C GLY V 171 -77.72 46.12 -25.65
N GLY V 172 -76.46 45.69 -25.68
CA GLY V 172 -75.38 46.47 -25.10
C GLY V 172 -74.51 47.07 -26.20
N VAL V 173 -73.45 47.76 -25.81
CA VAL V 173 -72.56 48.44 -26.77
C VAL V 173 -71.09 48.15 -26.52
N VAL V 174 -70.41 47.57 -27.52
CA VAL V 174 -68.98 47.27 -27.40
C VAL V 174 -68.13 48.30 -28.12
N THR V 175 -66.96 48.60 -27.56
CA THR V 175 -66.02 49.51 -28.19
C THR V 175 -64.59 49.07 -27.97
N THR V 176 -63.79 49.07 -29.03
CA THR V 176 -62.39 48.66 -28.91
C THR V 176 -61.48 49.84 -28.66
N ALA V 177 -60.66 49.75 -27.61
CA ALA V 177 -59.71 50.81 -27.29
C ALA V 177 -58.28 50.29 -27.25
N PHE V 178 -57.32 51.15 -27.58
CA PHE V 178 -55.91 50.79 -27.49
C PHE V 178 -55.24 51.57 -26.40
N TYR V 179 -54.48 50.90 -25.56
CA TYR V 179 -53.63 51.59 -24.62
C TYR V 179 -52.20 51.17 -24.92
N ASP V 180 -51.27 52.12 -24.81
CA ASP V 180 -49.85 51.80 -24.83
C ASP V 180 -49.49 51.15 -23.47
N PRO V 181 -48.27 50.56 -23.37
CA PRO V 181 -47.85 49.95 -22.11
C PRO V 181 -47.96 50.85 -20.87
N ARG V 182 -47.50 52.10 -20.94
CA ARG V 182 -47.53 52.97 -19.76
C ARG V 182 -48.95 53.24 -19.30
N SER V 183 -49.78 53.68 -20.24
CA SER V 183 -51.19 53.92 -19.98
C SER V 183 -51.85 52.68 -19.39
N LEU V 184 -51.46 51.49 -19.86
CA LEU V 184 -52.08 50.28 -19.34
C LEU V 184 -51.68 50.05 -17.89
N GLU V 185 -50.41 50.27 -17.57
CA GLU V 185 -49.95 50.16 -16.19
C GLU V 185 -50.77 51.04 -15.26
N ILE V 186 -50.96 52.30 -15.67
CA ILE V 186 -51.77 53.26 -14.90
C ILE V 186 -53.27 52.89 -14.82
N LEU V 187 -53.79 52.35 -15.90
CA LEU V 187 -55.19 51.95 -15.98
C LEU V 187 -55.51 50.76 -15.10
N CYS V 188 -54.60 49.81 -15.01
CA CYS V 188 -54.85 48.60 -14.23
C CYS V 188 -54.64 48.76 -12.73
N LYS V 189 -53.79 49.71 -12.32
CA LYS V 189 -53.60 49.96 -10.90
C LYS V 189 -53.62 51.46 -10.67
N PRO V 190 -54.81 52.06 -10.64
CA PRO V 190 -54.93 53.52 -10.56
C PRO V 190 -54.45 54.11 -9.22
N VAL V 191 -54.78 53.45 -8.11
CA VAL V 191 -54.39 53.94 -6.79
C VAL V 191 -52.87 53.96 -6.54
N PRO V 192 -52.15 52.85 -6.85
CA PRO V 192 -50.70 52.95 -6.71
C PRO V 192 -50.09 53.97 -7.65
N PHE V 193 -50.84 54.45 -8.64
CA PHE V 193 -50.34 55.51 -9.51
C PHE V 193 -50.48 56.89 -8.89
N PHE V 194 -51.60 57.12 -8.22
CA PHE V 194 -51.89 58.42 -7.64
C PHE V 194 -50.96 58.70 -6.47
N LEU V 195 -50.41 57.63 -5.88
CA LEU V 195 -49.49 57.78 -4.76
C LEU V 195 -48.06 58.01 -5.25
N ARG V 196 -47.86 58.05 -6.56
CA ARG V 196 -46.57 58.44 -7.13
C ARG V 196 -46.39 59.94 -7.00
N GLY V 197 -47.50 60.67 -7.17
CA GLY V 197 -47.46 62.11 -7.16
C GLY V 197 -46.96 62.66 -8.49
N GLN V 198 -47.43 62.05 -9.57
CA GLN V 198 -47.10 62.51 -10.90
C GLN V 198 -48.37 63.00 -11.54
N PRO V 199 -48.25 63.88 -12.55
CA PRO V 199 -49.49 64.28 -13.22
C PRO V 199 -50.14 63.09 -13.94
N ILE V 200 -51.33 63.27 -14.48
CA ILE V 200 -51.97 62.17 -15.19
C ILE V 200 -51.57 62.29 -16.64
N PRO V 201 -50.94 61.25 -17.18
CA PRO V 201 -50.20 61.26 -18.44
C PRO V 201 -51.11 61.30 -19.65
N LYS V 202 -50.54 61.65 -20.79
CA LYS V 202 -51.26 61.59 -22.05
C LYS V 202 -51.40 60.15 -22.51
N ARG V 203 -52.50 59.84 -23.20
CA ARG V 203 -52.68 58.51 -23.77
C ARG V 203 -52.03 58.48 -25.16
N MET V 204 -51.27 57.42 -25.44
CA MET V 204 -50.60 57.30 -26.74
C MET V 204 -51.55 56.91 -27.85
N LEU V 205 -51.21 57.23 -29.09
CA LEU V 205 -51.95 56.71 -30.22
C LEU V 205 -51.44 55.32 -30.56
N PRO V 206 -52.28 54.47 -31.19
CA PRO V 206 -51.78 53.15 -31.60
C PRO V 206 -50.60 53.26 -32.59
N PRO V 207 -49.64 52.32 -32.51
CA PRO V 207 -48.55 52.29 -33.48
C PRO V 207 -49.07 51.97 -34.86
N GLU V 208 -48.22 51.97 -35.89
CA GLU V 208 -48.69 51.87 -37.27
C GLU V 208 -49.37 50.55 -37.64
N ALA V 209 -48.89 49.41 -37.14
CA ALA V 209 -49.49 48.14 -37.52
C ALA V 209 -50.90 47.98 -36.96
N LEU V 210 -51.15 48.53 -35.77
CA LEU V 210 -52.46 48.41 -35.15
C LEU V 210 -53.48 49.38 -35.72
N VAL V 211 -53.01 50.52 -36.21
CA VAL V 211 -53.91 51.56 -36.71
C VAL V 211 -54.95 51.04 -37.71
N PRO V 212 -54.57 50.17 -38.66
CA PRO V 212 -55.64 49.71 -39.56
C PRO V 212 -56.74 48.93 -38.84
N TYR V 213 -56.43 48.45 -37.64
CA TYR V 213 -57.39 47.66 -36.87
C TYR V 213 -58.43 48.54 -36.19
N TYR V 214 -58.02 49.73 -35.75
CA TYR V 214 -58.87 50.58 -34.91
C TYR V 214 -59.65 51.63 -35.68
N THR V 215 -59.53 51.66 -37.00
CA THR V 215 -60.29 52.62 -37.78
C THR V 215 -61.54 51.99 -38.42
N ASP V 216 -61.72 50.68 -38.24
CA ASP V 216 -62.84 49.99 -38.87
C ASP V 216 -64.10 50.01 -38.02
N ALA V 217 -65.24 50.18 -38.68
CA ALA V 217 -66.50 50.09 -37.96
C ALA V 217 -66.82 48.63 -37.67
N LYS V 218 -66.42 47.75 -38.59
CA LYS V 218 -66.60 46.31 -38.38
C LYS V 218 -65.98 45.88 -37.06
N ASN V 219 -64.82 46.48 -36.74
CA ASN V 219 -64.15 46.24 -35.48
C ASN V 219 -64.75 47.01 -34.34
N ARG V 220 -65.46 48.09 -34.67
CA ARG V 220 -65.94 49.05 -33.70
C ARG V 220 -64.76 49.55 -32.85
N GLY V 221 -63.70 49.99 -33.54
CA GLY V 221 -62.56 50.61 -32.90
C GLY V 221 -62.89 52.03 -32.48
N TYR V 222 -62.23 52.50 -31.43
CA TYR V 222 -62.55 53.80 -30.86
C TYR V 222 -62.14 54.93 -31.80
N LEU V 223 -61.18 54.68 -32.69
CA LEU V 223 -60.72 55.71 -33.61
C LEU V 223 -61.51 55.71 -34.90
N ALA V 224 -62.51 54.84 -34.99
CA ALA V 224 -63.33 54.75 -36.19
C ALA V 224 -64.35 55.87 -36.30
N ASP V 225 -64.80 56.14 -37.52
CA ASP V 225 -65.85 57.11 -37.78
C ASP V 225 -67.19 56.62 -37.23
N PRO V 226 -67.75 57.34 -36.24
CA PRO V 226 -69.02 56.92 -35.62
C PRO V 226 -70.16 56.76 -36.64
N ALA V 227 -70.06 57.47 -37.77
CA ALA V 227 -71.08 57.45 -38.82
C ALA V 227 -71.30 56.06 -39.41
N ARG V 228 -70.30 55.19 -39.32
CA ARG V 228 -70.44 53.84 -39.87
C ARG V 228 -71.03 52.87 -38.85
N PHE V 229 -71.05 53.29 -37.58
CA PHE V 229 -71.61 52.46 -36.52
C PHE V 229 -73.08 52.07 -36.78
N PRO V 230 -73.95 53.03 -37.18
CA PRO V 230 -75.32 52.58 -37.48
C PRO V 230 -75.40 51.63 -38.68
N GLU V 231 -74.35 51.59 -39.50
CA GLU V 231 -74.37 50.75 -40.68
C GLU V 231 -73.91 49.32 -40.39
N ALA V 232 -72.61 49.18 -40.17
CA ALA V 232 -71.96 47.89 -39.96
C ALA V 232 -72.61 47.09 -38.85
N ARG V 233 -73.04 47.78 -37.79
CA ARG V 233 -73.72 47.16 -36.66
C ARG V 233 -74.99 46.42 -37.12
N LEU V 234 -75.80 47.10 -37.92
CA LEU V 234 -76.99 46.48 -38.50
C LEU V 234 -76.60 45.25 -39.33
N GLU V 235 -75.45 45.32 -39.98
CA GLU V 235 -74.97 44.23 -40.81
C GLU V 235 -74.80 42.98 -39.94
N LEU V 236 -74.27 43.21 -38.74
CA LEU V 236 -74.02 42.11 -37.82
C LEU V 236 -75.32 41.43 -37.40
N ALA V 237 -76.42 42.18 -37.46
CA ALA V 237 -77.72 41.66 -37.06
C ALA V 237 -78.30 40.78 -38.16
N ARG V 238 -77.86 40.98 -39.41
CA ARG V 238 -78.37 40.17 -40.51
C ARG V 238 -77.74 38.79 -40.45
N LYS V 239 -76.42 38.76 -40.29
CA LYS V 239 -75.66 37.52 -40.33
C LYS V 239 -76.08 36.49 -39.28
N TYR V 240 -76.28 36.94 -38.04
CA TYR V 240 -76.64 36.01 -36.98
C TYR V 240 -78.15 35.99 -36.71
N GLY V 241 -78.88 36.76 -37.51
CA GLY V 241 -80.34 36.68 -37.56
C GLY V 241 -81.12 37.08 -36.32
N TYR V 242 -80.69 38.17 -35.67
CA TYR V 242 -81.43 38.71 -34.55
C TYR V 242 -81.93 40.11 -34.90
N VAL V 243 -83.00 40.55 -34.26
CA VAL V 243 -83.51 41.90 -34.47
C VAL V 243 -82.76 42.88 -33.58
N LEU V 244 -82.25 43.96 -34.16
CA LEU V 244 -81.44 44.92 -33.43
C LEU V 244 -82.25 45.85 -32.52
N PRO V 245 -82.02 45.79 -31.19
CA PRO V 245 -82.72 46.67 -30.25
C PRO V 245 -82.43 48.16 -30.46
N ASP V 246 -83.40 49.03 -30.18
CA ASP V 246 -83.19 50.46 -30.37
C ASP V 246 -82.53 51.05 -29.13
N ILE V 247 -81.31 51.56 -29.29
CA ILE V 247 -80.54 52.10 -28.18
C ILE V 247 -81.05 53.48 -27.76
N THR V 248 -81.49 54.28 -28.73
CA THR V 248 -81.97 55.64 -28.47
C THR V 248 -83.20 55.65 -27.56
N LYS V 249 -84.12 54.71 -27.82
CA LYS V 249 -85.36 54.59 -27.07
C LYS V 249 -85.19 53.92 -25.70
N ASP V 250 -83.98 53.45 -25.43
CA ASP V 250 -83.66 52.83 -24.15
C ASP V 250 -83.59 53.85 -23.02
N GLU V 251 -83.75 53.37 -21.79
CA GLU V 251 -83.70 54.21 -20.59
C GLU V 251 -82.27 54.51 -20.11
N LEU V 252 -81.34 53.62 -20.42
CA LEU V 252 -79.95 53.74 -19.97
C LEU V 252 -79.06 54.42 -21.01
N PHE V 253 -79.68 54.94 -22.07
CA PHE V 253 -78.95 55.44 -23.24
C PHE V 253 -77.84 56.45 -22.94
N LYS V 254 -77.97 57.22 -21.86
CA LYS V 254 -76.94 58.19 -21.50
C LYS V 254 -75.64 57.53 -21.04
N MET V 255 -75.73 56.32 -20.50
CA MET V 255 -74.54 55.57 -20.10
C MET V 255 -73.86 54.87 -21.27
N LEU V 256 -74.66 54.30 -22.17
CA LEU V 256 -74.12 53.63 -23.34
C LEU V 256 -73.40 54.60 -24.27
N SER V 257 -73.94 55.81 -24.35
CA SER V 257 -73.37 56.86 -25.18
C SER V 257 -71.97 57.27 -24.72
N THR V 258 -71.64 57.02 -23.46
CA THR V 258 -70.42 57.54 -22.87
C THR V 258 -69.18 56.91 -23.50
N ARG V 259 -68.33 57.76 -24.06
CA ARG V 259 -67.04 57.35 -24.62
C ARG V 259 -65.91 58.01 -23.84
N LYS V 260 -64.68 57.70 -24.22
CA LYS V 260 -63.51 58.39 -23.71
C LYS V 260 -62.91 59.20 -24.82
N ASP V 261 -62.23 60.28 -24.44
CA ASP V 261 -61.38 60.97 -25.41
C ASP V 261 -60.24 60.03 -25.73
N PRO V 262 -59.83 59.99 -27.00
CA PRO V 262 -58.74 59.10 -27.42
C PRO V 262 -57.44 59.39 -26.66
N ARG V 263 -57.33 60.58 -26.06
CA ARG V 263 -56.18 60.97 -25.26
C ARG V 263 -56.38 60.80 -23.74
N GLN V 264 -57.57 60.36 -23.31
CA GLN V 264 -57.90 60.21 -21.89
C GLN V 264 -57.60 58.82 -21.31
N ILE V 265 -56.91 58.77 -20.18
CA ILE V 265 -56.68 57.48 -19.51
C ILE V 265 -57.88 57.05 -18.65
N PHE V 266 -58.67 58.02 -18.18
CA PHE V 266 -59.74 57.73 -17.22
C PHE V 266 -61.07 58.39 -17.57
N PHE V 267 -62.17 57.85 -17.04
CA PHE V 267 -63.48 58.44 -17.27
C PHE V 267 -63.63 59.74 -16.50
N GLY V 268 -64.01 60.81 -17.20
CA GLY V 268 -64.31 62.07 -16.54
C GLY V 268 -63.11 62.77 -15.92
N LEU V 269 -61.93 62.16 -16.01
CA LEU V 269 -60.71 62.86 -15.62
C LEU V 269 -60.09 63.45 -16.87
N ALA V 270 -58.99 64.18 -16.74
CA ALA V 270 -58.39 64.81 -17.90
C ALA V 270 -56.88 64.73 -17.84
N PRO V 271 -56.23 64.58 -19.00
CA PRO V 271 -54.79 64.47 -19.06
C PRO V 271 -54.12 65.70 -18.48
N GLY V 272 -53.22 65.50 -17.54
CA GLY V 272 -52.52 66.61 -16.92
C GLY V 272 -53.02 67.00 -15.55
N TRP V 273 -54.16 66.48 -15.10
CA TRP V 273 -54.60 66.82 -13.74
C TRP V 273 -53.73 66.08 -12.72
N VAL V 274 -53.87 66.40 -11.44
CA VAL V 274 -53.05 65.79 -10.40
C VAL V 274 -53.91 65.50 -9.19
N VAL V 275 -53.97 64.24 -8.78
CA VAL V 275 -54.88 63.86 -7.70
C VAL V 275 -54.22 63.88 -6.34
N ASN V 276 -54.67 64.79 -5.48
CA ASN V 276 -54.21 64.79 -4.10
C ASN V 276 -55.20 64.05 -3.19
N MET V 277 -54.76 62.91 -2.67
CA MET V 277 -55.61 62.02 -1.90
C MET V 277 -55.76 62.44 -0.44
N ALA V 278 -54.82 63.21 0.07
CA ALA V 278 -54.86 63.66 1.47
C ALA V 278 -55.95 64.70 1.69
N ASP V 279 -55.98 65.72 0.84
CA ASP V 279 -57.00 66.75 0.94
C ASP V 279 -58.23 66.39 0.13
N LYS V 280 -58.20 65.21 -0.49
CA LYS V 280 -59.27 64.72 -1.34
C LYS V 280 -59.65 65.74 -2.40
N LYS V 281 -58.64 66.33 -3.04
CA LYS V 281 -58.86 67.39 -4.03
C LYS V 281 -58.06 67.17 -5.30
N ILE V 282 -58.65 67.58 -6.42
CA ILE V 282 -58.05 67.48 -7.74
C ILE V 282 -57.40 68.80 -8.15
N LEU V 283 -56.17 68.73 -8.66
CA LEU V 283 -55.43 69.92 -9.09
C LEU V 283 -55.28 70.03 -10.61
N LYS V 284 -55.68 71.16 -11.18
CA LYS V 284 -55.48 71.41 -12.60
C LYS V 284 -54.68 72.69 -12.84
N PRO V 285 -53.74 72.64 -13.80
CA PRO V 285 -52.85 73.75 -14.16
C PRO V 285 -53.51 74.80 -15.06
N THR V 286 -53.16 76.06 -14.90
CA THR V 286 -53.66 77.10 -15.81
C THR V 286 -52.64 77.50 -16.85
N ASP V 287 -51.44 76.91 -16.74
CA ASP V 287 -50.31 77.28 -17.59
C ASP V 287 -50.62 77.02 -19.07
N GLU V 288 -50.40 78.05 -19.88
CA GLU V 288 -50.70 78.00 -21.32
C GLU V 288 -49.96 76.88 -22.04
N ASN V 289 -48.65 76.83 -21.86
CA ASN V 289 -47.82 75.81 -22.52
C ASN V 289 -48.22 74.42 -22.02
N LEU V 290 -48.42 74.32 -20.71
CA LEU V 290 -48.83 73.07 -20.11
C LEU V 290 -50.17 72.60 -20.66
N LEU V 291 -51.16 73.51 -20.66
CA LEU V 291 -52.50 73.20 -21.15
C LEU V 291 -52.49 72.81 -22.62
N LYS V 292 -51.65 73.44 -23.42
CA LYS V 292 -51.50 73.08 -24.83
C LYS V 292 -50.90 71.70 -24.96
N TYR V 293 -49.90 71.41 -24.14
CA TYR V 293 -49.22 70.13 -24.16
C TYR V 293 -50.18 68.99 -23.83
N TYR V 294 -50.99 69.16 -22.81
CA TYR V 294 -51.91 68.10 -22.41
C TYR V 294 -53.15 68.02 -23.29
N SER V 295 -53.66 69.16 -23.74
CA SER V 295 -54.88 69.19 -24.52
C SER V 295 -54.70 68.59 -25.91
N SER V 296 -53.46 68.60 -26.39
CA SER V 296 -53.16 68.09 -27.72
C SER V 296 -53.29 66.57 -27.80
N LYS W 31 -4.55 -88.18 -40.72
CA LYS W 31 -5.66 -87.73 -39.89
C LYS W 31 -6.94 -87.46 -40.70
N THR W 32 -7.30 -86.19 -40.79
CA THR W 32 -8.54 -85.76 -41.44
C THR W 32 -8.29 -84.64 -42.45
N LEU W 33 -8.84 -84.80 -43.65
CA LEU W 33 -8.77 -83.77 -44.67
C LEU W 33 -10.04 -82.94 -44.71
N LEU W 34 -9.88 -81.64 -44.99
CA LEU W 34 -11.02 -80.75 -45.14
C LEU W 34 -10.87 -80.01 -46.48
N PRO W 35 -12.00 -79.78 -47.19
CA PRO W 35 -11.96 -79.13 -48.51
C PRO W 35 -11.40 -77.70 -48.45
N VAL W 36 -10.43 -77.41 -49.33
CA VAL W 36 -9.75 -76.11 -49.34
C VAL W 36 -10.54 -75.06 -50.11
N PRO W 37 -10.71 -73.87 -49.53
CA PRO W 37 -11.42 -72.76 -50.19
C PRO W 37 -10.75 -72.32 -51.49
N THR W 38 -11.53 -72.25 -52.57
CA THR W 38 -10.98 -71.97 -53.89
C THR W 38 -11.55 -70.67 -54.44
N PHE W 39 -10.77 -69.98 -55.27
CA PHE W 39 -11.24 -68.75 -55.91
C PHE W 39 -11.31 -68.92 -57.43
N GLU W 40 -12.53 -69.13 -57.95
CA GLU W 40 -12.76 -69.21 -59.39
C GLU W 40 -13.25 -67.91 -60.00
N ASP W 41 -13.82 -67.05 -59.15
CA ASP W 41 -14.46 -65.82 -59.63
C ASP W 41 -13.59 -64.58 -59.40
N VAL W 42 -12.44 -64.77 -58.76
CA VAL W 42 -11.57 -63.65 -58.42
C VAL W 42 -10.79 -63.20 -59.65
N ALA W 43 -11.01 -61.95 -60.04
CA ALA W 43 -10.39 -61.38 -61.23
C ALA W 43 -9.37 -60.33 -60.83
N ILE W 44 -8.15 -60.44 -61.35
CA ILE W 44 -7.10 -59.47 -61.04
C ILE W 44 -7.06 -58.34 -62.07
N PRO W 45 -7.50 -57.14 -61.66
CA PRO W 45 -7.54 -55.99 -62.56
C PRO W 45 -6.15 -55.41 -62.85
N GLU W 46 -6.05 -54.60 -63.91
CA GLU W 46 -4.81 -53.89 -64.23
C GLU W 46 -4.59 -52.71 -63.28
N LYS W 47 -3.35 -52.22 -63.23
CA LYS W 47 -2.91 -51.28 -62.19
C LYS W 47 -3.14 -51.86 -60.79
N PRO W 48 -2.56 -53.04 -60.51
CA PRO W 48 -2.88 -53.72 -59.24
C PRO W 48 -2.34 -53.01 -57.98
N LYS W 49 -1.22 -52.30 -58.10
CA LYS W 49 -0.63 -51.54 -56.99
C LYS W 49 -1.38 -50.25 -56.66
N LEU W 50 -1.12 -49.70 -55.47
CA LEU W 50 -1.66 -48.40 -55.08
C LEU W 50 -1.04 -47.23 -55.86
N ARG W 51 -1.89 -46.29 -56.29
CA ARG W 51 -1.44 -45.11 -57.03
C ARG W 51 -0.74 -44.10 -56.13
N PHE W 52 0.04 -43.23 -56.74
CA PHE W 52 0.74 -42.20 -55.99
C PHE W 52 -0.17 -41.00 -55.72
N VAL W 53 -0.31 -40.62 -54.45
CA VAL W 53 -1.13 -39.45 -54.12
C VAL W 53 -0.26 -38.19 -54.02
N GLU W 54 -0.79 -37.08 -54.50
CA GLU W 54 0.01 -35.88 -54.68
C GLU W 54 0.06 -35.01 -53.42
N ARG W 55 1.28 -34.57 -53.07
CA ARG W 55 1.51 -33.82 -51.84
C ARG W 55 0.57 -32.63 -51.71
N VAL W 56 0.37 -31.91 -52.80
CA VAL W 56 -0.50 -30.73 -52.85
C VAL W 56 -1.58 -30.92 -53.93
N PRO W 57 -2.81 -30.47 -53.68
CA PRO W 57 -3.84 -30.59 -54.72
C PRO W 57 -3.49 -29.81 -55.99
N LEU W 58 -3.96 -30.30 -57.13
CA LEU W 58 -3.66 -29.73 -58.44
C LEU W 58 -4.24 -28.34 -58.60
N VAL W 59 -5.36 -28.10 -57.92
CA VAL W 59 -5.97 -26.78 -57.86
C VAL W 59 -5.94 -26.32 -56.42
N PRO W 60 -4.79 -25.77 -55.98
CA PRO W 60 -4.54 -25.43 -54.57
C PRO W 60 -5.53 -24.40 -54.02
N LYS W 61 -6.10 -24.69 -52.85
CA LYS W 61 -7.07 -23.80 -52.25
C LYS W 61 -6.40 -22.48 -51.90
N VAL W 62 -6.99 -21.39 -52.37
CA VAL W 62 -6.44 -20.06 -52.22
C VAL W 62 -6.84 -19.38 -50.91
N ARG W 63 -7.89 -19.89 -50.29
CA ARG W 63 -8.54 -19.19 -49.20
C ARG W 63 -8.60 -20.06 -47.94
N ARG W 64 -7.89 -19.64 -46.89
CA ARG W 64 -7.78 -20.44 -45.67
C ARG W 64 -9.15 -20.72 -45.05
N GLU W 65 -9.43 -21.97 -44.76
CA GLU W 65 -10.75 -22.35 -44.25
C GLU W 65 -10.75 -22.65 -42.76
N ARG W 66 -11.85 -22.36 -42.09
CA ARG W 66 -12.00 -22.68 -40.68
C ARG W 66 -11.83 -24.18 -40.49
N LYS W 67 -11.27 -24.60 -39.37
CA LYS W 67 -11.07 -26.03 -39.14
C LYS W 67 -12.24 -26.65 -38.42
N ASN W 68 -12.97 -27.51 -39.12
CA ASN W 68 -14.09 -28.15 -38.48
C ASN W 68 -13.61 -29.36 -37.71
N LEU W 69 -13.74 -29.33 -36.40
CA LEU W 69 -13.46 -30.51 -35.65
C LEU W 69 -14.58 -31.49 -35.94
N SER W 70 -15.73 -30.94 -36.29
CA SER W 70 -16.95 -31.71 -36.47
C SER W 70 -16.83 -32.79 -37.55
N ASP W 71 -15.87 -32.66 -38.46
CA ASP W 71 -15.75 -33.66 -39.52
C ASP W 71 -14.88 -34.85 -39.12
N ILE W 72 -14.21 -34.76 -37.98
CA ILE W 72 -13.55 -35.93 -37.41
C ILE W 72 -14.48 -36.62 -36.40
N ARG W 73 -15.55 -35.92 -36.01
CA ARG W 73 -16.32 -36.29 -34.83
C ARG W 73 -17.47 -37.28 -35.09
N GLY W 74 -17.53 -38.34 -34.27
CA GLY W 74 -18.63 -39.29 -34.32
C GLY W 74 -18.55 -40.28 -35.47
N PRO W 75 -19.67 -40.98 -35.77
CA PRO W 75 -19.73 -42.12 -36.69
C PRO W 75 -19.47 -41.70 -38.13
N SER W 76 -19.20 -42.66 -39.03
CA SER W 76 -18.99 -42.32 -40.44
C SER W 76 -20.17 -42.74 -41.30
N THR W 77 -20.38 -41.99 -42.37
CA THR W 77 -21.43 -42.29 -43.36
C THR W 77 -20.86 -42.93 -44.63
N GLU W 78 -19.98 -42.19 -45.30
CA GLU W 78 -19.34 -42.66 -46.54
C GLU W 78 -18.32 -43.78 -46.28
N ALA W 79 -18.09 -44.60 -47.31
CA ALA W 79 -17.07 -45.64 -47.27
C ALA W 79 -17.22 -46.65 -46.11
N THR W 80 -18.47 -46.91 -45.71
CA THR W 80 -18.74 -47.87 -44.64
C THR W 80 -18.76 -49.31 -45.16
N GLU W 81 -19.14 -49.48 -46.42
CA GLU W 81 -19.33 -50.81 -47.00
C GLU W 81 -18.25 -51.16 -48.04
N PHE W 82 -17.92 -52.45 -48.14
CA PHE W 82 -17.02 -52.95 -49.18
C PHE W 82 -17.57 -52.77 -50.59
N THR W 83 -16.69 -52.73 -51.58
CA THR W 83 -17.17 -52.83 -52.96
C THR W 83 -16.68 -54.09 -53.67
N GLU W 84 -15.45 -54.03 -54.17
CA GLU W 84 -14.83 -55.16 -54.87
C GLU W 84 -14.08 -56.15 -53.98
N GLY W 85 -13.29 -55.61 -53.05
CA GLY W 85 -12.31 -56.39 -52.31
C GLY W 85 -12.84 -57.20 -51.13
N ARG W 86 -12.06 -58.19 -50.72
CA ARG W 86 -12.36 -58.97 -49.52
C ARG W 86 -11.84 -58.36 -48.21
N PHE W 87 -10.81 -57.52 -48.27
CA PHE W 87 -10.13 -57.05 -47.06
C PHE W 87 -10.01 -55.53 -47.00
N ALA W 88 -9.80 -55.01 -45.79
CA ALA W 88 -9.68 -53.57 -45.60
C ALA W 88 -9.01 -53.22 -44.28
N ILE W 89 -8.57 -51.97 -44.14
CA ILE W 89 -8.15 -51.45 -42.86
C ILE W 89 -9.21 -50.53 -42.25
N LEU W 90 -9.86 -50.98 -41.19
CA LEU W 90 -10.96 -50.25 -40.58
C LEU W 90 -10.52 -49.25 -39.50
N ALA W 91 -11.04 -48.02 -39.55
CA ALA W 91 -10.64 -46.97 -38.61
C ALA W 91 -11.50 -47.00 -37.34
N LEU W 92 -10.86 -47.26 -36.21
CA LEU W 92 -11.56 -47.37 -34.92
C LEU W 92 -11.54 -46.09 -34.09
N GLY W 93 -11.06 -45.01 -34.68
CA GLY W 93 -11.17 -43.69 -34.08
C GLY W 93 -11.30 -42.70 -35.21
N GLY W 94 -11.55 -41.43 -34.91
CA GLY W 94 -11.43 -40.40 -35.93
C GLY W 94 -9.97 -39.99 -36.02
N GLY W 95 -9.61 -39.24 -37.07
CA GLY W 95 -8.23 -38.81 -37.20
C GLY W 95 -7.94 -38.07 -38.47
N TYR W 96 -6.79 -37.40 -38.51
CA TYR W 96 -6.38 -36.63 -39.67
C TYR W 96 -5.25 -37.29 -40.45
N LEU W 97 -5.52 -37.74 -41.66
CA LEU W 97 -4.48 -38.38 -42.47
C LEU W 97 -3.73 -37.39 -43.34
N HIS W 98 -2.46 -37.14 -43.06
CA HIS W 98 -1.70 -36.27 -43.96
C HIS W 98 -0.78 -37.10 -44.85
N TRP W 99 0.04 -36.43 -45.65
CA TRP W 99 0.79 -37.07 -46.74
C TRP W 99 1.71 -38.21 -46.31
N GLY W 100 2.52 -37.95 -45.29
CA GLY W 100 3.46 -38.92 -44.77
C GLY W 100 2.82 -40.27 -44.47
N HIS W 101 1.57 -40.26 -44.03
CA HIS W 101 0.88 -41.51 -43.81
C HIS W 101 0.65 -42.25 -45.11
N PHE W 102 0.05 -41.58 -46.09
CA PHE W 102 -0.16 -42.17 -47.40
C PHE W 102 1.11 -42.81 -47.92
N GLU W 103 2.23 -42.10 -47.75
CA GLU W 103 3.53 -42.65 -48.11
C GLU W 103 3.80 -44.01 -47.50
N MET W 104 3.60 -44.10 -46.19
CA MET W 104 3.79 -45.34 -45.46
C MET W 104 2.87 -46.46 -45.97
N MET W 105 1.56 -46.21 -45.99
CA MET W 105 0.61 -47.25 -46.40
C MET W 105 0.93 -47.73 -47.80
N ARG W 106 1.34 -46.79 -48.65
CA ARG W 106 1.59 -47.10 -50.05
C ARG W 106 2.82 -47.97 -50.25
N LEU W 107 3.98 -47.51 -49.80
CA LEU W 107 5.22 -48.27 -49.98
C LEU W 107 5.10 -49.62 -49.31
N THR W 108 4.63 -49.60 -48.07
CA THR W 108 4.47 -50.83 -47.30
C THR W 108 3.56 -51.82 -48.00
N ILE W 109 2.34 -51.41 -48.30
CA ILE W 109 1.36 -52.36 -48.82
C ILE W 109 1.70 -52.82 -50.23
N ASN W 110 2.49 -52.02 -50.95
CA ASN W 110 2.89 -52.40 -52.31
C ASN W 110 3.97 -53.47 -52.28
N ARG W 111 5.02 -53.21 -51.51
CA ARG W 111 6.14 -54.14 -51.40
C ARG W 111 5.77 -55.43 -50.64
N SER W 112 4.73 -55.38 -49.80
CA SER W 112 4.32 -56.54 -49.01
C SER W 112 3.46 -57.56 -49.74
N MET W 113 2.89 -57.18 -50.88
CA MET W 113 1.87 -58.01 -51.51
C MET W 113 2.36 -58.68 -52.78
N ASP W 114 1.77 -59.84 -53.08
CA ASP W 114 2.02 -60.55 -54.34
C ASP W 114 1.21 -59.92 -55.44
N PRO W 115 1.89 -59.28 -56.40
CA PRO W 115 1.21 -58.52 -57.45
C PRO W 115 0.37 -59.40 -58.38
N LYS W 116 0.61 -60.71 -58.39
CA LYS W 116 -0.18 -61.64 -59.19
C LYS W 116 -1.53 -61.96 -58.58
N ASN W 117 -1.53 -62.23 -57.27
CA ASN W 117 -2.73 -62.70 -56.60
C ASN W 117 -3.54 -61.63 -55.86
N MET W 118 -2.99 -60.42 -55.79
CA MET W 118 -3.56 -59.37 -54.93
C MET W 118 -3.64 -58.02 -55.64
N PHE W 119 -4.60 -57.21 -55.22
CA PHE W 119 -4.68 -55.84 -55.69
C PHE W 119 -5.27 -54.96 -54.58
N ALA W 120 -4.97 -53.67 -54.63
CA ALA W 120 -5.38 -52.73 -53.60
C ALA W 120 -6.12 -51.55 -54.20
N LEU W 121 -6.77 -50.78 -53.34
CA LEU W 121 -7.60 -49.66 -53.77
C LEU W 121 -7.64 -48.58 -52.69
N TRP W 122 -7.64 -47.31 -53.07
CA TRP W 122 -7.85 -46.25 -52.09
C TRP W 122 -9.34 -46.06 -51.79
N ARG W 123 -9.72 -46.13 -50.53
CA ARG W 123 -11.07 -45.78 -50.13
C ARG W 123 -11.13 -44.36 -49.55
N VAL W 124 -10.00 -43.66 -49.61
CA VAL W 124 -9.86 -42.33 -49.04
C VAL W 124 -9.31 -41.40 -50.12
N PRO W 125 -9.82 -40.16 -50.20
CA PRO W 125 -9.35 -39.19 -51.21
C PRO W 125 -7.91 -38.72 -50.93
N ALA W 126 -7.24 -38.10 -51.90
CA ALA W 126 -5.94 -37.45 -51.64
C ALA W 126 -6.20 -36.11 -50.96
N PRO W 127 -5.31 -35.69 -50.04
CA PRO W 127 -5.68 -34.68 -49.04
C PRO W 127 -6.09 -33.31 -49.60
N PHE W 128 -7.31 -32.89 -49.26
CA PHE W 128 -7.90 -31.63 -49.72
C PHE W 128 -8.00 -30.49 -48.71
N LYS W 129 -7.69 -30.73 -47.44
CA LYS W 129 -7.99 -29.72 -46.43
C LYS W 129 -6.73 -29.02 -45.97
N PRO W 130 -6.69 -27.69 -46.16
CA PRO W 130 -5.54 -26.86 -45.80
C PRO W 130 -5.39 -26.72 -44.29
N ILE W 131 -4.16 -26.84 -43.80
CA ILE W 131 -3.86 -26.64 -42.39
C ILE W 131 -2.86 -25.52 -42.30
N THR W 132 -3.03 -24.67 -41.30
CA THR W 132 -2.32 -23.42 -41.23
C THR W 132 -1.34 -23.39 -40.05
N ARG W 133 -0.19 -22.74 -40.22
CA ARG W 133 0.68 -22.44 -39.08
C ARG W 133 1.08 -20.97 -39.06
N LYS W 134 1.58 -20.54 -37.90
CA LYS W 134 2.27 -19.27 -37.76
C LYS W 134 3.70 -19.60 -37.44
N GLY W 135 4.62 -18.70 -37.75
CA GLY W 135 6.03 -18.94 -37.46
C GLY W 135 6.26 -19.05 -35.96
N MET W 136 7.48 -19.41 -35.58
CA MET W 136 7.81 -19.46 -34.16
C MET W 136 8.09 -18.06 -33.64
N GLY W 137 7.66 -17.78 -32.42
CA GLY W 137 7.87 -16.46 -31.83
C GLY W 137 6.82 -15.45 -32.20
N GLN W 138 5.60 -15.93 -32.42
CA GLN W 138 4.49 -15.10 -32.83
C GLN W 138 3.55 -14.73 -31.69
N ARG W 139 3.30 -13.44 -31.50
CA ARG W 139 2.31 -13.01 -30.52
C ARG W 139 0.91 -13.34 -31.03
N MET W 140 -0.04 -13.54 -30.11
CA MET W 140 -1.40 -13.88 -30.53
C MET W 140 -2.09 -12.74 -31.28
N GLY W 141 -2.74 -13.07 -32.38
CA GLY W 141 -3.43 -12.06 -33.17
C GLY W 141 -2.71 -11.69 -34.45
N GLY W 142 -3.21 -10.63 -35.10
CA GLY W 142 -2.64 -10.17 -36.34
C GLY W 142 -3.23 -10.81 -37.58
N GLY W 143 -3.83 -11.99 -37.44
CA GLY W 143 -4.47 -12.61 -38.56
C GLY W 143 -4.34 -14.10 -38.47
N LYS W 144 -4.94 -14.79 -39.43
CA LYS W 144 -4.72 -16.21 -39.54
C LYS W 144 -3.38 -16.43 -40.23
N GLY W 145 -2.75 -17.58 -40.00
CA GLY W 145 -1.41 -17.82 -40.53
C GLY W 145 -1.42 -18.29 -41.98
N ALA W 146 -0.41 -19.06 -42.37
CA ALA W 146 -0.25 -19.47 -43.78
C ALA W 146 -0.25 -21.00 -43.93
N ILE W 147 -0.38 -21.49 -45.16
CA ILE W 147 -0.74 -22.90 -45.39
C ILE W 147 0.45 -23.87 -45.43
N ASP W 148 0.54 -24.73 -44.42
CA ASP W 148 1.67 -25.62 -44.18
C ASP W 148 1.51 -27.08 -44.62
N HIS W 149 0.32 -27.45 -45.02
CA HIS W 149 -0.07 -28.82 -44.83
C HIS W 149 -1.26 -29.17 -45.73
N TYR W 150 -1.54 -30.45 -45.90
CA TYR W 150 -2.84 -30.87 -46.42
C TYR W 150 -3.23 -32.18 -45.81
N VAL W 151 -4.50 -32.31 -45.47
CA VAL W 151 -4.93 -33.46 -44.69
C VAL W 151 -6.30 -33.96 -45.16
N THR W 152 -6.54 -35.26 -45.00
CA THR W 152 -7.87 -35.83 -45.19
C THR W 152 -8.52 -36.19 -43.87
N PRO W 153 -9.72 -35.69 -43.61
CA PRO W 153 -10.41 -36.08 -42.39
C PRO W 153 -10.90 -37.51 -42.50
N VAL W 154 -10.81 -38.28 -41.42
CA VAL W 154 -11.25 -39.67 -41.42
C VAL W 154 -12.10 -39.92 -40.19
N LYS W 155 -13.34 -40.36 -40.39
CA LYS W 155 -14.21 -40.66 -39.26
C LYS W 155 -14.14 -42.13 -38.84
N ALA W 156 -14.31 -42.37 -37.54
CA ALA W 156 -14.35 -43.73 -37.02
C ALA W 156 -15.43 -44.58 -37.72
N GLY W 157 -15.03 -45.74 -38.24
CA GLY W 157 -15.96 -46.63 -38.91
C GLY W 157 -15.84 -46.61 -40.42
N ARG W 158 -14.75 -46.03 -40.92
CA ARG W 158 -14.52 -45.93 -42.34
C ARG W 158 -13.38 -46.85 -42.77
N LEU W 159 -13.43 -47.37 -43.99
CA LEU W 159 -12.35 -48.21 -44.51
C LEU W 159 -11.30 -47.39 -45.24
N ILE W 160 -10.04 -47.47 -44.84
CA ILE W 160 -9.02 -46.68 -45.49
C ILE W 160 -8.55 -47.29 -46.79
N VAL W 161 -8.21 -48.57 -46.76
CA VAL W 161 -7.65 -49.24 -47.92
C VAL W 161 -8.41 -50.53 -48.21
N GLU W 162 -8.74 -50.78 -49.47
CA GLU W 162 -9.48 -52.00 -49.79
C GLU W 162 -8.64 -52.95 -50.64
N MET W 163 -8.35 -54.14 -50.09
CA MET W 163 -7.52 -55.13 -50.76
C MET W 163 -8.31 -56.34 -51.25
N GLY W 164 -8.43 -56.50 -52.56
CA GLY W 164 -9.06 -57.68 -53.13
C GLY W 164 -8.00 -58.68 -53.55
N GLY W 165 -8.40 -59.93 -53.76
CA GLY W 165 -7.49 -60.95 -54.23
C GLY W 165 -7.89 -62.36 -53.85
N ARG W 166 -7.08 -63.32 -54.32
CA ARG W 166 -7.33 -64.73 -54.11
C ARG W 166 -6.59 -65.28 -52.88
N CYS W 167 -5.99 -64.38 -52.11
CA CYS W 167 -5.36 -64.77 -50.86
C CYS W 167 -6.37 -65.02 -49.73
N GLU W 168 -5.94 -65.78 -48.73
CA GLU W 168 -6.70 -65.92 -47.50
C GLU W 168 -6.46 -64.73 -46.56
N PHE W 169 -7.42 -64.48 -45.70
CA PHE W 169 -7.36 -63.32 -44.83
C PHE W 169 -6.11 -63.30 -43.96
N LYS W 170 -5.50 -64.46 -43.75
CA LYS W 170 -4.31 -64.55 -42.91
C LYS W 170 -3.11 -63.74 -43.41
N GLU W 171 -2.88 -63.74 -44.72
CA GLU W 171 -1.79 -62.96 -45.33
C GLU W 171 -1.92 -61.45 -45.17
N VAL W 172 -3.03 -60.97 -45.72
CA VAL W 172 -3.40 -59.58 -45.62
C VAL W 172 -3.37 -59.13 -44.16
N GLN W 173 -4.03 -59.88 -43.29
CA GLN W 173 -4.04 -59.58 -41.85
C GLN W 173 -2.63 -59.53 -41.29
N GLY W 174 -1.78 -60.39 -41.81
CA GLY W 174 -0.38 -60.39 -41.41
C GLY W 174 0.29 -59.06 -41.65
N PHE W 175 0.27 -58.57 -42.88
CA PHE W 175 0.97 -57.30 -43.12
C PHE W 175 0.09 -56.05 -43.03
N LEU W 176 -1.22 -56.20 -42.96
CA LEU W 176 -2.08 -55.03 -42.79
C LEU W 176 -1.95 -54.48 -41.38
N ASP W 177 -1.78 -55.39 -40.42
CA ASP W 177 -1.69 -54.99 -39.03
C ASP W 177 -0.55 -54.00 -38.79
N LEU W 178 0.47 -54.04 -39.63
CA LEU W 178 1.56 -53.07 -39.53
C LEU W 178 1.08 -51.67 -39.88
N VAL W 179 0.50 -51.53 -41.06
CA VAL W 179 -0.01 -50.23 -41.51
C VAL W 179 -1.11 -49.71 -40.58
N ALA W 180 -2.01 -50.58 -40.14
CA ALA W 180 -3.00 -50.20 -39.14
C ALA W 180 -2.31 -49.64 -37.89
N HIS W 181 -1.41 -50.44 -37.33
CA HIS W 181 -0.66 -50.05 -36.15
C HIS W 181 0.02 -48.70 -36.30
N LYS W 182 0.36 -48.32 -37.53
CA LYS W 182 1.10 -47.07 -37.74
C LYS W 182 0.28 -45.82 -38.06
N LEU W 183 -1.05 -45.94 -38.08
CA LEU W 183 -1.93 -44.82 -38.39
C LEU W 183 -2.17 -43.94 -37.15
N PRO W 184 -2.65 -42.70 -37.35
CA PRO W 184 -2.94 -41.80 -36.22
C PRO W 184 -3.98 -42.33 -35.22
N PHE W 185 -5.08 -42.85 -35.75
CA PHE W 185 -6.16 -43.42 -34.95
C PHE W 185 -5.90 -44.90 -34.70
N PRO W 186 -6.59 -45.49 -33.71
CA PRO W 186 -6.53 -46.95 -33.61
C PRO W 186 -7.25 -47.61 -34.79
N ALA W 187 -6.60 -48.59 -35.44
CA ALA W 187 -7.15 -49.20 -36.65
C ALA W 187 -6.96 -50.73 -36.67
N LYS W 188 -7.81 -51.41 -37.43
CA LYS W 188 -7.90 -52.87 -37.40
C LYS W 188 -7.78 -53.43 -38.82
N ALA W 189 -7.47 -54.71 -38.94
CA ALA W 189 -7.44 -55.35 -40.27
C ALA W 189 -8.63 -56.30 -40.41
N VAL W 190 -9.54 -56.04 -41.33
CA VAL W 190 -10.76 -56.85 -41.37
C VAL W 190 -11.19 -57.37 -42.74
N SER W 191 -12.10 -58.33 -42.72
CA SER W 191 -12.75 -58.82 -43.94
C SER W 191 -14.26 -58.75 -43.74
N ARG W 192 -15.02 -59.26 -44.70
CA ARG W 192 -16.47 -59.20 -44.63
C ARG W 192 -17.03 -60.07 -43.51
N GLU W 193 -16.51 -61.28 -43.40
CA GLU W 193 -16.93 -62.19 -42.34
C GLU W 193 -16.65 -61.60 -40.96
N THR W 194 -15.44 -61.11 -40.76
CA THR W 194 -15.03 -60.49 -39.50
C THR W 194 -15.95 -59.32 -39.14
N LEU W 195 -16.10 -58.41 -40.08
CA LEU W 195 -16.92 -57.22 -39.91
C LEU W 195 -18.35 -57.54 -39.50
N GLU W 196 -19.00 -58.39 -40.29
CA GLU W 196 -20.37 -58.78 -40.00
C GLU W 196 -20.51 -59.50 -38.66
N LYS W 197 -19.53 -60.34 -38.33
CA LYS W 197 -19.52 -61.02 -37.04
C LYS W 197 -19.51 -60.02 -35.88
N MET W 198 -18.58 -59.06 -35.94
CA MET W 198 -18.44 -58.11 -34.84
C MET W 198 -19.63 -57.15 -34.77
N ARG W 199 -20.29 -56.89 -35.90
CA ARG W 199 -21.49 -56.05 -35.87
C ARG W 199 -22.69 -56.79 -35.28
N LYS W 200 -22.88 -58.05 -35.66
CA LYS W 200 -23.96 -58.85 -35.08
C LYS W 200 -23.78 -59.00 -33.58
N ASP W 201 -22.52 -59.20 -33.16
CA ASP W 201 -22.21 -59.19 -31.74
C ASP W 201 -22.50 -57.82 -31.12
N GLN W 202 -22.24 -56.76 -31.89
CA GLN W 202 -22.41 -55.39 -31.39
C GLN W 202 -23.87 -55.06 -31.08
N GLU W 203 -24.79 -55.58 -31.89
CA GLU W 203 -26.21 -55.43 -31.52
C GLU W 203 -26.72 -56.51 -30.54
N GLU W 204 -26.06 -57.66 -30.52
CA GLU W 204 -26.38 -58.71 -29.57
C GLU W 204 -26.20 -58.21 -28.14
N ARG W 205 -25.11 -57.48 -27.93
CA ARG W 205 -24.87 -56.84 -26.64
C ARG W 205 -26.00 -55.91 -26.21
N GLU W 206 -26.57 -55.21 -27.18
CA GLU W 206 -27.58 -54.21 -26.89
C GLU W 206 -28.93 -54.87 -26.63
N ARG W 207 -29.15 -56.07 -27.18
CA ARG W 207 -30.34 -56.83 -26.81
C ARG W 207 -30.11 -57.79 -25.63
N ASN W 208 -28.86 -58.01 -25.25
CA ASN W 208 -28.55 -58.86 -24.10
C ASN W 208 -28.36 -58.08 -22.82
N ASN W 209 -28.39 -56.76 -22.94
CA ASN W 209 -27.99 -55.89 -21.85
C ASN W 209 -28.87 -56.10 -20.63
N GLN W 210 -28.27 -56.46 -19.51
CA GLN W 210 -29.05 -56.88 -18.36
C GLN W 210 -29.49 -55.74 -17.45
N ASN W 211 -28.84 -54.59 -17.54
CA ASN W 211 -29.23 -53.48 -16.69
C ASN W 211 -30.23 -52.58 -17.40
N PRO W 212 -31.29 -52.22 -16.70
CA PRO W 212 -32.43 -51.50 -17.29
C PRO W 212 -32.04 -50.17 -17.92
N TRP W 213 -30.87 -49.66 -17.58
CA TRP W 213 -30.50 -48.29 -17.93
C TRP W 213 -29.45 -48.20 -19.03
N THR W 214 -29.87 -47.71 -20.20
CA THR W 214 -28.94 -47.49 -21.29
C THR W 214 -28.87 -46.01 -21.56
N PHE W 215 -27.78 -45.58 -22.17
CA PHE W 215 -27.56 -44.17 -22.45
C PHE W 215 -28.68 -43.60 -23.31
N GLU W 216 -29.15 -44.36 -24.31
CA GLU W 216 -30.27 -43.90 -25.14
C GLU W 216 -31.48 -43.49 -24.32
N ARG W 217 -31.97 -44.39 -23.47
CA ARG W 217 -33.18 -44.15 -22.69
C ARG W 217 -33.09 -42.85 -21.88
N ILE W 218 -31.95 -42.64 -21.23
CA ILE W 218 -31.77 -41.49 -20.35
C ILE W 218 -31.63 -40.23 -21.18
N ALA W 219 -30.64 -40.16 -22.04
CA ALA W 219 -30.43 -38.98 -22.90
C ALA W 219 -31.68 -38.54 -23.69
N THR W 220 -32.48 -39.50 -24.14
CA THR W 220 -33.67 -39.16 -24.89
C THR W 220 -34.80 -38.70 -23.98
N ALA W 221 -34.90 -39.29 -22.78
CA ALA W 221 -35.96 -38.87 -21.87
C ALA W 221 -35.54 -37.69 -20.97
N ASN W 222 -34.34 -37.14 -21.21
CA ASN W 222 -33.81 -36.03 -20.44
C ASN W 222 -33.97 -36.24 -18.95
N MET W 223 -33.62 -37.43 -18.49
CA MET W 223 -33.78 -37.77 -17.09
C MET W 223 -32.68 -37.17 -16.26
N LEU W 224 -33.04 -36.74 -15.06
CA LEU W 224 -32.13 -36.09 -14.12
C LEU W 224 -31.58 -34.84 -14.76
N GLY W 225 -32.31 -34.30 -15.74
CA GLY W 225 -31.89 -33.11 -16.45
C GLY W 225 -30.49 -33.32 -17.01
N ILE W 226 -30.18 -34.57 -17.31
CA ILE W 226 -28.86 -34.95 -17.80
C ILE W 226 -28.48 -34.15 -19.05
N ARG W 227 -29.48 -33.73 -19.82
CA ARG W 227 -29.27 -32.99 -21.05
C ARG W 227 -28.53 -31.69 -20.82
N LYS W 228 -28.37 -31.29 -19.57
CA LYS W 228 -27.61 -30.08 -19.27
C LYS W 228 -26.11 -30.32 -19.36
N VAL W 229 -25.66 -31.52 -18.98
CA VAL W 229 -24.27 -31.87 -19.13
C VAL W 229 -23.94 -32.42 -20.55
N LEU W 230 -24.90 -33.04 -21.21
CA LEU W 230 -24.65 -33.58 -22.55
C LEU W 230 -24.63 -32.53 -23.65
N SER W 231 -23.98 -32.86 -24.77
CA SER W 231 -24.00 -32.01 -25.96
C SER W 231 -25.25 -32.30 -26.80
N PRO W 232 -25.56 -31.44 -27.77
CA PRO W 232 -26.66 -31.77 -28.69
C PRO W 232 -26.33 -32.94 -29.64
N TYR W 233 -25.05 -33.21 -29.87
CA TYR W 233 -24.65 -34.32 -30.73
C TYR W 233 -24.71 -35.62 -29.97
N ASP W 234 -24.94 -35.52 -28.66
CA ASP W 234 -24.92 -36.69 -27.81
C ASP W 234 -26.12 -37.59 -28.01
N LEU W 235 -27.24 -37.03 -28.46
CA LEU W 235 -28.41 -37.84 -28.72
C LEU W 235 -28.16 -38.85 -29.84
N THR W 236 -27.44 -38.41 -30.85
CA THR W 236 -27.14 -39.22 -32.02
C THR W 236 -26.04 -40.26 -31.78
N HIS W 237 -24.93 -39.82 -31.18
CA HIS W 237 -23.81 -40.70 -30.88
C HIS W 237 -24.21 -41.74 -29.85
N LYS W 238 -25.26 -41.45 -29.09
CA LYS W 238 -25.73 -42.35 -28.05
C LYS W 238 -24.63 -42.69 -27.06
N GLY W 239 -23.69 -41.76 -26.88
CA GLY W 239 -22.66 -41.89 -25.88
C GLY W 239 -21.58 -42.92 -26.17
N ARG W 240 -21.60 -43.47 -27.38
CA ARG W 240 -20.58 -44.42 -27.80
C ARG W 240 -19.31 -43.72 -28.29
N TYR W 241 -19.47 -42.61 -29.01
CA TYR W 241 -18.36 -41.74 -29.44
C TYR W 241 -18.20 -40.62 -28.44
N TRP W 242 -16.97 -40.29 -28.09
CA TRP W 242 -16.73 -39.10 -27.27
C TRP W 242 -15.58 -38.28 -27.81
N GLY W 243 -15.87 -37.08 -28.32
CA GLY W 243 -14.86 -36.32 -29.03
C GLY W 243 -14.35 -37.13 -30.20
N LYS W 244 -13.04 -37.16 -30.39
CA LYS W 244 -12.44 -37.84 -31.55
C LYS W 244 -12.44 -39.37 -31.40
N PHE W 245 -12.33 -39.83 -30.16
CA PHE W 245 -12.24 -41.25 -29.79
C PHE W 245 -13.53 -42.02 -29.94
N TYR W 246 -13.41 -43.33 -30.16
CA TYR W 246 -14.55 -44.21 -30.26
C TYR W 246 -14.36 -45.42 -29.36
N THR W 247 -15.38 -45.74 -28.58
CA THR W 247 -15.31 -46.90 -27.68
C THR W 247 -16.27 -47.99 -28.14
N PRO W 248 -15.73 -49.12 -28.59
CA PRO W 248 -16.57 -50.20 -29.14
C PRO W 248 -17.39 -50.96 -28.09
N GLU W 249 -17.00 -50.88 -26.82
CA GLU W 249 -17.61 -51.65 -25.73
C GLU W 249 -18.75 -50.97 -25.01
N ARG W 250 -19.20 -49.86 -25.58
CA ARG W 250 -20.11 -48.96 -24.91
C ARG W 250 -21.60 -49.31 -25.12
N VAL W 251 -21.87 -50.47 -25.73
CA VAL W 251 -23.23 -50.97 -26.00
C VAL W 251 -23.85 -50.33 -27.24
N ILE X 9 44.23 -18.33 21.29
CA ILE X 9 43.78 -18.65 22.64
C ILE X 9 44.85 -18.30 23.70
N SER X 10 44.41 -18.19 24.94
CA SER X 10 45.23 -17.64 26.01
C SER X 10 46.21 -18.63 26.66
N HIS X 11 46.23 -19.90 26.22
CA HIS X 11 46.86 -20.97 27.01
C HIS X 11 48.27 -20.70 27.50
N GLY X 12 48.50 -20.88 28.79
CA GLY X 12 49.83 -20.75 29.35
C GLY X 12 50.48 -19.39 29.15
N ARG X 13 49.87 -18.33 29.66
CA ARG X 13 50.48 -17.00 29.58
C ARG X 13 50.49 -16.29 30.92
N VAL X 14 51.66 -15.84 31.35
CA VAL X 14 51.79 -15.33 32.71
C VAL X 14 51.67 -13.81 32.85
N PHE X 15 51.31 -13.11 31.76
CA PHE X 15 51.21 -11.65 31.81
C PHE X 15 49.86 -11.08 31.39
N ARG X 16 49.32 -10.14 32.17
CA ARG X 16 48.13 -9.43 31.70
C ARG X 16 48.51 -8.37 30.67
N ARG X 17 47.54 -7.96 29.86
CA ARG X 17 47.73 -6.78 29.02
C ARG X 17 47.07 -5.58 29.65
N LEU X 18 47.88 -4.62 30.08
CA LEU X 18 47.39 -3.46 30.80
C LEU X 18 47.92 -2.19 30.16
N GLY X 19 47.07 -1.18 30.03
CA GLY X 19 47.48 0.07 29.43
C GLY X 19 47.57 -0.01 27.92
N LEU X 20 48.16 1.03 27.32
CA LEU X 20 48.08 1.23 25.88
C LEU X 20 48.88 0.23 25.04
N GLY X 21 49.59 -0.68 25.69
CA GLY X 21 50.33 -1.73 24.99
C GLY X 21 51.34 -2.35 25.93
N PRO X 22 52.34 -3.07 25.39
CA PRO X 22 53.44 -3.64 26.19
C PRO X 22 54.31 -2.59 26.88
N GLU X 23 54.67 -1.53 26.14
CA GLU X 23 55.42 -0.43 26.72
C GLU X 23 54.66 0.26 27.82
N SER X 24 53.40 0.58 27.55
CA SER X 24 52.55 1.22 28.53
C SER X 24 52.46 0.36 29.77
N ARG X 25 52.53 -0.95 29.58
CA ARG X 25 52.41 -1.89 30.67
C ARG X 25 53.63 -1.81 31.57
N ILE X 26 54.81 -1.85 30.94
CA ILE X 26 56.06 -1.69 31.67
C ILE X 26 56.12 -0.37 32.44
N HIS X 27 55.59 0.69 31.85
CA HIS X 27 55.66 1.99 32.51
C HIS X 27 54.65 2.15 33.62
N LEU X 28 53.51 1.47 33.49
CA LEU X 28 52.54 1.40 34.58
C LEU X 28 53.15 0.72 35.80
N LEU X 29 53.79 -0.41 35.56
CA LEU X 29 54.52 -1.10 36.61
C LEU X 29 55.66 -0.25 37.17
N GLN X 30 56.31 0.54 36.32
CA GLN X 30 57.36 1.44 36.77
C GLN X 30 56.84 2.41 37.82
N ASN X 31 55.77 3.12 37.46
CA ASN X 31 55.15 4.02 38.42
C ASN X 31 54.81 3.32 39.70
N LEU X 32 54.08 2.21 39.60
CA LEU X 32 53.67 1.51 40.81
C LEU X 32 54.85 1.12 41.68
N LEU X 33 55.95 0.72 41.05
CA LEU X 33 57.10 0.21 41.79
C LEU X 33 57.82 1.33 42.50
N THR X 34 57.94 2.47 41.82
CA THR X 34 58.44 3.67 42.46
C THR X 34 57.58 4.02 43.68
N GLY X 35 56.27 4.04 43.50
CA GLY X 35 55.36 4.30 44.60
C GLY X 35 55.60 3.35 45.77
N LEU X 36 55.81 2.07 45.46
CA LEU X 36 55.93 1.04 46.49
C LEU X 36 57.25 1.14 47.25
N VAL X 37 58.32 1.44 46.54
CA VAL X 37 59.62 1.57 47.17
C VAL X 37 59.73 2.88 47.93
N ARG X 38 58.95 3.87 47.52
CA ARG X 38 58.95 5.13 48.26
C ARG X 38 58.11 5.04 49.52
N HIS X 39 56.81 4.78 49.36
CA HIS X 39 55.87 4.85 50.46
C HIS X 39 55.70 3.55 51.26
N GLU X 40 56.31 2.48 50.77
CA GLU X 40 56.36 1.18 51.46
C GLU X 40 55.02 0.47 51.58
N ARG X 41 53.91 1.19 51.37
CA ARG X 41 52.63 0.51 51.12
C ARG X 41 51.75 1.34 50.18
N ILE X 42 51.18 0.70 49.17
CA ILE X 42 50.22 1.39 48.30
C ILE X 42 48.95 0.58 48.05
N GLU X 43 47.89 1.30 47.71
CA GLU X 43 46.59 0.72 47.48
C GLU X 43 46.21 0.97 46.02
N ALA X 44 46.17 -0.08 45.22
CA ALA X 44 45.93 0.08 43.79
C ALA X 44 44.96 -0.96 43.29
N SER X 45 44.70 -0.98 41.98
CA SER X 45 43.74 -1.93 41.43
C SER X 45 44.23 -3.36 41.56
N TRP X 46 43.34 -4.28 41.90
CA TRP X 46 43.71 -5.66 42.21
C TRP X 46 44.49 -6.34 41.09
N ALA X 47 44.06 -6.15 39.85
CA ALA X 47 44.78 -6.71 38.72
C ALA X 47 46.21 -6.20 38.75
N ARG X 48 46.35 -4.88 38.86
CA ARG X 48 47.67 -4.25 38.82
C ARG X 48 48.53 -4.47 40.05
N VAL X 49 47.93 -4.54 41.24
CA VAL X 49 48.72 -4.89 42.40
C VAL X 49 49.27 -6.30 42.21
N ASP X 50 48.39 -7.22 41.87
CA ASP X 50 48.79 -8.62 41.69
C ASP X 50 49.84 -8.76 40.60
N GLU X 51 49.79 -7.87 39.63
CA GLU X 51 50.80 -7.88 38.56
C GLU X 51 52.15 -7.40 39.08
N LEU X 52 52.12 -6.24 39.73
CA LEU X 52 53.29 -5.65 40.37
C LEU X 52 53.99 -6.59 41.34
N ARG X 53 53.24 -7.52 41.92
CA ARG X 53 53.78 -8.41 42.94
C ARG X 53 55.10 -9.04 42.56
N GLY X 54 55.11 -9.79 41.46
CA GLY X 54 56.33 -10.42 40.97
C GLY X 54 57.54 -9.49 40.86
N TYR X 55 57.36 -8.34 40.21
CA TYR X 55 58.47 -7.39 40.03
C TYR X 55 58.94 -6.81 41.35
N ALA X 56 58.01 -6.60 42.27
CA ALA X 56 58.34 -6.04 43.58
C ALA X 56 59.16 -7.04 44.35
N GLU X 57 58.84 -8.31 44.17
CA GLU X 57 59.63 -9.40 44.73
C GLU X 57 61.05 -9.45 44.20
N LYS X 58 61.20 -9.55 42.88
CA LYS X 58 62.54 -9.72 42.32
C LYS X 58 63.39 -8.45 42.38
N LEU X 59 62.79 -7.28 42.51
CA LEU X 59 63.58 -6.06 42.61
C LEU X 59 64.39 -6.09 43.91
N ILE X 60 63.81 -6.70 44.93
CA ILE X 60 64.49 -6.88 46.21
C ILE X 60 65.59 -7.93 46.10
N ASP X 61 65.48 -8.79 45.10
CA ASP X 61 66.48 -9.82 44.90
C ASP X 61 67.73 -9.28 44.21
N TYR X 62 67.59 -8.13 43.57
CA TYR X 62 68.74 -7.40 43.03
C TYR X 62 69.42 -6.59 44.12
N GLY X 63 68.62 -6.09 45.06
CA GLY X 63 69.15 -5.39 46.22
C GLY X 63 70.14 -6.27 46.98
N LYS X 64 69.84 -7.57 47.04
CA LYS X 64 70.71 -8.52 47.74
C LYS X 64 71.99 -8.80 46.98
N LEU X 65 72.00 -8.52 45.68
CA LEU X 65 73.15 -8.84 44.84
C LEU X 65 74.32 -7.92 45.11
N GLY X 66 74.10 -6.90 45.93
CA GLY X 66 75.17 -6.02 46.33
C GLY X 66 75.13 -4.74 45.54
N ASP X 67 75.71 -3.71 46.14
CA ASP X 67 75.71 -2.37 45.56
C ASP X 67 76.65 -2.29 44.37
N THR X 68 77.67 -3.14 44.39
CA THR X 68 78.75 -3.10 43.42
C THR X 68 78.41 -3.77 42.08
N ASN X 69 77.47 -4.70 42.09
CA ASN X 69 77.10 -5.40 40.85
C ASN X 69 76.52 -4.43 39.83
N GLU X 70 77.05 -4.43 38.62
CA GLU X 70 76.63 -3.46 37.61
C GLU X 70 75.28 -3.80 37.01
N ARG X 71 75.08 -5.09 36.73
CA ARG X 71 73.84 -5.57 36.16
C ARG X 71 72.66 -5.26 37.07
N ALA X 72 72.90 -5.20 38.38
CA ALA X 72 71.86 -4.83 39.33
C ALA X 72 71.66 -3.32 39.35
N MET X 73 72.73 -2.58 39.11
CA MET X 73 72.68 -1.12 39.17
C MET X 73 71.91 -0.53 38.00
N ARG X 74 72.20 -0.98 36.78
CA ARG X 74 71.45 -0.47 35.63
C ARG X 74 70.01 -0.99 35.65
N MET X 75 69.76 -2.03 36.44
CA MET X 75 68.41 -2.55 36.63
C MET X 75 67.61 -1.63 37.56
N ALA X 76 68.25 -1.23 38.65
CA ALA X 76 67.69 -0.30 39.60
C ALA X 76 67.47 1.06 38.95
N ASP X 77 68.19 1.34 37.88
CA ASP X 77 68.05 2.62 37.19
C ASP X 77 66.76 2.65 36.40
N PHE X 78 66.54 1.63 35.59
CA PHE X 78 65.29 1.52 34.84
C PHE X 78 64.10 1.49 35.79
N TRP X 79 64.12 0.57 36.75
CA TRP X 79 62.93 0.31 37.55
C TRP X 79 62.60 1.28 38.67
N LEU X 80 63.58 2.02 39.20
CA LEU X 80 63.25 3.04 40.17
C LEU X 80 63.35 4.39 39.54
N THR X 81 62.23 5.05 39.33
CA THR X 81 62.29 6.33 38.66
C THR X 81 62.88 7.43 39.52
N GLU X 82 62.34 7.63 40.73
CA GLU X 82 62.88 8.67 41.61
C GLU X 82 64.25 8.24 42.07
N LYS X 83 65.25 9.08 41.85
CA LYS X 83 66.63 8.63 42.02
C LYS X 83 67.04 8.44 43.47
N ASP X 84 66.49 9.26 44.37
CA ASP X 84 66.72 9.09 45.79
C ASP X 84 66.46 7.65 46.24
N LEU X 85 65.39 7.07 45.72
CA LEU X 85 65.00 5.72 46.11
C LEU X 85 66.09 4.65 45.95
N ILE X 86 67.02 4.86 45.02
CA ILE X 86 68.01 3.81 44.75
C ILE X 86 68.94 3.50 45.95
N PRO X 87 69.52 4.54 46.58
CA PRO X 87 70.17 4.24 47.84
C PRO X 87 69.20 3.66 48.87
N LYS X 88 67.94 4.06 48.83
CA LYS X 88 66.99 3.44 49.75
C LYS X 88 66.84 1.96 49.44
N LEU X 89 66.92 1.61 48.15
CA LEU X 89 66.79 0.21 47.79
C LEU X 89 67.94 -0.60 48.34
N PHE X 90 69.16 -0.12 48.11
CA PHE X 90 70.33 -0.89 48.52
C PHE X 90 70.66 -0.85 50.00
N GLN X 91 70.71 0.35 50.58
CA GLN X 91 71.14 0.49 51.96
C GLN X 91 70.05 0.23 52.99
N VAL X 92 68.79 0.46 52.63
CA VAL X 92 67.69 0.29 53.58
C VAL X 92 66.89 -0.98 53.36
N LEU X 93 66.26 -1.07 52.20
CA LEU X 93 65.24 -2.09 51.92
C LEU X 93 65.81 -3.49 51.69
N ALA X 94 66.99 -3.57 51.08
CA ALA X 94 67.65 -4.85 50.89
C ALA X 94 68.17 -5.49 52.19
N PRO X 95 68.89 -4.72 53.03
CA PRO X 95 69.50 -5.40 54.19
C PRO X 95 68.51 -5.96 55.22
N ARG X 96 67.31 -5.42 55.31
CA ARG X 96 66.36 -5.90 56.33
C ARG X 96 65.63 -7.15 55.86
N PHE X 97 65.86 -7.55 54.61
CA PHE X 97 65.54 -8.90 54.17
C PHE X 97 66.82 -9.68 54.01
N GLN X 98 67.07 -10.62 54.90
CA GLN X 98 68.26 -11.44 54.76
C GLN X 98 67.91 -12.92 54.88
N GLY X 99 67.45 -13.31 56.06
CA GLY X 99 67.08 -14.68 56.31
C GLY X 99 65.93 -15.09 55.40
N GLN X 100 64.94 -14.21 55.28
CA GLN X 100 63.73 -14.58 54.57
C GLN X 100 63.93 -14.62 53.06
N ASN X 101 63.74 -15.82 52.50
CA ASN X 101 63.85 -16.05 51.07
C ASN X 101 62.84 -15.31 50.20
N GLY X 102 61.57 -15.69 50.30
CA GLY X 102 60.53 -15.09 49.48
C GLY X 102 59.49 -14.23 50.16
N GLY X 103 59.70 -13.90 51.44
CA GLY X 103 58.62 -13.45 52.29
C GLY X 103 58.29 -11.96 52.31
N TYR X 104 58.60 -11.26 51.22
CA TYR X 104 58.61 -9.81 51.22
C TYR X 104 57.25 -9.13 51.29
N THR X 105 56.41 -9.44 50.31
CA THR X 105 55.19 -8.67 50.09
C THR X 105 53.92 -9.28 50.69
N ARG X 106 53.17 -8.47 51.44
CA ARG X 106 51.80 -8.81 51.79
C ARG X 106 50.85 -8.15 50.79
N MET X 107 50.01 -8.97 50.18
CA MET X 107 48.96 -8.46 49.29
C MET X 107 47.60 -8.88 49.83
N LEU X 108 46.74 -7.90 50.06
CA LEU X 108 45.42 -8.21 50.59
C LEU X 108 44.35 -7.42 49.86
N GLN X 109 43.12 -7.92 49.86
CA GLN X 109 42.05 -7.23 49.15
C GLN X 109 41.23 -6.29 50.04
N ILE X 110 41.09 -5.05 49.57
CA ILE X 110 40.34 -3.98 50.24
C ILE X 110 38.86 -4.00 49.79
N PRO X 111 37.94 -3.37 50.55
CA PRO X 111 36.61 -3.17 49.96
C PRO X 111 36.69 -2.37 48.65
N ASN X 112 35.80 -2.68 47.71
CA ASN X 112 35.83 -2.01 46.40
C ASN X 112 35.73 -0.50 46.52
N ARG X 113 36.34 0.21 45.58
CA ARG X 113 36.45 1.67 45.65
C ARG X 113 35.07 2.35 45.79
N ASN X 114 35.05 3.51 46.44
CA ASN X 114 33.81 4.24 46.75
C ASN X 114 33.30 5.15 45.64
N GLU X 115 34.12 5.36 44.62
CA GLU X 115 33.74 6.16 43.46
C GLU X 115 32.79 5.40 42.54
N GLN X 116 32.07 6.11 41.66
CA GLN X 116 31.10 5.48 40.77
C GLN X 116 31.72 4.39 39.91
N ASP X 117 33.03 4.42 39.75
CA ASP X 117 33.72 3.40 39.01
C ASP X 117 33.57 2.01 39.64
N ARG X 118 33.75 1.93 40.96
CA ARG X 118 33.70 0.67 41.71
C ARG X 118 34.62 -0.40 41.19
N ALA X 119 35.94 -0.15 41.25
CA ALA X 119 36.92 -1.16 40.87
C ALA X 119 37.10 -2.18 41.98
N LYS X 120 38.00 -3.15 41.76
CA LYS X 120 38.34 -4.13 42.80
C LYS X 120 39.77 -3.89 43.27
N MET X 121 39.96 -3.55 44.53
CA MET X 121 41.25 -2.98 44.95
C MET X 121 42.03 -3.83 45.95
N ALA X 122 43.34 -3.63 45.98
CA ALA X 122 44.20 -4.34 46.90
C ALA X 122 45.23 -3.43 47.49
N VAL X 123 45.69 -3.74 48.70
CA VAL X 123 46.84 -3.05 49.22
C VAL X 123 48.02 -4.02 49.20
N ILE X 124 49.17 -3.46 48.83
CA ILE X 124 50.43 -4.19 48.74
C ILE X 124 51.46 -3.49 49.61
N GLU X 125 52.22 -4.28 50.36
CA GLU X 125 53.08 -3.73 51.40
C GLU X 125 54.33 -4.59 51.63
N TYR X 126 55.43 -3.92 51.95
CA TYR X 126 56.66 -4.62 52.31
C TYR X 126 56.64 -5.00 53.78
N LYS X 127 57.17 -6.17 54.11
CA LYS X 127 57.20 -6.57 55.51
C LYS X 127 58.18 -5.71 56.31
N GLY X 128 57.74 -5.20 57.46
CA GLY X 128 58.63 -4.51 58.36
C GLY X 128 58.69 -3.00 58.18
N ASN X 129 57.87 -2.48 57.28
CA ASN X 129 57.75 -1.04 57.10
C ASN X 129 57.29 -0.41 58.41
N CYS X 130 57.62 0.85 58.65
CA CYS X 130 57.08 1.44 59.85
C CYS X 130 55.85 2.24 59.45
N LEU X 131 54.72 1.58 59.65
CA LEU X 131 53.41 2.12 59.41
C LEU X 131 52.51 1.37 60.35
N PRO X 132 51.34 1.93 60.68
CA PRO X 132 50.37 1.17 61.47
C PRO X 132 50.16 -0.23 60.88
N PRO X 133 50.11 -1.26 61.72
CA PRO X 133 49.85 -2.62 61.25
C PRO X 133 48.49 -2.77 60.56
N LEU X 134 48.48 -3.32 59.35
CA LEU X 134 47.25 -3.63 58.60
C LEU X 134 46.36 -4.64 59.33
N PRO X 135 45.02 -4.40 59.38
CA PRO X 135 44.14 -5.24 60.19
C PRO X 135 43.97 -6.64 59.61
N LEU X 136 45.04 -7.43 59.68
CA LEU X 136 45.13 -8.74 59.07
C LEU X 136 44.02 -9.68 59.53
N PRO X 137 43.68 -10.67 58.69
CA PRO X 137 42.73 -11.70 59.12
C PRO X 137 43.27 -12.52 60.29
N ARG X 138 42.47 -12.66 61.34
CA ARG X 138 42.88 -13.45 62.50
C ARG X 138 42.49 -14.92 62.35
N ARG X 139 43.38 -15.80 62.80
CA ARG X 139 43.09 -17.22 62.90
C ARG X 139 42.27 -17.50 64.17
N ASP X 140 41.32 -18.42 64.11
CA ASP X 140 40.54 -18.79 65.30
C ASP X 140 41.48 -19.31 66.39
N SER X 141 41.32 -18.85 67.63
CA SER X 141 42.25 -19.22 68.71
C SER X 141 42.04 -20.68 69.13
N ASN X 142 42.87 -21.17 70.05
CA ASN X 142 42.87 -22.60 70.33
C ASN X 142 41.89 -23.06 71.39
N LEU X 143 41.20 -22.11 72.00
CA LEU X 143 40.24 -22.44 73.04
C LEU X 143 38.88 -22.72 72.38
N THR X 144 38.80 -22.46 71.08
CA THR X 144 37.61 -22.74 70.27
C THR X 144 37.19 -24.19 70.38
N LEU X 145 35.89 -24.42 70.50
CA LEU X 145 35.34 -25.77 70.72
C LEU X 145 35.94 -26.83 69.78
N LEU X 146 36.04 -26.50 68.50
CA LEU X 146 36.61 -27.42 67.50
C LEU X 146 38.12 -27.62 67.64
N ASN X 147 38.85 -26.52 67.76
CA ASN X 147 40.29 -26.62 67.95
C ASN X 147 40.65 -27.27 69.29
N GLN X 148 39.90 -26.93 70.32
CA GLN X 148 40.05 -27.56 71.63
C GLN X 148 39.77 -29.05 71.51
N LEU X 149 38.87 -29.40 70.60
CA LEU X 149 38.52 -30.79 70.34
C LEU X 149 39.63 -31.53 69.59
N LEU X 150 40.44 -30.82 68.83
CA LEU X 150 41.54 -31.46 68.11
C LEU X 150 42.77 -31.75 69.01
N GLN X 151 42.96 -30.92 70.02
CA GLN X 151 44.06 -31.09 70.97
C GLN X 151 44.05 -32.47 71.61
N GLY X 152 42.85 -32.94 71.97
CA GLY X 152 42.69 -34.29 72.49
C GLY X 152 43.27 -35.33 71.54
N LEU X 153 42.94 -35.19 70.25
CA LEU X 153 43.42 -36.13 69.25
C LEU X 153 44.94 -36.11 69.17
N ARG X 154 45.50 -34.91 69.20
CA ARG X 154 46.95 -34.76 69.19
C ARG X 154 47.66 -35.44 70.37
N GLN X 155 47.16 -35.17 71.58
CA GLN X 155 47.71 -35.77 72.80
C GLN X 155 47.55 -37.28 72.83
N ASP X 156 46.51 -37.80 72.18
CA ASP X 156 46.32 -39.24 72.10
C ASP X 156 47.29 -39.87 71.09
N GLN X 157 47.60 -39.14 70.03
CA GLN X 157 48.63 -39.58 69.09
C GLN X 157 50.02 -39.54 69.70
N GLU X 158 50.21 -38.64 70.66
CA GLU X 158 51.43 -38.58 71.46
C GLU X 158 51.50 -39.69 72.50
N ALA X 159 50.34 -40.06 73.05
CA ALA X 159 50.26 -41.09 74.08
C ALA X 159 50.43 -42.49 73.50
N SER X 160 50.01 -42.66 72.25
CA SER X 160 50.17 -43.95 71.56
C SER X 160 51.60 -44.19 71.06
N SER X 161 52.32 -43.11 70.79
CA SER X 161 53.71 -43.20 70.33
C SER X 161 54.70 -43.34 71.49
N PRO Y 38 -99.09 7.27 -34.55
CA PRO Y 38 -99.27 7.74 -35.93
C PRO Y 38 -99.85 6.67 -36.85
N VAL Y 39 -98.97 5.84 -37.43
CA VAL Y 39 -99.36 4.66 -38.18
C VAL Y 39 -98.68 3.44 -37.54
N GLU Y 40 -99.33 2.28 -37.61
CA GLU Y 40 -98.72 1.06 -37.08
C GLU Y 40 -97.50 0.64 -37.90
N ASN Y 41 -97.39 1.19 -39.11
CA ASN Y 41 -96.26 0.90 -39.97
C ASN Y 41 -95.13 1.92 -39.82
N GLU Y 42 -95.34 2.91 -38.96
CA GLU Y 42 -94.43 4.05 -38.82
C GLU Y 42 -92.99 3.65 -38.50
N ALA Y 43 -92.83 2.60 -37.70
CA ALA Y 43 -91.52 2.15 -37.24
C ALA Y 43 -90.63 1.68 -38.38
N VAL Y 44 -89.35 2.01 -38.28
CA VAL Y 44 -88.35 1.82 -39.34
C VAL Y 44 -87.15 1.06 -38.80
N ALA Y 45 -86.59 1.57 -37.71
CA ALA Y 45 -85.40 1.09 -36.98
C ALA Y 45 -84.08 1.62 -37.58
N PRO Y 46 -83.06 1.82 -36.71
CA PRO Y 46 -81.86 2.61 -37.03
C PRO Y 46 -80.96 2.07 -38.15
N GLU Y 47 -80.56 0.81 -38.09
CA GLU Y 47 -79.61 0.29 -39.07
C GLU Y 47 -80.26 -0.70 -40.02
N PHE Y 48 -80.26 -0.33 -41.31
CA PHE Y 48 -80.97 -1.09 -42.32
C PHE Y 48 -80.16 -2.23 -42.92
N THR Y 49 -80.76 -3.40 -42.96
CA THR Y 49 -80.12 -4.55 -43.57
C THR Y 49 -80.45 -4.61 -45.05
N ASN Y 50 -79.41 -4.52 -45.87
CA ASN Y 50 -79.57 -4.78 -47.29
C ASN Y 50 -78.91 -6.11 -47.63
N ARG Y 51 -79.73 -7.12 -47.86
CA ARG Y 51 -79.24 -8.49 -47.79
C ARG Y 51 -78.62 -9.02 -49.09
N ASN Y 52 -78.82 -8.33 -50.22
CA ASN Y 52 -78.31 -8.87 -51.49
C ASN Y 52 -76.84 -8.54 -51.73
N PRO Y 53 -76.07 -9.53 -52.22
CA PRO Y 53 -74.63 -9.39 -52.45
C PRO Y 53 -74.30 -8.47 -53.63
N ARG Y 54 -75.28 -8.21 -54.46
CA ARG Y 54 -75.11 -7.38 -55.65
C ARG Y 54 -75.01 -5.87 -55.33
N ASN Y 55 -75.62 -5.50 -54.20
CA ASN Y 55 -75.80 -4.11 -53.79
C ASN Y 55 -74.53 -3.26 -53.73
N LEU Y 56 -73.64 -3.54 -52.78
CA LEU Y 56 -72.46 -2.72 -52.57
C LEU Y 56 -71.62 -2.55 -53.84
N GLU Y 57 -71.54 -3.62 -54.62
CA GLU Y 57 -70.85 -3.59 -55.90
C GLU Y 57 -71.50 -2.58 -56.84
N LEU Y 58 -72.81 -2.65 -56.94
CA LEU Y 58 -73.51 -1.72 -57.82
C LEU Y 58 -73.41 -0.27 -57.35
N LEU Y 59 -73.23 -0.10 -56.04
CA LEU Y 59 -73.07 1.23 -55.48
C LEU Y 59 -71.67 1.79 -55.72
N ALA Y 60 -70.74 0.90 -56.08
CA ALA Y 60 -69.32 1.21 -56.31
C ALA Y 60 -68.56 1.40 -54.99
N VAL Y 61 -69.25 1.26 -53.87
CA VAL Y 61 -68.62 1.46 -52.56
C VAL Y 61 -68.08 0.15 -51.97
N ALA Y 62 -68.21 -0.94 -52.73
CA ALA Y 62 -67.76 -2.25 -52.29
C ALA Y 62 -66.24 -2.37 -52.27
N ARG Y 63 -65.76 -3.57 -51.95
CA ARG Y 63 -64.34 -3.90 -51.96
C ARG Y 63 -63.90 -4.50 -53.30
N LYS Y 64 -62.69 -4.20 -53.74
CA LYS Y 64 -62.02 -5.07 -54.70
C LYS Y 64 -60.88 -5.70 -53.91
N GLU Y 65 -60.10 -6.59 -54.52
CA GLU Y 65 -58.88 -6.96 -53.83
C GLU Y 65 -57.73 -6.25 -54.49
N ARG Y 66 -57.29 -5.15 -53.88
CA ARG Y 66 -56.09 -4.50 -54.35
C ARG Y 66 -55.02 -5.36 -53.76
N GLY Y 67 -54.12 -5.89 -54.58
CA GLY Y 67 -53.13 -6.81 -54.05
C GLY Y 67 -52.47 -7.64 -55.11
N TRP Y 68 -51.93 -8.78 -54.69
CA TRP Y 68 -51.06 -9.60 -55.53
C TRP Y 68 -49.99 -8.68 -56.13
N GLY Y 69 -49.72 -8.78 -57.41
CA GLY Y 69 -48.79 -7.83 -57.98
C GLY Y 69 -47.37 -8.34 -58.08
N THR Y 70 -47.14 -9.56 -57.61
CA THR Y 70 -46.01 -10.32 -58.13
C THR Y 70 -46.55 -11.33 -59.14
N VAL Y 71 -47.86 -11.39 -59.25
CA VAL Y 71 -48.51 -12.41 -60.05
C VAL Y 71 -49.31 -11.74 -61.15
N TRP Y 72 -49.96 -12.54 -61.98
CA TRP Y 72 -50.72 -12.03 -63.11
C TRP Y 72 -51.90 -12.95 -63.38
N PRO Y 73 -53.05 -12.40 -63.81
CA PRO Y 73 -53.33 -10.99 -64.02
C PRO Y 73 -53.70 -10.27 -62.73
N SER Y 74 -53.92 -8.96 -62.81
CA SER Y 74 -54.37 -8.21 -61.64
C SER Y 74 -55.72 -8.72 -61.19
N ARG Y 75 -55.83 -9.07 -59.92
CA ARG Y 75 -57.05 -9.65 -59.40
C ARG Y 75 -58.00 -8.61 -58.83
N GLU Y 76 -57.70 -7.34 -59.07
CA GLU Y 76 -58.57 -6.27 -58.61
C GLU Y 76 -59.67 -6.00 -59.65
N PHE Y 77 -60.90 -6.35 -59.29
CA PHE Y 77 -62.08 -6.18 -60.15
C PHE Y 77 -63.34 -6.69 -59.45
N TRP Y 78 -64.52 -6.21 -59.84
CA TRP Y 78 -65.74 -6.92 -59.45
C TRP Y 78 -66.07 -8.02 -60.45
N HIS Y 79 -65.90 -7.70 -61.72
CA HIS Y 79 -66.18 -8.66 -62.78
C HIS Y 79 -65.07 -8.72 -63.81
N ARG Y 80 -64.56 -9.92 -64.03
CA ARG Y 80 -63.48 -10.10 -64.99
C ARG Y 80 -63.93 -10.88 -66.25
N LEU Y 81 -63.86 -10.24 -67.41
CA LEU Y 81 -64.08 -10.93 -68.68
C LEU Y 81 -62.91 -11.86 -68.96
N ARG Y 82 -63.21 -13.12 -69.26
CA ARG Y 82 -62.19 -14.15 -69.47
C ARG Y 82 -62.42 -14.79 -70.84
N VAL Y 83 -61.43 -14.76 -71.73
CA VAL Y 83 -61.63 -15.40 -73.03
C VAL Y 83 -60.64 -16.53 -73.29
N ILE Y 84 -61.16 -17.76 -73.29
CA ILE Y 84 -60.33 -18.93 -73.55
C ILE Y 84 -60.47 -19.35 -75.01
N ARG Y 85 -59.35 -19.33 -75.71
CA ARG Y 85 -59.29 -19.80 -77.09
C ARG Y 85 -58.68 -21.18 -77.16
N THR Y 86 -59.52 -22.18 -77.36
CA THR Y 86 -59.08 -23.54 -77.60
C THR Y 86 -58.73 -23.69 -79.07
N GLN Y 87 -57.89 -24.66 -79.42
CA GLN Y 87 -57.67 -24.99 -80.82
C GLN Y 87 -58.97 -25.28 -81.59
N HIS Y 88 -60.04 -25.64 -80.88
CA HIS Y 88 -61.34 -25.85 -81.52
C HIS Y 88 -62.33 -24.73 -81.25
N HIS Y 89 -62.75 -24.62 -80.00
CA HIS Y 89 -63.85 -23.72 -79.64
C HIS Y 89 -63.42 -22.41 -78.99
N ILE Y 90 -64.17 -21.36 -79.27
CA ILE Y 90 -64.01 -20.09 -78.58
C ILE Y 90 -64.98 -20.01 -77.41
N GLU Y 91 -64.43 -19.82 -76.21
CA GLU Y 91 -65.30 -19.67 -75.05
C GLU Y 91 -65.07 -18.34 -74.34
N ALA Y 92 -66.16 -17.66 -73.99
CA ALA Y 92 -66.06 -16.40 -73.27
C ALA Y 92 -66.88 -16.44 -71.98
N LEU Y 93 -66.23 -16.12 -70.87
CA LEU Y 93 -66.89 -16.12 -69.57
C LEU Y 93 -66.83 -14.74 -68.93
N VAL Y 94 -67.69 -14.54 -67.94
CA VAL Y 94 -67.55 -13.43 -67.01
C VAL Y 94 -67.46 -14.03 -65.61
N GLU Y 95 -66.46 -13.61 -64.85
CA GLU Y 95 -66.22 -14.20 -63.52
C GLU Y 95 -66.28 -13.20 -62.37
N HIS Y 96 -66.67 -13.72 -61.21
CA HIS Y 96 -66.59 -13.03 -59.94
C HIS Y 96 -65.32 -13.49 -59.23
N ARG Y 97 -64.71 -12.62 -58.42
CA ARG Y 97 -63.47 -12.97 -57.73
C ARG Y 97 -63.63 -14.27 -56.92
N ASN Y 98 -64.88 -14.63 -56.64
CA ASN Y 98 -65.19 -15.88 -55.95
C ASN Y 98 -64.96 -17.08 -56.85
N GLY Y 99 -64.65 -16.84 -58.12
CA GLY Y 99 -64.38 -17.90 -59.07
C GLY Y 99 -65.63 -18.30 -59.82
N GLN Y 100 -66.78 -17.96 -59.26
CA GLN Y 100 -68.07 -18.27 -59.86
C GLN Y 100 -68.18 -17.70 -61.28
N VAL Y 101 -68.70 -18.52 -62.18
CA VAL Y 101 -68.94 -18.07 -63.55
C VAL Y 101 -70.35 -17.52 -63.68
N VAL Y 102 -70.45 -16.21 -63.89
CA VAL Y 102 -71.73 -15.54 -63.86
C VAL Y 102 -72.45 -15.67 -65.20
N VAL Y 103 -71.90 -15.11 -66.26
CA VAL Y 103 -72.53 -15.26 -67.57
C VAL Y 103 -71.53 -15.69 -68.62
N SER Y 104 -71.92 -16.68 -69.43
CA SER Y 104 -71.01 -17.28 -70.41
C SER Y 104 -71.62 -17.47 -71.80
N ALA Y 105 -70.77 -17.40 -72.81
CA ALA Y 105 -71.13 -17.77 -74.17
C ALA Y 105 -70.03 -18.66 -74.74
N SER Y 106 -70.38 -19.91 -75.00
CA SER Y 106 -69.43 -20.87 -75.56
C SER Y 106 -69.95 -21.39 -76.89
N THR Y 107 -69.06 -21.90 -77.72
CA THR Y 107 -69.45 -22.36 -79.04
C THR Y 107 -70.15 -23.72 -78.99
N ARG Y 108 -69.67 -24.60 -78.11
CA ARG Y 108 -70.22 -25.95 -77.98
C ARG Y 108 -71.70 -25.91 -77.57
N GLU Y 109 -72.19 -24.72 -77.21
CA GLU Y 109 -73.61 -24.45 -77.05
C GLU Y 109 -74.33 -24.65 -78.38
N TRP Y 110 -75.38 -25.48 -78.40
CA TRP Y 110 -76.02 -25.85 -79.67
C TRP Y 110 -76.56 -24.62 -80.43
N ALA Y 111 -76.97 -23.60 -79.69
CA ALA Y 111 -77.47 -22.33 -80.24
C ALA Y 111 -76.52 -21.72 -81.25
N ILE Y 112 -75.32 -21.35 -80.80
CA ILE Y 112 -74.32 -20.74 -81.68
C ILE Y 112 -73.72 -21.77 -82.64
N LYS Y 113 -73.71 -23.03 -82.22
CA LYS Y 113 -73.18 -24.12 -83.03
C LYS Y 113 -73.92 -24.25 -84.35
N LYS Y 114 -75.24 -24.29 -84.29
CA LYS Y 114 -76.03 -24.53 -85.50
C LYS Y 114 -76.15 -23.31 -86.40
N HIS Y 115 -75.94 -22.11 -85.86
CA HIS Y 115 -76.22 -20.89 -86.63
C HIS Y 115 -75.09 -20.46 -87.54
N LEU Y 116 -73.89 -20.98 -87.32
CA LEU Y 116 -72.77 -20.48 -88.12
C LEU Y 116 -71.70 -21.54 -88.39
N TYR Y 117 -70.71 -21.15 -89.20
CA TYR Y 117 -69.75 -22.07 -89.77
C TYR Y 117 -68.36 -21.83 -89.18
N SER Y 118 -67.57 -22.91 -89.09
CA SER Y 118 -66.15 -22.81 -88.75
C SER Y 118 -65.85 -22.11 -87.40
N THR Y 119 -66.03 -22.85 -86.31
CA THR Y 119 -65.90 -22.33 -84.95
C THR Y 119 -64.70 -21.39 -84.68
N ARG Y 120 -63.53 -21.73 -85.21
CA ARG Y 120 -62.30 -21.01 -84.90
C ARG Y 120 -62.19 -19.62 -85.58
N ASN Y 121 -63.14 -19.31 -86.47
CA ASN Y 121 -63.14 -18.04 -87.23
C ASN Y 121 -63.21 -16.76 -86.40
N VAL Y 122 -62.64 -15.69 -86.96
CA VAL Y 122 -62.74 -14.36 -86.35
C VAL Y 122 -64.21 -13.98 -86.27
N VAL Y 123 -64.97 -14.46 -87.23
CA VAL Y 123 -66.40 -14.22 -87.29
C VAL Y 123 -67.09 -14.82 -86.07
N ALA Y 124 -66.73 -16.06 -85.74
CA ALA Y 124 -67.28 -16.73 -84.57
C ALA Y 124 -66.93 -16.00 -83.26
N CYS Y 125 -65.79 -15.31 -83.24
CA CYS Y 125 -65.40 -14.51 -82.08
C CYS Y 125 -66.20 -13.23 -81.95
N GLU Y 126 -66.48 -12.59 -83.08
CA GLU Y 126 -67.41 -11.46 -83.09
C GLU Y 126 -68.76 -11.90 -82.55
N SER Y 127 -69.18 -13.06 -83.01
CA SER Y 127 -70.46 -13.65 -82.66
C SER Y 127 -70.55 -13.92 -81.15
N VAL Y 128 -69.60 -14.69 -80.61
CA VAL Y 128 -69.59 -14.98 -79.18
C VAL Y 128 -69.50 -13.68 -78.40
N GLY Y 129 -68.76 -12.72 -78.95
CA GLY Y 129 -68.65 -11.39 -78.36
C GLY Y 129 -69.99 -10.71 -78.14
N ARG Y 130 -70.78 -10.60 -79.19
CA ARG Y 130 -72.05 -9.88 -79.06
C ARG Y 130 -73.16 -10.72 -78.43
N VAL Y 131 -73.01 -12.05 -78.47
CA VAL Y 131 -73.90 -12.91 -77.68
C VAL Y 131 -73.67 -12.67 -76.19
N LEU Y 132 -72.40 -12.61 -75.78
CA LEU Y 132 -72.09 -12.31 -74.39
C LEU Y 132 -72.46 -10.87 -74.04
N ALA Y 133 -72.43 -9.98 -75.03
CA ALA Y 133 -72.90 -8.61 -74.82
C ALA Y 133 -74.38 -8.61 -74.45
N GLU Y 134 -75.17 -9.22 -75.34
CA GLU Y 134 -76.60 -9.36 -75.12
C GLU Y 134 -76.92 -9.97 -73.77
N ARG Y 135 -76.32 -11.13 -73.50
CA ARG Y 135 -76.56 -11.82 -72.25
C ARG Y 135 -76.10 -11.00 -71.04
N CYS Y 136 -75.08 -10.18 -71.22
CA CYS Y 136 -74.60 -9.32 -70.14
C CYS Y 136 -75.60 -8.23 -69.79
N LEU Y 137 -76.14 -7.56 -70.80
CA LEU Y 137 -77.15 -6.54 -70.54
C LEU Y 137 -78.35 -7.13 -69.84
N GLU Y 138 -78.74 -8.33 -70.25
CA GLU Y 138 -79.87 -9.02 -69.63
C GLU Y 138 -79.57 -9.33 -68.17
N ALA Y 139 -78.30 -9.57 -67.86
CA ALA Y 139 -77.86 -9.82 -66.50
C ALA Y 139 -77.60 -8.50 -65.78
N GLY Y 140 -77.70 -7.40 -66.51
CA GLY Y 140 -77.54 -6.08 -65.93
C GLY Y 140 -76.16 -5.77 -65.37
N ILE Y 141 -75.12 -6.37 -65.95
CA ILE Y 141 -73.76 -5.98 -65.59
C ILE Y 141 -73.13 -5.21 -66.76
N ASN Y 142 -72.96 -3.91 -66.56
CA ASN Y 142 -72.46 -3.04 -67.62
C ASN Y 142 -70.96 -2.82 -67.52
N PHE Y 143 -70.33 -3.33 -66.46
CA PHE Y 143 -68.92 -3.05 -66.21
C PHE Y 143 -68.12 -4.31 -65.86
N MET Y 144 -67.10 -4.61 -66.68
CA MET Y 144 -66.13 -5.65 -66.34
C MET Y 144 -64.74 -5.32 -66.85
N VAL Y 145 -63.73 -5.99 -66.29
CA VAL Y 145 -62.35 -5.75 -66.70
C VAL Y 145 -61.84 -6.87 -67.57
N TYR Y 146 -60.98 -6.53 -68.52
CA TYR Y 146 -60.35 -7.51 -69.37
C TYR Y 146 -58.84 -7.32 -69.42
N HIS Y 147 -58.11 -8.39 -69.11
CA HIS Y 147 -56.65 -8.34 -69.14
C HIS Y 147 -56.10 -9.33 -70.17
N PRO Y 148 -56.04 -8.92 -71.43
CA PRO Y 148 -55.46 -9.83 -72.41
C PRO Y 148 -53.94 -9.89 -72.25
N THR Y 149 -53.29 -10.74 -73.04
CA THR Y 149 -51.83 -10.87 -73.04
C THR Y 149 -51.24 -9.92 -74.09
N PRO Y 150 -50.00 -9.43 -73.89
CA PRO Y 150 -49.31 -8.60 -74.88
C PRO Y 150 -49.39 -9.10 -76.33
N TRP Y 151 -49.24 -10.41 -76.54
CA TRP Y 151 -49.37 -10.96 -77.90
C TRP Y 151 -50.83 -11.14 -78.32
N GLU Y 152 -51.69 -11.48 -77.37
CA GLU Y 152 -53.11 -11.66 -77.65
C GLU Y 152 -53.79 -10.37 -78.11
N ALA Y 153 -53.40 -9.25 -77.50
CA ALA Y 153 -54.05 -7.98 -77.73
C ALA Y 153 -53.93 -7.51 -79.18
N ALA Y 154 -53.00 -8.09 -79.94
CA ALA Y 154 -52.82 -7.70 -81.35
C ALA Y 154 -53.62 -8.53 -82.37
N SER Y 155 -54.17 -9.67 -81.96
CA SER Y 155 -54.91 -10.55 -82.87
C SER Y 155 -56.26 -9.96 -83.25
N ASP Y 156 -56.79 -10.36 -84.40
CA ASP Y 156 -58.06 -9.81 -84.87
C ASP Y 156 -59.26 -10.26 -84.05
N SER Y 157 -59.28 -11.54 -83.69
CA SER Y 157 -60.37 -12.12 -82.91
C SER Y 157 -60.72 -11.30 -81.66
N ILE Y 158 -59.69 -10.82 -80.97
CA ILE Y 158 -59.87 -10.12 -79.72
C ILE Y 158 -60.30 -8.66 -79.95
N LYS Y 159 -59.73 -8.01 -80.96
CA LYS Y 159 -60.15 -6.66 -81.33
C LYS Y 159 -61.63 -6.63 -81.71
N ARG Y 160 -62.06 -7.70 -82.37
CA ARG Y 160 -63.45 -7.84 -82.76
C ARG Y 160 -64.33 -8.28 -81.59
N LEU Y 161 -63.76 -9.00 -80.65
CA LEU Y 161 -64.43 -9.29 -79.38
C LEU Y 161 -64.77 -8.00 -78.64
N GLN Y 162 -63.79 -7.10 -78.59
CA GLN Y 162 -63.93 -5.83 -77.90
C GLN Y 162 -64.86 -4.87 -78.64
N HIS Y 163 -64.83 -4.90 -79.97
CA HIS Y 163 -65.76 -4.09 -80.72
C HIS Y 163 -67.20 -4.59 -80.58
N ALA Y 164 -67.37 -5.91 -80.62
CA ALA Y 164 -68.69 -6.50 -80.38
C ALA Y 164 -69.19 -6.10 -79.00
N MET Y 165 -68.28 -6.11 -78.03
CA MET Y 165 -68.63 -5.72 -76.67
C MET Y 165 -69.07 -4.26 -76.58
N THR Y 166 -68.28 -3.35 -77.17
CA THR Y 166 -68.59 -1.93 -77.14
C THR Y 166 -69.92 -1.60 -77.82
N GLU Y 167 -70.14 -2.15 -79.01
CA GLU Y 167 -71.39 -1.92 -79.72
C GLU Y 167 -72.55 -2.52 -78.94
N GLY Y 168 -72.28 -3.61 -78.22
CA GLY Y 168 -73.27 -4.21 -77.35
C GLY Y 168 -73.74 -3.27 -76.26
N GLY Y 169 -72.88 -2.31 -75.91
CA GLY Y 169 -73.19 -1.34 -74.88
C GLY Y 169 -72.45 -1.58 -73.57
N VAL Y 170 -71.62 -2.61 -73.54
CA VAL Y 170 -70.93 -3.00 -72.31
C VAL Y 170 -69.57 -2.31 -72.17
N VAL Y 171 -69.39 -1.64 -71.05
CA VAL Y 171 -68.18 -0.88 -70.79
C VAL Y 171 -67.14 -1.72 -70.07
N LEU Y 172 -65.95 -1.83 -70.67
CA LEU Y 172 -64.80 -2.47 -70.02
C LEU Y 172 -64.08 -1.40 -69.20
N ARG Y 173 -62.96 -1.71 -68.56
CA ARG Y 173 -62.27 -0.75 -67.69
C ARG Y 173 -63.22 -0.32 -66.56
N GLU Y 174 -63.35 -1.19 -65.57
CA GLU Y 174 -64.26 -1.08 -64.41
C GLU Y 174 -64.21 0.30 -63.73
N PRO Y 175 -65.37 0.86 -63.31
CA PRO Y 175 -65.40 2.15 -62.61
C PRO Y 175 -64.62 2.09 -61.31
N ARG Y 176 -64.09 3.22 -60.85
CA ARG Y 176 -63.15 3.19 -59.73
C ARG Y 176 -63.89 2.87 -58.43
N ARG Y 177 -63.18 2.72 -57.32
CA ARG Y 177 -63.82 2.48 -56.04
C ARG Y 177 -63.98 3.79 -55.28
N ILE Y 178 -65.08 3.93 -54.55
CA ILE Y 178 -65.35 5.17 -53.81
C ILE Y 178 -64.83 5.09 -52.37
N TYR Y 179 -63.90 5.99 -52.04
CA TYR Y 179 -63.13 5.94 -50.79
C TYR Y 179 -62.37 4.65 -50.66
N GLU Y 180 -61.39 4.43 -51.54
CA GLU Y 180 -60.65 3.18 -51.54
C GLU Y 180 -59.59 3.15 -50.43
N GLN Z 69 98.13 -22.99 37.75
CA GLN Z 69 96.79 -22.42 37.77
C GLN Z 69 95.78 -23.34 37.09
N ARG Z 70 94.66 -23.58 37.77
CA ARG Z 70 93.59 -24.41 37.22
C ARG Z 70 92.29 -23.65 37.15
N PRO Z 71 92.08 -22.84 36.08
CA PRO Z 71 90.73 -22.29 35.91
C PRO Z 71 89.72 -23.42 35.68
N GLU Z 72 88.66 -23.47 36.48
CA GLU Z 72 87.71 -24.56 36.35
C GLU Z 72 86.29 -24.05 36.21
N THR Z 73 85.73 -24.24 35.02
CA THR Z 73 84.32 -24.01 34.79
C THR Z 73 83.77 -25.21 34.07
N ARG Z 74 82.60 -25.67 34.50
CA ARG Z 74 82.01 -26.87 33.94
C ARG Z 74 81.09 -26.56 32.77
N PHE Z 75 81.40 -27.07 31.58
CA PHE Z 75 80.54 -26.87 30.43
C PHE Z 75 79.49 -27.98 30.34
N LEU Z 76 78.25 -27.57 30.53
CA LEU Z 76 77.10 -28.47 30.45
C LEU Z 76 76.49 -28.42 29.06
N SER Z 77 76.47 -29.57 28.37
CA SER Z 77 75.92 -29.63 27.02
C SER Z 77 74.51 -29.05 27.04
N PRO Z 78 74.28 -28.00 26.23
CA PRO Z 78 73.08 -27.14 26.31
C PRO Z 78 71.75 -27.90 26.37
N GLU Z 79 71.71 -29.16 25.93
CA GLU Z 79 70.45 -29.88 25.92
C GLU Z 79 70.17 -30.63 27.21
N PHE Z 80 70.99 -30.42 28.21
CA PHE Z 80 70.66 -30.84 29.56
C PHE Z 80 69.94 -29.72 30.30
N ILE Z 81 69.69 -28.62 29.61
CA ILE Z 81 68.87 -27.53 30.15
C ILE Z 81 67.41 -27.69 29.75
N PRO Z 82 66.54 -28.04 30.72
CA PRO Z 82 65.12 -28.25 30.46
C PRO Z 82 64.38 -26.94 30.15
N PRO Z 83 63.43 -26.99 29.19
CA PRO Z 83 62.62 -25.84 28.74
C PRO Z 83 61.70 -25.26 29.81
N ARG Z 84 61.15 -24.07 29.57
CA ARG Z 84 60.43 -23.30 30.57
C ARG Z 84 59.03 -23.84 30.90
N GLY Z 85 58.52 -24.76 30.09
CA GLY Z 85 57.15 -25.23 30.21
C GLY Z 85 56.83 -25.89 31.55
N ARG Z 86 55.56 -26.16 31.79
CA ARG Z 86 55.16 -26.65 33.10
C ARG Z 86 55.25 -28.17 33.20
N THR Z 87 55.91 -28.79 32.24
CA THR Z 87 56.09 -30.24 32.25
C THR Z 87 56.58 -30.85 33.57
N ASN Z 88 55.98 -31.97 33.93
CA ASN Z 88 56.38 -32.77 35.10
C ASN Z 88 57.86 -33.17 35.03
N PRO Z 89 58.64 -32.75 36.04
CA PRO Z 89 60.08 -33.03 36.10
C PRO Z 89 60.46 -34.51 35.92
N LEU Z 90 59.56 -35.44 36.20
CA LEU Z 90 59.82 -36.86 35.96
C LEU Z 90 60.24 -37.17 34.53
N LYS Z 91 59.74 -36.35 33.60
CA LYS Z 91 60.02 -36.54 32.17
C LYS Z 91 61.49 -36.30 31.92
N PHE Z 92 62.04 -35.28 32.56
CA PHE Z 92 63.42 -34.88 32.31
C PHE Z 92 64.44 -35.86 32.88
N GLN Z 93 64.13 -36.52 33.99
CA GLN Z 93 65.05 -37.51 34.55
C GLN Z 93 65.16 -38.72 33.63
N ILE Z 94 64.07 -39.02 32.95
CA ILE Z 94 64.06 -40.10 31.97
C ILE Z 94 64.95 -39.81 30.75
N GLU Z 95 64.69 -38.68 30.10
CA GLU Z 95 65.50 -38.24 28.97
C GLU Z 95 66.97 -38.22 29.36
N ARG Z 96 67.28 -37.62 30.51
CA ARG Z 96 68.66 -37.56 30.97
C ARG Z 96 69.26 -38.96 31.13
N LYS Z 97 68.51 -39.88 31.73
CA LYS Z 97 69.07 -41.21 31.96
C LYS Z 97 69.34 -41.91 30.62
N ASP Z 98 68.51 -41.62 29.62
CA ASP Z 98 68.69 -42.22 28.30
C ASP Z 98 69.89 -41.64 27.56
N MET Z 99 69.97 -40.31 27.51
CA MET Z 99 71.06 -39.65 26.78
C MET Z 99 72.39 -39.84 27.51
N LEU Z 100 72.34 -40.08 28.81
CA LEU Z 100 73.55 -40.39 29.56
C LEU Z 100 73.94 -41.85 29.36
N GLU Z 101 72.95 -42.69 29.09
CA GLU Z 101 73.23 -44.06 28.64
C GLU Z 101 73.92 -44.05 27.28
N ARG Z 102 73.52 -43.09 26.44
CA ARG Z 102 74.08 -42.91 25.12
C ARG Z 102 75.50 -42.34 25.15
N ARG Z 103 75.77 -41.44 26.11
CA ARG Z 103 77.09 -40.83 26.24
C ARG Z 103 78.20 -41.89 26.42
N LYS Z 104 77.86 -42.99 27.09
CA LYS Z 104 78.83 -44.02 27.42
C LYS Z 104 79.31 -44.85 26.23
N ILE Z 105 78.56 -44.87 25.14
CA ILE Z 105 79.02 -45.54 23.93
C ILE Z 105 79.72 -44.57 23.00
N LEU Z 106 78.93 -43.72 22.34
CA LEU Z 106 79.46 -42.68 21.47
C LEU Z 106 79.91 -41.47 22.28
N HIS Z 107 81.17 -41.06 22.09
CA HIS Z 107 81.69 -39.94 22.87
C HIS Z 107 81.36 -38.59 22.23
N ILE Z 108 80.60 -37.78 22.94
CA ILE Z 108 80.18 -36.46 22.46
C ILE Z 108 81.05 -35.34 23.03
N PRO Z 109 81.88 -34.73 22.18
CA PRO Z 109 82.83 -33.65 22.50
C PRO Z 109 82.15 -32.30 22.64
N GLU Z 110 82.78 -31.35 23.32
CA GLU Z 110 82.26 -29.99 23.41
C GLU Z 110 82.37 -29.32 22.04
N PHE Z 111 81.56 -28.30 21.81
CA PHE Z 111 81.64 -27.46 20.61
C PHE Z 111 80.60 -26.36 20.72
N TYR Z 112 80.79 -25.29 19.96
CA TYR Z 112 79.88 -24.17 20.02
C TYR Z 112 79.47 -23.78 18.61
N VAL Z 113 78.45 -22.94 18.51
CA VAL Z 113 78.12 -22.35 17.23
C VAL Z 113 79.36 -21.61 16.76
N GLY Z 114 79.83 -21.94 15.56
CA GLY Z 114 81.04 -21.37 15.01
C GLY Z 114 82.20 -22.36 14.98
N SER Z 115 82.05 -23.45 15.73
CA SER Z 115 83.05 -24.49 15.80
C SER Z 115 82.91 -25.46 14.64
N ILE Z 116 84.03 -25.96 14.12
CA ILE Z 116 84.04 -26.83 12.94
C ILE Z 116 84.09 -28.32 13.30
N LEU Z 117 83.13 -29.06 12.77
CA LEU Z 117 82.99 -30.47 13.11
C LEU Z 117 83.02 -31.36 11.89
N ARG Z 118 83.29 -32.64 12.11
CA ARG Z 118 83.18 -33.65 11.06
C ARG Z 118 82.46 -34.90 11.57
N VAL Z 119 81.28 -35.19 11.01
CA VAL Z 119 80.48 -36.31 11.49
C VAL Z 119 80.59 -37.53 10.58
N THR Z 120 80.62 -38.71 11.19
CA THR Z 120 80.56 -39.96 10.44
C THR Z 120 79.20 -40.63 10.63
N THR Z 121 78.50 -40.84 9.52
CA THR Z 121 77.18 -41.45 9.56
C THR Z 121 77.19 -42.86 8.99
N ALA Z 122 76.32 -43.72 9.52
CA ALA Z 122 76.05 -44.98 8.86
C ALA Z 122 75.08 -44.74 7.70
N ASP Z 123 75.52 -45.05 6.48
CA ASP Z 123 74.69 -44.86 5.30
C ASP Z 123 74.30 -46.21 4.71
N PRO Z 124 72.99 -46.52 4.74
CA PRO Z 124 72.47 -47.77 4.19
C PRO Z 124 72.73 -47.90 2.70
N TYR Z 125 72.49 -46.82 1.97
CA TYR Z 125 72.51 -46.84 0.51
C TYR Z 125 73.89 -46.78 -0.14
N ALA Z 126 74.89 -46.20 0.53
CA ALA Z 126 76.21 -46.13 -0.10
C ALA Z 126 76.95 -47.47 0.03
N SER Z 127 78.08 -47.59 -0.68
CA SER Z 127 78.89 -48.81 -0.67
C SER Z 127 79.84 -48.87 0.53
N ALA Z 128 80.54 -47.78 0.76
CA ALA Z 128 81.22 -47.59 2.03
C ALA Z 128 80.14 -47.08 2.97
N LYS Z 129 79.87 -47.83 4.02
CA LYS Z 129 78.71 -47.56 4.86
C LYS Z 129 78.84 -46.22 5.55
N THR Z 130 80.08 -45.79 5.73
CA THR Z 130 80.38 -44.50 6.32
C THR Z 130 80.15 -43.35 5.33
N SER Z 131 79.45 -42.32 5.79
CA SER Z 131 79.35 -41.04 5.09
C SER Z 131 80.02 -39.96 5.92
N GLN Z 132 80.93 -39.21 5.30
CA GLN Z 132 81.66 -38.18 6.02
C GLN Z 132 81.11 -36.80 5.73
N PHE Z 133 80.97 -35.97 6.76
CA PHE Z 133 80.61 -34.58 6.49
C PHE Z 133 81.42 -33.60 7.33
N LEU Z 134 81.66 -32.41 6.82
CA LEU Z 134 82.45 -31.42 7.56
C LEU Z 134 81.91 -29.99 7.40
N GLY Z 135 81.75 -29.26 8.49
CA GLY Z 135 81.23 -27.91 8.40
C GLY Z 135 81.24 -27.10 9.67
N ILE Z 136 80.66 -25.90 9.63
CA ILE Z 136 80.46 -25.11 10.85
C ILE Z 136 79.20 -25.54 11.56
N CYS Z 137 79.19 -25.42 12.88
CA CYS Z 137 77.94 -25.59 13.60
C CYS Z 137 77.26 -24.23 13.63
N ILE Z 138 76.16 -24.14 12.91
CA ILE Z 138 75.42 -22.90 12.71
C ILE Z 138 74.47 -22.57 13.86
N GLN Z 139 73.77 -23.58 14.38
CA GLN Z 139 72.90 -23.41 15.54
C GLN Z 139 72.62 -24.74 16.22
N ARG Z 140 72.19 -24.69 17.48
CA ARG Z 140 71.73 -25.89 18.16
C ARG Z 140 70.39 -25.60 18.81
N SER Z 141 69.55 -26.62 18.90
CA SER Z 141 68.30 -26.50 19.64
C SER Z 141 67.83 -27.86 20.08
N GLY Z 142 66.98 -27.90 21.10
CA GLY Z 142 66.46 -29.17 21.51
C GLY Z 142 66.32 -29.21 23.01
N SER Z 143 66.22 -30.43 23.51
CA SER Z 143 66.29 -30.73 24.92
C SER Z 143 66.19 -32.23 24.95
N GLY Z 144 66.61 -32.83 26.05
CA GLY Z 144 66.52 -34.27 26.19
C GLY Z 144 67.12 -34.98 24.99
N LEU Z 145 66.47 -36.07 24.60
CA LEU Z 145 66.99 -36.96 23.58
C LEU Z 145 66.96 -36.37 22.18
N GLY Z 146 66.11 -35.36 21.98
CA GLY Z 146 65.89 -34.80 20.65
C GLY Z 146 66.83 -33.67 20.24
N ALA Z 147 67.94 -33.55 20.95
CA ALA Z 147 68.99 -32.59 20.65
C ALA Z 147 69.44 -32.63 19.20
N THR Z 148 69.54 -31.48 18.55
CA THR Z 148 70.10 -31.45 17.20
C THR Z 148 71.11 -30.32 17.01
N PHE Z 149 71.87 -30.38 15.92
CA PHE Z 149 72.73 -29.27 15.52
C PHE Z 149 72.84 -29.22 13.99
N ILE Z 150 73.17 -28.05 13.45
CA ILE Z 150 73.18 -27.88 12.00
C ILE Z 150 74.57 -27.57 11.45
N LEU Z 151 75.03 -28.37 10.50
CA LEU Z 151 76.33 -28.14 9.83
C LEU Z 151 76.17 -27.45 8.48
N ARG Z 152 77.11 -26.58 8.15
CA ARG Z 152 77.04 -25.81 6.92
C ARG Z 152 78.36 -25.82 6.17
N ASN Z 153 78.30 -26.14 4.89
CA ASN Z 153 79.51 -26.14 4.07
C ASN Z 153 79.23 -25.95 2.59
N THR Z 154 80.17 -25.34 1.89
CA THR Z 154 80.05 -25.20 0.44
C THR Z 154 80.85 -26.27 -0.29
N ILE Z 155 80.14 -27.14 -1.00
CA ILE Z 155 80.80 -28.16 -1.81
C ILE Z 155 80.67 -27.75 -3.28
N GLU Z 156 81.81 -27.43 -3.91
CA GLU Z 156 81.84 -27.16 -5.34
C GLU Z 156 81.12 -25.87 -5.76
N GLY Z 157 80.59 -25.12 -4.79
CA GLY Z 157 79.81 -23.93 -5.07
C GLY Z 157 78.35 -24.05 -4.69
N GLN Z 158 77.93 -25.25 -4.31
CA GLN Z 158 76.60 -25.45 -3.77
C GLN Z 158 76.64 -25.26 -2.25
N GLY Z 159 75.81 -24.37 -1.72
CA GLY Z 159 75.62 -24.27 -0.28
C GLY Z 159 74.87 -25.47 0.27
N VAL Z 160 75.43 -26.14 1.28
CA VAL Z 160 74.78 -27.31 1.85
C VAL Z 160 74.65 -27.22 3.37
N GLU Z 161 73.45 -27.50 3.87
CA GLU Z 161 73.23 -27.59 5.30
C GLU Z 161 72.76 -28.99 5.64
N ILE Z 162 73.13 -29.49 6.80
CA ILE Z 162 72.54 -30.72 7.28
C ILE Z 162 72.06 -30.54 8.71
N CYS Z 163 70.93 -31.15 9.03
CA CYS Z 163 70.47 -31.17 10.41
C CYS Z 163 70.73 -32.55 11.01
N PHE Z 164 71.59 -32.61 12.03
CA PHE Z 164 71.93 -33.87 12.69
C PHE Z 164 71.29 -34.01 14.06
N GLU Z 165 70.78 -35.20 14.38
CA GLU Z 165 70.35 -35.47 15.74
C GLU Z 165 71.54 -35.92 16.56
N LEU Z 166 71.85 -35.17 17.60
CA LEU Z 166 72.99 -35.48 18.46
C LEU Z 166 73.01 -36.95 18.91
N TYR Z 167 71.88 -37.43 19.44
CA TYR Z 167 71.83 -38.74 20.09
C TYR Z 167 71.38 -39.88 19.19
N ASN Z 168 71.16 -39.56 17.93
CA ASN Z 168 70.77 -40.53 16.92
C ASN Z 168 71.74 -41.72 16.80
N PRO Z 169 71.23 -42.96 16.83
CA PRO Z 169 72.01 -44.21 16.77
C PRO Z 169 72.72 -44.45 15.44
N ARG Z 170 72.38 -43.69 14.41
CA ARG Z 170 73.07 -43.78 13.11
C ARG Z 170 74.44 -43.11 13.13
N ILE Z 171 74.59 -42.05 13.91
CA ILE Z 171 75.87 -41.36 14.04
C ILE Z 171 76.90 -42.24 14.74
N GLN Z 172 78.07 -42.39 14.15
CA GLN Z 172 79.10 -43.27 14.69
C GLN Z 172 80.19 -42.51 15.43
N GLU Z 173 80.90 -41.63 14.72
CA GLU Z 173 81.90 -40.79 15.38
C GLU Z 173 81.72 -39.31 15.08
N ILE Z 174 81.69 -38.49 16.13
CA ILE Z 174 81.77 -37.05 15.94
C ILE Z 174 83.19 -36.61 16.28
N GLN Z 175 83.72 -35.66 15.51
CA GLN Z 175 85.12 -35.25 15.65
C GLN Z 175 85.23 -33.74 15.54
N VAL Z 176 85.89 -33.12 16.50
CA VAL Z 176 86.06 -31.67 16.41
C VAL Z 176 87.43 -31.32 15.82
N VAL Z 177 87.42 -30.69 14.65
CA VAL Z 177 88.67 -30.22 14.06
C VAL Z 177 89.13 -28.88 14.62
N LYS Z 178 88.21 -27.92 14.75
CA LYS Z 178 88.55 -26.64 15.34
C LYS Z 178 87.47 -26.20 16.31
N LEU Z 179 87.86 -25.99 17.57
CA LEU Z 179 86.95 -25.54 18.61
C LEU Z 179 86.91 -24.01 18.63
N GLU Z 180 85.75 -23.41 18.37
CA GLU Z 180 85.71 -21.96 18.21
C GLU Z 180 84.37 -21.31 18.59
N LYS Z 181 84.42 -20.11 19.18
CA LYS Z 181 83.22 -19.32 19.47
C LYS Z 181 83.16 -18.05 18.63
N ARG Z 182 82.21 -17.98 17.70
CA ARG Z 182 82.00 -16.76 16.92
C ARG Z 182 80.91 -15.90 17.56
N LEU Z 183 81.00 -14.59 17.40
CA LEU Z 183 80.29 -13.61 18.23
C LEU Z 183 78.79 -13.81 18.47
N ASP Z 184 78.09 -14.43 17.53
CA ASP Z 184 76.65 -14.62 17.68
C ASP Z 184 76.28 -16.06 18.05
N ASN Z 185 75.20 -16.22 18.81
CA ASN Z 185 74.80 -17.53 19.30
C ASN Z 185 74.17 -18.41 18.24
N SER Z 186 73.77 -17.80 17.13
CA SER Z 186 73.40 -18.56 15.94
C SER Z 186 73.86 -17.78 14.72
N LEU Z 187 74.41 -18.49 13.74
CA LEU Z 187 74.63 -17.86 12.46
C LEU Z 187 73.79 -18.53 11.39
N LEU Z 188 72.65 -17.94 11.05
CA LEU Z 188 71.95 -18.35 9.87
C LEU Z 188 72.30 -17.34 8.80
N TYR Z 189 73.03 -16.30 9.22
CA TYR Z 189 73.30 -15.17 8.36
C TYR Z 189 74.47 -15.48 7.47
N LEU Z 190 75.07 -16.65 7.66
CA LEU Z 190 76.10 -17.10 6.75
C LEU Z 190 75.47 -17.52 5.41
N ARG Z 191 74.15 -17.59 5.37
CA ARG Z 191 73.45 -17.81 4.11
C ARG Z 191 73.63 -16.65 3.14
N ASP Z 192 73.59 -15.43 3.66
CA ASP Z 192 73.72 -14.27 2.81
C ASP Z 192 75.14 -13.72 2.75
N ALA Z 193 76.04 -14.32 3.53
CA ALA Z 193 77.43 -13.92 3.48
C ALA Z 193 78.06 -14.45 2.21
N LEU Z 194 79.19 -13.86 1.82
CA LEU Z 194 79.95 -14.25 0.64
C LEU Z 194 80.50 -15.69 0.75
N PRO Z 195 80.62 -16.39 -0.39
CA PRO Z 195 80.94 -17.83 -0.42
C PRO Z 195 82.19 -18.28 0.34
N GLU Z 196 83.16 -17.39 0.61
CA GLU Z 196 84.38 -17.77 1.33
C GLU Z 196 84.11 -18.37 2.70
N TYR Z 197 83.25 -17.68 3.45
CA TYR Z 197 83.04 -17.98 4.86
C TYR Z 197 82.34 -19.32 5.05
N SER Z 198 81.67 -19.79 4.01
CA SER Z 198 80.97 -21.07 4.08
C SER Z 198 81.81 -22.22 3.50
N THR Z 199 82.98 -21.89 2.96
CA THR Z 199 83.82 -22.91 2.33
C THR Z 199 84.86 -23.45 3.29
N PHE Z 200 85.05 -24.76 3.29
CA PHE Z 200 86.06 -25.37 4.14
C PHE Z 200 86.73 -26.55 3.47
N ASP Z 201 87.97 -26.81 3.87
CA ASP Z 201 88.74 -27.90 3.26
C ASP Z 201 88.28 -29.23 3.85
N VAL Z 202 87.77 -30.10 2.99
CA VAL Z 202 87.25 -31.41 3.39
C VAL Z 202 88.30 -32.25 4.14
N ASN Z 203 89.56 -32.08 3.77
CA ASN Z 203 90.63 -32.91 4.29
C ASN Z 203 91.44 -32.33 5.45
N MET Z 204 91.09 -31.15 5.94
CA MET Z 204 91.90 -30.49 6.96
C MET Z 204 92.02 -31.34 8.25
N LYS Z 205 93.21 -31.31 8.85
CA LYS Z 205 93.49 -32.12 10.03
C LYS Z 205 93.01 -31.45 11.31
N PRO Z 206 92.70 -32.27 12.34
CA PRO Z 206 92.25 -31.66 13.60
C PRO Z 206 93.33 -30.77 14.22
N ILE Z 207 92.94 -29.53 14.49
CA ILE Z 207 93.83 -28.54 15.07
C ILE Z 207 93.49 -28.45 16.54
N THR Z 208 94.39 -28.98 17.38
CA THR Z 208 94.03 -29.33 18.74
C THR Z 208 93.96 -28.13 19.69
N GLN Z 209 93.55 -28.40 20.93
CA GLN Z 209 93.38 -27.36 21.95
C GLN Z 209 94.53 -27.42 22.96
N GLU Z 210 94.97 -26.24 23.40
CA GLU Z 210 96.13 -26.15 24.29
C GLU Z 210 95.75 -26.20 25.76
N PHE Z 211 94.47 -26.45 26.04
CA PHE Z 211 93.92 -26.50 27.39
C PHE Z 211 94.21 -25.19 28.13
N ASN Z 212 93.98 -24.07 27.44
CA ASN Z 212 94.08 -22.76 28.05
C ASN Z 212 92.88 -22.52 28.97
N GLN Z 213 91.89 -23.40 28.82
CA GLN Z 213 90.59 -23.30 29.48
C GLN Z 213 89.92 -22.00 29.07
N GLU Z 214 90.38 -21.47 27.93
CA GLU Z 214 89.74 -20.36 27.28
C GLU Z 214 89.38 -20.80 25.86
N VAL Z 215 88.09 -20.97 25.62
CA VAL Z 215 87.62 -21.19 24.26
C VAL Z 215 87.80 -19.87 23.53
N PRO Z 216 88.64 -19.88 22.50
CA PRO Z 216 89.03 -18.64 21.80
C PRO Z 216 87.82 -17.96 21.16
N VAL Z 217 87.64 -16.68 21.43
CA VAL Z 217 86.57 -15.92 20.81
C VAL Z 217 87.11 -15.25 19.57
N ASN Z 218 86.71 -15.76 18.41
CA ASN Z 218 87.16 -15.16 17.17
C ASN Z 218 86.17 -14.12 16.75
N GLN Z 219 86.58 -12.86 16.79
CA GLN Z 219 85.72 -11.80 16.32
C GLN Z 219 86.07 -11.53 14.88
N LEU Z 220 85.15 -11.91 14.00
CA LEU Z 220 85.35 -11.75 12.58
C LEU Z 220 84.13 -11.11 11.94
N LYS Z 221 84.25 -9.88 11.46
CA LYS Z 221 83.13 -9.28 10.76
C LYS Z 221 83.04 -9.96 9.39
N VAL Z 222 81.85 -10.02 8.82
CA VAL Z 222 81.66 -10.72 7.54
C VAL Z 222 81.18 -9.77 6.45
N LYS Z 223 81.39 -10.13 5.19
CA LYS Z 223 80.86 -9.39 4.04
C LYS Z 223 79.57 -10.05 3.56
N MET Z 224 78.62 -9.28 3.08
CA MET Z 224 77.37 -9.88 2.60
C MET Z 224 77.05 -9.54 1.14
N LYS Z 225 76.35 -10.46 0.46
CA LYS Z 225 75.80 -10.19 -0.87
C LYS Z 225 74.85 -8.99 -0.81
N PRO Z 226 74.61 -8.34 -1.96
CA PRO Z 226 73.62 -7.24 -1.98
C PRO Z 226 72.22 -7.71 -1.54
N LYS Z 227 71.40 -6.82 -0.98
CA LYS Z 227 70.07 -7.18 -0.48
C LYS Z 227 69.12 -7.63 -1.60
N PRO Z 228 68.05 -8.39 -1.27
CA PRO Z 228 67.57 -8.88 0.04
C PRO Z 228 68.30 -10.10 0.57
N TRP Z 229 68.27 -10.23 1.88
CA TRP Z 229 68.84 -11.36 2.62
C TRP Z 229 67.68 -12.23 3.08
N SER Z 230 67.93 -13.52 3.26
CA SER Z 230 66.89 -14.45 3.71
C SER Z 230 66.11 -13.97 4.95
N LYS Z 231 66.77 -13.25 5.85
CA LYS Z 231 66.08 -12.61 6.97
C LYS Z 231 66.51 -11.16 7.04
N ARG Z 232 65.84 -10.35 7.85
CA ARG Z 232 66.30 -8.98 7.98
C ARG Z 232 67.26 -8.95 9.15
N TRP Z 233 68.56 -8.84 8.86
CA TRP Z 233 69.56 -9.03 9.91
C TRP Z 233 69.90 -7.74 10.63
N GLU Z 234 69.49 -6.63 10.05
CA GLU Z 234 69.83 -5.32 10.58
C GLU Z 234 68.98 -5.00 11.80
N ARG Z 235 67.85 -5.68 11.92
CA ARG Z 235 66.87 -5.36 12.97
C ARG Z 235 67.21 -5.92 14.34
N PRO Z 236 66.94 -5.13 15.40
CA PRO Z 236 67.33 -5.33 16.79
C PRO Z 236 66.99 -6.68 17.40
N LYS Z 237 65.91 -7.32 16.96
CA LYS Z 237 65.54 -8.59 17.57
C LYS Z 237 66.62 -9.66 17.35
N PHE Z 238 67.42 -9.49 16.30
CA PHE Z 238 68.48 -10.44 16.00
C PHE Z 238 69.81 -10.22 16.71
N ASN Z 239 70.05 -9.01 17.20
CA ASN Z 239 71.28 -8.66 17.92
C ASN Z 239 72.55 -9.19 17.25
N ILE Z 240 72.73 -8.91 15.96
CA ILE Z 240 73.88 -9.48 15.27
C ILE Z 240 75.08 -8.54 15.34
N LYS Z 241 76.10 -8.97 16.08
CA LYS Z 241 77.36 -8.24 16.20
C LYS Z 241 78.36 -8.67 15.14
N GLY Z 242 78.09 -9.81 14.51
CA GLY Z 242 79.02 -10.43 13.59
C GLY Z 242 79.08 -9.82 12.21
N ILE Z 243 77.96 -9.30 11.74
CA ILE Z 243 77.88 -8.72 10.39
C ILE Z 243 78.58 -7.38 10.33
N ARG Z 244 79.20 -7.09 9.20
CA ARG Z 244 79.81 -5.79 9.00
C ARG Z 244 78.75 -4.90 8.36
N PHE Z 245 78.20 -3.96 9.13
CA PHE Z 245 77.05 -3.18 8.67
C PHE Z 245 77.37 -1.85 8.02
N ASP Z 246 78.62 -1.40 8.11
CA ASP Z 246 78.99 -0.13 7.52
C ASP Z 246 78.99 -0.22 6.00
N LEU Z 247 79.55 -1.32 5.49
CA LEU Z 247 79.70 -1.51 4.06
C LEU Z 247 78.41 -1.99 3.40
N CYS Z 248 77.56 -2.65 4.19
CA CYS Z 248 76.36 -3.29 3.65
C CYS Z 248 75.11 -2.42 3.77
N LEU Z 249 75.21 -1.28 4.43
CA LEU Z 249 74.02 -0.48 4.72
C LEU Z 249 74.22 1.01 4.54
N THR Z 250 73.12 1.74 4.61
CA THR Z 250 73.12 3.20 4.58
C THR Z 250 72.56 3.72 5.89
N GLU Z 251 72.85 4.96 6.23
CA GLU Z 251 72.39 5.54 7.49
C GLU Z 251 70.87 5.55 7.63
N GLU Z 252 70.17 5.79 6.53
CA GLU Z 252 68.71 5.77 6.54
C GLU Z 252 68.17 4.44 7.04
N GLN Z 253 68.75 3.36 6.53
CA GLN Z 253 68.29 2.03 6.88
C GLN Z 253 68.67 1.67 8.32
N MET Z 254 69.75 2.28 8.81
CA MET Z 254 70.15 2.08 10.18
C MET Z 254 69.28 2.86 11.17
N ARG Z 255 68.61 3.90 10.67
CA ARG Z 255 67.57 4.57 11.47
C ARG Z 255 66.25 3.81 11.40
N GLU Z 256 65.95 3.26 10.22
CA GLU Z 256 64.78 2.41 10.07
C GLU Z 256 64.82 1.26 11.05
N ALA Z 257 65.93 0.52 11.04
CA ALA Z 257 66.10 -0.62 11.91
C ALA Z 257 65.90 -0.26 13.38
N GLN Z 258 66.13 1.00 13.75
CA GLN Z 258 66.00 1.42 15.14
C GLN Z 258 64.56 1.73 15.56
N LYS Z 259 63.62 1.61 14.63
CA LYS Z 259 62.22 1.85 14.94
C LYS Z 259 61.55 0.58 15.45
N TRP Z 260 62.22 -0.56 15.26
CA TRP Z 260 61.70 -1.83 15.72
C TRP Z 260 62.32 -2.28 17.02
N SER Z 261 63.23 -1.48 17.56
CA SER Z 261 63.89 -1.81 18.80
C SER Z 261 62.91 -1.71 19.96
N GLN Z 262 63.04 -2.62 20.92
CA GLN Z 262 62.18 -2.63 22.09
C GLN Z 262 63.04 -2.58 23.35
N PRO Z 263 63.49 -1.36 23.71
CA PRO Z 263 64.49 -1.10 24.74
C PRO Z 263 64.16 -1.72 26.09
N TRP Z 264 62.87 -1.73 26.43
CA TRP Z 264 62.43 -2.21 27.73
C TRP Z 264 62.58 -3.73 27.96
N LEU Z 265 62.94 -4.48 26.93
CA LEU Z 265 62.98 -5.94 27.05
C LEU Z 265 64.07 -6.46 27.98
N GLU Z 266 65.24 -5.84 27.96
CA GLU Z 266 66.34 -6.27 28.80
C GLU Z 266 66.08 -6.04 30.28
N PHE Z 267 65.16 -5.12 30.56
CA PHE Z 267 64.83 -4.74 31.92
C PHE Z 267 63.59 -5.43 32.45
N ASP Z 268 63.08 -6.40 31.69
CA ASP Z 268 61.81 -7.03 31.99
C ASP Z 268 61.81 -7.95 33.22
N MET Z 269 62.98 -8.23 33.81
CA MET Z 269 62.98 -8.99 35.07
C MET Z 269 62.24 -10.31 34.84
N MET Z 270 60.98 -10.36 35.26
CA MET Z 270 60.13 -11.55 35.22
C MET Z 270 60.31 -12.43 33.96
N ARG Z 271 60.65 -11.81 32.83
CA ARG Z 271 60.96 -12.55 31.60
C ARG Z 271 62.26 -13.36 31.64
N GLU Z 272 63.04 -13.16 32.70
CA GLU Z 272 64.33 -13.81 32.89
C GLU Z 272 64.16 -15.25 33.35
N TYR Z 273 65.01 -16.13 32.85
CA TYR Z 273 64.87 -17.54 33.18
C TYR Z 273 65.90 -17.98 34.22
N ASP Z 274 65.41 -18.49 35.36
CA ASP Z 274 66.26 -18.93 36.46
C ASP Z 274 66.55 -20.43 36.34
N THR Z 275 67.79 -20.81 36.62
CA THR Z 275 68.29 -22.15 36.34
C THR Z 275 68.95 -22.83 37.55
N SER Z 276 69.91 -22.12 38.15
CA SER Z 276 70.97 -22.68 38.97
C SER Z 276 70.61 -23.80 39.96
N LYS Z 277 69.44 -23.74 40.58
CA LYS Z 277 68.96 -24.87 41.38
C LYS Z 277 69.00 -26.16 40.55
N ILE Z 278 68.34 -26.11 39.40
CA ILE Z 278 68.30 -27.21 38.43
C ILE Z 278 69.70 -27.60 37.98
N GLU Z 279 70.53 -26.60 37.73
CA GLU Z 279 71.92 -26.81 37.33
C GLU Z 279 72.66 -27.71 38.31
N ALA Z 280 72.65 -27.30 39.58
CA ALA Z 280 73.25 -28.11 40.64
C ALA Z 280 72.66 -29.52 40.66
N ALA Z 281 71.33 -29.61 40.59
CA ALA Z 281 70.68 -30.91 40.71
C ALA Z 281 71.11 -31.90 39.60
N ILE Z 282 71.07 -31.44 38.36
CA ILE Z 282 71.38 -32.29 37.20
C ILE Z 282 72.88 -32.53 37.01
N TRP Z 283 73.71 -31.59 37.49
CA TRP Z 283 75.15 -31.75 37.40
C TRP Z 283 75.56 -32.82 38.41
N ASP Z 284 74.88 -32.79 39.54
CA ASP Z 284 75.07 -33.80 40.57
C ASP Z 284 74.55 -35.15 40.07
N GLU Z 285 73.48 -35.08 39.27
CA GLU Z 285 72.92 -36.27 38.61
C GLU Z 285 73.92 -36.89 37.61
N ILE Z 286 74.67 -36.04 36.91
CA ILE Z 286 75.70 -36.52 35.98
C ILE Z 286 76.93 -37.11 36.71
N GLU Z 287 77.38 -36.45 37.78
CA GLU Z 287 78.43 -37.05 38.62
C GLU Z 287 78.00 -38.44 39.09
N ALA Z 288 76.81 -38.49 39.68
CA ALA Z 288 76.23 -39.71 40.21
C ALA Z 288 76.10 -40.80 39.14
N SER Z 289 75.88 -40.39 37.90
CA SER Z 289 75.75 -41.33 36.78
C SER Z 289 77.11 -41.84 36.26
N LYS Z 290 78.15 -41.01 36.36
CA LYS Z 290 79.50 -41.41 35.95
C LYS Z 290 80.13 -42.37 36.96
N ASN Z 291 79.85 -42.10 38.24
CA ASN Z 291 80.33 -42.93 39.35
C ASN Z 291 79.93 -44.40 39.25
N SER Z 292 78.65 -44.64 39.01
CA SER Z 292 78.12 -45.99 38.85
C SER Z 292 78.52 -46.57 37.49
N LEU AA 10 -23.40 26.28 17.36
CA LEU AA 10 -23.66 25.39 18.48
C LEU AA 10 -22.78 24.15 18.35
N ARG AA 11 -21.65 24.18 19.05
CA ARG AA 11 -20.69 23.10 19.02
C ARG AA 11 -21.10 22.02 20.00
N SER AA 12 -21.19 20.78 19.53
CA SER AA 12 -21.57 19.70 20.42
C SER AA 12 -20.48 18.64 20.47
N ARG AA 13 -20.24 18.12 21.66
CA ARG AA 13 -19.26 17.06 21.81
C ARG AA 13 -19.96 15.85 22.41
N VAL AA 14 -19.31 14.70 22.36
CA VAL AA 14 -19.92 13.52 22.93
C VAL AA 14 -19.44 13.33 24.36
N THR AA 15 -20.33 13.56 25.31
CA THR AA 15 -19.96 13.55 26.73
C THR AA 15 -19.90 12.15 27.34
N ASP AA 16 -20.72 11.25 26.85
CA ASP AA 16 -20.92 9.96 27.49
C ASP AA 16 -20.02 8.85 26.95
N ARG AA 17 -19.00 9.20 26.18
CA ARG AA 17 -18.14 8.21 25.53
C ARG AA 17 -17.67 7.08 26.47
N TYR AA 18 -17.50 7.40 27.75
CA TYR AA 18 -17.15 6.40 28.78
C TYR AA 18 -18.04 5.15 28.76
N TRP AA 19 -19.36 5.32 28.80
CA TRP AA 19 -20.26 4.17 28.86
C TRP AA 19 -20.32 3.45 27.52
N ARG AA 20 -20.10 4.18 26.44
CA ARG AA 20 -20.03 3.54 25.12
C ARG AA 20 -18.90 2.52 25.09
N VAL AA 21 -17.72 2.95 25.53
CA VAL AA 21 -16.59 2.03 25.62
C VAL AA 21 -16.87 0.90 26.62
N GLN AA 22 -17.40 1.24 27.80
CA GLN AA 22 -17.68 0.22 28.80
C GLN AA 22 -18.55 -0.89 28.25
N GLU AA 23 -19.52 -0.54 27.42
CA GLU AA 23 -20.42 -1.57 26.92
C GLU AA 23 -19.73 -2.61 26.05
N VAL AA 24 -18.68 -2.24 25.33
CA VAL AA 24 -17.92 -3.26 24.59
C VAL AA 24 -16.78 -3.87 25.40
N LEU AA 25 -16.37 -3.24 26.50
CA LEU AA 25 -15.32 -3.83 27.32
C LEU AA 25 -15.89 -4.79 28.33
N LYS AA 26 -17.19 -4.73 28.56
CA LYS AA 26 -17.86 -5.67 29.47
C LYS AA 26 -17.52 -7.06 29.02
N HIS AA 27 -17.59 -7.27 27.72
CA HIS AA 27 -17.43 -8.59 27.15
C HIS AA 27 -15.99 -8.97 26.94
N ALA AA 28 -15.11 -7.99 27.06
CA ALA AA 28 -13.71 -8.23 26.71
C ALA AA 28 -12.78 -8.59 27.88
N ARG AA 29 -13.30 -8.69 29.10
CA ARG AA 29 -12.43 -8.76 30.27
C ARG AA 29 -11.55 -10.01 30.36
N HIS AA 30 -12.05 -11.16 29.91
CA HIS AA 30 -11.34 -12.40 30.15
C HIS AA 30 -10.39 -12.83 29.02
N PHE AA 31 -10.30 -12.00 27.97
CA PHE AA 31 -9.38 -12.26 26.86
C PHE AA 31 -7.92 -12.16 27.30
N ARG AA 32 -7.01 -12.84 26.62
CA ARG AA 32 -5.59 -12.71 26.93
C ARG AA 32 -4.94 -11.50 26.25
N GLY AA 33 -3.86 -10.98 26.83
CA GLY AA 33 -3.05 -9.95 26.18
C GLY AA 33 -3.56 -8.52 26.14
N ARG AA 34 -3.47 -7.87 24.98
CA ARG AA 34 -3.89 -6.47 24.89
C ARG AA 34 -5.33 -6.30 24.44
N LYS AA 35 -6.02 -7.37 24.10
CA LYS AA 35 -7.43 -7.26 23.72
C LYS AA 35 -8.34 -6.86 24.88
N ASN AA 36 -7.93 -7.10 26.12
CA ASN AA 36 -8.81 -6.75 27.22
C ASN AA 36 -8.63 -5.32 27.67
N ARG AA 37 -7.84 -4.54 26.95
CA ARG AA 37 -7.71 -3.13 27.31
C ARG AA 37 -8.02 -2.20 26.16
N CYS AA 38 -7.14 -2.18 25.18
CA CYS AA 38 -7.24 -1.27 24.05
C CYS AA 38 -8.55 -1.44 23.28
N TYR AA 39 -9.26 -0.34 23.07
CA TYR AA 39 -10.60 -0.38 22.52
C TYR AA 39 -10.69 -0.97 21.11
N ARG AA 40 -9.72 -0.72 20.25
CA ARG AA 40 -9.66 -1.37 18.94
C ARG AA 40 -9.66 -2.89 19.03
N LEU AA 41 -8.55 -3.37 19.57
CA LEU AA 41 -8.31 -4.79 19.73
C LEU AA 41 -9.52 -5.44 20.39
N ALA AA 42 -10.05 -4.77 21.40
CA ALA AA 42 -11.28 -5.21 22.07
C ALA AA 42 -12.44 -5.38 21.12
N VAL AA 43 -12.75 -4.32 20.36
CA VAL AA 43 -13.88 -4.33 19.42
C VAL AA 43 -13.81 -5.51 18.46
N ARG AA 44 -12.63 -5.68 17.85
CA ARG AA 44 -12.50 -6.75 16.90
C ARG AA 44 -12.66 -8.11 17.60
N ALA AA 45 -11.90 -8.36 18.66
CA ALA AA 45 -11.95 -9.67 19.31
C ALA AA 45 -13.35 -10.02 19.85
N VAL AA 46 -14.09 -8.99 20.28
CA VAL AA 46 -15.48 -9.16 20.70
C VAL AA 46 -16.41 -9.54 19.54
N THR AA 47 -16.21 -8.93 18.37
CA THR AA 47 -17.05 -9.33 17.24
C THR AA 47 -16.78 -10.78 16.87
N ARG AA 48 -15.51 -11.13 16.75
CA ARG AA 48 -15.11 -12.53 16.61
C ARG AA 48 -15.82 -13.45 17.60
N ALA AA 49 -15.76 -13.07 18.87
CA ALA AA 49 -16.34 -13.84 19.97
C ALA AA 49 -17.83 -14.09 19.76
N PHE AA 50 -18.59 -13.05 19.42
CA PHE AA 50 -20.01 -13.23 19.16
C PHE AA 50 -20.28 -14.12 17.94
N VAL AA 51 -19.54 -13.92 16.85
CA VAL AA 51 -19.75 -14.76 15.67
C VAL AA 51 -19.57 -16.24 16.01
N LYS AA 52 -18.48 -16.56 16.70
CA LYS AA 52 -18.29 -17.94 17.09
C LYS AA 52 -19.34 -18.39 18.09
N CYS AA 53 -19.90 -17.47 18.87
CA CYS AA 53 -21.01 -17.80 19.75
C CYS AA 53 -22.16 -18.40 18.98
N THR AA 54 -22.62 -17.64 18.00
CA THR AA 54 -23.76 -18.09 17.21
C THR AA 54 -23.44 -19.32 16.35
N ARG AA 55 -22.23 -19.46 15.83
CA ARG AA 55 -21.93 -20.70 15.12
C ARG AA 55 -21.96 -21.89 16.06
N ALA AA 56 -21.46 -21.70 17.28
CA ALA AA 56 -21.44 -22.75 18.29
C ALA AA 56 -22.86 -23.20 18.62
N ARG AA 57 -23.80 -22.27 18.68
CA ARG AA 57 -25.19 -22.67 18.87
C ARG AA 57 -25.64 -23.75 17.90
N ARG AA 58 -25.26 -23.59 16.64
CA ARG AA 58 -25.60 -24.57 15.63
C ARG AA 58 -24.80 -25.85 15.81
N LEU AA 59 -23.50 -25.74 16.07
CA LEU AA 59 -22.66 -26.94 16.19
C LEU AA 59 -23.04 -27.88 17.32
N LYS AA 60 -23.34 -27.29 18.48
CA LYS AA 60 -23.45 -28.03 19.73
C LYS AA 60 -24.59 -29.05 19.69
N LYS AA 61 -25.50 -28.90 18.74
CA LYS AA 61 -26.57 -29.88 18.53
C LYS AA 61 -26.02 -31.14 17.85
N ARG AA 62 -25.15 -30.96 16.86
CA ARG AA 62 -24.47 -32.10 16.24
C ARG AA 62 -23.43 -32.73 17.16
N SER AA 63 -22.76 -31.91 17.97
CA SER AA 63 -21.82 -32.44 18.94
C SER AA 63 -22.53 -33.33 19.96
N LEU AA 64 -23.57 -32.79 20.59
CA LEU AA 64 -24.31 -33.59 21.52
C LEU AA 64 -24.84 -34.83 20.86
N ARG AA 65 -25.34 -34.72 19.63
CA ARG AA 65 -25.86 -35.93 19.02
C ARG AA 65 -24.77 -36.96 18.70
N THR AA 66 -23.58 -36.50 18.34
CA THR AA 66 -22.45 -37.41 18.12
C THR AA 66 -22.15 -38.16 19.41
N LEU AA 67 -22.00 -37.40 20.50
CA LEU AA 67 -21.76 -37.96 21.81
C LEU AA 67 -22.77 -39.06 22.14
N TRP AA 68 -24.04 -38.75 21.96
CA TRP AA 68 -25.08 -39.73 22.21
C TRP AA 68 -24.90 -40.97 21.37
N ILE AA 69 -24.63 -40.79 20.08
CA ILE AA 69 -24.53 -41.97 19.22
C ILE AA 69 -23.38 -42.85 19.67
N ASN AA 70 -22.25 -42.24 20.05
CA ASN AA 70 -21.14 -43.03 20.57
C ASN AA 70 -21.53 -43.83 21.79
N ARG AA 71 -22.15 -43.17 22.76
CA ARG AA 71 -22.55 -43.87 23.99
C ARG AA 71 -23.52 -45.01 23.73
N ILE AA 72 -24.42 -44.81 22.78
CA ILE AA 72 -25.32 -45.89 22.37
C ILE AA 72 -24.53 -47.01 21.71
N THR AA 73 -23.48 -46.67 20.96
CA THR AA 73 -22.68 -47.68 20.30
C THR AA 73 -21.94 -48.54 21.30
N ALA AA 74 -21.37 -47.90 22.32
CA ALA AA 74 -20.64 -48.60 23.37
C ALA AA 74 -21.55 -49.51 24.21
N ALA AA 75 -22.67 -48.94 24.64
CA ALA AA 75 -23.67 -49.71 25.36
C ALA AA 75 -24.15 -50.89 24.53
N SER AA 76 -24.27 -50.71 23.22
CA SER AA 76 -24.75 -51.77 22.35
C SER AA 76 -23.71 -52.84 22.15
N GLN AA 77 -22.45 -52.41 22.08
CA GLN AA 77 -21.33 -53.31 21.91
C GLN AA 77 -21.18 -54.24 23.09
N GLU AA 78 -21.41 -53.72 24.29
CA GLU AA 78 -21.34 -54.54 25.50
C GLU AA 78 -22.19 -55.81 25.41
N HIS AA 79 -23.37 -55.69 24.81
CA HIS AA 79 -24.26 -56.83 24.67
C HIS AA 79 -24.08 -57.56 23.35
N GLY AA 80 -23.06 -57.20 22.60
CA GLY AA 80 -22.75 -57.89 21.35
C GLY AA 80 -23.78 -57.62 20.27
N LEU AA 81 -23.99 -56.33 20.00
CA LEU AA 81 -24.87 -55.89 18.93
C LEU AA 81 -24.34 -54.55 18.42
N LYS AA 82 -24.31 -54.31 17.11
CA LYS AA 82 -23.74 -53.04 16.63
C LYS AA 82 -24.77 -51.92 16.61
N TYR AA 83 -24.34 -50.70 16.33
CA TYR AA 83 -25.25 -49.56 16.45
C TYR AA 83 -26.41 -49.60 15.44
N PRO AA 84 -26.11 -49.85 14.15
CA PRO AA 84 -27.21 -49.80 13.20
C PRO AA 84 -28.28 -50.85 13.51
N ALA AA 85 -27.85 -52.07 13.82
CA ALA AA 85 -28.75 -53.15 14.19
C ALA AA 85 -29.69 -52.74 15.33
N PHE AA 86 -29.09 -52.28 16.42
CA PHE AA 86 -29.82 -51.81 17.59
C PHE AA 86 -30.88 -50.77 17.25
N ILE AA 87 -30.49 -49.71 16.56
CA ILE AA 87 -31.44 -48.65 16.25
C ILE AA 87 -32.57 -49.09 15.32
N ILE AA 88 -32.22 -49.68 14.17
CA ILE AA 88 -33.24 -50.15 13.25
C ILE AA 88 -34.23 -51.06 13.93
N ASN AA 89 -33.74 -52.03 14.69
CA ASN AA 89 -34.66 -52.99 15.26
C ASN AA 89 -35.50 -52.38 16.36
N LEU AA 90 -34.95 -51.41 17.10
CA LEU AA 90 -35.77 -50.70 18.07
C LEU AA 90 -36.91 -49.97 17.38
N ILE AA 91 -36.63 -49.47 16.18
CA ILE AA 91 -37.65 -48.76 15.42
C ILE AA 91 -38.68 -49.72 14.86
N LYS AA 92 -38.25 -50.85 14.31
CA LYS AA 92 -39.15 -51.83 13.70
C LYS AA 92 -40.06 -52.48 14.72
N CYS AA 93 -39.77 -52.25 15.99
CA CYS AA 93 -40.63 -52.70 17.07
C CYS AA 93 -41.60 -51.59 17.43
N GLN AA 94 -41.55 -50.50 16.69
CA GLN AA 94 -42.35 -49.31 16.97
C GLN AA 94 -42.10 -48.73 18.35
N VAL AA 95 -40.83 -48.62 18.72
CA VAL AA 95 -40.47 -47.93 19.95
C VAL AA 95 -39.72 -46.67 19.57
N GLU AA 96 -40.33 -45.51 19.74
CA GLU AA 96 -39.63 -44.31 19.34
C GLU AA 96 -39.00 -43.66 20.55
N LEU AA 97 -37.68 -43.74 20.61
CA LEU AA 97 -36.94 -43.13 21.70
C LEU AA 97 -35.83 -42.23 21.15
N ASN AA 98 -35.64 -41.10 21.81
CA ASN AA 98 -34.55 -40.19 21.47
C ASN AA 98 -33.23 -40.90 21.58
N ARG AA 99 -32.22 -40.40 20.88
CA ARG AA 99 -30.89 -40.83 21.17
C ARG AA 99 -30.42 -40.23 22.50
N LYS AA 100 -31.01 -39.11 22.90
CA LYS AA 100 -30.70 -38.53 24.20
C LYS AA 100 -31.20 -39.44 25.30
N VAL AA 101 -32.49 -39.73 25.26
CA VAL AA 101 -33.13 -40.64 26.19
C VAL AA 101 -32.51 -42.03 26.18
N LEU AA 102 -32.14 -42.51 25.00
CA LEU AA 102 -31.48 -43.80 24.85
C LEU AA 102 -30.12 -43.85 25.52
N ALA AA 103 -29.27 -42.84 25.27
CA ALA AA 103 -27.95 -42.81 25.91
C ALA AA 103 -28.06 -42.67 27.44
N ASP AA 104 -29.05 -41.93 27.90
CA ASP AA 104 -29.27 -41.80 29.35
C ASP AA 104 -29.72 -43.11 29.98
N LEU AA 105 -30.58 -43.85 29.29
CA LEU AA 105 -30.90 -45.20 29.73
C LEU AA 105 -29.66 -46.08 29.75
N ALA AA 106 -28.80 -45.91 28.75
CA ALA AA 106 -27.57 -46.69 28.64
C ALA AA 106 -26.68 -46.49 29.86
N ILE AA 107 -26.59 -45.26 30.37
CA ILE AA 107 -25.78 -45.03 31.58
C ILE AA 107 -26.53 -45.32 32.88
N TYR AA 108 -27.62 -44.61 33.14
CA TYR AA 108 -28.25 -44.68 34.46
C TYR AA 108 -29.29 -45.77 34.70
N GLU AA 109 -29.54 -46.62 33.70
CA GLU AA 109 -30.40 -47.79 33.92
C GLU AA 109 -29.95 -48.98 33.11
N PRO AA 110 -28.77 -49.54 33.43
CA PRO AA 110 -28.17 -50.58 32.60
C PRO AA 110 -29.10 -51.78 32.42
N LYS AA 111 -29.92 -52.08 33.41
CA LYS AA 111 -30.85 -53.21 33.34
C LYS AA 111 -31.87 -53.04 32.21
N THR AA 112 -32.58 -51.92 32.27
CA THR AA 112 -33.57 -51.57 31.26
C THR AA 112 -32.93 -51.61 29.89
N PHE AA 113 -31.72 -51.08 29.79
CA PHE AA 113 -31.05 -51.00 28.51
C PHE AA 113 -30.74 -52.41 27.98
N LYS AA 114 -30.27 -53.31 28.82
CA LYS AA 114 -30.06 -54.69 28.37
C LYS AA 114 -31.39 -55.33 27.98
N SER AA 115 -32.48 -54.85 28.57
CA SER AA 115 -33.78 -55.33 28.18
C SER AA 115 -34.05 -54.91 26.75
N LEU AA 116 -33.76 -53.64 26.48
CA LEU AA 116 -33.92 -53.12 25.13
C LEU AA 116 -33.07 -53.89 24.13
N ALA AA 117 -31.79 -54.10 24.44
CA ALA AA 117 -30.89 -54.82 23.52
C ALA AA 117 -31.36 -56.24 23.27
N ALA AA 118 -31.91 -56.88 24.31
CA ALA AA 118 -32.49 -58.20 24.14
C ALA AA 118 -33.69 -58.11 23.20
N LEU AA 119 -34.49 -57.05 23.34
CA LEU AA 119 -35.66 -56.86 22.49
C LEU AA 119 -35.25 -56.71 21.04
N ALA AA 120 -34.36 -55.78 20.76
CA ALA AA 120 -33.87 -55.52 19.42
C ALA AA 120 -33.27 -56.77 18.81
N LYS AA 121 -32.42 -57.47 19.56
CA LYS AA 121 -31.80 -58.68 19.03
C LYS AA 121 -32.85 -59.73 18.67
N ARG AA 122 -33.82 -59.90 19.56
CA ARG AA 122 -34.94 -60.79 19.34
C ARG AA 122 -35.67 -60.46 18.04
N ARG AA 123 -36.04 -59.20 17.90
CA ARG AA 123 -36.78 -58.70 16.74
C ARG AA 123 -36.01 -58.92 15.44
N ARG AA 124 -34.69 -58.76 15.51
CA ARG AA 124 -33.83 -58.96 14.34
C ARG AA 124 -33.76 -60.42 13.92
N GLU AA 125 -33.54 -61.31 14.88
CA GLU AA 125 -33.54 -62.74 14.57
C GLU AA 125 -34.89 -63.16 14.01
N GLU AA 126 -35.93 -62.55 14.54
CA GLU AA 126 -37.27 -62.72 14.01
C GLU AA 126 -37.36 -62.33 12.54
N GLY AA 127 -36.66 -61.25 12.21
CA GLY AA 127 -36.56 -60.75 10.85
C GLY AA 127 -35.85 -61.70 9.90
N PHE AA 128 -34.65 -62.12 10.28
CA PHE AA 128 -33.89 -63.10 9.49
C PHE AA 128 -34.70 -64.36 9.25
N ALA AA 129 -35.32 -64.88 10.30
CA ALA AA 129 -36.13 -66.09 10.22
C ALA AA 129 -37.36 -65.90 9.33
N ALA AA 130 -37.94 -64.71 9.39
CA ALA AA 130 -39.11 -64.39 8.58
C ALA AA 130 -38.76 -64.32 7.09
N ALA AA 131 -37.65 -63.65 6.79
CA ALA AA 131 -37.26 -63.41 5.41
C ALA AA 131 -36.62 -64.62 4.74
N LEU AA 132 -35.89 -65.41 5.52
CA LEU AA 132 -35.26 -66.64 5.04
C LEU AA 132 -36.28 -67.78 4.94
N GLY AA 133 -37.30 -67.73 5.80
CA GLY AA 133 -38.32 -68.77 5.84
C GLY AA 133 -39.10 -68.93 4.54
N ASP AA 134 -39.14 -67.84 3.76
CA ASP AA 134 -39.82 -67.79 2.47
C ASP AA 134 -41.28 -68.28 2.49
N GLY AA 135 -42.06 -67.73 3.40
CA GLY AA 135 -43.49 -67.92 3.43
C GLY AA 135 -44.11 -66.70 4.08
N LYS AA 136 -45.35 -66.40 3.72
CA LYS AA 136 -45.97 -65.13 4.09
C LYS AA 136 -46.73 -65.17 5.41
N GLU AA 137 -47.02 -66.39 5.88
CA GLU AA 137 -47.96 -66.62 6.97
C GLU AA 137 -47.50 -66.23 8.39
N PRO AA 138 -46.36 -66.79 8.88
CA PRO AA 138 -46.06 -66.55 10.31
C PRO AA 138 -45.72 -65.10 10.66
N ASP AA 139 -46.36 -64.61 11.69
CA ASP AA 139 -46.03 -63.33 12.29
C ASP AA 139 -45.30 -63.59 13.59
N GLY AA 140 -44.01 -63.27 13.64
CA GLY AA 140 -43.29 -63.39 14.88
C GLY AA 140 -44.01 -62.52 15.89
N ILE AA 141 -44.04 -62.94 17.15
CA ILE AA 141 -44.83 -62.23 18.16
C ILE AA 141 -44.42 -60.75 18.22
N PHE AA 142 -43.14 -60.47 17.97
CA PHE AA 142 -42.67 -59.10 17.96
C PHE AA 142 -42.73 -58.44 16.58
N SER AA 143 -43.22 -59.18 15.59
CA SER AA 143 -43.36 -58.66 14.23
C SER AA 143 -44.72 -58.06 13.91
N ARG AA 144 -45.71 -58.25 14.78
CA ARG AA 144 -47.02 -57.68 14.52
C ARG AA 144 -46.94 -56.16 14.57
N VAL AA 145 -47.82 -55.49 13.83
CA VAL AA 145 -47.83 -54.03 13.76
C VAL AA 145 -49.18 -53.44 14.20
N VAL AA 146 -49.13 -52.66 15.28
CA VAL AA 146 -50.33 -52.09 15.86
C VAL AA 146 -50.74 -50.77 15.22
N GLN AA 147 -52.00 -50.69 14.79
CA GLN AA 147 -52.59 -49.42 14.41
C GLN AA 147 -53.36 -48.86 15.61
N HIS AA 148 -53.11 -47.61 15.94
CA HIS AA 148 -53.72 -46.96 17.11
C HIS AA 148 -55.24 -46.76 16.97
N ARG AA 149 -55.94 -46.79 18.11
CA ARG AA 149 -57.37 -46.46 18.15
C ARG AA 149 -57.60 -45.22 19.02
N VAL BA 55 -22.68 -82.40 0.95
CA VAL BA 55 -22.38 -81.13 1.61
C VAL BA 55 -21.39 -81.31 2.77
N PRO BA 56 -20.09 -81.43 2.45
CA PRO BA 56 -19.08 -81.49 3.51
C PRO BA 56 -18.82 -80.10 4.08
N LYS BA 57 -17.98 -79.99 5.10
CA LYS BA 57 -17.75 -78.68 5.69
C LYS BA 57 -16.54 -78.00 5.06
N THR BA 58 -16.82 -76.92 4.36
CA THR BA 58 -15.79 -75.98 3.91
C THR BA 58 -16.09 -74.65 4.60
N SER BA 59 -15.08 -73.81 4.69
CA SER BA 59 -15.19 -72.55 5.42
C SER BA 59 -16.26 -71.61 4.85
N LEU BA 60 -16.76 -71.93 3.65
CA LEU BA 60 -17.82 -71.14 3.04
C LEU BA 60 -19.20 -71.81 3.11
N GLY BA 61 -19.32 -73.02 2.56
CA GLY BA 61 -20.60 -73.70 2.45
C GLY BA 61 -21.46 -73.63 3.70
N SER BA 62 -20.83 -73.56 4.87
CA SER BA 62 -21.55 -73.26 6.10
C SER BA 62 -21.69 -71.74 6.33
N PRO BA 63 -22.93 -71.25 6.35
CA PRO BA 63 -23.17 -69.82 6.61
C PRO BA 63 -22.56 -69.40 7.94
N PRO BA 64 -21.76 -68.33 7.94
CA PRO BA 64 -20.99 -67.86 9.09
C PRO BA 64 -21.81 -67.11 10.14
N TRP BA 65 -22.59 -67.84 10.94
CA TRP BA 65 -23.33 -67.28 12.06
C TRP BA 65 -24.02 -68.42 12.81
N PRO BA 66 -24.30 -68.20 14.11
CA PRO BA 66 -25.01 -69.23 14.85
C PRO BA 66 -26.39 -69.50 14.26
N ASP BA 67 -26.83 -70.76 14.30
CA ASP BA 67 -28.15 -71.12 13.80
C ASP BA 67 -29.25 -70.44 14.65
N ILE BA 68 -30.38 -70.13 14.02
CA ILE BA 68 -31.47 -69.45 14.72
C ILE BA 68 -32.48 -70.42 15.35
N VAL BA 69 -32.63 -70.33 16.67
CA VAL BA 69 -33.63 -71.13 17.39
C VAL BA 69 -34.80 -70.24 17.82
N LEU BA 70 -35.95 -70.43 17.18
CA LEU BA 70 -37.12 -69.60 17.45
C LEU BA 70 -38.27 -70.44 18.03
N PRO BA 71 -38.73 -70.09 19.24
CA PRO BA 71 -39.81 -70.83 19.92
C PRO BA 71 -41.14 -70.84 19.16
N ASP BA 72 -42.00 -71.80 19.50
CA ASP BA 72 -43.33 -71.89 18.89
C ASP BA 72 -44.28 -70.84 19.47
N PRO BA 73 -45.04 -70.18 18.57
CA PRO BA 73 -46.02 -69.13 18.91
C PRO BA 73 -46.97 -69.49 20.06
N VAL BA 74 -47.41 -70.74 20.12
CA VAL BA 74 -48.30 -71.21 21.20
C VAL BA 74 -47.64 -71.06 22.58
N GLU BA 75 -46.45 -71.64 22.71
CA GLU BA 75 -45.71 -71.60 23.97
C GLU BA 75 -45.41 -70.15 24.37
N GLU BA 76 -45.22 -69.30 23.36
CA GLU BA 76 -44.93 -67.90 23.58
C GLU BA 76 -46.16 -67.13 24.06
N THR BA 77 -47.33 -67.47 23.52
CA THR BA 77 -48.57 -66.86 23.98
C THR BA 77 -48.88 -67.25 25.43
N ARG BA 78 -48.67 -68.53 25.76
CA ARG BA 78 -48.81 -68.99 27.13
C ARG BA 78 -47.84 -68.27 28.07
N HIS BA 79 -46.59 -68.21 27.63
CA HIS BA 79 -45.51 -67.67 28.43
C HIS BA 79 -45.69 -66.18 28.67
N HIS BA 80 -46.26 -65.50 27.67
CA HIS BA 80 -46.55 -64.09 27.77
C HIS BA 80 -47.71 -63.83 28.72
N ALA BA 81 -48.80 -64.57 28.54
CA ALA BA 81 -49.94 -64.47 29.44
C ALA BA 81 -49.48 -64.64 30.89
N GLU BA 82 -48.57 -65.59 31.10
CA GLU BA 82 -48.04 -65.90 32.43
C GLU BA 82 -47.16 -64.80 33.01
N VAL BA 83 -46.19 -64.35 32.21
CA VAL BA 83 -45.27 -63.29 32.63
C VAL BA 83 -45.99 -61.98 32.97
N VAL BA 84 -46.82 -61.52 32.02
CA VAL BA 84 -47.67 -60.37 32.25
C VAL BA 84 -48.50 -60.57 33.51
N GLY BA 85 -49.06 -61.77 33.67
CA GLY BA 85 -49.77 -62.08 34.90
C GLY BA 85 -48.93 -61.83 36.14
N GLN BA 86 -47.67 -62.28 36.12
CA GLN BA 86 -46.79 -62.15 37.27
C GLN BA 86 -46.44 -60.69 37.61
N VAL BA 87 -45.99 -59.95 36.61
CA VAL BA 87 -45.70 -58.52 36.78
C VAL BA 87 -46.93 -57.80 37.30
N ASN BA 88 -48.09 -58.19 36.78
CA ASN BA 88 -49.36 -57.67 37.22
C ASN BA 88 -49.56 -57.92 38.72
N GLU BA 89 -49.14 -59.10 39.17
CA GLU BA 89 -49.18 -59.41 40.59
C GLU BA 89 -48.20 -58.55 41.40
N LEU BA 90 -47.09 -58.15 40.77
CA LEU BA 90 -46.15 -57.25 41.43
C LEU BA 90 -46.70 -55.84 41.57
N ILE BA 91 -47.41 -55.37 40.55
CA ILE BA 91 -48.07 -54.07 40.59
C ILE BA 91 -49.17 -54.05 41.64
N ALA BA 92 -50.02 -55.07 41.63
CA ALA BA 92 -51.08 -55.19 42.61
C ALA BA 92 -50.50 -55.25 44.02
N ALA BA 93 -49.40 -55.98 44.18
CA ALA BA 93 -48.72 -56.14 45.47
C ALA BA 93 -48.14 -54.83 46.01
N GLY BA 94 -47.65 -53.97 45.11
CA GLY BA 94 -47.04 -52.72 45.51
C GLY BA 94 -45.54 -52.84 45.75
N ARG BA 95 -44.92 -53.83 45.11
CA ARG BA 95 -43.50 -54.10 45.28
C ARG BA 95 -42.54 -53.19 44.49
N TYR BA 96 -43.07 -52.33 43.63
CA TYR BA 96 -42.19 -51.44 42.89
C TYR BA 96 -41.66 -50.36 43.79
N GLY BA 97 -40.35 -50.27 43.93
CA GLY BA 97 -39.77 -49.29 44.83
C GLY BA 97 -39.89 -47.84 44.40
N ARG BA 98 -39.28 -47.52 43.26
CA ARG BA 98 -39.31 -46.15 42.73
C ARG BA 98 -39.45 -46.27 41.23
N LEU BA 99 -40.32 -45.47 40.63
CA LEU BA 99 -40.50 -45.55 39.19
C LEU BA 99 -39.77 -44.41 38.49
N PHE BA 100 -39.26 -44.67 37.29
CA PHE BA 100 -38.82 -43.58 36.42
C PHE BA 100 -39.58 -43.71 35.11
N ALA BA 101 -39.91 -42.57 34.51
CA ALA BA 101 -40.65 -42.59 33.26
C ALA BA 101 -39.94 -41.83 32.16
N VAL BA 102 -40.22 -42.19 30.92
CA VAL BA 102 -39.79 -41.42 29.77
C VAL BA 102 -41.02 -40.78 29.17
N VAL BA 103 -41.02 -39.46 29.20
CA VAL BA 103 -42.17 -38.64 28.84
C VAL BA 103 -41.92 -37.92 27.52
N HIS BA 104 -42.98 -37.58 26.78
CA HIS BA 104 -42.82 -36.72 25.61
C HIS BA 104 -43.50 -35.39 25.84
N PHE BA 105 -42.74 -34.32 26.06
CA PHE BA 105 -43.42 -33.06 26.33
C PHE BA 105 -42.84 -31.88 25.57
N ALA BA 106 -43.74 -31.07 25.02
CA ALA BA 106 -43.37 -29.83 24.34
C ALA BA 106 -42.30 -30.08 23.30
N GLY BA 107 -42.43 -31.21 22.60
CA GLY BA 107 -41.54 -31.52 21.50
C GLY BA 107 -40.24 -32.17 21.86
N HIS BA 108 -40.08 -32.57 23.12
CA HIS BA 108 -38.86 -33.27 23.49
C HIS BA 108 -39.18 -34.56 24.21
N GLN BA 109 -38.17 -35.40 24.40
CA GLN BA 109 -38.34 -36.50 25.33
C GLN BA 109 -37.51 -36.28 26.61
N TRP BA 110 -38.06 -36.71 27.74
CA TRP BA 110 -37.42 -36.50 29.04
C TRP BA 110 -37.42 -37.75 29.93
N LYS BA 111 -36.48 -37.81 30.86
CA LYS BA 111 -36.49 -38.85 31.88
C LYS BA 111 -36.87 -38.23 33.22
N VAL BA 112 -37.95 -38.74 33.82
CA VAL BA 112 -38.62 -38.07 34.92
C VAL BA 112 -38.81 -39.03 36.08
N THR BA 113 -38.58 -38.55 37.30
CA THR BA 113 -38.85 -39.32 38.52
C THR BA 113 -39.43 -38.36 39.55
N ALA BA 114 -40.13 -38.87 40.56
CA ALA BA 114 -40.69 -38.03 41.60
C ALA BA 114 -39.61 -37.14 42.20
N GLU BA 115 -40.01 -35.92 42.57
CA GLU BA 115 -39.16 -34.92 43.22
C GLU BA 115 -38.19 -34.22 42.28
N ASP BA 116 -38.18 -34.62 41.01
CA ASP BA 116 -37.25 -34.02 40.04
C ASP BA 116 -37.74 -32.71 39.45
N LEU BA 117 -36.95 -32.17 38.52
CA LEU BA 117 -37.14 -30.81 38.02
C LEU BA 117 -36.76 -30.78 36.54
N ILE BA 118 -37.55 -30.14 35.68
CA ILE BA 118 -37.09 -29.92 34.30
C ILE BA 118 -37.39 -28.51 33.79
N LEU BA 119 -36.68 -28.08 32.76
CA LEU BA 119 -36.85 -26.74 32.22
C LEU BA 119 -37.39 -26.73 30.79
N ILE BA 120 -38.64 -26.37 30.63
CA ILE BA 120 -39.28 -26.36 29.32
C ILE BA 120 -39.07 -25.02 28.67
N GLU BA 121 -38.86 -25.03 27.36
CA GLU BA 121 -38.31 -23.88 26.68
C GLU BA 121 -39.33 -22.88 26.14
N ASN BA 122 -40.62 -23.09 26.37
CA ASN BA 122 -41.60 -22.09 25.96
C ASN BA 122 -42.68 -21.85 27.00
N GLU BA 123 -43.45 -20.79 26.79
CA GLU BA 123 -44.53 -20.43 27.70
C GLU BA 123 -45.75 -21.33 27.57
N LEU BA 124 -46.24 -21.84 28.70
CA LEU BA 124 -47.52 -22.55 28.72
C LEU BA 124 -48.53 -21.69 29.43
N ASP BA 125 -49.81 -21.83 29.10
CA ASP BA 125 -50.80 -21.00 29.77
C ASP BA 125 -51.39 -21.80 30.90
N VAL BA 126 -50.86 -21.53 32.08
CA VAL BA 126 -51.25 -22.22 33.28
C VAL BA 126 -50.98 -21.21 34.37
N ALA BA 127 -51.81 -21.19 35.40
CA ALA BA 127 -51.51 -20.37 36.56
C ALA BA 127 -50.29 -20.98 37.25
N CYS BA 128 -49.54 -20.18 37.99
CA CYS BA 128 -48.38 -20.71 38.68
C CYS BA 128 -48.78 -21.51 39.92
N GLY BA 129 -48.38 -22.78 39.95
CA GLY BA 129 -48.68 -23.64 41.08
C GLY BA 129 -49.72 -24.71 40.79
N GLU BA 130 -50.36 -24.60 39.63
CA GLU BA 130 -51.36 -25.58 39.20
C GLU BA 130 -50.77 -26.96 38.99
N ARG BA 131 -51.61 -27.99 39.05
CA ARG BA 131 -51.15 -29.36 38.88
C ARG BA 131 -51.55 -29.99 37.54
N ILE BA 132 -50.55 -30.15 36.67
CA ILE BA 132 -50.68 -30.72 35.35
C ILE BA 132 -50.55 -32.24 35.33
N ARG BA 133 -51.31 -32.90 34.47
CA ARG BA 133 -51.17 -34.34 34.27
C ARG BA 133 -50.62 -34.65 32.89
N LEU BA 134 -49.35 -35.06 32.82
CA LEU BA 134 -48.70 -35.32 31.52
C LEU BA 134 -49.27 -36.57 30.90
N GLU BA 135 -49.48 -36.58 29.59
CA GLU BA 135 -50.24 -37.66 28.99
C GLU BA 135 -49.43 -38.61 28.14
N LYS BA 136 -48.76 -38.13 27.10
CA LYS BA 136 -48.00 -39.08 26.30
C LYS BA 136 -46.82 -39.59 27.11
N VAL BA 137 -46.80 -40.89 27.37
CA VAL BA 137 -45.75 -41.53 28.15
C VAL BA 137 -45.14 -42.68 27.36
N LEU BA 138 -43.83 -42.61 27.14
CA LEU BA 138 -43.12 -43.63 26.39
C LEU BA 138 -42.67 -44.78 27.28
N LEU BA 139 -41.84 -44.50 28.27
CA LEU BA 139 -41.36 -45.59 29.08
C LEU BA 139 -41.81 -45.50 30.55
N VAL BA 140 -41.97 -46.65 31.20
CA VAL BA 140 -42.06 -46.69 32.65
C VAL BA 140 -41.14 -47.81 33.11
N GLY BA 141 -40.39 -47.58 34.18
CA GLY BA 141 -39.49 -48.62 34.64
C GLY BA 141 -39.23 -48.59 36.12
N ALA BA 142 -38.89 -49.77 36.64
CA ALA BA 142 -38.64 -50.01 38.04
C ALA BA 142 -37.65 -51.16 38.13
N ASP BA 143 -36.99 -51.32 39.27
CA ASP BA 143 -35.83 -52.21 39.41
C ASP BA 143 -36.05 -53.56 38.73
N ASN BA 144 -37.17 -54.20 39.05
CA ASN BA 144 -37.47 -55.51 38.51
C ASN BA 144 -38.19 -55.58 37.14
N PHE BA 145 -38.88 -54.52 36.72
CA PHE BA 145 -39.68 -54.61 35.49
C PHE BA 145 -39.72 -53.32 34.72
N THR BA 146 -40.11 -53.41 33.45
CA THR BA 146 -40.24 -52.22 32.60
C THR BA 146 -41.40 -52.32 31.60
N LEU BA 147 -42.23 -51.28 31.56
CA LEU BA 147 -43.33 -51.18 30.60
C LEU BA 147 -42.96 -50.26 29.43
N LEU BA 148 -43.10 -50.83 28.24
CA LEU BA 148 -42.76 -50.19 26.97
C LEU BA 148 -43.99 -49.95 26.08
N GLY BA 149 -44.23 -48.70 25.71
CA GLY BA 149 -45.34 -48.37 24.83
C GLY BA 149 -45.07 -48.51 23.34
N LYS BA 150 -46.07 -48.97 22.61
CA LYS BA 150 -46.05 -48.99 21.15
C LYS BA 150 -47.06 -48.00 20.56
N PRO BA 151 -46.57 -46.87 20.05
CA PRO BA 151 -45.36 -46.31 20.64
C PRO BA 151 -45.78 -45.33 21.72
N LEU BA 152 -46.74 -45.74 22.54
CA LEU BA 152 -47.31 -44.90 23.58
C LEU BA 152 -47.92 -45.78 24.65
N LEU BA 153 -47.89 -45.32 25.89
CA LEU BA 153 -48.49 -46.12 26.96
C LEU BA 153 -49.92 -45.68 27.20
N GLY BA 154 -50.83 -46.65 27.27
CA GLY BA 154 -52.24 -46.37 27.51
C GLY BA 154 -52.52 -45.63 28.80
N LYS BA 155 -53.46 -44.68 28.76
CA LYS BA 155 -53.74 -43.81 29.89
C LYS BA 155 -54.08 -44.53 31.19
N GLU BA 156 -54.97 -45.53 31.10
CA GLU BA 156 -55.43 -46.26 32.28
C GLU BA 156 -54.30 -46.98 33.01
N LEU BA 157 -53.21 -47.24 32.30
CA LEU BA 157 -52.11 -48.01 32.87
C LEU BA 157 -51.24 -47.20 33.82
N VAL BA 158 -50.83 -46.01 33.39
CA VAL BA 158 -49.89 -45.20 34.17
C VAL BA 158 -50.32 -43.74 34.22
N ARG BA 159 -49.88 -43.02 35.24
CA ARG BA 159 -50.23 -41.62 35.40
C ARG BA 159 -49.05 -40.82 35.93
N VAL BA 160 -48.78 -39.65 35.36
CA VAL BA 160 -47.66 -38.84 35.85
C VAL BA 160 -48.08 -37.38 36.03
N GLU BA 161 -47.96 -36.89 37.26
CA GLU BA 161 -48.47 -35.57 37.62
C GLU BA 161 -47.38 -34.61 38.10
N ALA BA 162 -47.28 -33.46 37.44
CA ALA BA 162 -46.26 -32.47 37.75
C ALA BA 162 -46.88 -31.12 38.10
N THR BA 163 -46.07 -30.23 38.68
CA THR BA 163 -46.50 -28.89 39.04
C THR BA 163 -45.61 -27.88 38.35
N VAL BA 164 -46.19 -26.79 37.84
CA VAL BA 164 -45.36 -25.73 37.29
C VAL BA 164 -44.90 -24.81 38.41
N ILE BA 165 -43.57 -24.69 38.54
CA ILE BA 165 -42.94 -23.90 39.59
C ILE BA 165 -42.68 -22.46 39.17
N GLU BA 166 -41.89 -22.28 38.12
CA GLU BA 166 -41.37 -20.97 37.77
C GLU BA 166 -41.69 -20.55 36.34
N LYS BA 167 -42.18 -19.33 36.18
CA LYS BA 167 -42.30 -18.74 34.85
C LYS BA 167 -41.25 -17.66 34.74
N THR BA 168 -40.42 -17.75 33.71
CA THR BA 168 -39.19 -16.97 33.65
C THR BA 168 -38.94 -16.47 32.24
N GLU BA 169 -38.13 -15.43 32.12
CA GLU BA 169 -37.50 -15.08 30.85
C GLU BA 169 -36.04 -15.51 30.94
N SER BA 170 -35.56 -16.21 29.91
CA SER BA 170 -34.19 -16.72 29.85
C SER BA 170 -33.11 -15.63 29.84
N TRP BA 171 -31.89 -16.00 30.24
CA TRP BA 171 -30.72 -15.09 30.21
C TRP BA 171 -30.47 -14.66 28.77
N PRO BA 172 -29.95 -13.45 28.56
CA PRO BA 172 -29.84 -12.94 27.19
C PRO BA 172 -28.90 -13.77 26.32
N LYS BA 173 -29.38 -14.22 25.16
CA LYS BA 173 -28.55 -15.00 24.22
C LYS BA 173 -28.10 -14.13 23.05
N ILE BA 174 -26.79 -13.95 22.89
CA ILE BA 174 -26.27 -12.98 21.92
C ILE BA 174 -26.03 -13.59 20.56
N ASN BA 175 -26.82 -13.20 19.56
CA ASN BA 175 -26.70 -13.74 18.21
C ASN BA 175 -26.25 -12.73 17.16
N MET BA 176 -25.09 -12.94 16.54
CA MET BA 176 -24.57 -11.97 15.58
C MET BA 176 -23.97 -12.46 14.26
N LYS BA 177 -24.60 -12.08 13.13
CA LYS BA 177 -24.06 -12.45 11.82
C LYS BA 177 -23.05 -11.44 11.32
N PHE BA 178 -22.04 -11.92 10.61
CA PHE BA 178 -20.93 -11.08 10.17
C PHE BA 178 -20.43 -11.49 8.78
N GLN BA 179 -19.91 -10.54 8.02
CA GLN BA 179 -19.42 -10.82 6.66
C GLN BA 179 -18.09 -10.12 6.34
N LYS BA 180 -17.13 -10.79 5.71
CA LYS BA 180 -15.82 -10.17 5.47
C LYS BA 180 -15.88 -9.05 4.47
N ARG BA 181 -15.50 -7.85 4.90
CA ARG BA 181 -15.37 -6.66 4.06
C ARG BA 181 -16.54 -6.47 3.10
N LYS BA 182 -17.73 -6.90 3.52
CA LYS BA 182 -18.96 -6.51 2.86
C LYS BA 182 -19.63 -5.43 3.68
N ASN BA 183 -19.02 -5.11 4.81
CA ASN BA 183 -19.56 -4.14 5.73
C ASN BA 183 -20.90 -4.61 6.29
N TYR BA 184 -21.06 -5.91 6.53
CA TYR BA 184 -22.32 -6.42 7.06
C TYR BA 184 -22.19 -7.06 8.45
N GLN BA 185 -22.83 -6.41 9.43
CA GLN BA 185 -23.01 -6.95 10.78
C GLN BA 185 -24.46 -6.88 11.18
N ARG BA 186 -24.94 -7.87 11.90
CA ARG BA 186 -26.25 -7.76 12.52
C ARG BA 186 -26.15 -8.33 13.91
N LYS BA 187 -26.39 -7.52 14.92
CA LYS BA 187 -26.38 -8.02 16.29
C LYS BA 187 -27.80 -8.04 16.84
N ARG BA 188 -28.22 -9.19 17.38
CA ARG BA 188 -29.55 -9.31 17.99
C ARG BA 188 -29.47 -10.11 19.27
N ILE BA 189 -30.07 -9.61 20.35
CA ILE BA 189 -30.10 -10.36 21.60
C ILE BA 189 -31.47 -11.02 21.77
N THR BA 190 -31.46 -12.27 22.20
CA THR BA 190 -32.68 -13.08 22.32
C THR BA 190 -33.08 -13.31 23.78
N VAL BA 191 -34.37 -13.22 24.04
CA VAL BA 191 -34.91 -13.58 25.33
C VAL BA 191 -36.09 -14.52 25.14
N ASN BA 192 -35.99 -15.68 25.75
CA ASN BA 192 -36.92 -16.76 25.56
C ASN BA 192 -37.77 -17.02 26.82
N PRO BA 193 -39.11 -16.99 26.70
CA PRO BA 193 -39.92 -17.44 27.84
C PRO BA 193 -39.71 -18.91 28.21
N GLN BA 194 -39.45 -19.18 29.47
CA GLN BA 194 -39.19 -20.53 29.98
C GLN BA 194 -40.08 -20.90 31.15
N THR BA 195 -40.25 -22.20 31.35
CA THR BA 195 -41.14 -22.73 32.40
C THR BA 195 -40.50 -23.90 33.14
N VAL BA 196 -40.33 -23.79 34.45
CA VAL BA 196 -39.75 -24.89 35.24
C VAL BA 196 -40.83 -25.81 35.81
N LEU BA 197 -40.68 -27.11 35.63
CA LEU BA 197 -41.61 -28.08 36.20
C LEU BA 197 -41.03 -28.94 37.32
N ARG BA 198 -41.68 -28.93 38.48
CA ARG BA 198 -41.46 -29.96 39.49
C ARG BA 198 -42.30 -31.15 39.12
N ILE BA 199 -41.71 -32.34 39.12
CA ILE BA 199 -42.54 -33.50 38.85
C ILE BA 199 -42.88 -34.19 40.17
N ASN BA 200 -44.18 -34.28 40.45
CA ASN BA 200 -44.63 -34.83 41.73
C ASN BA 200 -44.68 -36.32 41.77
N SER BA 201 -45.61 -36.91 41.03
CA SER BA 201 -45.84 -38.33 41.23
C SER BA 201 -45.93 -39.14 39.96
N ILE BA 202 -45.39 -40.36 40.01
CA ILE BA 202 -45.64 -41.35 38.99
C ILE BA 202 -46.39 -42.51 39.61
N GLU BA 203 -47.67 -42.69 39.26
CA GLU BA 203 -48.45 -43.80 39.77
C GLU BA 203 -48.67 -44.86 38.70
N ILE BA 204 -48.72 -46.12 39.09
CA ILE BA 204 -48.96 -47.17 38.12
C ILE BA 204 -50.07 -48.14 38.58
N ALA BA 205 -51.10 -48.26 37.75
CA ALA BA 205 -52.29 -49.01 38.11
C ALA BA 205 -52.13 -50.50 37.81
N PRO BA 206 -52.90 -51.36 38.48
CA PRO BA 206 -52.75 -52.81 38.35
C PRO BA 206 -53.14 -53.39 37.00
N CYS BA 207 -53.91 -52.68 36.17
CA CYS BA 207 -54.52 -53.36 35.05
C CYS BA 207 -53.55 -53.53 33.88
N LEU BA 208 -53.24 -54.79 33.63
CA LEU BA 208 -52.42 -55.22 32.52
C LEU BA 208 -52.89 -56.59 32.07
N CYS BA 209 -53.06 -56.79 30.77
CA CYS BA 209 -53.58 -58.06 30.27
C CYS BA 209 -52.84 -58.55 29.01
N ILE CA 45 1.26 14.34 39.72
CA ILE CA 45 1.69 13.62 40.91
C ILE CA 45 0.51 13.01 41.66
N SER CA 46 0.79 11.94 42.39
CA SER CA 46 -0.15 11.41 43.35
C SER CA 46 0.57 11.01 44.64
N ARG CA 47 0.16 11.60 45.77
CA ARG CA 47 0.68 11.16 47.05
C ARG CA 47 -0.41 10.41 47.76
N LYS CA 48 -0.16 9.13 48.00
CA LYS CA 48 -1.11 8.29 48.73
C LYS CA 48 -0.36 7.59 49.84
N TRP CA 49 0.67 6.86 49.44
CA TRP CA 49 1.48 5.99 50.28
C TRP CA 49 1.85 6.64 51.62
N GLU CA 50 2.35 7.88 51.57
CA GLU CA 50 2.69 8.64 52.78
C GLU CA 50 1.51 8.75 53.77
N LYS CA 51 0.32 8.98 53.24
CA LYS CA 51 -0.86 9.13 54.07
C LYS CA 51 -1.29 7.82 54.75
N LYS CA 52 -0.70 6.70 54.36
CA LYS CA 52 -1.09 5.43 54.97
C LYS CA 52 -0.60 5.30 56.41
N ASN CA 53 0.14 6.31 56.86
CA ASN CA 53 0.56 6.38 58.26
C ASN CA 53 -0.41 7.16 59.14
N LYS CA 54 -1.42 7.75 58.52
CA LYS CA 54 -2.33 8.64 59.25
C LYS CA 54 -3.59 7.92 59.72
N ILE CA 55 -3.68 6.61 59.48
CA ILE CA 55 -4.82 5.84 59.96
C ILE CA 55 -4.75 5.62 61.46
N VAL CA 56 -5.78 6.00 62.19
CA VAL CA 56 -5.84 5.72 63.62
C VAL CA 56 -6.93 4.68 63.90
N TYR CA 57 -6.56 3.60 64.59
CA TYR CA 57 -7.48 2.49 64.83
C TYR CA 57 -8.27 2.61 66.13
N PRO CA 58 -9.44 1.96 66.16
CA PRO CA 58 -10.16 1.77 67.43
C PRO CA 58 -9.36 0.91 68.40
N PRO CA 59 -9.45 1.22 69.71
CA PRO CA 59 -8.69 0.53 70.76
C PRO CA 59 -8.99 -0.96 70.82
N GLN CA 60 -8.13 -1.68 71.52
CA GLN CA 60 -8.17 -3.12 71.54
C GLN CA 60 -9.18 -3.66 72.55
N LEU CA 61 -10.02 -4.58 72.09
CA LEU CA 61 -10.88 -5.37 72.97
C LEU CA 61 -10.01 -6.38 73.71
N PRO CA 62 -10.45 -6.83 74.89
CA PRO CA 62 -9.58 -7.66 75.74
C PRO CA 62 -9.07 -8.96 75.10
N GLY CA 63 -7.78 -9.22 75.27
CA GLY CA 63 -7.18 -10.49 74.92
C GLY CA 63 -7.21 -10.95 73.48
N GLU CA 64 -7.44 -10.04 72.54
CA GLU CA 64 -7.39 -10.41 71.13
C GLU CA 64 -5.94 -10.55 70.65
N PRO CA 65 -5.73 -10.99 69.39
CA PRO CA 65 -4.35 -10.92 68.92
C PRO CA 65 -3.88 -9.49 68.71
N ARG CA 66 -2.70 -9.19 69.20
CA ARG CA 66 -2.13 -7.85 69.06
C ARG CA 66 -1.77 -7.63 67.60
N ARG CA 67 -2.36 -6.60 66.99
CA ARG CA 67 -2.08 -6.35 65.57
C ARG CA 67 -0.71 -5.70 65.45
N PRO CA 68 0.18 -6.36 64.70
CA PRO CA 68 1.57 -5.94 64.57
C PRO CA 68 1.70 -4.62 63.81
N ALA CA 69 2.71 -3.84 64.17
CA ALA CA 69 2.92 -2.52 63.59
C ALA CA 69 3.21 -2.56 62.09
N GLU CA 70 2.54 -1.70 61.32
CA GLU CA 70 2.86 -1.49 59.92
C GLU CA 70 3.46 -0.10 59.77
N ILE CA 71 4.61 -0.02 59.13
CA ILE CA 71 5.22 1.26 58.84
C ILE CA 71 5.35 1.41 57.33
N TYR CA 72 4.92 2.53 56.78
CA TYR CA 72 5.07 2.79 55.35
C TYR CA 72 6.10 3.88 55.11
N HIS CA 73 6.89 3.74 54.06
CA HIS CA 73 7.82 4.80 53.73
C HIS CA 73 8.08 4.82 52.25
N CYS CA 74 8.27 6.01 51.70
CA CYS CA 74 8.63 6.12 50.29
C CYS CA 74 9.74 7.15 50.08
N ARG CA 75 10.32 7.14 48.90
CA ARG CA 75 11.24 8.18 48.49
C ARG CA 75 10.96 8.58 47.05
N ARG CA 76 10.57 9.84 46.82
CA ARG CA 76 10.10 10.25 45.49
C ARG CA 76 11.17 10.97 44.65
N GLN CA 77 11.15 10.73 43.35
CA GLN CA 77 12.09 11.34 42.40
C GLN CA 77 13.56 11.01 42.66
N ILE CA 78 13.90 9.73 42.75
CA ILE CA 78 15.29 9.27 42.71
C ILE CA 78 15.81 9.33 41.28
N LYS CA 79 17.09 9.67 41.09
CA LYS CA 79 17.68 9.82 39.77
C LYS CA 79 17.94 8.47 39.05
N TYR CA 80 17.75 7.36 39.77
CA TYR CA 80 17.84 6.01 39.20
C TYR CA 80 16.71 5.71 38.21
N SER CA 81 16.91 4.76 37.30
CA SER CA 81 15.80 4.32 36.44
C SER CA 81 14.88 3.31 37.13
N LYS CA 82 13.64 3.22 36.68
CA LYS CA 82 12.64 2.34 37.32
C LYS CA 82 13.00 0.84 37.25
N ASP CA 83 13.50 0.43 36.08
CA ASP CA 83 13.77 -0.98 35.81
C ASP CA 83 14.96 -1.52 36.56
N LYS CA 84 16.00 -0.69 36.71
CA LYS CA 84 17.13 -1.10 37.51
C LYS CA 84 16.74 -1.13 38.98
N MET CA 85 16.03 -0.11 39.43
CA MET CA 85 15.56 -0.06 40.82
C MET CA 85 14.70 -1.29 41.16
N TRP CA 86 14.00 -1.82 40.16
CA TRP CA 86 13.16 -2.99 40.41
C TRP CA 86 13.92 -4.17 40.97
N TYR CA 87 15.15 -4.40 40.52
CA TYR CA 87 15.88 -5.58 40.95
C TYR CA 87 16.27 -5.52 42.41
N LEU CA 88 16.71 -4.34 42.84
CA LEU CA 88 16.98 -4.10 44.24
C LEU CA 88 15.72 -4.34 45.03
N ALA CA 89 14.64 -3.68 44.65
CA ALA CA 89 13.37 -3.89 45.35
C ALA CA 89 12.97 -5.37 45.43
N LYS CA 90 13.25 -6.15 44.38
CA LYS CA 90 12.87 -7.55 44.36
C LYS CA 90 13.76 -8.38 45.28
N LEU CA 91 15.04 -8.02 45.35
CA LEU CA 91 16.01 -8.76 46.16
C LEU CA 91 15.63 -8.82 47.64
N ILE CA 92 15.31 -7.68 48.23
CA ILE CA 92 15.17 -7.62 49.68
C ILE CA 92 13.81 -8.04 50.22
N ARG CA 93 12.86 -8.36 49.35
CA ARG CA 93 11.50 -8.73 49.79
C ARG CA 93 11.46 -9.93 50.73
N GLY CA 94 10.64 -9.84 51.77
CA GLY CA 94 10.46 -10.96 52.68
C GLY CA 94 11.60 -11.13 53.66
N MET CA 95 12.70 -10.41 53.46
CA MET CA 95 13.84 -10.52 54.37
C MET CA 95 13.61 -9.80 55.68
N SER CA 96 14.31 -10.22 56.73
CA SER CA 96 14.35 -9.46 57.96
C SER CA 96 15.20 -8.23 57.71
N ILE CA 97 14.93 -7.14 58.43
CA ILE CA 97 15.57 -5.86 58.09
C ILE CA 97 17.09 -5.93 58.17
N ASP CA 98 17.62 -6.81 59.01
CA ASP CA 98 19.06 -6.89 59.18
C ASP CA 98 19.72 -7.57 58.00
N GLN CA 99 19.10 -8.62 57.51
CA GLN CA 99 19.59 -9.30 56.32
C GLN CA 99 19.52 -8.37 55.12
N ALA CA 100 18.43 -7.64 55.00
CA ALA CA 100 18.26 -6.70 53.90
C ALA CA 100 19.35 -5.65 53.92
N LEU CA 101 19.60 -5.09 55.10
CA LEU CA 101 20.67 -4.11 55.25
C LEU CA 101 22.03 -4.71 54.87
N ALA CA 102 22.25 -5.95 55.30
CA ALA CA 102 23.49 -6.67 54.97
C ALA CA 102 23.68 -6.77 53.46
N GLN CA 103 22.70 -7.35 52.77
CA GLN CA 103 22.72 -7.48 51.32
C GLN CA 103 22.96 -6.15 50.61
N LEU CA 104 22.06 -5.20 50.84
CA LEU CA 104 22.18 -3.88 50.24
C LEU CA 104 23.56 -3.26 50.41
N GLU CA 105 24.11 -3.34 51.63
CA GLU CA 105 25.40 -2.72 51.94
C GLU CA 105 26.52 -3.12 51.00
N PHE CA 106 26.65 -4.42 50.75
CA PHE CA 106 27.74 -4.88 49.92
C PHE CA 106 27.44 -4.86 48.43
N SER CA 107 26.19 -4.61 48.05
CA SER CA 107 25.82 -4.60 46.63
C SER CA 107 26.40 -3.40 45.90
N ASP CA 108 26.65 -3.59 44.62
CA ASP CA 108 27.31 -2.60 43.81
C ASP CA 108 26.44 -1.47 43.25
N LYS CA 109 25.18 -1.79 42.90
CA LYS CA 109 24.30 -0.83 42.24
C LYS CA 109 24.20 0.49 42.98
N LYS CA 110 24.10 1.60 42.25
CA LYS CA 110 24.01 2.90 42.91
C LYS CA 110 22.65 3.08 43.58
N GLY CA 111 21.73 2.16 43.33
CA GLY CA 111 20.46 2.18 44.03
C GLY CA 111 20.60 1.66 45.44
N ALA CA 112 21.66 0.89 45.69
CA ALA CA 112 21.88 0.27 46.99
C ALA CA 112 22.01 1.30 48.11
N GLN CA 113 22.79 2.35 47.89
CA GLN CA 113 22.95 3.37 48.92
C GLN CA 113 21.64 4.07 49.20
N ILE CA 114 20.79 4.13 48.18
CA ILE CA 114 19.52 4.82 48.27
C ILE CA 114 18.53 4.02 49.12
N ILE CA 115 18.23 2.80 48.68
CA ILE CA 115 17.34 1.93 49.44
C ILE CA 115 17.84 1.71 50.88
N LYS CA 116 19.15 1.76 51.08
CA LYS CA 116 19.71 1.64 52.42
C LYS CA 116 19.24 2.76 53.35
N GLU CA 117 19.48 4.01 52.94
CA GLU CA 117 19.02 5.16 53.71
C GLU CA 117 17.53 5.11 54.00
N VAL CA 118 16.76 4.66 53.01
CA VAL CA 118 15.32 4.56 53.16
C VAL CA 118 14.93 3.52 54.21
N LEU CA 119 15.63 2.39 54.25
CA LEU CA 119 15.37 1.41 55.30
C LEU CA 119 15.79 1.90 56.69
N LEU CA 120 16.87 2.67 56.77
CA LEU CA 120 17.27 3.22 58.07
C LEU CA 120 16.25 4.23 58.59
N GLU CA 121 15.82 5.13 57.72
CA GLU CA 121 14.75 6.06 58.05
C GLU CA 121 13.50 5.32 58.52
N ALA CA 122 13.10 4.31 57.76
CA ALA CA 122 11.94 3.50 58.11
C ALA CA 122 12.08 2.90 59.50
N GLN CA 123 13.26 2.37 59.81
CA GLN CA 123 13.46 1.76 61.11
C GLN CA 123 13.36 2.79 62.24
N ASP CA 124 14.00 3.94 62.05
CA ASP CA 124 13.94 5.00 63.04
C ASP CA 124 12.53 5.48 63.33
N MET CA 125 11.73 5.65 62.29
CA MET CA 125 10.33 6.01 62.50
C MET CA 125 9.57 4.87 63.17
N ALA CA 126 10.01 3.65 62.90
CA ALA CA 126 9.34 2.48 63.45
C ALA CA 126 9.46 2.45 64.96
N VAL CA 127 10.65 2.75 65.48
CA VAL CA 127 10.81 2.82 66.93
C VAL CA 127 10.36 4.15 67.57
N ARG CA 128 10.57 5.26 66.87
CA ARG CA 128 10.26 6.57 67.45
C ARG CA 128 8.80 7.00 67.32
N ASP CA 129 8.32 7.18 66.09
CA ASP CA 129 7.02 7.81 65.83
C ASP CA 129 5.84 6.88 66.05
N HIS CA 130 6.05 5.60 65.75
CA HIS CA 130 5.16 4.55 66.19
C HIS CA 130 5.84 3.91 67.35
N ASN CA 131 5.20 2.96 68.00
CA ASN CA 131 5.92 2.30 69.06
C ASN CA 131 6.23 0.86 68.64
N VAL CA 132 7.53 0.57 68.58
CA VAL CA 132 7.99 -0.79 68.34
C VAL CA 132 9.08 -1.15 69.32
N GLU CA 133 8.79 -2.15 70.14
CA GLU CA 133 9.78 -2.79 70.99
C GLU CA 133 10.75 -3.58 70.11
N PHE CA 134 12.03 -3.61 70.47
CA PHE CA 134 13.00 -4.47 69.75
C PHE CA 134 13.15 -4.13 68.26
N ARG CA 135 13.92 -3.08 67.95
CA ARG CA 135 14.03 -2.56 66.59
C ARG CA 135 14.53 -3.52 65.48
N SER CA 136 15.11 -4.66 65.84
CA SER CA 136 15.50 -5.65 64.83
C SER CA 136 14.34 -6.56 64.48
N ASN CA 137 13.22 -6.39 65.17
CA ASN CA 137 12.06 -7.27 64.98
C ASN CA 137 11.34 -7.00 63.67
N LEU CA 138 11.77 -6.02 62.90
CA LEU CA 138 11.11 -5.73 61.62
C LEU CA 138 11.50 -6.68 60.48
N TYR CA 139 10.56 -6.94 59.58
CA TYR CA 139 10.88 -7.59 58.32
C TYR CA 139 10.28 -6.77 57.18
N VAL CA 140 10.81 -6.91 55.98
CA VAL CA 140 10.24 -6.20 54.83
C VAL CA 140 9.02 -6.90 54.26
N ALA CA 141 7.89 -6.22 54.32
CA ALA CA 141 6.63 -6.76 53.84
C ALA CA 141 6.52 -6.51 52.34
N GLU CA 142 6.52 -5.25 51.92
CA GLU CA 142 6.36 -4.98 50.49
C GLU CA 142 7.36 -3.98 49.94
N SER CA 143 8.10 -4.34 48.90
CA SER CA 143 9.09 -3.42 48.35
C SER CA 143 8.97 -3.28 46.82
N THR CA 144 8.97 -2.05 46.34
CA THR CA 144 8.50 -1.80 44.99
C THR CA 144 9.00 -0.49 44.39
N SER CA 145 9.08 -0.40 43.06
CA SER CA 145 9.44 0.86 42.40
C SER CA 145 8.36 1.38 41.48
N GLY CA 146 8.02 2.67 41.59
CA GLY CA 146 7.19 3.28 40.55
C GLY CA 146 7.99 4.25 39.70
N ARG CA 147 7.47 4.66 38.54
CA ARG CA 147 8.21 5.65 37.75
C ARG CA 147 7.81 7.04 38.17
N GLY CA 148 8.80 7.94 38.29
CA GLY CA 148 8.52 9.32 38.62
C GLY CA 148 8.24 10.11 37.35
N GLN CA 149 8.22 11.44 37.43
CA GLN CA 149 8.08 12.23 36.20
C GLN CA 149 9.44 12.26 35.48
N TYR CA 150 9.43 12.43 34.16
CA TYR CA 150 10.68 12.38 33.39
C TYR CA 150 11.05 13.71 32.76
N LEU CA 151 12.34 13.93 32.55
CA LEU CA 151 12.83 15.12 31.82
C LEU CA 151 12.99 14.78 30.35
N LYS CA 152 12.77 15.71 29.43
CA LYS CA 152 13.02 15.40 28.01
C LYS CA 152 14.10 16.26 27.37
N ARG CA 153 14.97 15.63 26.58
CA ARG CA 153 16.10 16.29 25.96
C ARG CA 153 16.31 15.81 24.53
N ILE CA 154 17.19 16.50 23.82
CA ILE CA 154 17.56 16.15 22.46
C ILE CA 154 18.75 15.22 22.50
N ARG CA 155 18.82 14.25 21.59
CA ARG CA 155 20.08 13.53 21.43
C ARG CA 155 20.50 13.55 19.97
N TYR CA 156 21.57 14.28 19.66
CA TYR CA 156 21.99 14.48 18.26
C TYR CA 156 22.53 13.19 17.70
N HIS CA 157 22.43 12.99 16.39
CA HIS CA 157 22.95 11.75 15.82
C HIS CA 157 24.05 11.93 14.77
N GLY CA 158 23.65 12.24 13.55
CA GLY CA 158 24.57 12.40 12.44
C GLY CA 158 23.69 12.64 11.24
N ARG CA 159 24.22 13.28 10.21
CA ARG CA 159 23.41 13.74 9.08
C ARG CA 159 22.25 14.60 9.56
N GLY CA 160 22.43 15.26 10.71
CA GLY CA 160 21.41 16.11 11.28
C GLY CA 160 20.11 15.44 11.72
N ARG CA 161 20.22 14.22 12.23
CA ARG CA 161 19.07 13.51 12.77
C ARG CA 161 19.11 13.54 14.30
N PHE CA 162 17.96 13.59 14.95
CA PHE CA 162 17.97 13.59 16.40
C PHE CA 162 17.01 12.58 16.97
N GLY CA 163 17.40 11.93 18.08
CA GLY CA 163 16.48 11.12 18.84
C GLY CA 163 15.96 11.90 20.04
N ILE CA 164 14.89 11.41 20.68
CA ILE CA 164 14.37 12.12 21.84
C ILE CA 164 14.71 11.36 23.12
N MET CA 165 15.57 11.98 23.92
CA MET CA 165 16.19 11.33 25.07
C MET CA 165 15.51 11.68 26.37
N GLU CA 166 15.11 10.67 27.13
CA GLU CA 166 14.26 10.87 28.29
C GLU CA 166 15.04 10.64 29.58
N LYS CA 167 15.31 11.69 30.35
CA LYS CA 167 15.96 11.55 31.65
C LYS CA 167 15.02 10.91 32.66
N VAL CA 168 15.50 9.83 33.27
CA VAL CA 168 14.67 8.92 34.03
C VAL CA 168 14.68 9.20 35.53
N PHE CA 169 13.51 9.15 36.16
CA PHE CA 169 13.39 9.27 37.61
C PHE CA 169 12.46 8.20 38.15
N CYS CA 170 12.64 7.76 39.39
CA CYS CA 170 11.74 6.76 39.97
C CYS CA 170 11.54 6.89 41.48
N HIS CA 171 10.40 6.40 41.97
CA HIS CA 171 10.05 6.38 43.39
C HIS CA 171 10.30 5.02 43.97
N TYR CA 172 10.72 4.98 45.23
CA TYR CA 172 10.88 3.71 45.90
C TYR CA 172 9.94 3.54 47.11
N PHE CA 173 9.11 2.51 47.10
CA PHE CA 173 8.18 2.23 48.21
C PHE CA 173 8.51 0.99 49.05
N VAL CA 174 8.40 1.14 50.37
CA VAL CA 174 8.67 0.02 51.28
C VAL CA 174 7.72 0.01 52.47
N LYS CA 175 7.15 -1.16 52.73
CA LYS CA 175 6.30 -1.37 53.87
C LYS CA 175 6.93 -2.40 54.80
N LEU CA 176 7.23 -1.98 56.04
CA LEU CA 176 7.82 -2.84 57.08
C LEU CA 176 6.78 -3.30 58.10
N VAL CA 177 6.87 -4.56 58.53
CA VAL CA 177 5.94 -5.08 59.54
C VAL CA 177 6.67 -5.69 60.73
N GLU CA 178 6.23 -5.37 61.95
CA GLU CA 178 6.89 -5.86 63.15
C GLU CA 178 6.51 -7.30 63.43
N GLY CA 179 7.50 -8.18 63.39
CA GLY CA 179 7.33 -9.58 63.72
C GLY CA 179 8.42 -10.36 63.04
N PRO CA 180 8.58 -11.64 63.39
CA PRO CA 180 9.61 -12.45 62.72
C PRO CA 180 9.19 -12.74 61.29
N PRO CA 181 10.16 -12.81 60.35
CA PRO CA 181 9.88 -12.94 58.91
C PRO CA 181 9.03 -14.16 58.63
N PRO CA 182 8.05 -14.04 57.72
CA PRO CA 182 7.17 -15.17 57.41
C PRO CA 182 7.98 -16.31 56.80
N PRO CA 183 7.56 -17.56 57.03
CA PRO CA 183 8.32 -18.73 56.57
C PRO CA 183 8.30 -18.85 55.05
N ARG CA 184 9.43 -19.19 54.45
CA ARG CA 184 9.49 -19.34 53.00
C ARG CA 184 8.85 -20.65 52.56
N GLU CA 185 8.07 -20.59 51.48
CA GLU CA 185 7.31 -21.74 51.01
C GLU CA 185 8.16 -22.86 50.40
N ALA CA 186 8.00 -24.06 50.94
CA ALA CA 186 8.74 -25.24 50.48
C ALA CA 186 8.14 -25.81 49.20
N PRO CA 187 9.01 -26.22 48.25
CA PRO CA 187 8.62 -26.88 47.00
C PRO CA 187 7.72 -28.11 47.22
N LYS CA 188 6.66 -28.24 46.43
CA LYS CA 188 5.72 -29.34 46.57
C LYS CA 188 6.38 -30.72 46.53
N THR CA 189 6.12 -31.54 47.55
CA THR CA 189 6.60 -32.93 47.63
C THR CA 189 5.73 -33.90 46.82
N ALA CA 190 6.28 -35.05 46.44
CA ALA CA 190 5.55 -36.12 45.78
C ALA CA 190 4.23 -36.50 46.49
N VAL CA 191 4.25 -36.43 47.83
CA VAL CA 191 3.09 -36.71 48.65
C VAL CA 191 2.00 -35.65 48.46
N ALA CA 192 2.43 -34.46 48.05
CA ALA CA 192 1.51 -33.38 47.70
C ALA CA 192 0.90 -33.66 46.33
N HIS CA 193 1.75 -33.77 45.31
CA HIS CA 193 1.30 -34.03 43.95
C HIS CA 193 0.32 -35.21 43.84
N ALA CA 194 0.70 -36.36 44.39
CA ALA CA 194 -0.17 -37.52 44.36
C ALA CA 194 -1.53 -37.20 44.97
N ARG CA 195 -1.56 -36.35 45.99
CA ARG CA 195 -2.81 -35.91 46.58
C ARG CA 195 -3.61 -35.02 45.62
N GLU CA 196 -2.94 -34.13 44.86
CA GLU CA 196 -3.69 -33.30 43.92
C GLU CA 196 -4.34 -34.17 42.86
N TYR CA 197 -3.50 -35.00 42.25
CA TYR CA 197 -3.92 -35.89 41.19
C TYR CA 197 -5.13 -36.75 41.58
N ILE CA 198 -5.05 -37.43 42.71
CA ILE CA 198 -6.19 -38.23 43.16
C ILE CA 198 -7.44 -37.35 43.35
N GLN CA 199 -7.26 -36.18 43.96
CA GLN CA 199 -8.37 -35.29 44.22
C GLN CA 199 -9.03 -34.86 42.92
N GLU CA 200 -8.26 -34.83 41.85
CA GLU CA 200 -8.80 -34.49 40.52
C GLU CA 200 -9.50 -35.66 39.85
N LEU CA 201 -8.91 -36.86 39.90
CA LEU CA 201 -9.56 -38.05 39.35
C LEU CA 201 -10.89 -38.28 40.05
N ARG CA 202 -10.97 -37.83 41.30
CA ARG CA 202 -12.15 -38.09 42.09
C ARG CA 202 -13.16 -36.96 41.99
N ASN CA 203 -12.85 -35.91 41.24
CA ASN CA 203 -13.78 -34.82 41.08
C ASN CA 203 -14.62 -34.89 39.82
N ARG CA 204 -14.45 -35.95 39.04
CA ARG CA 204 -15.14 -36.10 37.76
C ARG CA 204 -16.65 -36.33 37.88
N THR CA 205 -17.34 -36.06 36.79
CA THR CA 205 -18.77 -36.29 36.69
C THR CA 205 -19.01 -37.03 35.38
N ILE CA 206 -20.15 -37.70 35.22
CA ILE CA 206 -20.50 -38.16 33.89
C ILE CA 206 -21.23 -37.04 33.17
N THR CA 207 -20.64 -36.52 32.10
CA THR CA 207 -21.07 -35.23 31.58
C THR CA 207 -22.16 -35.29 30.52
N HIS CA 208 -23.10 -34.35 30.63
CA HIS CA 208 -24.25 -34.24 29.73
C HIS CA 208 -25.16 -35.45 29.89
N ALA CA 209 -25.07 -36.10 31.04
CA ALA CA 209 -25.62 -37.43 31.18
C ALA CA 209 -26.97 -37.63 31.88
N LEU CA 210 -27.55 -36.61 32.50
CA LEU CA 210 -28.70 -36.88 33.38
C LEU CA 210 -29.99 -37.00 32.58
N ALA DA 2 25.39 68.66 32.83
CA ALA DA 2 24.02 68.25 33.14
C ALA DA 2 23.44 67.28 32.10
N ARG DA 3 22.82 66.20 32.58
CA ARG DA 3 22.30 65.12 31.77
C ARG DA 3 20.89 65.36 31.22
N ASN DA 4 20.60 64.82 30.03
CA ASN DA 4 19.26 64.85 29.41
C ASN DA 4 18.81 66.23 28.93
N VAL DA 5 19.59 67.26 29.22
CA VAL DA 5 19.27 68.60 28.74
C VAL DA 5 19.82 68.85 27.35
N LEU DA 6 19.16 69.72 26.59
CA LEU DA 6 19.76 70.30 25.38
C LEU DA 6 20.86 71.30 25.75
N TYR DA 7 21.94 71.34 24.97
CA TYR DA 7 23.01 72.32 25.20
C TYR DA 7 22.99 73.31 24.06
N PRO DA 8 23.33 74.57 24.36
CA PRO DA 8 23.32 75.54 23.25
C PRO DA 8 24.43 75.25 22.26
N LEU DA 9 24.11 75.36 20.97
CA LEU DA 9 25.11 75.10 19.94
C LEU DA 9 26.21 76.14 20.05
N TYR DA 10 27.45 75.68 20.18
CA TYR DA 10 28.56 76.61 20.31
C TYR DA 10 29.04 77.13 18.94
N GLN DA 11 29.26 78.43 18.86
CA GLN DA 11 29.91 79.08 17.73
C GLN DA 11 30.94 80.06 18.30
N LEU DA 12 31.59 80.87 17.46
CA LEU DA 12 32.67 81.74 17.95
C LEU DA 12 32.23 82.92 18.84
N GLY DA 13 32.81 82.99 20.03
CA GLY DA 13 32.56 84.09 20.95
C GLY DA 13 31.27 83.99 21.72
N ASN DA 14 30.79 82.77 21.94
CA ASN DA 14 29.57 82.57 22.72
C ASN DA 14 29.82 82.72 24.22
N PRO DA 15 28.76 83.00 24.98
CA PRO DA 15 28.82 82.95 26.43
C PRO DA 15 29.39 81.64 26.96
N GLN DA 16 30.21 81.74 28.00
CA GLN DA 16 30.68 80.57 28.70
C GLN DA 16 29.46 79.76 29.10
N LEU DA 17 29.45 78.48 28.74
CA LEU DA 17 28.32 77.63 29.09
C LEU DA 17 28.21 77.46 30.62
N ARG DA 18 27.00 77.60 31.16
CA ARG DA 18 26.78 77.42 32.60
C ARG DA 18 25.62 76.45 32.89
N VAL DA 19 25.77 75.68 33.96
CA VAL DA 19 24.67 74.87 34.46
C VAL DA 19 24.48 75.15 35.94
N PHE DA 20 23.35 75.73 36.29
CA PHE DA 20 23.12 76.16 37.67
C PHE DA 20 22.68 75.03 38.58
N ARG DA 21 21.77 74.18 38.11
CA ARG DA 21 21.43 72.97 38.86
C ARG DA 21 21.93 71.76 38.11
N THR DA 22 22.99 71.14 38.63
CA THR DA 22 23.63 70.01 37.95
C THR DA 22 22.79 68.74 38.06
N ASN DA 23 22.74 67.99 36.98
CA ASN DA 23 21.82 66.87 36.93
C ASN DA 23 22.43 65.51 37.29
N PHE DA 24 23.75 65.47 37.50
CA PHE DA 24 24.42 64.19 37.70
C PHE DA 24 24.36 63.71 39.13
N PHE DA 25 24.81 62.49 39.35
CA PHE DA 25 24.83 61.90 40.68
C PHE DA 25 25.94 60.87 40.75
N ILE DA 26 26.60 60.78 41.88
CA ILE DA 26 27.81 59.99 41.95
C ILE DA 26 27.64 58.84 42.94
N GLN DA 27 28.41 57.77 42.74
CA GLN DA 27 28.56 56.78 43.78
C GLN DA 27 30.05 56.63 44.08
N LEU DA 28 30.40 56.67 45.37
CA LEU DA 28 31.77 56.35 45.77
C LEU DA 28 31.83 54.87 46.17
N VAL DA 29 32.59 54.08 45.43
CA VAL DA 29 32.54 52.63 45.59
C VAL DA 29 33.86 52.02 46.06
N ARG DA 30 33.76 51.06 46.98
CA ARG DA 30 34.91 50.33 47.51
C ARG DA 30 35.57 49.53 46.38
N PRO DA 31 36.84 49.84 46.05
CA PRO DA 31 37.55 49.22 44.92
C PRO DA 31 37.57 47.71 45.00
N GLY DA 32 37.27 47.04 43.90
CA GLY DA 32 37.21 45.59 43.85
C GLY DA 32 38.58 44.95 43.83
N THR DA 33 39.59 45.70 43.41
CA THR DA 33 40.97 45.25 43.42
C THR DA 33 41.85 46.25 44.18
N ALA DA 34 43.06 45.83 44.55
CA ALA DA 34 43.96 46.70 45.28
C ALA DA 34 44.48 47.80 44.36
N GLN DA 35 44.34 49.04 44.80
CA GLN DA 35 44.81 50.20 44.06
C GLN DA 35 45.53 51.15 45.00
N PRO DA 36 46.45 51.98 44.48
CA PRO DA 36 47.29 52.81 45.38
C PRO DA 36 46.49 53.76 46.29
N GLU DA 37 47.11 54.24 47.35
CA GLU DA 37 46.47 55.13 48.33
C GLU DA 37 45.91 56.40 47.71
N ASP DA 38 46.41 56.75 46.53
CA ASP DA 38 46.03 58.01 45.90
C ASP DA 38 44.81 57.87 44.99
N THR DA 39 44.24 56.67 44.91
CA THR DA 39 43.16 56.44 43.96
C THR DA 39 41.81 56.25 44.65
N VAL DA 40 40.79 56.92 44.12
CA VAL DA 40 39.39 56.73 44.52
C VAL DA 40 38.58 56.33 43.31
N GLN DA 41 37.48 55.63 43.53
CA GLN DA 41 36.71 55.11 42.40
C GLN DA 41 35.22 55.50 42.43
N PHE DA 42 34.75 56.09 41.34
CA PHE DA 42 33.38 56.56 41.24
C PHE DA 42 32.62 56.01 40.04
N ARG DA 43 31.53 55.28 40.29
CA ARG DA 43 30.57 55.03 39.21
C ARG DA 43 29.85 56.33 38.91
N ILE DA 44 29.76 56.73 37.65
CA ILE DA 44 29.09 57.99 37.35
C ILE DA 44 27.94 57.74 36.38
N PRO DA 45 27.16 58.77 36.02
CA PRO DA 45 26.19 58.43 34.98
C PRO DA 45 26.84 58.40 33.61
N MET DA 46 26.26 57.60 32.73
CA MET DA 46 26.83 57.26 31.42
C MET DA 46 27.27 58.44 30.57
N GLU DA 47 26.54 59.55 30.64
CA GLU DA 47 26.72 60.66 29.72
C GLU DA 47 27.71 61.71 30.22
N MET DA 48 28.38 61.42 31.34
CA MET DA 48 29.33 62.34 31.96
C MET DA 48 30.77 62.24 31.43
N THR DA 49 31.31 63.35 30.94
CA THR DA 49 32.71 63.42 30.49
C THR DA 49 33.72 63.49 31.66
N ARG DA 50 34.99 63.19 31.38
CA ARG DA 50 36.08 63.33 32.36
C ARG DA 50 36.16 64.69 33.02
N VAL DA 51 36.27 65.72 32.18
CA VAL DA 51 36.36 67.10 32.62
C VAL DA 51 35.20 67.43 33.56
N ASP DA 52 34.05 66.86 33.24
CA ASP DA 52 32.89 67.08 34.06
C ASP DA 52 33.12 66.51 35.45
N LEU DA 53 33.59 65.26 35.54
CA LEU DA 53 33.80 64.66 36.85
C LEU DA 53 34.84 65.41 37.66
N ARG DA 54 35.87 65.92 36.98
CA ARG DA 54 36.86 66.72 37.67
C ARG DA 54 36.23 67.98 38.28
N ASN DA 55 35.60 68.79 37.45
CA ASN DA 55 34.99 70.03 37.96
C ASN DA 55 33.95 69.78 39.03
N TYR DA 56 33.14 68.75 38.81
CA TYR DA 56 32.08 68.36 39.73
C TYR DA 56 32.68 68.05 41.10
N LEU DA 57 33.74 67.26 41.11
CA LEU DA 57 34.38 66.89 42.37
C LEU DA 57 35.00 68.10 43.08
N GLU DA 58 35.73 68.92 42.32
CA GLU DA 58 36.41 70.09 42.86
C GLU DA 58 35.47 71.17 43.42
N ARG DA 59 34.43 71.51 42.67
CA ARG DA 59 33.51 72.56 43.07
C ARG DA 59 32.44 72.14 44.06
N ILE DA 60 31.87 70.94 43.91
CA ILE DA 60 30.93 70.52 44.92
C ILE DA 60 31.63 70.16 46.21
N TYR DA 61 32.62 69.26 46.12
CA TYR DA 61 33.21 68.75 47.35
C TYR DA 61 34.56 69.34 47.76
N ASN DA 62 35.09 70.27 46.98
CA ASN DA 62 36.38 70.89 47.28
C ASN DA 62 37.53 69.90 47.36
N VAL DA 63 37.59 69.00 46.37
CA VAL DA 63 38.67 68.01 46.30
C VAL DA 63 39.71 68.43 45.27
N PRO DA 64 41.01 68.41 45.66
CA PRO DA 64 42.12 68.71 44.76
C PRO DA 64 42.52 67.50 43.89
N VAL DA 65 41.84 67.31 42.76
CA VAL DA 65 42.09 66.15 41.89
C VAL DA 65 43.20 66.36 40.87
N ALA DA 66 44.19 65.46 40.88
CA ALA DA 66 45.29 65.44 39.91
C ALA DA 66 45.00 64.70 38.59
N ALA DA 67 44.35 63.55 38.64
CA ALA DA 67 44.17 62.74 37.44
C ALA DA 67 42.86 61.98 37.41
N VAL DA 68 42.25 61.87 36.23
CA VAL DA 68 41.01 61.14 36.06
C VAL DA 68 41.13 60.20 34.88
N ARG DA 69 40.59 58.99 35.00
CA ARG DA 69 40.52 58.08 33.88
C ARG DA 69 39.17 57.37 33.93
N THR DA 70 38.64 56.97 32.77
CA THR DA 70 37.31 56.36 32.75
C THR DA 70 37.22 55.13 31.83
N ARG DA 71 36.39 54.16 32.20
CA ARG DA 71 36.09 53.02 31.33
C ARG DA 71 34.59 52.68 31.43
N VAL DA 72 34.07 51.91 30.49
CA VAL DA 72 32.65 51.58 30.49
C VAL DA 72 32.43 50.10 30.76
N GLN DA 73 31.65 49.80 31.80
CA GLN DA 73 31.43 48.41 32.19
C GLN DA 73 30.18 47.82 31.57
N TYR DA 74 30.32 46.64 31.01
CA TYR DA 74 29.23 45.99 30.31
C TYR DA 74 28.45 45.01 31.19
N GLY DA 75 27.17 45.27 31.42
CA GLY DA 75 26.35 44.38 32.23
C GLY DA 75 25.87 43.18 31.42
N SER DA 76 25.78 42.01 32.07
CA SER DA 76 25.43 40.76 31.40
C SER DA 76 24.08 40.81 30.73
N ASN DA 77 23.97 40.22 29.55
CA ASN DA 77 22.69 40.07 28.89
C ASN DA 77 22.11 38.67 29.06
N ARG DA 78 22.76 37.84 29.85
CA ARG DA 78 22.55 36.39 29.80
C ARG DA 78 21.47 35.74 30.69
N ARG DA 79 20.98 36.42 31.73
CA ARG DA 79 19.99 35.81 32.64
C ARG DA 79 18.60 35.84 31.99
N ARG DA 80 17.85 34.73 32.09
CA ARG DA 80 16.56 34.63 31.40
C ARG DA 80 15.33 34.63 32.32
N ASP DA 81 14.27 35.28 31.84
CA ASP DA 81 12.97 35.31 32.52
C ASP DA 81 12.22 33.98 32.37
N HIS DA 82 11.19 33.79 33.20
CA HIS DA 82 10.31 32.63 33.02
C HIS DA 82 9.72 32.58 31.60
N ARG DA 83 9.50 33.76 31.00
CA ARG DA 83 9.04 33.84 29.61
C ARG DA 83 10.18 33.55 28.64
N ASN DA 84 11.39 33.40 29.18
CA ASN DA 84 12.60 33.19 28.39
C ASN DA 84 12.96 34.40 27.52
N ILE DA 85 12.68 35.59 28.03
CA ILE DA 85 13.19 36.82 27.44
C ILE DA 85 14.36 37.27 28.33
N ARG DA 86 15.37 37.91 27.76
CA ARG DA 86 16.56 38.27 28.53
C ARG DA 86 16.39 39.46 29.48
N ILE DA 87 16.98 39.35 30.66
CA ILE DA 87 17.11 40.50 31.57
C ILE DA 87 18.46 41.13 31.34
N LYS DA 88 18.50 42.43 31.06
CA LYS DA 88 19.79 43.10 30.92
C LYS DA 88 20.11 43.94 32.14
N LYS DA 89 21.18 43.58 32.87
CA LYS DA 89 21.75 44.46 33.89
C LYS DA 89 22.30 45.71 33.19
N PRO DA 90 22.08 46.89 33.78
CA PRO DA 90 22.44 48.15 33.10
C PRO DA 90 23.95 48.32 32.90
N ASP DA 91 24.36 48.92 31.78
CA ASP DA 91 25.78 49.27 31.57
C ASP DA 91 26.12 50.46 32.43
N TYR DA 92 27.36 50.56 32.91
CA TYR DA 92 27.65 51.74 33.73
C TYR DA 92 29.11 52.17 33.68
N LYS DA 93 29.32 53.48 33.77
CA LYS DA 93 30.65 54.08 33.61
C LYS DA 93 31.41 54.15 34.92
N VAL DA 94 32.70 53.83 34.88
CA VAL DA 94 33.53 53.87 36.07
C VAL DA 94 34.71 54.81 35.90
N ALA DA 95 34.97 55.64 36.90
CA ALA DA 95 36.06 56.59 36.86
C ALA DA 95 37.03 56.41 38.01
N TYR DA 96 38.32 56.57 37.71
CA TYR DA 96 39.40 56.56 38.70
C TYR DA 96 40.00 57.94 38.86
N VAL DA 97 39.97 58.45 40.08
CA VAL DA 97 40.57 59.76 40.37
C VAL DA 97 41.77 59.64 41.31
N GLN DA 98 42.72 60.56 41.15
CA GLN DA 98 43.94 60.53 41.93
C GLN DA 98 44.28 61.89 42.54
N LEU DA 99 44.50 61.91 43.85
CA LEU DA 99 44.54 63.15 44.62
C LEU DA 99 45.91 63.87 44.57
N ALA DA 100 45.87 65.18 44.39
CA ALA DA 100 47.03 66.00 43.99
C ALA DA 100 48.02 66.39 45.10
N LEU DA 101 47.51 66.64 46.29
CA LEU DA 101 48.31 67.24 47.34
C LEU DA 101 49.05 66.20 48.17
N GLY DA 102 48.97 64.94 47.75
CA GLY DA 102 49.68 63.88 48.40
C GLY DA 102 48.78 63.20 49.40
N GLN DA 103 47.48 63.48 49.27
CA GLN DA 103 46.50 62.94 50.19
C GLN DA 103 46.26 61.46 49.98
N THR DA 104 46.08 60.75 51.09
CA THR DA 104 45.80 59.33 51.06
C THR DA 104 44.34 59.10 51.41
N PHE DA 105 43.63 58.36 50.59
CA PHE DA 105 42.28 57.97 50.97
C PHE DA 105 42.30 56.55 51.52
N THR DA 106 41.22 56.14 52.16
CA THR DA 106 41.03 54.75 52.55
C THR DA 106 39.54 54.58 52.66
N PHE DA 107 39.01 53.43 52.25
CA PHE DA 107 37.56 53.32 52.31
C PHE DA 107 37.11 53.02 53.74
N PRO DA 108 36.24 53.87 54.28
CA PRO DA 108 35.72 53.71 55.65
C PRO DA 108 34.97 52.41 55.82
N ASP DA 109 35.23 51.69 56.91
CA ASP DA 109 34.45 50.53 57.24
C ASP DA 109 33.10 51.05 57.73
N LEU DA 110 32.03 50.71 57.01
CA LEU DA 110 30.75 51.34 57.30
C LEU DA 110 29.89 50.50 58.23
N PHE DA 111 30.43 49.40 58.73
CA PHE DA 111 29.63 48.54 59.58
C PHE DA 111 30.46 48.01 60.75
N PRO DA 112 30.54 48.82 61.83
CA PRO DA 112 31.33 48.68 63.08
C PRO DA 112 30.92 47.55 64.03
N GLU DA 113 29.75 46.92 63.81
CA GLU DA 113 29.28 45.75 64.57
C GLU DA 113 28.59 46.10 65.90
N ARG DA 114 28.54 47.40 66.23
CA ARG DA 114 27.88 47.86 67.46
C ARG DA 114 26.36 47.68 67.40
N LYS DA 115 25.80 47.00 68.39
CA LYS DA 115 24.36 46.76 68.44
C LYS DA 115 23.71 47.46 69.63
N GLY DA 116 22.39 47.27 69.77
CA GLY DA 116 21.64 47.88 70.84
C GLY DA 116 21.34 46.93 71.99
N ARG DA 132 16.96 29.46 73.87
CA ARG DA 132 17.58 28.41 74.67
C ARG DA 132 16.57 27.36 75.11
N GLN DA 133 15.45 27.28 74.42
CA GLN DA 133 14.37 26.37 74.83
C GLN DA 133 14.66 24.93 74.43
N LYS DA 134 14.73 24.05 75.42
CA LYS DA 134 14.84 22.63 75.15
C LYS DA 134 13.58 21.92 75.62
N HIS DA 135 12.73 21.58 74.67
CA HIS DA 135 11.50 20.82 74.92
C HIS DA 135 11.67 19.35 74.53
N SER DA 136 12.88 18.97 74.15
CA SER DA 136 13.18 17.67 73.54
C SER DA 136 12.57 16.49 74.28
N PRO DA 137 11.87 15.60 73.53
CA PRO DA 137 11.17 14.42 74.05
C PRO DA 137 12.05 13.52 74.91
N ASP DA 138 11.43 12.93 75.93
CA ASP DA 138 12.15 12.13 76.92
C ASP DA 138 12.52 10.75 76.39
N PRO DA 139 13.83 10.46 76.33
CA PRO DA 139 14.39 9.17 75.89
C PRO DA 139 13.79 7.97 76.62
N ARG DA 140 13.49 8.10 77.91
CA ARG DA 140 12.98 6.97 78.68
C ARG DA 140 11.46 6.93 78.77
N ARG DA 141 10.80 7.93 78.19
CA ARG DA 141 9.34 7.96 78.21
C ARG DA 141 8.71 7.02 77.20
N GLY DA 142 9.45 6.69 76.15
CA GLY DA 142 8.98 5.75 75.15
C GLY DA 142 7.79 6.29 74.36
N GLY DA 143 7.83 7.58 74.07
CA GLY DA 143 6.81 8.20 73.24
C GLY DA 143 5.57 8.66 73.98
N VAL DA 144 5.54 8.48 75.29
CA VAL DA 144 4.42 8.93 76.09
C VAL DA 144 4.38 10.48 76.12
N PRO DA 145 3.19 11.05 75.88
CA PRO DA 145 2.94 12.49 75.79
C PRO DA 145 3.00 13.17 77.15
N GLY DA 146 4.20 13.57 77.54
CA GLY DA 146 4.51 14.03 78.88
C GLY DA 146 3.61 15.04 79.58
N TRP DA 147 2.91 15.90 78.84
CA TRP DA 147 2.01 16.88 79.46
C TRP DA 147 1.04 16.22 80.42
N PHE DA 148 0.38 15.16 79.95
CA PHE DA 148 -0.51 14.37 80.79
C PHE DA 148 0.29 13.83 81.98
N GLY DA 149 -0.14 14.15 83.20
CA GLY DA 149 0.57 13.74 84.41
C GLY DA 149 0.21 12.37 84.93
N LEU DA 150 -1.06 12.02 84.74
CA LEU DA 150 -1.67 10.70 85.00
C LEU DA 150 -3.17 10.88 85.13
N VAL EA 13 6.15 49.59 42.82
CA VAL EA 13 5.00 48.71 42.74
C VAL EA 13 5.03 47.86 41.48
N THR EA 14 4.97 46.53 41.68
CA THR EA 14 4.98 45.56 40.59
C THR EA 14 3.67 44.73 40.53
N LEU EA 15 2.90 44.93 39.48
CA LEU EA 15 1.72 44.10 39.31
C LEU EA 15 1.57 43.50 37.91
N PRO EA 16 1.22 42.20 37.86
CA PRO EA 16 0.72 41.41 36.72
C PRO EA 16 -0.77 41.62 36.47
N PRO EA 17 -1.28 41.29 35.26
CA PRO EA 17 -2.71 41.42 34.91
C PRO EA 17 -3.68 40.58 35.80
N ASN EA 18 -3.35 39.32 36.04
CA ASN EA 18 -4.13 38.48 36.93
C ASN EA 18 -3.36 38.19 38.22
N TYR EA 19 -3.90 38.68 39.32
CA TYR EA 19 -3.15 38.70 40.58
C TYR EA 19 -4.11 38.43 41.75
N ARG EA 20 -3.67 37.59 42.68
CA ARG EA 20 -4.47 37.34 43.87
C ARG EA 20 -3.81 37.90 45.14
N TYR EA 21 -4.55 38.74 45.85
CA TYR EA 21 -4.05 39.40 47.05
C TYR EA 21 -4.27 38.52 48.27
N GLY EA 22 -3.17 38.09 48.88
CA GLY EA 22 -3.17 37.06 49.89
C GLY EA 22 -3.00 37.53 51.33
N MET EA 23 -3.43 38.76 51.62
CA MET EA 23 -3.18 39.44 52.91
C MET EA 23 -1.74 39.92 52.93
N SER EA 24 -0.92 39.38 52.03
CA SER EA 24 0.49 39.72 51.91
C SER EA 24 0.68 40.94 51.03
N ARG EA 25 1.61 41.80 51.44
CA ARG EA 25 2.01 42.95 50.66
C ARG EA 25 2.50 42.52 49.28
N PRO EA 26 2.07 43.25 48.23
CA PRO EA 26 2.46 43.02 46.83
C PRO EA 26 3.96 42.82 46.60
N GLY EA 27 4.80 43.52 47.34
CA GLY EA 27 6.24 43.48 47.14
C GLY EA 27 7.04 42.62 48.13
N SER EA 28 6.40 41.61 48.71
CA SER EA 28 6.99 40.89 49.85
C SER EA 28 7.31 39.42 49.59
N LEU EA 29 8.15 38.86 50.46
CA LEU EA 29 8.59 37.47 50.41
C LEU EA 29 7.43 36.46 50.40
N SER EA 30 6.56 36.57 51.41
CA SER EA 30 5.39 35.71 51.52
C SER EA 30 4.54 35.77 50.25
N ASP EA 31 4.57 36.92 49.58
CA ASP EA 31 3.80 37.10 48.34
C ASP EA 31 4.47 36.46 47.11
N LYS EA 32 5.78 36.66 46.96
CA LYS EA 32 6.52 36.02 45.87
C LYS EA 32 6.49 34.50 46.01
N ARG EA 33 6.33 34.03 47.25
CA ARG EA 33 6.14 32.62 47.51
C ARG EA 33 4.70 32.20 47.18
N LYS EA 34 3.73 33.05 47.56
CA LYS EA 34 2.30 32.79 47.33
C LYS EA 34 1.98 32.69 45.85
N ASN EA 35 2.24 33.74 45.10
CA ASN EA 35 2.05 33.70 43.66
C ASN EA 35 3.35 34.06 42.95
N PRO EA 36 4.17 33.04 42.62
CA PRO EA 36 5.50 33.19 42.01
C PRO EA 36 5.41 33.93 40.66
N PRO EA 37 6.54 34.18 39.97
CA PRO EA 37 6.49 35.09 38.81
C PRO EA 37 5.61 34.62 37.63
N GLY EA 38 5.40 33.31 37.51
CA GLY EA 38 4.68 32.78 36.37
C GLY EA 38 3.25 32.28 36.57
N THR EA 39 2.58 32.65 37.66
CA THR EA 39 1.23 32.16 37.91
C THR EA 39 0.16 33.08 37.33
N ARG EA 40 -0.90 32.46 36.81
CA ARG EA 40 -2.14 33.15 36.47
C ARG EA 40 -3.29 32.30 36.99
N ARG EA 41 -4.09 32.83 37.91
CA ARG EA 41 -5.12 32.01 38.54
C ARG EA 41 -6.52 32.45 38.12
N ARG EA 42 -7.54 31.72 38.60
CA ARG EA 42 -8.91 32.04 38.25
C ARG EA 42 -9.25 33.45 38.71
N ARG EA 43 -10.16 34.09 37.98
CA ARG EA 43 -10.65 35.40 38.35
C ARG EA 43 -11.31 35.35 39.72
N VAL EA 44 -11.08 36.40 40.50
CA VAL EA 44 -11.79 36.58 41.74
C VAL EA 44 -12.89 37.62 41.52
N PRO EA 45 -14.15 37.18 41.56
CA PRO EA 45 -15.25 38.15 41.44
C PRO EA 45 -15.26 39.15 42.59
N VAL EA 46 -15.26 40.43 42.25
CA VAL EA 46 -15.35 41.48 43.25
C VAL EA 46 -16.58 42.34 42.98
N GLU EA 47 -17.56 42.23 43.87
CA GLU EA 47 -18.75 43.05 43.79
C GLU EA 47 -18.30 44.52 43.82
N PRO EA 48 -18.57 45.27 42.72
CA PRO EA 48 -18.06 46.63 42.61
C PRO EA 48 -18.64 47.56 43.66
N ILE EA 49 -17.74 48.24 44.36
CA ILE EA 49 -18.08 49.31 45.29
C ILE EA 49 -17.18 50.47 44.91
N SER EA 50 -17.77 51.53 44.37
CA SER EA 50 -17.03 52.75 44.05
C SER EA 50 -16.50 53.40 45.33
N ASP EA 51 -15.36 54.09 45.23
CA ASP EA 51 -14.68 54.73 46.37
C ASP EA 51 -15.59 55.61 47.23
N GLU EA 52 -16.46 56.35 46.57
CA GLU EA 52 -17.38 57.27 47.23
C GLU EA 52 -18.52 56.53 47.93
N ASP EA 53 -18.78 55.31 47.49
CA ASP EA 53 -19.82 54.50 48.10
C ASP EA 53 -19.28 53.66 49.24
N TRP EA 54 -17.97 53.71 49.44
CA TRP EA 54 -17.31 52.89 50.45
C TRP EA 54 -17.41 53.52 51.85
N HIS EA 55 -18.09 52.81 52.75
CA HIS EA 55 -18.46 53.34 54.06
C HIS EA 55 -17.55 52.88 55.21
N LEU EA 56 -16.53 52.08 54.91
CA LEU EA 56 -15.65 51.53 55.95
C LEU EA 56 -14.24 52.11 55.93
N PHE EA 57 -13.63 52.16 57.10
CA PHE EA 57 -12.28 52.66 57.28
C PHE EA 57 -11.55 51.77 58.28
N CYS EA 58 -10.24 51.96 58.41
CA CYS EA 58 -9.48 51.21 59.41
C CYS EA 58 -9.57 51.92 60.78
N GLY EA 59 -9.83 51.16 61.83
CA GLY EA 59 -9.87 51.70 63.17
C GLY EA 59 -11.24 51.89 63.82
N ASP EA 60 -12.30 51.92 63.01
CA ASP EA 60 -13.66 52.10 63.54
C ASP EA 60 -14.23 50.83 64.14
N LYS EA 61 -15.24 50.99 64.99
CA LYS EA 61 -15.81 49.83 65.64
C LYS EA 61 -16.94 49.24 64.79
N VAL EA 62 -16.85 47.93 64.57
CA VAL EA 62 -17.79 47.22 63.72
C VAL EA 62 -18.38 46.00 64.44
N GLU EA 63 -19.54 45.56 63.96
CA GLU EA 63 -20.18 44.36 64.47
C GLU EA 63 -20.19 43.29 63.38
N ILE EA 64 -19.80 42.08 63.75
CA ILE EA 64 -19.77 40.95 62.83
C ILE EA 64 -21.07 40.18 62.87
N LEU EA 65 -21.74 40.08 61.72
CA LEU EA 65 -23.05 39.44 61.63
C LEU EA 65 -22.97 37.98 61.20
N GLU EA 66 -21.77 37.51 60.93
CA GLU EA 66 -21.62 36.23 60.23
C GLU EA 66 -20.59 35.29 60.86
N GLY EA 67 -20.87 33.99 60.78
CA GLY EA 67 -19.91 32.98 61.14
C GLY EA 67 -20.06 32.40 62.54
N LYS EA 68 -19.02 31.73 63.00
CA LYS EA 68 -19.00 31.17 64.35
C LYS EA 68 -18.97 32.29 65.39
N ASP EA 69 -18.27 33.36 65.03
CA ASP EA 69 -18.21 34.55 65.88
C ASP EA 69 -19.04 35.67 65.28
N ALA EA 70 -20.19 35.93 65.90
CA ALA EA 70 -21.15 36.91 65.39
C ALA EA 70 -21.85 37.60 66.55
N GLY EA 71 -22.33 38.80 66.30
CA GLY EA 71 -22.97 39.59 67.34
C GLY EA 71 -21.92 40.32 68.18
N LYS EA 72 -20.65 40.01 67.94
CA LYS EA 72 -19.56 40.63 68.68
C LYS EA 72 -19.16 41.98 68.09
N GLN EA 73 -18.26 42.67 68.80
CA GLN EA 73 -17.82 44.02 68.45
C GLN EA 73 -16.31 44.00 68.27
N GLY EA 74 -15.77 44.84 67.41
CA GLY EA 74 -14.34 44.88 67.24
C GLY EA 74 -13.78 46.06 66.47
N LYS EA 75 -12.46 46.27 66.60
CA LYS EA 75 -11.79 47.36 65.89
C LYS EA 75 -11.16 46.86 64.60
N VAL EA 76 -11.21 47.70 63.57
CA VAL EA 76 -10.67 47.38 62.25
C VAL EA 76 -9.19 47.79 62.10
N VAL EA 77 -8.34 46.82 61.74
CA VAL EA 77 -6.91 47.07 61.55
C VAL EA 77 -6.64 47.77 60.22
N GLN EA 78 -6.93 47.09 59.11
CA GLN EA 78 -6.81 47.67 57.76
C GLN EA 78 -7.84 47.12 56.77
N VAL EA 79 -8.18 47.95 55.78
CA VAL EA 79 -9.05 47.52 54.68
C VAL EA 79 -8.26 47.30 53.40
N ILE EA 80 -8.45 46.14 52.79
CA ILE EA 80 -7.86 45.84 51.48
C ILE EA 80 -8.95 46.00 50.41
N ARG EA 81 -8.86 47.05 49.61
CA ARG EA 81 -9.97 47.42 48.73
C ARG EA 81 -10.06 46.57 47.48
N GLN EA 82 -8.94 45.98 47.07
CA GLN EA 82 -8.91 45.22 45.82
C GLN EA 82 -9.82 44.00 45.86
N ARG EA 83 -9.65 43.15 46.87
CA ARG EA 83 -10.49 41.98 47.00
C ARG EA 83 -11.63 42.25 47.98
N ASN EA 84 -11.69 43.48 48.47
CA ASN EA 84 -12.75 43.94 49.40
C ASN EA 84 -12.81 43.17 50.71
N TRP EA 85 -11.82 43.40 51.55
CA TRP EA 85 -11.74 42.76 52.85
C TRP EA 85 -11.54 43.78 53.95
N VAL EA 86 -12.03 43.44 55.13
CA VAL EA 86 -11.79 44.21 56.32
C VAL EA 86 -11.07 43.30 57.31
N VAL EA 87 -10.32 43.91 58.23
CA VAL EA 87 -9.59 43.14 59.22
C VAL EA 87 -9.98 43.54 60.66
N VAL EA 88 -10.63 42.61 61.36
CA VAL EA 88 -10.97 42.82 62.78
C VAL EA 88 -9.89 42.25 63.68
N GLU EA 89 -9.39 43.05 64.63
CA GLU EA 89 -8.27 42.62 65.46
C GLU EA 89 -8.65 41.50 66.42
N GLY EA 90 -7.96 40.37 66.29
CA GLY EA 90 -8.16 39.21 67.15
C GLY EA 90 -9.58 38.69 67.30
N LEU EA 91 -10.44 38.92 66.32
CA LEU EA 91 -11.84 38.48 66.43
C LEU EA 91 -12.11 37.19 65.65
N ASN EA 92 -12.17 37.28 64.32
CA ASN EA 92 -12.20 36.06 63.52
C ASN EA 92 -10.77 35.53 63.52
N THR EA 93 -10.59 34.30 64.00
CA THR EA 93 -9.25 33.82 64.33
C THR EA 93 -8.98 32.35 63.98
N HIS EA 94 -7.83 32.12 63.37
CA HIS EA 94 -7.35 30.76 63.13
C HIS EA 94 -5.87 30.69 63.49
N TYR EA 95 -5.38 29.50 63.82
CA TYR EA 95 -4.08 29.36 64.47
C TYR EA 95 -2.91 29.05 63.54
N ARG EA 96 -1.87 29.87 63.65
CA ARG EA 96 -0.70 29.74 62.80
C ARG EA 96 0.58 29.77 63.63
N TYR EA 97 1.41 28.74 63.45
CA TYR EA 97 2.72 28.72 64.09
C TYR EA 97 3.64 29.72 63.41
N VAL EA 98 4.64 30.22 64.13
CA VAL EA 98 5.60 31.12 63.53
C VAL EA 98 6.96 30.41 63.35
N GLY EA 99 7.68 30.17 64.44
CA GLY EA 99 8.96 29.49 64.32
C GLY EA 99 8.76 28.00 64.07
N LYS EA 100 9.32 27.43 63.00
CA LYS EA 100 9.36 25.99 62.96
C LYS EA 100 10.71 25.50 62.48
N THR EA 101 11.44 24.87 63.40
CA THR EA 101 12.73 24.28 63.10
C THR EA 101 12.59 22.78 63.32
N VAL EA 102 13.63 22.03 62.96
CA VAL EA 102 13.55 20.58 62.86
C VAL EA 102 13.02 19.90 64.12
N ASP EA 103 13.57 20.29 65.26
CA ASP EA 103 13.20 19.69 66.54
C ASP EA 103 12.13 20.48 67.30
N TYR EA 104 11.71 21.63 66.76
CA TYR EA 104 10.90 22.55 67.55
C TYR EA 104 9.83 23.30 66.75
N ARG EA 105 8.62 23.36 67.29
CA ARG EA 105 7.60 24.24 66.73
C ARG EA 105 7.28 25.36 67.74
N GLY EA 106 7.80 26.56 67.48
CA GLY EA 106 7.56 27.71 68.33
C GLY EA 106 6.52 28.76 67.94
N THR EA 107 6.03 29.45 68.98
CA THR EA 107 5.14 30.62 68.87
C THR EA 107 3.82 30.33 68.15
N MET EA 108 2.88 29.66 68.82
CA MET EA 108 1.55 29.51 68.23
C MET EA 108 0.77 30.81 68.40
N ILE EA 109 0.47 31.43 67.26
CA ILE EA 109 -0.18 32.72 67.24
C ILE EA 109 -1.62 32.61 66.74
N PRO EA 110 -2.56 33.17 67.50
CA PRO EA 110 -3.89 33.38 66.91
C PRO EA 110 -3.82 34.48 65.85
N SER EA 111 -4.33 34.17 64.65
CA SER EA 111 -4.22 35.06 63.50
C SER EA 111 -5.59 35.50 62.98
N GLU EA 112 -5.68 36.77 62.60
CA GLU EA 112 -6.92 37.31 62.08
C GLU EA 112 -7.21 36.76 60.69
N ALA EA 113 -8.37 36.13 60.55
CA ALA EA 113 -8.86 35.69 59.26
C ALA EA 113 -9.67 36.83 58.63
N PRO EA 114 -9.47 37.09 57.33
CA PRO EA 114 -10.11 38.23 56.68
C PRO EA 114 -11.62 38.11 56.66
N LEU EA 115 -12.33 39.24 56.67
CA LEU EA 115 -13.79 39.20 56.62
C LEU EA 115 -14.35 40.06 55.50
N LEU EA 116 -15.34 39.50 54.79
CA LEU EA 116 -16.01 40.23 53.73
C LEU EA 116 -16.80 41.39 54.32
N HIS EA 117 -17.12 42.39 53.51
CA HIS EA 117 -17.81 43.58 54.00
C HIS EA 117 -19.33 43.41 54.09
N ASN EA 118 -19.85 42.28 53.62
CA ASN EA 118 -21.27 41.99 53.73
C ASN EA 118 -21.60 41.47 55.11
N GLN EA 119 -20.57 41.01 55.82
CA GLN EA 119 -20.70 40.40 57.12
C GLN EA 119 -20.40 41.37 58.27
N VAL EA 120 -20.11 42.62 57.92
CA VAL EA 120 -19.64 43.61 58.89
C VAL EA 120 -20.42 44.93 58.79
N LYS EA 121 -21.05 45.33 59.90
CA LYS EA 121 -21.77 46.61 59.91
C LYS EA 121 -21.09 47.62 60.82
N LEU EA 122 -21.22 48.90 60.47
CA LEU EA 122 -20.59 49.96 61.24
C LEU EA 122 -21.40 50.31 62.50
N VAL EA 123 -20.69 50.42 63.62
CA VAL EA 123 -21.35 50.66 64.92
C VAL EA 123 -21.34 52.14 65.29
N ASP EA 124 -22.53 52.69 65.56
CA ASP EA 124 -22.65 54.08 66.02
C ASP EA 124 -22.31 54.16 67.51
N PRO EA 125 -21.42 55.09 67.87
CA PRO EA 125 -20.76 55.18 69.18
C PRO EA 125 -21.69 55.19 70.41
N THR EA 126 -22.80 55.92 70.34
CA THR EA 126 -23.59 56.19 71.53
C THR EA 126 -24.28 54.96 72.15
N ASP EA 127 -25.13 54.28 71.38
CA ASP EA 127 -25.84 53.11 71.90
C ASP EA 127 -25.21 51.78 71.49
N ARG EA 128 -24.09 51.83 70.78
CA ARG EA 128 -23.32 50.62 70.42
C ARG EA 128 -24.11 49.59 69.58
N LYS EA 129 -24.76 50.01 68.49
CA LYS EA 129 -25.52 49.07 67.67
C LYS EA 129 -25.05 49.09 66.21
N PRO EA 130 -25.28 47.98 65.49
CA PRO EA 130 -24.91 47.92 64.07
C PRO EA 130 -25.86 48.74 63.22
N THR EA 131 -25.38 49.42 62.18
CA THR EA 131 -26.23 50.28 61.35
C THR EA 131 -25.79 50.33 59.89
N ASP EA 132 -26.70 50.77 59.01
CA ASP EA 132 -26.35 51.09 57.64
C ASP EA 132 -25.88 52.55 57.56
N VAL EA 133 -24.63 52.75 57.19
CA VAL EA 133 -24.07 54.08 57.10
C VAL EA 133 -24.30 54.70 55.73
N GLU EA 134 -24.76 55.95 55.71
CA GLU EA 134 -25.05 56.60 54.45
C GLU EA 134 -24.45 58.02 54.41
N TRP EA 135 -23.79 58.34 53.31
CA TRP EA 135 -23.08 59.61 53.16
C TRP EA 135 -24.02 60.81 53.04
N ARG EA 136 -23.82 61.81 53.89
CA ARG EA 136 -24.55 63.07 53.79
C ARG EA 136 -23.57 64.23 53.67
N PHE EA 137 -23.94 65.20 52.85
CA PHE EA 137 -23.21 66.44 52.81
C PHE EA 137 -23.99 67.49 53.58
N THR EA 138 -23.39 68.02 54.64
CA THR EA 138 -24.06 68.96 55.54
C THR EA 138 -24.23 70.33 54.87
N GLU EA 139 -24.82 71.27 55.60
CA GLU EA 139 -24.99 72.64 55.10
C GLU EA 139 -23.64 73.35 54.93
N ALA EA 140 -22.71 73.07 55.83
CA ALA EA 140 -21.38 73.68 55.78
C ALA EA 140 -20.47 73.01 54.75
N GLY EA 141 -20.89 71.86 54.23
CA GLY EA 141 -20.18 71.20 53.15
C GLY EA 141 -19.21 70.12 53.56
N GLU EA 142 -19.30 69.66 54.80
CA GLU EA 142 -18.52 68.51 55.25
C GLU EA 142 -19.18 67.21 54.83
N ARG EA 143 -18.39 66.14 54.70
CA ARG EA 143 -18.95 64.84 54.38
C ARG EA 143 -19.04 63.95 55.63
N VAL EA 144 -20.25 63.73 56.09
CA VAL EA 144 -20.49 63.01 57.34
C VAL EA 144 -21.26 61.73 57.05
N ARG EA 145 -21.12 60.75 57.93
CA ARG EA 145 -21.84 59.50 57.80
C ARG EA 145 -23.05 59.48 58.74
N VAL EA 146 -24.24 59.43 58.16
CA VAL EA 146 -25.47 59.40 58.95
C VAL EA 146 -26.05 57.98 58.98
N SER EA 147 -26.37 57.50 60.19
CA SER EA 147 -27.09 56.25 60.40
C SER EA 147 -28.53 56.36 59.86
N THR EA 148 -28.95 55.36 59.08
CA THR EA 148 -30.33 55.29 58.59
C THR EA 148 -31.28 54.88 59.72
N ARG EA 149 -30.88 53.83 60.45
CA ARG EA 149 -31.68 53.26 61.55
C ARG EA 149 -31.75 54.18 62.78
N SER EA 150 -30.58 54.55 63.31
CA SER EA 150 -30.50 55.34 64.54
C SER EA 150 -30.65 56.86 64.31
N GLY EA 151 -30.38 57.32 63.09
CA GLY EA 151 -30.47 58.73 62.76
C GLY EA 151 -29.44 59.63 63.44
N ARG EA 152 -28.17 59.24 63.37
CA ARG EA 152 -27.07 59.93 64.05
C ARG EA 152 -25.93 60.27 63.10
N ILE EA 153 -25.02 61.14 63.55
CA ILE EA 153 -23.76 61.33 62.84
C ILE EA 153 -22.72 60.33 63.37
N ILE EA 154 -22.13 59.57 62.44
CA ILE EA 154 -21.11 58.58 62.75
C ILE EA 154 -19.74 59.09 62.34
N PRO EA 155 -18.82 59.13 63.30
CA PRO EA 155 -17.47 59.66 63.07
C PRO EA 155 -16.67 58.70 62.21
N LYS EA 156 -15.52 59.14 61.70
CA LYS EA 156 -14.61 58.21 61.06
C LYS EA 156 -13.37 58.14 61.92
N PRO EA 157 -12.78 56.95 62.00
CA PRO EA 157 -11.82 56.57 63.04
C PRO EA 157 -10.44 57.21 62.88
N GLU EA 158 -10.27 58.41 63.42
CA GLU EA 158 -8.98 59.07 63.43
C GLU EA 158 -7.95 58.08 63.96
N PHE EA 159 -6.90 57.87 63.18
CA PHE EA 159 -6.05 56.69 63.32
C PHE EA 159 -4.59 57.08 63.13
N PRO EA 160 -3.65 56.30 63.70
CA PRO EA 160 -2.23 56.59 63.47
C PRO EA 160 -1.82 56.44 61.99
N ARG EA 161 -0.54 56.63 61.69
CA ARG EA 161 -0.05 56.51 60.32
C ARG EA 161 0.95 55.36 60.24
N ALA EA 162 1.20 54.87 59.02
CA ALA EA 162 2.00 53.66 58.80
C ALA EA 162 3.43 53.73 59.36
N ASP EA 163 4.05 54.91 59.34
CA ASP EA 163 5.45 55.05 59.75
C ASP EA 163 5.66 55.05 61.26
N GLY EA 164 4.59 55.29 62.02
CA GLY EA 164 4.69 55.27 63.46
C GLY EA 164 5.33 56.52 64.03
N ILE EA 165 5.45 57.55 63.20
CA ILE EA 165 5.92 58.84 63.65
C ILE EA 165 4.70 59.72 64.00
N VAL EA 166 4.52 59.97 65.30
CA VAL EA 166 3.51 60.93 65.77
C VAL EA 166 4.10 62.33 65.76
N PRO EA 167 3.47 63.27 65.02
CA PRO EA 167 3.93 64.66 64.89
C PRO EA 167 4.08 65.44 66.21
N GLU EA 168 3.28 65.09 67.21
CA GLU EA 168 3.33 65.81 68.49
C GLU EA 168 4.61 65.51 69.27
N THR EA 169 5.01 64.24 69.31
CA THR EA 169 6.29 63.89 69.92
C THR EA 169 7.34 63.69 68.81
N TRP EA 170 8.21 64.69 68.67
CA TRP EA 170 9.18 64.73 67.59
C TRP EA 170 10.37 65.61 67.98
N ILE EA 171 11.57 65.24 67.55
CA ILE EA 171 12.75 66.05 67.80
C ILE EA 171 13.57 66.15 66.52
N ASP EA 172 14.17 67.31 66.27
CA ASP EA 172 15.02 67.49 65.09
C ASP EA 172 16.41 66.91 65.33
N GLY EA 173 16.89 66.13 64.37
CA GLY EA 173 18.29 65.73 64.32
C GLY EA 173 19.06 66.87 63.69
N PRO EA 174 20.32 66.63 63.31
CA PRO EA 174 21.10 67.68 62.61
C PRO EA 174 20.50 68.13 61.27
N LYS EA 175 19.94 67.16 60.54
CA LYS EA 175 19.48 67.40 59.18
C LYS EA 175 17.98 67.70 59.07
N ASP EA 176 17.30 67.82 60.22
CA ASP EA 176 15.87 68.18 60.20
C ASP EA 176 15.70 69.70 60.23
N THR EA 177 14.83 70.23 59.35
CA THR EA 177 14.61 71.68 59.28
C THR EA 177 13.58 72.12 60.30
N SER EA 178 13.94 73.12 61.10
CA SER EA 178 13.05 73.66 62.12
C SER EA 178 11.86 74.37 61.48
N VAL EA 179 10.68 74.17 62.06
CA VAL EA 179 9.42 74.61 61.45
C VAL EA 179 9.45 76.08 61.01
N GLU EA 180 9.98 76.94 61.88
CA GLU EA 180 9.99 78.39 61.66
C GLU EA 180 10.63 78.78 60.35
N ASP EA 181 11.78 78.18 60.07
CA ASP EA 181 12.59 78.50 58.89
C ASP EA 181 11.93 78.00 57.61
N ALA EA 182 11.46 76.76 57.68
CA ALA EA 182 10.81 76.12 56.55
C ALA EA 182 9.55 76.88 56.13
N LEU EA 183 8.84 77.43 57.11
CA LEU EA 183 7.61 78.17 56.81
C LEU EA 183 7.89 79.58 56.27
N GLU EA 184 9.06 80.13 56.60
CA GLU EA 184 9.39 81.51 56.24
C GLU EA 184 9.28 81.77 54.74
N LYS EA 185 8.54 82.82 54.40
CA LYS EA 185 8.33 83.19 53.01
C LYS EA 185 9.39 84.21 52.56
N THR EA 186 10.32 83.74 51.73
CA THR EA 186 11.40 84.58 51.18
C THR EA 186 11.17 85.02 49.72
N TYR EA 187 10.08 84.54 49.14
CA TYR EA 187 9.82 84.73 47.71
C TYR EA 187 9.53 86.19 47.36
N VAL EA 188 10.19 86.65 46.30
CA VAL EA 188 9.99 88.01 45.81
C VAL EA 188 9.60 87.94 44.33
N PRO EA 189 8.28 88.01 44.07
CA PRO EA 189 7.70 87.73 42.75
C PRO EA 189 8.13 88.73 41.68
N ARG EA 190 9.33 88.59 41.15
CA ARG EA 190 9.77 89.48 40.06
C ARG EA 190 10.08 88.67 38.81
N LEU EA 191 10.21 89.34 37.67
CA LEU EA 191 10.06 88.65 36.38
C LEU EA 191 11.29 87.89 35.86
N LYS EA 192 12.35 87.81 36.65
CA LYS EA 192 13.54 87.05 36.26
C LYS EA 192 13.35 85.53 36.36
N THR EA 193 14.21 84.77 35.66
CA THR EA 193 14.26 83.32 35.86
C THR EA 193 15.44 82.98 36.76
N LEU EA 194 15.57 81.71 37.13
CA LEU EA 194 16.59 81.28 38.09
C LEU EA 194 17.99 81.65 37.63
N GLU EA 195 18.19 81.63 36.31
CA GLU EA 195 19.50 81.88 35.74
C GLU EA 195 19.93 83.32 35.98
N GLU EA 196 19.11 84.26 35.53
CA GLU EA 196 19.43 85.68 35.68
C GLU EA 196 19.48 86.09 37.16
N GLU EA 197 18.58 85.51 37.96
CA GLU EA 197 18.57 85.74 39.41
C GLU EA 197 19.87 85.37 40.08
N VAL EA 198 20.24 84.10 39.93
CA VAL EA 198 21.45 83.60 40.56
C VAL EA 198 22.67 84.30 40.01
N MET EA 199 22.68 84.55 38.70
CA MET EA 199 23.85 85.15 38.09
C MET EA 199 24.05 86.57 38.59
N GLU EA 200 22.95 87.30 38.75
CA GLU EA 200 23.01 88.66 39.29
C GLU EA 200 23.41 88.66 40.77
N ALA EA 201 22.91 87.67 41.53
CA ALA EA 201 23.21 87.55 42.95
C ALA EA 201 24.69 87.22 43.20
N MET EA 202 25.22 86.24 42.46
CA MET EA 202 26.60 85.79 42.61
C MET EA 202 27.62 86.80 42.07
N GLY EA 203 27.13 87.83 41.39
CA GLY EA 203 28.00 88.81 40.78
C GLY EA 203 28.89 88.19 39.72
N ILE EA 204 28.27 87.55 38.74
CA ILE EA 204 28.99 87.03 37.58
C ILE EA 204 28.61 87.82 36.33
N GLN EA 205 29.52 88.66 35.85
CA GLN EA 205 29.16 89.54 34.75
C GLN EA 205 29.55 88.94 33.40
N GLU EA 206 28.56 88.85 32.52
CA GLU EA 206 28.76 88.29 31.18
C GLU EA 206 28.49 89.36 30.14
N THR EA 207 29.36 89.44 29.14
CA THR EA 207 29.22 90.49 28.13
C THR EA 207 28.77 89.98 26.76
N ARG EA 208 29.61 89.14 26.14
CA ARG EA 208 29.37 88.59 24.80
C ARG EA 208 28.09 87.74 24.68
N ARG EA 209 27.40 87.84 23.54
CA ARG EA 209 26.10 87.18 23.34
C ARG EA 209 26.14 86.13 22.22
N HIS EA 210 25.16 85.22 22.23
CA HIS EA 210 25.07 84.12 21.26
C HIS EA 210 24.88 84.58 19.83
N LYS EA 211 25.62 83.96 18.92
CA LYS EA 211 25.42 84.21 17.49
C LYS EA 211 24.11 83.56 17.04
N LYS EA 212 23.60 83.99 15.89
CA LYS EA 212 22.31 83.49 15.41
C LYS EA 212 22.35 82.00 15.04
N VAL EA 213 21.30 81.28 15.40
CA VAL EA 213 21.24 79.82 15.27
C VAL EA 213 19.95 79.39 14.57
N TYR EA 214 20.05 78.45 13.62
CA TYR EA 214 18.88 77.98 12.88
C TYR EA 214 18.27 76.71 13.48
N TRP EA 215 16.95 76.56 13.40
CA TRP EA 215 16.29 75.40 14.05
C TRP EA 215 15.47 74.47 13.12
N TYR EA 216 15.98 73.24 12.91
CA TYR EA 216 15.34 72.24 12.03
C TYR EA 216 15.08 70.93 12.76
ZN ZN GA . 36.57 -3.75 61.87
ZN ZN HA . 16.65 -67.33 -30.63
MG MG IA . 3.98 -4.53 -2.21
MG MG JA . 3.86 -24.97 0.05
MG MG KA . 39.60 54.39 27.50
MG MG LA . 39.45 6.78 -12.63
MG MG MA . -7.83 -11.66 -19.18
MG MG NA . 26.59 -5.19 1.09
MG MG OA . -12.73 4.36 -2.10
MG MG PA . -14.73 3.10 -12.00
MG MG QA . 34.64 25.95 -29.03
MG MG RA . 23.83 16.58 -21.41
MG MG SA . 55.50 17.79 -12.89
MG MG TA . 39.15 -5.31 5.07
MG MG UA . 6.50 8.83 -9.20
MG MG VA . 28.34 19.32 -23.79
MG MG WA . -9.46 23.51 -19.22
MG MG XA . -1.96 -25.48 -7.29
MG MG YA . -10.48 8.04 -18.11
MG MG ZA . -1.82 28.68 -20.05
MG MG AB . -5.75 -25.69 22.24
MG MG BB . -2.74 4.20 -26.55
MG MG CB . -5.39 28.37 21.75
MG MG DB . -9.13 27.87 15.55
MG MG EB . 36.19 22.28 -8.40
MG MG FB . -15.98 7.90 -34.11
MG MG GB . -12.99 10.57 -33.52
MG MG HB . 5.09 -3.52 1.73
MG MG IB . 25.99 19.47 11.40
MG MG JB . -5.45 -8.11 -9.73
MG MG KB . -18.48 15.96 13.69
MG MG LB . 18.29 -13.97 8.13
MG MG MB . 54.92 -6.49 6.39
MG MG NB . -28.42 17.22 4.40
MG MG OB . 20.47 -15.93 -9.07
MG MG PB . 36.40 29.06 -13.96
MG MG QB . 45.62 17.08 -21.32
MG MG RB . -29.27 -34.98 11.11
MG MG SB . 19.56 -12.74 0.79
MG MG TB . 7.31 -4.36 -8.80
MG MG UB . 19.77 -7.13 20.71
MG MG VB . 3.00 -1.18 8.05
MG MG WB . 41.20 9.03 28.66
MG MG XB . 62.73 -16.03 2.25
MG MG YB . 39.56 19.94 -27.51
MG MG ZB . 55.06 16.99 -6.93
MG MG AC . 47.03 20.29 -36.71
MG MG BC . 42.86 -16.67 2.95
MG MG CC . 31.41 0.27 1.50
MG MG DC . -2.28 22.42 -2.46
MG MG EC . -5.55 6.66 13.10
MG MG FC . -3.76 19.75 -20.72
MG MG GC . 2.15 3.66 -37.45
MG MG HC . 2.40 -22.35 -24.92
MG MG IC . -2.05 17.95 -21.67
MG MG JC . 25.39 -48.61 18.02
MG MG KC . -4.76 1.44 33.96
MG MG LC . 42.41 -17.93 -12.16
MG MG MC . 14.88 -12.90 -8.70
MG MG NC . 32.32 0.96 -18.69
MG MG OC . 3.42 3.98 -7.62
MG MG PC . 57.06 24.91 -12.08
MG MG QC . -36.28 -22.90 6.36
MG MG RC . -3.93 31.29 3.29
MG MG SC . 31.33 38.31 -2.73
MG MG TC . 43.41 -0.92 -29.60
MG MG UC . 0.13 -14.62 -2.66
MG MG VC . 5.89 -21.43 20.69
MG MG WC . 49.33 0.41 -6.24
MG MG XC . 37.73 20.98 -47.69
MG MG YC . 33.40 -2.36 -36.47
MG MG ZC . 1.43 -87.16 -54.27
MG MG AD . 3.55 -33.12 -21.25
MG MG BD . 56.53 -15.89 2.64
MG MG CD . -50.97 -15.09 -25.18
MG MG DD . -6.42 0.58 3.66
MG MG ED . 33.21 12.87 -39.78
MG MG FD . 28.07 42.30 -2.63
MG MG GD . 48.62 1.42 5.21
MG MG HD . 46.29 -14.86 -14.21
MG MG ID . 26.76 -31.11 -2.78
MG MG JD . 48.06 -14.47 39.60
MG MG KD . 31.60 15.05 -8.53
MG MG LD . 45.18 -36.51 7.87
MG MG MD . 32.29 21.87 -42.65
MG MG ND . 13.74 -11.61 -0.51
MG MG OD . -22.13 -5.35 -35.84
MG MG PD . -40.03 23.95 -5.76
MG MG QD . 19.54 25.40 -1.53
MG MG RD . -9.97 -17.89 0.64
MG MG SD . -1.59 -8.87 -13.86
MG MG TD . 20.08 -82.50 -52.80
MG MG UD . -15.28 -28.27 4.88
MG MG VD . 41.90 39.72 24.88
MG MG WD . -2.80 23.52 -18.32
MG MG XD . 31.99 8.80 -44.95
MG MG YD . 29.26 -1.76 23.47
MG MG ZD . -20.60 20.13 -54.34
MG MG AE . 17.80 -78.41 -14.87
MG MG BE . 12.31 1.05 26.96
MG MG CE . -32.68 51.32 -12.60
MG MG DE . 52.22 24.20 -13.13
MG MG EE . -33.45 -8.88 2.13
MG MG FE . 38.23 42.03 18.86
MG MG GE . 47.32 17.98 -16.27
MG MG HE . 0.50 -10.12 -23.74
MG MG IE . 20.01 -46.09 -13.50
MG MG JE . 35.65 12.28 -7.94
MG MG KE . 6.60 -15.27 -6.74
MG MG LE . -14.03 13.93 -31.39
MG MG ME . 41.29 -23.40 26.49
MG MG NE . -0.15 8.63 -30.24
MG MG OE . 36.84 1.91 27.79
MG MG PE . 35.50 59.12 29.18
MG MG QE . 37.23 44.82 17.57
MG MG RE . 11.70 -83.36 -14.01
MG MG SE . -15.44 1.92 -18.04
MG MG TE . 14.11 -13.79 -20.92
MG MG UE . 25.70 -8.35 22.33
MG MG VE . -21.78 24.73 24.14
MG MG WE . 60.81 29.14 -3.87
MG MG XE . 24.59 -12.96 -8.42
MG MG YE . 1.66 -5.03 -29.75
MG MG ZE . -53.09 7.45 -54.13
MG MG AF . -1.68 -0.92 -4.62
MG MG BF . -22.10 -9.37 -41.59
MG MG CF . 25.92 -1.61 31.44
MG MG DF . 8.11 -14.10 -17.28
MG MG EF . -9.55 19.07 -4.36
MG MG FF . 2.89 -13.99 7.80
MG MG GF . -11.28 7.68 19.46
MG MG HF . -23.50 4.88 -36.56
MG MG IF . -12.83 18.65 -14.70
MG MG JF . 42.52 -1.97 28.51
MG MG KF . 11.66 6.35 24.69
MG MG LF . -24.69 -15.48 -18.30
MG MG MF . 41.73 5.45 -51.72
MG MG NF . 19.81 -13.94 19.79
MG MG OF . 51.03 7.37 -18.62
MG MG PF . -4.03 32.95 -22.84
MG MG QF . -9.39 -6.35 -17.36
MG MG RF . 25.85 -8.83 11.85
MG MG SF . 6.23 3.35 7.06
MG MG TF . 21.65 26.79 8.28
MG MG UF . -32.42 -24.83 14.01
MG MG VF . -9.49 36.78 -14.96
MG MG WF . 24.86 15.43 35.48
MG MG XF . 2.12 28.65 -2.52
MG MG YF . 2.28 11.28 -20.89
MG MG ZF . 50.47 15.15 2.44
MG MG AG . 28.70 11.75 -34.26
MG MG BG . 57.64 -19.65 -28.63
MG MG CG . 56.77 21.50 -25.77
MG MG DG . -18.12 23.89 -44.44
MG MG EG . 26.93 -36.47 -5.30
MG MG FG . 39.81 41.43 -42.16
MG MG GG . -52.98 19.10 -6.38
MG MG HG . -5.82 -27.63 -13.85
MG MG IG . 24.77 11.36 -22.42
MG MG JG . 46.15 -10.52 -17.78
MG MG KG . 40.09 -11.22 16.94
MG MG LG . 34.35 48.43 17.98
MG MG MG . 18.54 35.59 14.20
MG MG NG . 45.58 -8.66 9.59
MG MG OG . 35.28 -28.22 41.50
MG MG PG . 38.95 32.32 -30.33
MG MG QG . 43.84 47.77 -23.95
MG MG RG . -23.53 1.65 2.60
MG MG SG . -51.04 36.40 -17.73
MG MG TG . -1.99 -45.93 -33.60
MG MG UG . 46.18 -17.36 31.18
#